data_2KGL
#
_entry.id   2KGL
#
_entity_poly.entity_id   1
_entity_poly.type   'polypeptide(L)'
_entity_poly.pdbx_seq_one_letter_code
;ADTPGEATPPPRKKKDIRDYNDADMARLLEQWEKDDDIEEGDLPEHKRPSAPIDFSKLDPGKPESILKMTKKGKTLMMFV
TVSGNPTEKETEEITSLWQGSLFNANYDVQRFIVGSDRAIFMLRDGSYAWEIKDFLVSQDRCAEVTLEGQMYPGKGGGSK
EKNKTKPEKAKKKEGDPKPRASKEDNRAGSRREDL
;
_entity_poly.pdbx_strand_id   A
#
# COMPACT_ATOMS: atom_id res chain seq x y z
N ALA A 1 -17.94 16.47 10.36
CA ALA A 1 -18.10 16.29 8.93
C ALA A 1 -18.35 14.82 8.58
N ASP A 2 -19.57 14.52 8.15
CA ASP A 2 -19.94 13.15 7.79
C ASP A 2 -20.11 13.02 6.28
N THR A 3 -19.57 11.94 5.72
CA THR A 3 -19.66 11.70 4.29
C THR A 3 -20.48 10.45 4.00
N PRO A 4 -21.14 10.42 2.83
CA PRO A 4 -21.96 9.29 2.40
C PRO A 4 -21.13 8.05 2.08
N GLY A 5 -21.81 6.93 1.86
CA GLY A 5 -21.12 5.70 1.54
C GLY A 5 -22.07 4.56 1.22
N GLU A 6 -22.17 4.23 -0.07
CA GLU A 6 -23.06 3.16 -0.51
C GLU A 6 -22.97 2.97 -2.02
N ALA A 7 -22.79 4.07 -2.74
CA ALA A 7 -22.68 4.02 -4.19
C ALA A 7 -21.34 4.59 -4.66
N THR A 8 -20.26 3.92 -4.29
CA THR A 8 -18.92 4.34 -4.66
C THR A 8 -18.68 4.14 -6.16
N PRO A 9 -17.94 5.07 -6.77
CA PRO A 9 -17.63 5.01 -8.20
C PRO A 9 -16.65 3.88 -8.53
N PRO A 10 -16.50 3.59 -9.83
CA PRO A 10 -15.61 2.53 -10.31
C PRO A 10 -14.13 2.88 -10.12
N PRO A 11 -13.26 1.89 -10.29
CA PRO A 11 -11.81 2.07 -10.15
C PRO A 11 -11.22 2.91 -11.26
N ARG A 12 -11.40 4.22 -11.18
CA ARG A 12 -10.88 5.14 -12.18
C ARG A 12 -9.36 5.22 -12.11
N LYS A 13 -8.84 5.55 -10.93
CA LYS A 13 -7.40 5.66 -10.73
C LYS A 13 -7.03 5.37 -9.28
N LYS A 14 -7.83 5.89 -8.35
CA LYS A 14 -7.59 5.70 -6.93
C LYS A 14 -7.41 4.20 -6.62
N LYS A 15 -8.17 3.36 -7.31
CA LYS A 15 -8.09 1.92 -7.11
C LYS A 15 -7.36 1.24 -8.27
N ASP A 16 -6.27 1.85 -8.70
CA ASP A 16 -5.48 1.31 -9.80
C ASP A 16 -4.02 1.11 -9.39
N ILE A 17 -3.45 2.13 -8.76
CA ILE A 17 -2.06 2.07 -8.32
C ILE A 17 -1.10 1.93 -9.50
N ARG A 18 -0.50 3.05 -9.89
CA ARG A 18 0.45 3.04 -11.01
C ARG A 18 1.56 2.02 -10.78
N ASP A 19 1.68 1.07 -11.70
CA ASP A 19 2.70 0.04 -11.60
C ASP A 19 2.49 -0.82 -10.36
N TYR A 20 1.30 -0.72 -9.78
CA TYR A 20 0.98 -1.49 -8.58
C TYR A 20 2.05 -1.33 -7.52
N ASN A 21 2.69 -0.15 -7.49
CA ASN A 21 3.73 0.13 -6.53
C ASN A 21 4.27 1.55 -6.70
N ASP A 22 4.34 1.99 -7.95
CA ASP A 22 4.83 3.33 -8.26
C ASP A 22 3.99 4.39 -7.54
N ALA A 23 2.76 4.03 -7.17
CA ALA A 23 1.87 4.95 -6.48
C ALA A 23 2.56 5.58 -5.28
N ASP A 24 3.21 4.75 -4.47
CA ASP A 24 3.91 5.23 -3.29
C ASP A 24 4.87 6.36 -3.64
N MET A 25 5.50 6.26 -4.80
CA MET A 25 6.44 7.28 -5.26
C MET A 25 5.75 8.64 -5.40
N ALA A 26 4.58 8.63 -6.04
CA ALA A 26 3.82 9.86 -6.24
C ALA A 26 3.65 10.61 -4.93
N ARG A 27 3.60 9.87 -3.83
CA ARG A 27 3.42 10.47 -2.51
C ARG A 27 4.57 11.43 -2.19
N LEU A 28 5.77 11.05 -2.59
CA LEU A 28 6.95 11.88 -2.35
C LEU A 28 6.72 13.30 -2.85
N LEU A 29 5.95 13.44 -3.92
CA LEU A 29 5.65 14.74 -4.50
C LEU A 29 4.93 15.63 -3.49
N GLU A 30 4.08 15.02 -2.68
CA GLU A 30 3.33 15.75 -1.67
C GLU A 30 4.25 16.24 -0.57
N GLN A 31 5.33 15.50 -0.32
CA GLN A 31 6.29 15.85 0.72
C GLN A 31 6.73 17.31 0.57
N TRP A 32 7.09 17.69 -0.65
CA TRP A 32 7.54 19.06 -0.92
C TRP A 32 6.54 20.07 -0.38
N GLU A 33 5.26 19.79 -0.58
CA GLU A 33 4.20 20.69 -0.12
C GLU A 33 4.08 20.65 1.40
N LYS A 34 4.35 19.48 1.98
CA LYS A 34 4.28 19.32 3.43
C LYS A 34 5.42 20.06 4.13
N ASP A 35 6.47 20.36 3.37
CA ASP A 35 7.62 21.08 3.91
C ASP A 35 7.19 22.41 4.53
N ASP A 36 6.32 23.12 3.84
CA ASP A 36 5.83 24.41 4.32
C ASP A 36 4.54 24.23 5.14
N ASP A 37 3.67 23.35 4.67
CA ASP A 37 2.42 23.09 5.37
C ASP A 37 2.66 22.40 6.69
N ILE A 38 3.08 21.14 6.64
CA ILE A 38 3.36 20.37 7.84
C ILE A 38 2.09 20.12 8.64
N GLU A 39 1.34 19.09 8.26
CA GLU A 39 0.09 18.75 8.94
C GLU A 39 0.36 17.90 10.17
N GLU A 40 0.70 16.63 9.95
CA GLU A 40 0.98 15.71 11.04
C GLU A 40 1.79 14.52 10.54
N GLY A 41 1.91 13.50 11.39
CA GLY A 41 2.66 12.31 11.02
C GLY A 41 3.20 11.57 12.23
N ASP A 42 4.13 12.21 12.94
CA ASP A 42 4.74 11.61 14.13
C ASP A 42 3.68 11.12 15.09
N LEU A 43 3.75 9.85 15.44
CA LEU A 43 2.79 9.25 16.37
C LEU A 43 3.50 8.58 17.55
N PRO A 44 2.75 8.33 18.63
CA PRO A 44 3.29 7.70 19.83
C PRO A 44 3.63 6.23 19.61
N GLU A 45 4.92 5.91 19.65
CA GLU A 45 5.37 4.54 19.44
C GLU A 45 5.08 4.07 18.02
N HIS A 46 6.00 4.38 17.10
CA HIS A 46 5.85 3.99 15.71
C HIS A 46 6.00 2.49 15.55
N LYS A 47 6.46 1.82 16.61
CA LYS A 47 6.64 0.38 16.57
C LYS A 47 5.40 -0.33 16.05
N ARG A 48 4.39 -0.44 16.92
CA ARG A 48 3.14 -1.09 16.54
C ARG A 48 3.39 -2.45 15.91
N PRO A 49 3.63 -3.46 16.76
CA PRO A 49 3.90 -4.83 16.30
C PRO A 49 2.66 -5.49 15.68
N SER A 50 2.81 -5.99 14.46
CA SER A 50 1.71 -6.64 13.76
C SER A 50 1.95 -8.15 13.65
N ALA A 51 0.87 -8.89 13.42
CA ALA A 51 0.97 -10.35 13.29
C ALA A 51 0.18 -10.83 12.08
N PRO A 52 0.49 -12.06 11.63
CA PRO A 52 -0.18 -12.68 10.48
C PRO A 52 -1.63 -13.05 10.79
N ILE A 53 -2.55 -12.11 10.53
CA ILE A 53 -3.96 -12.33 10.78
C ILE A 53 -4.79 -11.95 9.56
N ASP A 54 -4.17 -11.96 8.40
CA ASP A 54 -4.85 -11.61 7.15
C ASP A 54 -5.67 -12.79 6.64
N PHE A 55 -6.64 -12.50 5.78
CA PHE A 55 -7.51 -13.53 5.22
C PHE A 55 -6.68 -14.65 4.60
N SER A 56 -6.11 -14.38 3.43
CA SER A 56 -5.29 -15.36 2.73
C SER A 56 -6.07 -16.66 2.51
N LYS A 57 -7.08 -16.57 1.65
CA LYS A 57 -7.91 -17.74 1.34
C LYS A 57 -8.63 -17.55 0.01
N LEU A 58 -7.99 -16.83 -0.91
CA LEU A 58 -8.58 -16.59 -2.23
C LEU A 58 -8.17 -17.68 -3.21
N ASP A 59 -6.88 -17.75 -3.51
CA ASP A 59 -6.36 -18.75 -4.44
C ASP A 59 -5.96 -20.02 -3.70
N PRO A 60 -5.86 -21.13 -4.45
CA PRO A 60 -5.49 -22.43 -3.88
C PRO A 60 -4.03 -22.48 -3.45
N GLY A 61 -3.75 -21.89 -2.28
CA GLY A 61 -2.39 -21.88 -1.77
C GLY A 61 -1.71 -20.54 -1.98
N LYS A 62 -0.71 -20.52 -2.84
CA LYS A 62 0.04 -19.30 -3.14
C LYS A 62 1.12 -19.55 -4.17
N PRO A 63 1.55 -18.48 -4.86
CA PRO A 63 2.58 -18.57 -5.90
C PRO A 63 3.96 -18.86 -5.31
N GLU A 64 4.87 -19.33 -6.16
CA GLU A 64 6.23 -19.65 -5.72
C GLU A 64 7.07 -18.39 -5.63
N SER A 65 6.68 -17.35 -6.37
CA SER A 65 7.41 -16.09 -6.37
C SER A 65 7.60 -15.58 -4.94
N ILE A 66 6.58 -15.74 -4.12
CA ILE A 66 6.63 -15.29 -2.73
C ILE A 66 7.79 -15.96 -1.99
N LEU A 67 8.14 -17.17 -2.41
CA LEU A 67 9.23 -17.90 -1.79
C LEU A 67 10.53 -17.12 -1.85
N LYS A 68 10.75 -16.44 -2.97
CA LYS A 68 11.96 -15.64 -3.16
C LYS A 68 12.07 -14.55 -2.09
N MET A 69 10.92 -14.14 -1.57
CA MET A 69 10.88 -13.10 -0.54
C MET A 69 11.83 -13.45 0.62
N THR A 70 11.79 -14.70 1.05
CA THR A 70 12.63 -15.16 2.14
C THR A 70 12.38 -14.36 3.41
N LYS A 71 11.11 -14.26 3.80
CA LYS A 71 10.73 -13.51 4.99
C LYS A 71 11.08 -12.04 4.85
N LYS A 72 10.06 -11.22 4.62
CA LYS A 72 10.26 -9.78 4.47
C LYS A 72 10.90 -9.18 5.71
N GLY A 73 10.17 -9.22 6.82
CA GLY A 73 10.69 -8.68 8.07
C GLY A 73 9.61 -8.07 8.94
N LYS A 74 9.00 -6.99 8.46
CA LYS A 74 7.94 -6.32 9.20
C LYS A 74 6.79 -5.94 8.26
N THR A 75 5.57 -6.00 8.80
CA THR A 75 4.39 -5.66 8.02
C THR A 75 4.36 -4.17 7.67
N LEU A 76 3.27 -3.73 7.05
CA LEU A 76 3.12 -2.34 6.66
C LEU A 76 1.72 -1.83 6.99
N MET A 77 1.66 -0.62 7.53
CA MET A 77 0.38 -0.01 7.89
C MET A 77 0.51 1.50 8.00
N MET A 78 -0.26 2.22 7.17
CA MET A 78 -0.22 3.68 7.18
C MET A 78 -1.57 4.25 6.76
N PHE A 79 -2.02 5.28 7.46
CA PHE A 79 -3.29 5.93 7.15
C PHE A 79 -3.21 7.44 7.34
N VAL A 80 -3.44 8.17 6.26
CA VAL A 80 -3.39 9.63 6.30
C VAL A 80 -4.36 10.25 5.30
N THR A 81 -4.96 11.38 5.68
CA THR A 81 -5.91 12.06 4.82
C THR A 81 -5.76 13.57 4.93
N VAL A 82 -4.80 14.13 4.19
CA VAL A 82 -4.56 15.56 4.20
C VAL A 82 -3.50 15.96 3.18
N SER A 83 -3.55 17.21 2.74
CA SER A 83 -2.60 17.71 1.75
C SER A 83 -1.19 17.73 2.33
N GLY A 84 -0.27 17.01 1.68
CA GLY A 84 1.10 16.97 2.15
C GLY A 84 1.25 16.19 3.45
N ASN A 85 2.39 15.53 3.60
CA ASN A 85 2.66 14.75 4.80
C ASN A 85 4.03 14.08 4.73
N PRO A 86 4.68 13.94 5.89
CA PRO A 86 6.01 13.32 5.99
C PRO A 86 5.98 11.82 5.71
N THR A 87 6.23 11.46 4.45
CA THR A 87 6.22 10.06 4.05
C THR A 87 7.04 9.85 2.78
N GLU A 88 7.96 10.77 2.52
CA GLU A 88 8.80 10.68 1.33
C GLU A 88 9.59 9.37 1.31
N LYS A 89 10.55 9.24 2.21
CA LYS A 89 11.37 8.04 2.31
C LYS A 89 10.55 6.87 2.83
N GLU A 90 9.47 7.18 3.53
CA GLU A 90 8.60 6.15 4.09
C GLU A 90 7.85 5.41 2.99
N THR A 91 7.31 6.18 2.03
CA THR A 91 6.55 5.61 0.93
C THR A 91 7.43 4.69 0.09
N GLU A 92 8.68 5.09 -0.12
CA GLU A 92 9.62 4.30 -0.90
C GLU A 92 9.86 2.94 -0.25
N GLU A 93 9.75 2.90 1.07
CA GLU A 93 9.96 1.66 1.82
C GLU A 93 8.73 0.77 1.76
N ILE A 94 7.57 1.39 1.52
CA ILE A 94 6.31 0.65 1.44
C ILE A 94 6.43 -0.54 0.48
N THR A 95 7.28 -0.39 -0.53
CA THR A 95 7.49 -1.44 -1.52
C THR A 95 8.15 -2.66 -0.89
N SER A 96 9.08 -2.41 0.04
CA SER A 96 9.79 -3.50 0.72
C SER A 96 8.85 -4.25 1.67
N LEU A 97 8.11 -3.50 2.46
CA LEU A 97 7.18 -4.09 3.42
C LEU A 97 5.99 -4.73 2.70
N TRP A 98 5.54 -4.09 1.62
CA TRP A 98 4.42 -4.60 0.84
C TRP A 98 4.65 -6.06 0.45
N GLN A 99 5.90 -6.43 0.25
CA GLN A 99 6.25 -7.79 -0.14
C GLN A 99 5.68 -8.79 0.86
N GLY A 100 5.71 -8.43 2.14
CA GLY A 100 5.19 -9.32 3.17
C GLY A 100 3.67 -9.43 3.13
N SER A 101 3.00 -8.28 3.17
CA SER A 101 1.54 -8.26 3.15
C SER A 101 1.01 -8.88 1.86
N LEU A 102 1.79 -8.76 0.79
CA LEU A 102 1.41 -9.30 -0.50
C LEU A 102 1.00 -10.77 -0.38
N PHE A 103 1.61 -11.46 0.58
CA PHE A 103 1.31 -12.87 0.80
C PHE A 103 -0.19 -13.09 0.99
N ASN A 104 -0.85 -12.11 1.61
CA ASN A 104 -2.28 -12.20 1.84
C ASN A 104 -3.05 -12.39 0.54
N ALA A 105 -2.43 -11.98 -0.56
CA ALA A 105 -3.05 -12.11 -1.88
C ALA A 105 -4.30 -11.24 -1.98
N ASN A 106 -4.46 -10.32 -1.03
CA ASN A 106 -5.62 -9.43 -1.02
C ASN A 106 -5.26 -8.09 -0.38
N TYR A 107 -4.00 -7.69 -0.52
CA TYR A 107 -3.53 -6.43 0.04
C TYR A 107 -4.45 -5.28 -0.36
N ASP A 108 -4.30 -4.14 0.31
CA ASP A 108 -5.11 -2.96 0.02
C ASP A 108 -4.23 -1.73 -0.15
N VAL A 109 -4.31 -1.11 -1.32
CA VAL A 109 -3.53 0.08 -1.61
C VAL A 109 -4.28 1.03 -2.53
N GLN A 110 -4.43 2.27 -2.09
CA GLN A 110 -5.14 3.28 -2.88
C GLN A 110 -4.39 4.61 -2.88
N ARG A 111 -4.17 5.16 -4.06
CA ARG A 111 -3.46 6.43 -4.19
C ARG A 111 -4.34 7.48 -4.85
N PHE A 112 -4.59 8.58 -4.13
CA PHE A 112 -5.43 9.66 -4.64
C PHE A 112 -4.73 11.00 -4.49
N ILE A 113 -4.72 11.79 -5.55
CA ILE A 113 -4.07 13.11 -5.53
C ILE A 113 -5.02 14.17 -6.08
N VAL A 114 -5.33 15.16 -5.25
CA VAL A 114 -6.21 16.26 -5.66
C VAL A 114 -5.72 17.59 -5.11
N GLY A 115 -5.92 18.65 -5.88
CA GLY A 115 -5.49 19.97 -5.45
C GLY A 115 -5.99 20.32 -4.07
N SER A 116 -7.12 19.75 -3.70
CA SER A 116 -7.71 20.01 -2.38
C SER A 116 -6.87 19.39 -1.27
N ASP A 117 -6.41 18.16 -1.51
CA ASP A 117 -5.59 17.46 -0.53
C ASP A 117 -5.18 16.08 -1.06
N ARG A 118 -4.41 15.36 -0.26
CA ARG A 118 -3.94 14.03 -0.64
C ARG A 118 -4.21 13.01 0.46
N ALA A 119 -4.54 11.79 0.05
CA ALA A 119 -4.82 10.73 1.01
C ALA A 119 -4.38 9.37 0.47
N ILE A 120 -3.70 8.60 1.32
CA ILE A 120 -3.22 7.28 0.93
C ILE A 120 -3.55 6.23 1.98
N PHE A 121 -3.91 5.04 1.53
CA PHE A 121 -4.26 3.95 2.45
C PHE A 121 -3.49 2.68 2.08
N MET A 122 -2.85 2.08 3.08
CA MET A 122 -2.08 0.85 2.87
C MET A 122 -2.07 -0.01 4.13
N LEU A 123 -2.60 -1.22 4.01
CA LEU A 123 -2.65 -2.14 5.15
C LEU A 123 -2.59 -3.58 4.67
N ARG A 124 -2.03 -4.45 5.51
CA ARG A 124 -1.91 -5.87 5.18
C ARG A 124 -3.27 -6.47 4.87
N ASP A 125 -4.31 -5.97 5.54
CA ASP A 125 -5.66 -6.47 5.33
C ASP A 125 -6.16 -6.09 3.95
N GLY A 126 -7.31 -6.66 3.56
CA GLY A 126 -7.88 -6.38 2.26
C GLY A 126 -9.30 -5.85 2.35
N SER A 127 -10.22 -6.70 2.81
CA SER A 127 -11.62 -6.31 2.93
C SER A 127 -11.80 -5.29 4.06
N TYR A 128 -11.09 -5.51 5.16
CA TYR A 128 -11.18 -4.62 6.31
C TYR A 128 -10.62 -3.25 5.98
N ALA A 129 -9.65 -3.21 5.06
CA ALA A 129 -9.03 -1.96 4.65
C ALA A 129 -10.02 -1.09 3.88
N TRP A 130 -10.82 -1.73 3.03
CA TRP A 130 -11.80 -1.02 2.22
C TRP A 130 -12.78 -0.26 3.10
N GLU A 131 -13.26 -0.92 4.16
CA GLU A 131 -14.21 -0.30 5.07
C GLU A 131 -13.58 0.91 5.77
N ILE A 132 -12.42 0.70 6.38
CA ILE A 132 -11.73 1.76 7.08
C ILE A 132 -11.34 2.88 6.13
N LYS A 133 -11.09 2.53 4.88
CA LYS A 133 -10.71 3.50 3.86
C LYS A 133 -11.70 4.66 3.81
N ASP A 134 -12.95 4.34 3.48
CA ASP A 134 -14.00 5.36 3.40
C ASP A 134 -14.07 6.16 4.70
N PHE A 135 -13.83 5.50 5.82
CA PHE A 135 -13.86 6.15 7.12
C PHE A 135 -12.69 7.11 7.28
N LEU A 136 -11.57 6.78 6.64
CA LEU A 136 -10.38 7.61 6.72
C LEU A 136 -10.62 8.97 6.05
N VAL A 137 -10.80 8.95 4.74
CA VAL A 137 -11.04 10.17 3.98
C VAL A 137 -12.18 10.98 4.59
N SER A 138 -13.11 10.29 5.22
CA SER A 138 -14.26 10.94 5.85
C SER A 138 -13.81 12.05 6.79
N GLN A 139 -12.66 11.84 7.42
CA GLN A 139 -12.11 12.82 8.35
C GLN A 139 -11.64 14.08 7.61
N ASP A 140 -10.80 13.88 6.60
CA ASP A 140 -10.29 15.00 5.81
C ASP A 140 -9.44 15.92 6.68
N ARG A 141 -8.85 15.37 7.73
CA ARG A 141 -8.00 16.15 8.63
C ARG A 141 -7.34 15.24 9.67
N CYS A 142 -6.73 14.17 9.20
CA CYS A 142 -6.06 13.22 10.09
C CYS A 142 -4.82 12.64 9.43
N ALA A 143 -3.79 12.40 10.23
CA ALA A 143 -2.53 11.85 9.72
C ALA A 143 -1.96 10.80 10.68
N GLU A 144 -1.64 9.63 10.15
CA GLU A 144 -1.09 8.55 10.96
C GLU A 144 -0.16 7.66 10.13
N VAL A 145 0.89 7.16 10.76
CA VAL A 145 1.85 6.30 10.08
C VAL A 145 2.47 5.30 11.06
N THR A 146 2.43 4.03 10.69
CA THR A 146 2.98 2.97 11.52
C THR A 146 3.98 2.12 10.74
N LEU A 147 5.23 2.10 11.20
CA LEU A 147 6.27 1.32 10.55
C LEU A 147 7.33 0.88 11.55
N GLU A 148 7.54 -0.43 11.64
CA GLU A 148 8.52 -0.98 12.57
C GLU A 148 9.76 -1.46 11.82
N GLY A 149 10.83 -1.74 12.57
CA GLY A 149 12.06 -2.19 11.96
C GLY A 149 12.68 -3.36 12.71
N GLN A 150 11.97 -3.86 13.70
CA GLN A 150 12.46 -4.99 14.50
C GLN A 150 11.32 -5.88 14.94
N MET A 151 10.52 -6.33 13.97
CA MET A 151 9.38 -7.20 14.26
C MET A 151 9.29 -8.34 13.25
N TYR A 152 8.18 -9.06 13.27
CA TYR A 152 7.98 -10.18 12.36
C TYR A 152 7.08 -9.78 11.19
N PRO A 153 7.18 -10.54 10.08
CA PRO A 153 6.38 -10.27 8.88
C PRO A 153 4.90 -10.58 9.08
N GLY A 154 4.10 -10.27 8.07
CA GLY A 154 2.66 -10.51 8.16
C GLY A 154 2.26 -11.82 7.53
N LYS A 155 3.18 -12.43 6.79
CA LYS A 155 2.92 -13.70 6.12
C LYS A 155 2.54 -14.78 7.13
N GLY A 156 3.35 -14.91 8.19
CA GLY A 156 3.08 -15.90 9.21
C GLY A 156 3.61 -17.28 8.85
N GLY A 157 4.53 -17.31 7.90
CA GLY A 157 5.11 -18.58 7.47
C GLY A 157 6.63 -18.55 7.46
N GLY A 158 7.20 -17.44 7.02
CA GLY A 158 8.64 -17.31 6.98
C GLY A 158 9.30 -18.46 6.26
N SER A 159 9.05 -18.57 4.96
CA SER A 159 9.61 -19.64 4.15
C SER A 159 11.13 -19.71 4.32
N LYS A 160 11.77 -18.54 4.30
CA LYS A 160 13.22 -18.47 4.46
C LYS A 160 13.93 -19.40 3.48
N GLU A 161 13.62 -19.25 2.21
CA GLU A 161 14.23 -20.07 1.17
C GLU A 161 15.50 -19.43 0.63
N LYS A 162 15.41 -18.13 0.31
CA LYS A 162 16.56 -17.40 -0.21
C LYS A 162 16.99 -17.96 -1.56
N ASN A 163 16.12 -17.87 -2.55
CA ASN A 163 16.41 -18.37 -3.89
C ASN A 163 15.68 -17.55 -4.95
N LYS A 164 16.44 -16.98 -5.87
CA LYS A 164 15.87 -16.18 -6.95
C LYS A 164 15.53 -17.05 -8.16
N THR A 165 14.48 -16.66 -8.88
CA THR A 165 14.05 -17.40 -10.06
C THR A 165 13.81 -16.46 -11.24
N LYS A 166 13.84 -17.02 -12.45
CA LYS A 166 13.62 -16.23 -13.66
C LYS A 166 12.18 -15.75 -13.74
N PRO A 167 11.23 -16.70 -13.78
CA PRO A 167 9.80 -16.39 -13.85
C PRO A 167 9.28 -15.77 -12.56
N GLU A 168 10.04 -15.92 -11.49
CA GLU A 168 9.65 -15.37 -10.19
C GLU A 168 9.29 -13.90 -10.31
N LYS A 169 10.23 -13.10 -10.81
CA LYS A 169 10.01 -11.67 -10.98
C LYS A 169 8.93 -11.40 -12.03
N ALA A 170 8.83 -12.30 -13.00
CA ALA A 170 7.83 -12.15 -14.06
C ALA A 170 6.41 -12.28 -13.51
N LYS A 171 6.22 -13.25 -12.61
CA LYS A 171 4.91 -13.48 -12.01
C LYS A 171 4.48 -12.28 -11.19
N LYS A 172 5.41 -11.72 -10.42
CA LYS A 172 5.13 -10.56 -9.58
C LYS A 172 4.56 -9.41 -10.43
N LYS A 173 5.18 -9.17 -11.57
CA LYS A 173 4.74 -8.10 -12.47
C LYS A 173 3.39 -8.42 -13.09
N GLU A 174 3.12 -9.72 -13.24
CA GLU A 174 1.86 -10.18 -13.82
C GLU A 174 0.69 -9.81 -12.93
N GLY A 175 0.73 -10.28 -11.68
CA GLY A 175 -0.34 -9.99 -10.74
C GLY A 175 -0.57 -11.12 -9.77
N ASP A 176 -1.04 -10.79 -8.56
CA ASP A 176 -1.30 -11.78 -7.54
C ASP A 176 -2.49 -12.67 -7.92
N PRO A 177 -3.66 -12.04 -8.10
CA PRO A 177 -4.88 -12.75 -8.48
C PRO A 177 -4.84 -13.27 -9.91
N LYS A 178 -4.43 -12.41 -10.84
CA LYS A 178 -4.35 -12.79 -12.24
C LYS A 178 -3.69 -11.68 -13.05
N PRO A 179 -3.18 -12.04 -14.25
CA PRO A 179 -2.53 -11.10 -15.15
C PRO A 179 -3.51 -10.09 -15.76
N ARG A 180 -3.03 -9.32 -16.73
CA ARG A 180 -3.87 -8.33 -17.39
C ARG A 180 -4.35 -7.27 -16.39
N ALA A 181 -3.48 -6.31 -16.09
CA ALA A 181 -3.81 -5.25 -15.16
C ALA A 181 -2.66 -4.26 -15.01
N SER A 182 -1.49 -4.78 -14.66
CA SER A 182 -0.30 -3.94 -14.48
C SER A 182 -0.07 -3.06 -15.72
N LYS A 183 -0.28 -3.65 -16.89
CA LYS A 183 -0.10 -2.92 -18.14
C LYS A 183 -0.86 -1.61 -18.13
N GLU A 184 -2.15 -1.68 -17.85
CA GLU A 184 -3.00 -0.50 -17.80
C GLU A 184 -2.39 0.57 -16.89
N ASP A 185 -2.10 0.20 -15.65
CA ASP A 185 -1.52 1.12 -14.68
C ASP A 185 -0.23 1.73 -15.24
N ASN A 186 0.65 0.89 -15.75
CA ASN A 186 1.92 1.35 -16.31
C ASN A 186 1.69 2.44 -17.34
N ARG A 187 0.66 2.25 -18.18
CA ARG A 187 0.33 3.22 -19.22
C ARG A 187 -0.08 4.56 -18.61
N ALA A 188 -0.61 4.51 -17.40
CA ALA A 188 -1.05 5.71 -16.71
C ALA A 188 0.12 6.67 -16.47
N GLY A 189 1.06 6.24 -15.64
CA GLY A 189 2.21 7.07 -15.34
C GLY A 189 1.97 8.01 -14.18
N SER A 190 2.76 7.84 -13.12
CA SER A 190 2.62 8.68 -11.93
C SER A 190 3.91 9.44 -11.65
N ARG A 191 3.98 10.08 -10.48
CA ARG A 191 5.16 10.84 -10.09
C ARG A 191 5.39 12.02 -11.05
N ARG A 192 4.78 13.15 -10.72
CA ARG A 192 4.92 14.35 -11.54
C ARG A 192 4.45 14.08 -12.97
N GLU A 193 3.41 13.26 -13.10
CA GLU A 193 2.87 12.91 -14.42
C GLU A 193 1.36 12.76 -14.36
N ASP A 194 0.89 11.71 -13.70
CA ASP A 194 -0.54 11.45 -13.57
C ASP A 194 -1.21 11.38 -14.95
N LEU A 195 -1.25 10.19 -15.51
CA LEU A 195 -1.86 9.99 -16.83
C LEU A 195 -1.11 10.77 -17.90
N ALA A 1 -19.12 14.73 9.02
CA ALA A 1 -19.30 14.35 7.63
C ALA A 1 -18.87 12.91 7.39
N ASP A 2 -19.74 11.97 7.69
CA ASP A 2 -19.44 10.56 7.50
C ASP A 2 -19.99 10.05 6.18
N THR A 3 -19.18 9.27 5.47
CA THR A 3 -19.60 8.72 4.17
C THR A 3 -20.28 7.38 4.35
N PRO A 4 -21.19 7.06 3.42
CA PRO A 4 -21.93 5.79 3.44
C PRO A 4 -21.04 4.58 3.14
N GLY A 5 -21.67 3.42 2.97
CA GLY A 5 -20.91 2.22 2.68
C GLY A 5 -21.66 1.27 1.77
N GLU A 6 -21.88 1.70 0.53
CA GLU A 6 -22.60 0.88 -0.45
C GLU A 6 -22.69 1.59 -1.79
N ALA A 7 -22.96 2.89 -1.75
CA ALA A 7 -23.06 3.69 -2.97
C ALA A 7 -21.71 4.28 -3.36
N THR A 8 -20.77 3.42 -3.71
CA THR A 8 -19.43 3.86 -4.10
C THR A 8 -19.12 3.44 -5.53
N PRO A 9 -18.33 4.27 -6.23
CA PRO A 9 -17.94 4.02 -7.62
C PRO A 9 -16.97 2.84 -7.73
N PRO A 10 -16.76 2.37 -8.98
CA PRO A 10 -15.85 1.25 -9.24
C PRO A 10 -14.39 1.61 -9.02
N PRO A 11 -13.52 0.59 -9.00
CA PRO A 11 -12.08 0.79 -8.80
C PRO A 11 -11.41 1.46 -9.99
N ARG A 12 -11.61 2.76 -10.12
CA ARG A 12 -11.02 3.53 -11.22
C ARG A 12 -9.52 3.65 -11.05
N LYS A 13 -9.10 4.21 -9.92
CA LYS A 13 -7.68 4.39 -9.63
C LYS A 13 -7.30 3.75 -8.30
N LYS A 14 -8.24 3.75 -7.36
CA LYS A 14 -8.00 3.16 -6.05
C LYS A 14 -7.42 1.76 -6.18
N LYS A 15 -8.02 0.93 -7.03
CA LYS A 15 -7.55 -0.43 -7.25
C LYS A 15 -6.72 -0.53 -8.53
N ASP A 16 -6.00 0.55 -8.83
CA ASP A 16 -5.16 0.58 -10.03
C ASP A 16 -3.71 0.32 -9.67
N ILE A 17 -3.18 1.11 -8.74
CA ILE A 17 -1.78 0.97 -8.32
C ILE A 17 -0.83 1.15 -9.48
N ARG A 18 -0.25 2.34 -9.58
CA ARG A 18 0.69 2.64 -10.66
C ARG A 18 1.81 1.61 -10.71
N ASP A 19 1.87 0.88 -11.83
CA ASP A 19 2.90 -0.15 -12.01
C ASP A 19 2.81 -1.19 -10.90
N TYR A 20 1.66 -1.26 -10.25
CA TYR A 20 1.46 -2.22 -9.16
C TYR A 20 2.58 -2.13 -8.14
N ASN A 21 3.15 -0.95 -8.00
CA ASN A 21 4.24 -0.74 -7.05
C ASN A 21 4.74 0.71 -7.10
N ASP A 22 4.90 1.23 -8.32
CA ASP A 22 5.37 2.60 -8.50
C ASP A 22 4.41 3.59 -7.83
N ALA A 23 3.19 3.14 -7.56
CA ALA A 23 2.18 3.98 -6.93
C ALA A 23 2.76 4.70 -5.71
N ASP A 24 3.35 3.92 -4.81
CA ASP A 24 3.93 4.47 -3.59
C ASP A 24 4.95 5.56 -3.92
N MET A 25 5.68 5.36 -5.02
CA MET A 25 6.69 6.31 -5.46
C MET A 25 6.06 7.68 -5.75
N ALA A 26 4.96 7.66 -6.50
CA ALA A 26 4.26 8.89 -6.85
C ALA A 26 3.99 9.74 -5.62
N ARG A 27 3.60 9.08 -4.52
CA ARG A 27 3.32 9.79 -3.28
C ARG A 27 4.48 10.68 -2.87
N LEU A 28 5.70 10.20 -3.14
CA LEU A 28 6.90 10.96 -2.80
C LEU A 28 6.79 12.41 -3.27
N LEU A 29 6.32 12.59 -4.50
CA LEU A 29 6.16 13.93 -5.06
C LEU A 29 5.37 14.83 -4.12
N GLU A 30 4.33 14.27 -3.50
CA GLU A 30 3.50 15.02 -2.57
C GLU A 30 4.26 15.33 -1.29
N GLN A 31 5.11 14.41 -0.88
CA GLN A 31 5.90 14.59 0.35
C GLN A 31 6.80 15.82 0.24
N TRP A 32 7.23 16.11 -0.98
CA TRP A 32 8.10 17.27 -1.22
C TRP A 32 7.40 18.56 -0.81
N GLU A 33 6.17 18.74 -1.27
CA GLU A 33 5.40 19.94 -0.95
C GLU A 33 5.22 20.08 0.56
N LYS A 34 5.18 18.95 1.25
CA LYS A 34 5.01 18.95 2.70
C LYS A 34 6.26 19.48 3.40
N ASP A 35 7.42 19.27 2.77
CA ASP A 35 8.68 19.73 3.33
C ASP A 35 8.57 21.18 3.79
N ASP A 36 7.79 21.97 3.07
CA ASP A 36 7.59 23.38 3.41
C ASP A 36 6.40 23.55 4.35
N ASP A 37 5.27 22.95 3.98
CA ASP A 37 4.06 23.04 4.78
C ASP A 37 4.24 22.36 6.13
N ILE A 38 4.31 21.02 6.11
CA ILE A 38 4.48 20.24 7.32
C ILE A 38 3.27 20.37 8.23
N GLU A 39 2.31 19.45 8.06
CA GLU A 39 1.09 19.47 8.86
C GLU A 39 1.18 18.45 10.00
N GLU A 40 1.13 17.18 9.65
CA GLU A 40 1.22 16.11 10.64
C GLU A 40 1.60 14.79 9.98
N GLY A 41 1.64 13.72 10.77
CA GLY A 41 1.99 12.41 10.26
C GLY A 41 1.70 11.30 11.23
N ASP A 42 1.96 11.55 12.52
CA ASP A 42 1.72 10.56 13.56
C ASP A 42 2.50 9.28 13.28
N LEU A 43 3.68 9.17 13.88
CA LEU A 43 4.52 8.00 13.70
C LEU A 43 5.54 7.87 14.83
N PRO A 44 5.06 7.48 16.02
CA PRO A 44 5.91 7.31 17.21
C PRO A 44 6.85 6.11 17.08
N GLU A 45 6.31 5.00 16.58
CA GLU A 45 7.11 3.79 16.40
C GLU A 45 7.69 3.32 17.74
N HIS A 46 6.90 2.54 18.47
CA HIS A 46 7.33 2.03 19.76
C HIS A 46 7.33 0.50 19.77
N LYS A 47 6.39 -0.08 19.04
CA LYS A 47 6.27 -1.54 18.96
C LYS A 47 5.26 -1.95 17.91
N ARG A 48 3.97 -1.78 18.23
CA ARG A 48 2.90 -2.13 17.31
C ARG A 48 3.07 -3.56 16.79
N PRO A 49 2.76 -4.54 17.65
CA PRO A 49 2.87 -5.97 17.31
C PRO A 49 1.83 -6.39 16.29
N SER A 50 2.29 -6.88 15.14
CA SER A 50 1.38 -7.32 14.09
C SER A 50 1.44 -8.84 13.94
N ALA A 51 0.39 -9.40 13.32
CA ALA A 51 0.32 -10.84 13.11
C ALA A 51 -0.42 -11.17 11.82
N PRO A 52 -0.22 -12.40 11.32
CA PRO A 52 -0.87 -12.86 10.09
C PRO A 52 -2.37 -13.07 10.26
N ILE A 53 -3.14 -12.00 10.07
CA ILE A 53 -4.58 -12.07 10.21
C ILE A 53 -5.28 -11.54 8.95
N ASP A 54 -5.21 -12.30 7.87
CA ASP A 54 -5.83 -11.90 6.62
C ASP A 54 -6.92 -12.89 6.21
N PHE A 55 -7.64 -12.58 5.14
CA PHE A 55 -8.71 -13.44 4.65
C PHE A 55 -8.16 -14.47 3.67
N SER A 56 -7.72 -14.00 2.50
CA SER A 56 -7.17 -14.89 1.48
C SER A 56 -8.14 -16.03 1.19
N LYS A 57 -9.11 -15.76 0.31
CA LYS A 57 -10.09 -16.77 -0.06
C LYS A 57 -10.31 -16.79 -1.57
N LEU A 58 -10.37 -15.61 -2.17
CA LEU A 58 -10.56 -15.48 -3.61
C LEU A 58 -9.42 -16.15 -4.38
N ASP A 59 -8.27 -15.49 -4.40
CA ASP A 59 -7.09 -16.02 -5.09
C ASP A 59 -6.03 -16.46 -4.09
N PRO A 60 -5.10 -17.32 -4.55
CA PRO A 60 -4.01 -17.83 -3.72
C PRO A 60 -2.99 -16.75 -3.38
N GLY A 61 -2.60 -15.97 -4.38
CA GLY A 61 -1.64 -14.91 -4.16
C GLY A 61 -0.37 -15.41 -3.48
N LYS A 62 0.04 -16.62 -3.84
CA LYS A 62 1.24 -17.20 -3.26
C LYS A 62 2.18 -17.73 -4.34
N PRO A 63 2.76 -16.81 -5.12
CA PRO A 63 3.68 -17.15 -6.20
C PRO A 63 5.01 -17.70 -5.69
N GLU A 64 5.91 -18.03 -6.61
CA GLU A 64 7.22 -18.56 -6.24
C GLU A 64 8.15 -17.44 -5.81
N SER A 65 7.91 -16.24 -6.32
CA SER A 65 8.74 -15.08 -6.00
C SER A 65 8.76 -14.83 -4.49
N ILE A 66 7.69 -15.26 -3.81
CA ILE A 66 7.59 -15.08 -2.37
C ILE A 66 8.83 -15.62 -1.67
N LEU A 67 9.46 -16.63 -2.26
CA LEU A 67 10.65 -17.23 -1.68
C LEU A 67 11.84 -16.27 -1.77
N LYS A 68 11.90 -15.52 -2.87
CA LYS A 68 12.98 -14.56 -3.08
C LYS A 68 13.01 -13.52 -1.96
N MET A 69 11.86 -13.30 -1.33
CA MET A 69 11.76 -12.34 -0.24
C MET A 69 12.57 -12.80 0.97
N THR A 70 12.35 -14.05 1.38
CA THR A 70 13.06 -14.60 2.52
C THR A 70 12.69 -13.87 3.81
N LYS A 71 11.39 -13.72 4.05
CA LYS A 71 10.91 -13.03 5.24
C LYS A 71 11.34 -11.57 5.24
N LYS A 72 10.39 -10.68 4.96
CA LYS A 72 10.67 -9.24 4.93
C LYS A 72 11.06 -8.75 6.31
N GLY A 73 10.08 -8.60 7.19
CA GLY A 73 10.34 -8.13 8.53
C GLY A 73 9.06 -7.88 9.32
N LYS A 74 8.33 -6.84 8.94
CA LYS A 74 7.09 -6.49 9.62
C LYS A 74 6.09 -5.89 8.64
N THR A 75 4.81 -6.18 8.84
CA THR A 75 3.75 -5.66 7.98
C THR A 75 3.76 -4.14 7.95
N LEU A 76 2.90 -3.56 7.11
CA LEU A 76 2.81 -2.11 6.99
C LEU A 76 1.36 -1.65 7.04
N MET A 77 1.12 -0.51 7.69
CA MET A 77 -0.23 0.03 7.80
C MET A 77 -0.18 1.52 8.14
N MET A 78 -0.73 2.34 7.25
CA MET A 78 -0.75 3.78 7.46
C MET A 78 -1.90 4.43 6.67
N PHE A 79 -2.54 5.42 7.29
CA PHE A 79 -3.65 6.12 6.65
C PHE A 79 -3.52 7.63 6.84
N VAL A 80 -3.43 8.35 5.73
CA VAL A 80 -3.30 9.80 5.76
C VAL A 80 -4.13 10.45 4.65
N THR A 81 -4.75 11.58 4.97
CA THR A 81 -5.57 12.30 4.01
C THR A 81 -5.25 13.79 4.02
N VAL A 82 -4.21 14.19 3.30
CA VAL A 82 -3.80 15.58 3.23
C VAL A 82 -2.75 15.80 2.16
N SER A 83 -2.67 17.03 1.65
CA SER A 83 -1.69 17.36 0.62
C SER A 83 -0.28 17.41 1.19
N GLY A 84 0.41 16.27 1.13
CA GLY A 84 1.76 16.20 1.65
C GLY A 84 1.82 15.58 3.03
N ASN A 85 2.97 15.01 3.37
CA ASN A 85 3.16 14.39 4.68
C ASN A 85 4.55 13.79 4.80
N PRO A 86 5.11 13.83 6.02
CA PRO A 86 6.45 13.30 6.29
C PRO A 86 6.49 11.78 6.22
N THR A 87 6.51 11.24 5.01
CA THR A 87 6.55 9.80 4.81
C THR A 87 7.31 9.44 3.53
N GLU A 88 8.08 10.40 3.01
CA GLU A 88 8.84 10.18 1.79
C GLU A 88 9.75 8.96 1.93
N LYS A 89 10.46 8.88 3.05
CA LYS A 89 11.36 7.76 3.30
C LYS A 89 10.57 6.47 3.52
N GLU A 90 9.38 6.59 4.10
CA GLU A 90 8.53 5.44 4.35
C GLU A 90 7.98 4.86 3.05
N THR A 91 7.53 5.75 2.16
CA THR A 91 6.98 5.33 0.88
C THR A 91 7.93 4.38 0.15
N GLU A 92 9.22 4.73 0.16
CA GLU A 92 10.23 3.90 -0.51
C GLU A 92 10.32 2.53 0.16
N GLU A 93 10.01 2.47 1.45
CA GLU A 93 10.07 1.23 2.19
C GLU A 93 8.80 0.40 1.97
N ILE A 94 7.73 1.08 1.60
CA ILE A 94 6.46 0.41 1.35
C ILE A 94 6.63 -0.78 0.42
N THR A 95 7.61 -0.68 -0.48
CA THR A 95 7.88 -1.74 -1.44
C THR A 95 8.40 -2.99 -0.73
N SER A 96 9.25 -2.78 0.28
CA SER A 96 9.82 -3.89 1.03
C SER A 96 8.76 -4.56 1.90
N LEU A 97 7.97 -3.76 2.60
CA LEU A 97 6.92 -4.27 3.47
C LEU A 97 5.79 -4.88 2.64
N TRP A 98 5.48 -4.26 1.51
CA TRP A 98 4.43 -4.75 0.63
C TRP A 98 4.60 -6.22 0.32
N GLN A 99 5.86 -6.63 0.15
CA GLN A 99 6.17 -8.03 -0.15
C GLN A 99 5.51 -8.97 0.86
N GLY A 100 5.45 -8.53 2.12
CA GLY A 100 4.84 -9.33 3.15
C GLY A 100 3.33 -9.44 3.00
N SER A 101 2.66 -8.30 2.98
CA SER A 101 1.22 -8.26 2.85
C SER A 101 0.76 -8.99 1.58
N LEU A 102 1.61 -8.94 0.55
CA LEU A 102 1.30 -9.60 -0.71
C LEU A 102 0.95 -11.07 -0.49
N PHE A 103 1.73 -11.75 0.33
CA PHE A 103 1.50 -13.15 0.63
C PHE A 103 0.06 -13.38 1.09
N ASN A 104 -0.50 -12.40 1.79
CA ASN A 104 -1.87 -12.49 2.28
C ASN A 104 -2.85 -12.75 1.13
N ALA A 105 -2.45 -12.37 -0.07
CA ALA A 105 -3.29 -12.57 -1.25
C ALA A 105 -4.59 -11.76 -1.15
N ASN A 106 -4.60 -10.80 -0.22
CA ASN A 106 -5.77 -9.96 -0.02
C ASN A 106 -5.38 -8.58 0.48
N TYR A 107 -4.15 -8.17 0.15
CA TYR A 107 -3.65 -6.86 0.56
C TYR A 107 -4.59 -5.75 0.11
N ASP A 108 -4.27 -4.52 0.50
CA ASP A 108 -5.09 -3.37 0.14
C ASP A 108 -4.23 -2.11 0.00
N VAL A 109 -4.27 -1.48 -1.17
CA VAL A 109 -3.50 -0.28 -1.42
C VAL A 109 -4.16 0.57 -2.51
N GLN A 110 -4.47 1.82 -2.17
CA GLN A 110 -5.10 2.74 -3.11
C GLN A 110 -4.57 4.15 -2.92
N ARG A 111 -4.46 4.89 -4.02
CA ARG A 111 -3.96 6.26 -3.98
C ARG A 111 -5.02 7.23 -4.52
N PHE A 112 -5.00 8.45 -4.00
CA PHE A 112 -5.95 9.48 -4.42
C PHE A 112 -5.24 10.79 -4.73
N ILE A 113 -5.66 11.45 -5.81
CA ILE A 113 -5.06 12.71 -6.22
C ILE A 113 -6.13 13.77 -6.46
N VAL A 114 -6.05 14.87 -5.72
CA VAL A 114 -7.01 15.96 -5.86
C VAL A 114 -6.34 17.31 -5.63
N GLY A 115 -6.79 18.32 -6.36
CA GLY A 115 -6.24 19.65 -6.22
C GLY A 115 -6.35 20.18 -4.81
N SER A 116 -7.26 19.61 -4.03
CA SER A 116 -7.47 20.03 -2.65
C SER A 116 -6.44 19.39 -1.73
N ASP A 117 -6.11 18.13 -1.99
CA ASP A 117 -5.14 17.40 -1.19
C ASP A 117 -4.93 15.99 -1.74
N ARG A 118 -4.14 15.20 -1.03
CA ARG A 118 -3.85 13.83 -1.43
C ARG A 118 -4.08 12.85 -0.29
N ALA A 119 -4.76 11.75 -0.58
CA ALA A 119 -5.03 10.74 0.43
C ALA A 119 -4.65 9.35 -0.07
N ILE A 120 -3.92 8.61 0.76
CA ILE A 120 -3.49 7.27 0.41
C ILE A 120 -3.83 6.27 1.51
N PHE A 121 -4.21 5.06 1.12
CA PHE A 121 -4.56 4.01 2.07
C PHE A 121 -3.83 2.72 1.76
N MET A 122 -3.23 2.12 2.78
CA MET A 122 -2.49 0.88 2.62
C MET A 122 -2.53 0.04 3.89
N LEU A 123 -2.96 -1.20 3.76
CA LEU A 123 -3.06 -2.11 4.91
C LEU A 123 -2.86 -3.56 4.48
N ARG A 124 -2.18 -4.33 5.32
CA ARG A 124 -1.92 -5.73 5.02
C ARG A 124 -3.22 -6.49 4.79
N ASP A 125 -4.27 -6.07 5.49
CA ASP A 125 -5.58 -6.70 5.35
C ASP A 125 -6.25 -6.30 4.05
N GLY A 126 -7.54 -6.65 3.92
CA GLY A 126 -8.28 -6.31 2.73
C GLY A 126 -9.67 -5.79 3.03
N SER A 127 -10.49 -6.64 3.63
CA SER A 127 -11.86 -6.27 3.98
C SER A 127 -11.87 -5.13 5.00
N TYR A 128 -11.13 -5.31 6.08
CA TYR A 128 -11.06 -4.31 7.13
C TYR A 128 -10.58 -2.96 6.58
N ALA A 129 -9.77 -3.02 5.54
CA ALA A 129 -9.24 -1.82 4.90
C ALA A 129 -10.35 -1.06 4.17
N TRP A 130 -11.34 -1.79 3.68
CA TRP A 130 -12.45 -1.19 2.97
C TRP A 130 -13.26 -0.28 3.88
N GLU A 131 -13.55 -0.76 5.08
CA GLU A 131 -14.32 0.02 6.06
C GLU A 131 -13.55 1.28 6.48
N ILE A 132 -12.31 1.09 6.91
CA ILE A 132 -11.48 2.21 7.35
C ILE A 132 -11.20 3.17 6.19
N LYS A 133 -11.12 2.61 4.98
CA LYS A 133 -10.85 3.41 3.80
C LYS A 133 -11.83 4.58 3.69
N ASP A 134 -13.11 4.29 3.89
CA ASP A 134 -14.15 5.31 3.82
C ASP A 134 -13.99 6.32 4.96
N PHE A 135 -13.52 5.84 6.10
CA PHE A 135 -13.32 6.70 7.26
C PHE A 135 -12.15 7.65 7.04
N LEU A 136 -11.18 7.21 6.25
CA LEU A 136 -10.00 8.03 5.96
C LEU A 136 -10.40 9.30 5.20
N VAL A 137 -10.85 9.13 3.97
CA VAL A 137 -11.26 10.27 3.15
C VAL A 137 -12.29 11.13 3.88
N SER A 138 -13.07 10.49 4.74
CA SER A 138 -14.10 11.20 5.50
C SER A 138 -13.49 12.36 6.30
N GLN A 139 -12.26 12.16 6.77
CA GLN A 139 -11.57 13.19 7.53
C GLN A 139 -11.18 14.36 6.65
N ASP A 140 -10.41 14.09 5.60
CA ASP A 140 -9.97 15.13 4.68
C ASP A 140 -9.08 16.14 5.39
N ARG A 141 -8.48 15.72 6.50
CA ARG A 141 -7.61 16.60 7.28
C ARG A 141 -6.99 15.85 8.46
N CYS A 142 -6.41 14.68 8.18
CA CYS A 142 -5.79 13.88 9.22
C CYS A 142 -4.60 13.10 8.68
N ALA A 143 -3.58 12.93 9.51
CA ALA A 143 -2.38 12.20 9.10
C ALA A 143 -1.94 11.22 10.19
N GLU A 144 -1.91 9.93 9.84
CA GLU A 144 -1.51 8.90 10.78
C GLU A 144 -0.89 7.71 10.06
N VAL A 145 0.37 7.43 10.38
CA VAL A 145 1.08 6.31 9.76
C VAL A 145 1.79 5.46 10.80
N THR A 146 1.71 4.15 10.63
CA THR A 146 2.34 3.22 11.57
C THR A 146 3.32 2.29 10.84
N LEU A 147 4.58 2.32 11.28
CA LEU A 147 5.61 1.48 10.67
C LEU A 147 6.53 0.90 11.73
N GLU A 148 6.61 -0.42 11.78
CA GLU A 148 7.46 -1.10 12.76
C GLU A 148 8.81 -1.46 12.14
N GLY A 149 9.77 -1.81 13.00
CA GLY A 149 11.09 -2.18 12.51
C GLY A 149 11.72 -3.28 13.34
N GLN A 150 10.91 -3.91 14.18
CA GLN A 150 11.41 -5.00 15.03
C GLN A 150 10.30 -6.01 15.32
N MET A 151 9.44 -6.24 14.35
CA MET A 151 8.34 -7.18 14.50
C MET A 151 8.41 -8.28 13.45
N TYR A 152 7.35 -9.07 13.34
CA TYR A 152 7.30 -10.17 12.38
C TYR A 152 6.42 -9.81 11.20
N PRO A 153 6.68 -10.46 10.06
CA PRO A 153 5.92 -10.23 8.82
C PRO A 153 4.49 -10.76 8.92
N GLY A 154 3.64 -10.34 7.98
CA GLY A 154 2.26 -10.80 7.97
C GLY A 154 2.08 -12.11 7.24
N LYS A 155 3.13 -12.55 6.55
CA LYS A 155 3.09 -13.80 5.79
C LYS A 155 2.59 -14.95 6.66
N GLY A 156 3.22 -15.10 7.84
CA GLY A 156 2.82 -16.16 8.75
C GLY A 156 3.90 -16.47 9.77
N GLY A 157 5.14 -16.14 9.44
CA GLY A 157 6.24 -16.39 10.35
C GLY A 157 7.60 -16.22 9.68
N GLY A 158 7.64 -16.42 8.37
CA GLY A 158 8.88 -16.28 7.64
C GLY A 158 9.39 -17.61 7.11
N SER A 159 9.15 -17.88 5.84
CA SER A 159 9.58 -19.13 5.21
C SER A 159 11.11 -19.17 5.11
N LYS A 160 11.70 -18.05 4.69
CA LYS A 160 13.15 -17.97 4.55
C LYS A 160 13.66 -19.00 3.54
N GLU A 161 13.86 -18.57 2.30
CA GLU A 161 14.35 -19.46 1.26
C GLU A 161 15.51 -18.82 0.50
N LYS A 162 15.32 -17.58 0.08
CA LYS A 162 16.36 -16.86 -0.66
C LYS A 162 16.66 -17.54 -1.99
N ASN A 163 15.81 -17.29 -2.98
CA ASN A 163 16.00 -17.89 -4.30
C ASN A 163 15.64 -16.89 -5.40
N LYS A 164 16.47 -16.83 -6.43
CA LYS A 164 16.25 -15.92 -7.55
C LYS A 164 14.84 -16.07 -8.11
N THR A 165 14.38 -15.07 -8.85
CA THR A 165 13.06 -15.10 -9.44
C THR A 165 13.04 -14.37 -10.78
N LYS A 166 13.32 -15.10 -11.85
CA LYS A 166 13.32 -14.52 -13.19
C LYS A 166 11.92 -14.45 -13.76
N PRO A 167 11.29 -15.62 -13.95
CA PRO A 167 9.93 -15.72 -14.49
C PRO A 167 8.88 -15.21 -13.51
N GLU A 168 9.15 -15.37 -12.22
CA GLU A 168 8.23 -14.91 -11.18
C GLU A 168 8.34 -13.42 -10.97
N LYS A 169 9.46 -12.85 -11.39
CA LYS A 169 9.70 -11.41 -11.25
C LYS A 169 8.57 -10.61 -11.88
N ALA A 170 8.25 -10.94 -13.13
CA ALA A 170 7.18 -10.24 -13.85
C ALA A 170 5.81 -10.77 -13.44
N LYS A 171 5.77 -12.02 -12.98
CA LYS A 171 4.52 -12.64 -12.54
C LYS A 171 3.80 -11.75 -11.53
N LYS A 172 4.55 -11.21 -10.56
CA LYS A 172 3.97 -10.35 -9.54
C LYS A 172 3.78 -8.93 -10.08
N LYS A 173 4.77 -8.45 -10.84
CA LYS A 173 4.71 -7.12 -11.41
C LYS A 173 3.46 -6.95 -12.28
N GLU A 174 3.06 -8.03 -12.93
CA GLU A 174 1.87 -7.99 -13.79
C GLU A 174 0.60 -8.09 -12.97
N GLY A 175 0.71 -8.69 -11.79
CA GLY A 175 -0.46 -8.84 -10.92
C GLY A 175 -0.83 -10.29 -10.70
N ASP A 176 -0.72 -10.75 -9.46
CA ASP A 176 -1.06 -12.13 -9.13
C ASP A 176 -2.53 -12.42 -9.43
N PRO A 177 -3.43 -11.67 -8.77
CA PRO A 177 -4.88 -11.84 -8.95
C PRO A 177 -5.34 -11.36 -10.32
N LYS A 178 -4.91 -10.16 -10.71
CA LYS A 178 -5.28 -9.59 -12.00
C LYS A 178 -4.05 -9.29 -12.83
N PRO A 179 -3.44 -10.35 -13.40
CA PRO A 179 -2.25 -10.23 -14.24
C PRO A 179 -2.55 -9.55 -15.58
N ARG A 180 -2.71 -8.23 -15.54
CA ARG A 180 -3.00 -7.47 -16.76
C ARG A 180 -3.15 -5.98 -16.43
N ALA A 181 -3.76 -5.69 -15.29
CA ALA A 181 -3.97 -4.31 -14.87
C ALA A 181 -2.66 -3.53 -14.87
N SER A 182 -1.56 -4.24 -14.67
CA SER A 182 -0.24 -3.62 -14.66
C SER A 182 -0.02 -2.75 -15.89
N LYS A 183 -0.48 -3.25 -17.04
CA LYS A 183 -0.34 -2.53 -18.29
C LYS A 183 -1.12 -1.21 -18.25
N GLU A 184 -2.31 -1.25 -17.66
CA GLU A 184 -3.14 -0.06 -17.56
C GLU A 184 -2.55 0.94 -16.57
N ASP A 185 -2.03 0.43 -15.47
CA ASP A 185 -1.43 1.27 -14.44
C ASP A 185 -0.11 1.87 -14.94
N ASN A 186 0.67 1.08 -15.65
CA ASN A 186 1.95 1.53 -16.18
C ASN A 186 1.74 2.53 -17.31
N ARG A 187 0.75 2.27 -18.15
CA ARG A 187 0.45 3.15 -19.28
C ARG A 187 0.15 4.56 -18.79
N ALA A 188 -0.28 4.68 -17.54
CA ALA A 188 -0.60 5.97 -16.96
C ALA A 188 0.66 6.73 -16.56
N GLY A 189 1.60 6.00 -15.94
CA GLY A 189 2.84 6.62 -15.51
C GLY A 189 2.63 7.61 -14.38
N SER A 190 3.53 7.58 -13.40
CA SER A 190 3.44 8.48 -12.25
C SER A 190 4.69 9.35 -12.15
N ARG A 191 4.82 10.06 -11.03
CA ARG A 191 5.96 10.95 -10.81
C ARG A 191 5.98 12.08 -11.83
N ARG A 192 5.31 13.18 -11.50
CA ARG A 192 5.25 14.34 -12.39
C ARG A 192 4.64 13.96 -13.73
N GLU A 193 3.60 13.12 -13.69
CA GLU A 193 2.93 12.69 -14.91
C GLU A 193 1.45 12.41 -14.65
N ASP A 194 1.17 11.30 -13.99
CA ASP A 194 -0.21 10.93 -13.67
C ASP A 194 -1.08 10.95 -14.93
N LEU A 195 -1.02 9.87 -15.70
CA LEU A 195 -1.80 9.77 -16.93
C LEU A 195 -2.57 8.46 -16.98
N ALA A 1 -20.20 14.58 8.59
CA ALA A 1 -18.82 14.42 8.14
C ALA A 1 -18.55 12.98 7.70
N ASP A 2 -19.08 12.03 8.46
CA ASP A 2 -18.90 10.62 8.15
C ASP A 2 -19.91 10.15 7.10
N THR A 3 -19.44 9.38 6.13
CA THR A 3 -20.30 8.88 5.07
C THR A 3 -20.95 7.56 5.47
N PRO A 4 -22.14 7.29 4.92
CA PRO A 4 -22.89 6.06 5.21
C PRO A 4 -22.22 4.82 4.61
N GLY A 5 -21.68 4.98 3.40
CA GLY A 5 -21.03 3.87 2.74
C GLY A 5 -22.01 2.92 2.07
N GLU A 6 -22.72 3.42 1.07
CA GLU A 6 -23.70 2.61 0.34
C GLU A 6 -23.93 3.16 -1.05
N ALA A 7 -22.92 3.82 -1.61
CA ALA A 7 -23.01 4.39 -2.94
C ALA A 7 -21.65 4.89 -3.42
N THR A 8 -20.60 4.18 -3.05
CA THR A 8 -19.24 4.55 -3.44
C THR A 8 -19.03 4.33 -4.93
N PRO A 9 -18.25 5.23 -5.56
CA PRO A 9 -17.95 5.15 -6.99
C PRO A 9 -17.03 3.98 -7.33
N PRO A 10 -16.90 3.68 -8.63
CA PRO A 10 -16.05 2.59 -9.11
C PRO A 10 -14.57 2.89 -8.93
N PRO A 11 -13.74 1.84 -9.11
CA PRO A 11 -12.28 1.97 -8.97
C PRO A 11 -11.66 2.79 -10.10
N ARG A 12 -11.75 4.11 -9.99
CA ARG A 12 -11.20 5.00 -11.00
C ARG A 12 -9.67 4.97 -10.98
N LYS A 13 -9.10 4.96 -9.78
CA LYS A 13 -7.65 4.92 -9.62
C LYS A 13 -7.27 4.42 -8.23
N LYS A 14 -8.16 3.65 -7.62
CA LYS A 14 -7.92 3.10 -6.29
C LYS A 14 -7.11 1.80 -6.38
N LYS A 15 -7.66 0.82 -7.09
CA LYS A 15 -6.99 -0.46 -7.26
C LYS A 15 -6.18 -0.49 -8.55
N ASP A 16 -5.79 0.69 -9.03
CA ASP A 16 -5.01 0.80 -10.25
C ASP A 16 -3.52 0.70 -9.96
N ILE A 17 -3.04 1.58 -9.10
CA ILE A 17 -1.63 1.60 -8.72
C ILE A 17 -0.74 1.81 -9.94
N ARG A 18 -0.28 3.04 -10.12
CA ARG A 18 0.58 3.38 -11.25
C ARG A 18 1.79 2.45 -11.31
N ASP A 19 1.93 1.73 -12.43
CA ASP A 19 3.04 0.80 -12.60
C ASP A 19 3.03 -0.27 -11.53
N TYR A 20 1.88 -0.45 -10.89
CA TYR A 20 1.74 -1.45 -9.83
C TYR A 20 3.00 -1.52 -8.97
N ASN A 21 3.58 -0.37 -8.69
CA ASN A 21 4.80 -0.30 -7.89
C ASN A 21 5.31 1.14 -7.80
N ASP A 22 5.49 1.77 -8.97
CA ASP A 22 5.98 3.14 -9.02
C ASP A 22 5.07 4.08 -8.24
N ALA A 23 3.82 3.65 -8.04
CA ALA A 23 2.86 4.45 -7.29
C ALA A 23 3.43 4.92 -5.97
N ASP A 24 4.04 3.99 -5.23
CA ASP A 24 4.63 4.30 -3.94
C ASP A 24 5.54 5.52 -4.04
N MET A 25 6.46 5.49 -5.00
CA MET A 25 7.40 6.58 -5.20
C MET A 25 6.66 7.91 -5.34
N ALA A 26 5.52 7.89 -6.04
CA ALA A 26 4.72 9.09 -6.24
C ALA A 26 4.49 9.81 -4.93
N ARG A 27 4.24 9.05 -3.87
CA ARG A 27 3.99 9.62 -2.56
C ARG A 27 5.11 10.59 -2.16
N LEU A 28 6.35 10.22 -2.46
CA LEU A 28 7.49 11.06 -2.14
C LEU A 28 7.30 12.48 -2.66
N LEU A 29 6.55 12.60 -3.75
CA LEU A 29 6.28 13.90 -4.34
C LEU A 29 5.53 14.81 -3.36
N GLU A 30 4.63 14.22 -2.59
CA GLU A 30 3.85 14.97 -1.61
C GLU A 30 4.75 15.48 -0.49
N GLN A 31 5.83 14.75 -0.22
CA GLN A 31 6.76 15.14 0.83
C GLN A 31 7.21 16.58 0.67
N TRP A 32 7.55 16.96 -0.56
CA TRP A 32 7.99 18.32 -0.85
C TRP A 32 6.99 19.34 -0.32
N GLU A 33 5.71 19.08 -0.55
CA GLU A 33 4.65 19.98 -0.09
C GLU A 33 4.57 19.99 1.43
N LYS A 34 5.00 18.90 2.05
CA LYS A 34 4.98 18.78 3.50
C LYS A 34 6.03 19.70 4.14
N ASP A 35 7.09 19.98 3.39
CA ASP A 35 8.16 20.84 3.88
C ASP A 35 7.59 22.16 4.41
N ASP A 36 6.70 22.76 3.63
CA ASP A 36 6.09 24.03 4.02
C ASP A 36 4.80 23.80 4.79
N ASP A 37 3.92 22.97 4.22
CA ASP A 37 2.64 22.66 4.85
C ASP A 37 2.86 22.04 6.22
N ILE A 38 3.45 20.85 6.25
CA ILE A 38 3.71 20.16 7.51
C ILE A 38 2.58 20.37 8.50
N GLU A 39 1.54 19.57 8.38
CA GLU A 39 0.38 19.67 9.27
C GLU A 39 0.42 18.57 10.33
N GLU A 40 0.53 17.33 9.88
CA GLU A 40 0.57 16.19 10.80
C GLU A 40 1.30 15.01 10.15
N GLY A 41 1.33 13.88 10.87
CA GLY A 41 1.99 12.71 10.35
C GLY A 41 3.19 12.30 11.20
N ASP A 42 3.02 12.35 12.52
CA ASP A 42 4.08 11.99 13.45
C ASP A 42 3.74 10.73 14.21
N LEU A 43 4.05 9.57 13.64
CA LEU A 43 3.77 8.29 14.27
C LEU A 43 4.70 7.20 13.76
N PRO A 44 5.95 7.22 14.24
CA PRO A 44 6.97 6.24 13.85
C PRO A 44 6.67 4.85 14.38
N GLU A 45 6.28 4.78 15.66
CA GLU A 45 5.96 3.50 16.28
C GLU A 45 7.12 2.51 16.11
N HIS A 46 8.04 2.52 17.06
CA HIS A 46 9.19 1.62 17.01
C HIS A 46 8.75 0.16 17.23
N LYS A 47 7.89 -0.05 18.21
CA LYS A 47 7.40 -1.39 18.51
C LYS A 47 6.27 -1.77 17.57
N ARG A 48 5.08 -1.22 17.82
CA ARG A 48 3.91 -1.50 17.00
C ARG A 48 3.71 -3.01 16.83
N PRO A 49 3.10 -3.64 17.84
CA PRO A 49 2.84 -5.08 17.82
C PRO A 49 1.78 -5.47 16.80
N SER A 50 2.22 -5.86 15.61
CA SER A 50 1.31 -6.25 14.54
C SER A 50 1.39 -7.76 14.29
N ALA A 51 0.35 -8.29 13.65
CA ALA A 51 0.30 -9.72 13.36
C ALA A 51 -0.51 -9.98 12.08
N PRO A 52 -0.31 -11.17 11.49
CA PRO A 52 -1.01 -11.56 10.26
C PRO A 52 -2.50 -11.83 10.50
N ILE A 53 -3.28 -10.76 10.61
CA ILE A 53 -4.71 -10.88 10.83
C ILE A 53 -5.49 -10.75 9.53
N ASP A 54 -5.07 -11.51 8.52
CA ASP A 54 -5.74 -11.48 7.22
C ASP A 54 -6.36 -12.83 6.90
N PHE A 55 -6.98 -12.93 5.73
CA PHE A 55 -7.62 -14.17 5.31
C PHE A 55 -6.65 -15.05 4.54
N SER A 56 -6.26 -14.61 3.35
CA SER A 56 -5.33 -15.35 2.51
C SER A 56 -5.91 -16.72 2.14
N LYS A 57 -6.99 -16.71 1.37
CA LYS A 57 -7.63 -17.95 0.95
C LYS A 57 -8.78 -17.67 0.00
N LEU A 58 -8.63 -16.62 -0.80
CA LEU A 58 -9.65 -16.24 -1.78
C LEU A 58 -9.42 -16.93 -3.11
N ASP A 59 -8.44 -16.44 -3.86
CA ASP A 59 -8.11 -17.01 -5.16
C ASP A 59 -6.75 -17.72 -5.11
N PRO A 60 -6.53 -18.61 -6.08
CA PRO A 60 -5.28 -19.38 -6.18
C PRO A 60 -4.09 -18.50 -6.56
N GLY A 61 -3.56 -17.77 -5.59
CA GLY A 61 -2.42 -16.90 -5.84
C GLY A 61 -1.15 -17.43 -5.22
N LYS A 62 -0.13 -17.64 -6.05
CA LYS A 62 1.15 -18.15 -5.58
C LYS A 62 2.30 -17.66 -6.47
N PRO A 63 2.56 -16.34 -6.42
CA PRO A 63 3.62 -15.72 -7.21
C PRO A 63 5.02 -16.12 -6.73
N GLU A 64 6.01 -15.92 -7.59
CA GLU A 64 7.39 -16.26 -7.25
C GLU A 64 8.01 -15.18 -6.39
N SER A 65 7.44 -13.98 -6.45
CA SER A 65 7.95 -12.85 -5.69
C SER A 65 7.94 -13.15 -4.19
N ILE A 66 7.11 -14.12 -3.80
CA ILE A 66 7.00 -14.51 -2.40
C ILE A 66 8.37 -14.79 -1.79
N LEU A 67 9.24 -15.43 -2.58
CA LEU A 67 10.58 -15.76 -2.13
C LEU A 67 11.40 -14.48 -1.89
N LYS A 68 11.14 -13.47 -2.70
CA LYS A 68 11.85 -12.20 -2.58
C LYS A 68 11.63 -11.58 -1.20
N MET A 69 10.54 -11.97 -0.56
CA MET A 69 10.21 -11.45 0.77
C MET A 69 11.36 -11.71 1.74
N THR A 70 12.06 -12.83 1.55
CA THR A 70 13.18 -13.18 2.41
C THR A 70 12.79 -13.10 3.88
N LYS A 71 11.52 -13.37 4.17
CA LYS A 71 11.01 -13.34 5.54
C LYS A 71 11.11 -11.92 6.11
N LYS A 72 9.96 -11.25 6.20
CA LYS A 72 9.91 -9.90 6.73
C LYS A 72 9.66 -9.91 8.23
N GLY A 73 9.71 -8.73 8.85
CA GLY A 73 9.49 -8.63 10.28
C GLY A 73 8.65 -7.43 10.65
N LYS A 74 8.10 -6.75 9.64
CA LYS A 74 7.28 -5.57 9.86
C LYS A 74 6.24 -5.42 8.76
N THR A 75 4.97 -5.39 9.14
CA THR A 75 3.88 -5.24 8.19
C THR A 75 3.82 -3.82 7.63
N LEU A 76 2.77 -3.54 6.87
CA LEU A 76 2.59 -2.22 6.29
C LEU A 76 1.27 -1.60 6.71
N MET A 77 1.31 -0.35 7.15
CA MET A 77 0.11 0.35 7.59
C MET A 77 0.32 1.86 7.57
N MET A 78 -0.46 2.56 6.76
CA MET A 78 -0.36 4.01 6.66
C MET A 78 -1.68 4.62 6.17
N PHE A 79 -2.18 5.58 6.91
CA PHE A 79 -3.44 6.25 6.55
C PHE A 79 -3.30 7.77 6.67
N VAL A 80 -3.49 8.46 5.56
CA VAL A 80 -3.40 9.92 5.54
C VAL A 80 -4.13 10.50 4.35
N THR A 81 -4.97 11.50 4.60
CA THR A 81 -5.74 12.15 3.54
C THR A 81 -5.57 13.66 3.58
N VAL A 82 -4.50 14.15 2.96
CA VAL A 82 -4.22 15.58 2.93
C VAL A 82 -3.07 15.90 1.99
N SER A 83 -3.05 17.14 1.48
CA SER A 83 -2.00 17.56 0.57
C SER A 83 -0.66 17.66 1.29
N GLY A 84 0.21 16.67 1.07
CA GLY A 84 1.50 16.67 1.70
C GLY A 84 1.51 15.93 3.02
N ASN A 85 2.61 15.24 3.31
CA ASN A 85 2.73 14.47 4.55
C ASN A 85 4.09 13.78 4.62
N PRO A 86 4.61 13.66 5.85
CA PRO A 86 5.91 13.01 6.09
C PRO A 86 5.86 11.51 5.86
N THR A 87 6.38 11.09 4.70
CA THR A 87 6.39 9.67 4.36
C THR A 87 7.45 9.38 3.30
N GLU A 88 8.46 10.24 3.22
CA GLU A 88 9.54 10.07 2.26
C GLU A 88 10.27 8.75 2.48
N LYS A 89 11.02 8.69 3.58
CA LYS A 89 11.78 7.48 3.92
C LYS A 89 10.87 6.26 3.92
N GLU A 90 9.61 6.46 4.29
CA GLU A 90 8.64 5.36 4.33
C GLU A 90 8.29 4.90 2.92
N THR A 91 8.20 5.85 1.99
CA THR A 91 7.87 5.55 0.61
C THR A 91 8.74 4.42 0.07
N GLU A 92 10.05 4.63 0.05
CA GLU A 92 10.98 3.63 -0.44
C GLU A 92 10.82 2.32 0.32
N GLU A 93 10.38 2.41 1.57
CA GLU A 93 10.19 1.23 2.41
C GLU A 93 8.91 0.49 2.01
N ILE A 94 8.00 1.21 1.38
CA ILE A 94 6.73 0.63 0.95
C ILE A 94 6.96 -0.67 0.18
N THR A 95 7.99 -0.68 -0.65
CA THR A 95 8.32 -1.86 -1.45
C THR A 95 8.79 -3.00 -0.55
N SER A 96 9.50 -2.67 0.52
CA SER A 96 10.01 -3.67 1.45
C SER A 96 8.87 -4.28 2.25
N LEU A 97 8.00 -3.43 2.80
CA LEU A 97 6.87 -3.90 3.59
C LEU A 97 5.83 -4.59 2.71
N TRP A 98 5.64 -4.06 1.51
CA TRP A 98 4.67 -4.62 0.58
C TRP A 98 4.93 -6.11 0.35
N GLN A 99 6.20 -6.50 0.47
CA GLN A 99 6.58 -7.90 0.28
C GLN A 99 5.77 -8.81 1.20
N GLY A 100 5.63 -8.40 2.46
CA GLY A 100 4.88 -9.19 3.42
C GLY A 100 3.39 -9.20 3.13
N SER A 101 2.81 -8.00 3.03
CA SER A 101 1.38 -7.87 2.76
C SER A 101 0.98 -8.69 1.53
N LEU A 102 1.76 -8.57 0.46
CA LEU A 102 1.50 -9.30 -0.76
C LEU A 102 1.31 -10.79 -0.49
N PHE A 103 2.06 -11.31 0.47
CA PHE A 103 1.97 -12.72 0.83
C PHE A 103 0.55 -13.10 1.19
N ASN A 104 -0.19 -12.15 1.76
CA ASN A 104 -1.58 -12.39 2.15
C ASN A 104 -2.43 -12.73 0.94
N ALA A 105 -1.93 -12.42 -0.25
CA ALA A 105 -2.64 -12.70 -1.49
C ALA A 105 -3.95 -11.91 -1.56
N ASN A 106 -4.06 -10.89 -0.71
CA ASN A 106 -5.26 -10.06 -0.67
C ASN A 106 -4.92 -8.64 -0.24
N TYR A 107 -3.68 -8.23 -0.49
CA TYR A 107 -3.23 -6.89 -0.13
C TYR A 107 -4.19 -5.82 -0.64
N ASP A 108 -4.38 -4.77 0.14
CA ASP A 108 -5.27 -3.68 -0.23
C ASP A 108 -4.58 -2.34 -0.08
N VAL A 109 -4.52 -1.58 -1.18
CA VAL A 109 -3.88 -0.27 -1.17
C VAL A 109 -4.45 0.62 -2.27
N GLN A 110 -4.65 1.90 -1.95
CA GLN A 110 -5.19 2.85 -2.91
C GLN A 110 -4.49 4.19 -2.80
N ARG A 111 -4.08 4.75 -3.93
CA ARG A 111 -3.39 6.03 -3.96
C ARG A 111 -4.11 7.03 -4.87
N PHE A 112 -4.25 8.27 -4.41
CA PHE A 112 -4.93 9.29 -5.19
C PHE A 112 -4.10 10.58 -5.19
N ILE A 113 -4.05 11.24 -6.35
CA ILE A 113 -3.30 12.48 -6.49
C ILE A 113 -4.15 13.56 -7.15
N VAL A 114 -4.35 14.66 -6.43
CA VAL A 114 -5.15 15.77 -6.95
C VAL A 114 -4.61 17.10 -6.44
N GLY A 115 -4.70 18.13 -7.29
CA GLY A 115 -4.22 19.44 -6.91
C GLY A 115 -4.80 19.91 -5.58
N SER A 116 -5.99 19.43 -5.25
CA SER A 116 -6.66 19.80 -4.01
C SER A 116 -5.94 19.20 -2.81
N ASP A 117 -5.68 17.89 -2.88
CA ASP A 117 -5.00 17.18 -1.80
C ASP A 117 -4.61 15.78 -2.24
N ARG A 118 -3.88 15.07 -1.38
CA ARG A 118 -3.44 13.71 -1.67
C ARG A 118 -3.78 12.77 -0.51
N ALA A 119 -4.38 11.63 -0.84
CA ALA A 119 -4.74 10.65 0.16
C ALA A 119 -4.24 9.26 -0.21
N ILE A 120 -3.60 8.58 0.74
CA ILE A 120 -3.07 7.24 0.51
C ILE A 120 -3.51 6.28 1.61
N PHE A 121 -4.01 5.12 1.20
CA PHE A 121 -4.47 4.11 2.14
C PHE A 121 -3.87 2.75 1.82
N MET A 122 -3.30 2.10 2.84
CA MET A 122 -2.69 0.78 2.65
C MET A 122 -2.79 -0.04 3.94
N LEU A 123 -3.17 -1.30 3.78
CA LEU A 123 -3.31 -2.20 4.93
C LEU A 123 -3.02 -3.64 4.53
N ARG A 124 -2.30 -4.36 5.38
CA ARG A 124 -1.96 -5.75 5.12
C ARG A 124 -3.22 -6.58 4.86
N ASP A 125 -4.34 -6.13 5.43
CA ASP A 125 -5.61 -6.82 5.26
C ASP A 125 -6.24 -6.50 3.91
N GLY A 126 -7.45 -6.99 3.69
CA GLY A 126 -8.14 -6.74 2.44
C GLY A 126 -9.44 -5.98 2.63
N SER A 127 -10.53 -6.71 2.84
CA SER A 127 -11.84 -6.10 3.04
C SER A 127 -11.80 -5.09 4.18
N TYR A 128 -11.13 -5.47 5.26
CA TYR A 128 -11.02 -4.60 6.44
C TYR A 128 -10.53 -3.21 6.03
N ALA A 129 -9.56 -3.17 5.12
CA ALA A 129 -9.01 -1.90 4.66
C ALA A 129 -10.02 -1.14 3.82
N TRP A 130 -10.88 -1.87 3.13
CA TRP A 130 -11.90 -1.27 2.28
C TRP A 130 -12.88 -0.44 3.11
N GLU A 131 -13.29 -0.99 4.26
CA GLU A 131 -14.22 -0.30 5.14
C GLU A 131 -13.59 0.97 5.71
N ILE A 132 -12.43 0.80 6.34
CA ILE A 132 -11.73 1.93 6.94
C ILE A 132 -11.33 2.96 5.89
N LYS A 133 -11.05 2.47 4.68
CA LYS A 133 -10.65 3.33 3.58
C LYS A 133 -11.65 4.47 3.39
N ASP A 134 -12.88 4.13 3.07
CA ASP A 134 -13.94 5.12 2.87
C ASP A 134 -14.02 6.06 4.07
N PHE A 135 -13.79 5.52 5.26
CA PHE A 135 -13.85 6.31 6.49
C PHE A 135 -12.68 7.29 6.56
N LEU A 136 -11.55 6.89 5.98
CA LEU A 136 -10.36 7.73 5.98
C LEU A 136 -10.57 8.99 5.14
N VAL A 137 -10.73 8.78 3.83
CA VAL A 137 -10.95 9.89 2.91
C VAL A 137 -12.08 10.79 3.39
N SER A 138 -13.04 10.19 4.08
CA SER A 138 -14.20 10.94 4.60
C SER A 138 -13.74 12.17 5.38
N GLN A 139 -12.63 12.03 6.10
CA GLN A 139 -12.09 13.13 6.88
C GLN A 139 -11.54 14.23 5.99
N ASP A 140 -10.73 13.84 5.00
CA ASP A 140 -10.13 14.78 4.07
C ASP A 140 -9.21 15.76 4.80
N ARG A 141 -8.68 15.31 5.94
CA ARG A 141 -7.79 16.13 6.74
C ARG A 141 -7.25 15.36 7.94
N CYS A 142 -6.57 14.25 7.67
CA CYS A 142 -6.01 13.41 8.72
C CYS A 142 -4.65 12.87 8.33
N ALA A 143 -3.75 12.75 9.30
CA ALA A 143 -2.41 12.25 9.05
C ALA A 143 -2.05 11.14 10.03
N GLU A 144 -1.75 9.96 9.50
CA GLU A 144 -1.39 8.81 10.34
C GLU A 144 -0.46 7.87 9.59
N VAL A 145 0.51 7.32 10.31
CA VAL A 145 1.47 6.40 9.72
C VAL A 145 1.93 5.35 10.72
N THR A 146 2.16 4.14 10.24
CA THR A 146 2.61 3.04 11.10
C THR A 146 3.63 2.17 10.40
N LEU A 147 4.84 2.10 10.97
CA LEU A 147 5.91 1.29 10.40
C LEU A 147 6.71 0.59 11.50
N GLU A 148 6.73 -0.73 11.47
CA GLU A 148 7.46 -1.51 12.46
C GLU A 148 8.81 -1.96 11.90
N GLY A 149 9.60 -2.61 12.75
CA GLY A 149 10.92 -3.07 12.33
C GLY A 149 11.61 -3.89 13.42
N GLN A 150 10.84 -4.73 14.09
CA GLN A 150 11.39 -5.57 15.15
C GLN A 150 11.32 -7.04 14.78
N MET A 151 10.12 -7.61 14.86
CA MET A 151 9.90 -9.02 14.53
C MET A 151 8.42 -9.38 14.62
N TYR A 152 7.68 -9.04 13.58
CA TYR A 152 6.24 -9.33 13.54
C TYR A 152 5.67 -9.07 12.15
N PRO A 153 5.98 -9.97 11.21
CA PRO A 153 5.51 -9.87 9.83
C PRO A 153 4.00 -10.10 9.71
N GLY A 154 3.45 -9.79 8.55
CA GLY A 154 2.03 -9.98 8.33
C GLY A 154 1.73 -11.08 7.32
N LYS A 155 2.78 -11.56 6.67
CA LYS A 155 2.63 -12.63 5.67
C LYS A 155 1.83 -13.79 6.24
N GLY A 156 2.05 -14.09 7.51
CA GLY A 156 1.34 -15.18 8.15
C GLY A 156 1.94 -16.54 7.83
N GLY A 157 2.04 -16.84 6.55
CA GLY A 157 2.61 -18.11 6.13
C GLY A 157 3.94 -18.40 6.78
N GLY A 158 4.95 -17.59 6.43
CA GLY A 158 6.28 -17.78 7.00
C GLY A 158 7.14 -18.71 6.17
N SER A 159 7.23 -18.42 4.87
CA SER A 159 8.01 -19.24 3.96
C SER A 159 9.51 -19.08 4.24
N LYS A 160 10.00 -17.86 4.08
CA LYS A 160 11.41 -17.56 4.32
C LYS A 160 12.30 -18.39 3.40
N GLU A 161 12.67 -17.82 2.26
CA GLU A 161 13.51 -18.51 1.30
C GLU A 161 14.83 -17.76 1.09
N LYS A 162 14.74 -16.43 1.04
CA LYS A 162 15.92 -15.59 0.85
C LYS A 162 16.57 -15.87 -0.51
N ASN A 163 15.75 -16.06 -1.53
CA ASN A 163 16.24 -16.34 -2.87
C ASN A 163 15.28 -15.81 -3.93
N LYS A 164 15.83 -15.17 -4.96
CA LYS A 164 15.03 -14.61 -6.03
C LYS A 164 14.76 -15.67 -7.10
N THR A 165 14.03 -15.28 -8.15
CA THR A 165 13.69 -16.19 -9.23
C THR A 165 13.71 -15.47 -10.58
N LYS A 166 13.88 -16.23 -11.65
CA LYS A 166 13.93 -15.67 -13.00
C LYS A 166 12.56 -15.14 -13.40
N PRO A 167 11.56 -16.03 -13.43
CA PRO A 167 10.19 -15.68 -13.80
C PRO A 167 9.51 -14.81 -12.74
N GLU A 168 10.15 -14.68 -11.59
CA GLU A 168 9.61 -13.89 -10.49
C GLU A 168 9.24 -12.49 -10.97
N LYS A 169 10.03 -11.96 -11.89
CA LYS A 169 9.79 -10.62 -12.44
C LYS A 169 8.58 -10.62 -13.36
N ALA A 170 8.36 -11.75 -14.04
CA ALA A 170 7.23 -11.88 -14.95
C ALA A 170 5.94 -12.14 -14.20
N LYS A 171 6.03 -12.94 -13.14
CA LYS A 171 4.86 -13.26 -12.33
C LYS A 171 4.23 -12.00 -11.75
N LYS A 172 5.06 -11.13 -11.18
CA LYS A 172 4.59 -9.88 -10.61
C LYS A 172 4.08 -8.94 -11.69
N LYS A 173 4.66 -9.03 -12.88
CA LYS A 173 4.26 -8.19 -14.00
C LYS A 173 2.81 -8.45 -14.39
N GLU A 174 2.33 -9.65 -14.09
CA GLU A 174 0.96 -10.03 -14.41
C GLU A 174 -0.02 -9.45 -13.40
N GLY A 175 0.16 -9.82 -12.14
CA GLY A 175 -0.71 -9.33 -11.09
C GLY A 175 -1.02 -10.38 -10.03
N ASP A 176 -1.58 -9.94 -8.91
CA ASP A 176 -1.91 -10.86 -7.82
C ASP A 176 -3.06 -11.78 -8.23
N PRO A 177 -4.22 -11.18 -8.54
CA PRO A 177 -5.42 -11.93 -8.95
C PRO A 177 -5.26 -12.56 -10.33
N LYS A 178 -4.81 -11.77 -11.29
CA LYS A 178 -4.61 -12.26 -12.65
C LYS A 178 -4.05 -11.17 -13.55
N PRO A 179 -3.46 -11.57 -14.68
CA PRO A 179 -2.88 -10.63 -15.65
C PRO A 179 -3.94 -9.82 -16.38
N ARG A 180 -4.32 -8.68 -15.80
CA ARG A 180 -5.33 -7.82 -16.39
C ARG A 180 -5.47 -6.52 -15.60
N ALA A 181 -4.39 -5.76 -15.51
CA ALA A 181 -4.39 -4.50 -14.79
C ALA A 181 -3.04 -3.80 -14.89
N SER A 182 -1.97 -4.60 -14.91
CA SER A 182 -0.62 -4.06 -14.99
C SER A 182 -0.49 -3.08 -16.15
N LYS A 183 -1.13 -3.42 -17.27
CA LYS A 183 -1.09 -2.58 -18.46
C LYS A 183 -1.93 -1.32 -18.26
N GLU A 184 -3.09 -1.47 -17.63
CA GLU A 184 -3.98 -0.35 -17.38
C GLU A 184 -3.24 0.79 -16.68
N ASP A 185 -2.58 0.46 -15.57
CA ASP A 185 -1.84 1.45 -14.80
C ASP A 185 -0.58 1.88 -15.55
N ASN A 186 0.08 0.92 -16.20
CA ASN A 186 1.30 1.20 -16.95
C ASN A 186 1.08 2.33 -17.94
N ARG A 187 -0.10 2.34 -18.57
CA ARG A 187 -0.43 3.38 -19.54
C ARG A 187 -0.67 4.71 -18.84
N ALA A 188 -1.11 4.66 -17.59
CA ALA A 188 -1.38 5.87 -16.82
C ALA A 188 -0.11 6.71 -16.67
N GLY A 189 0.82 6.21 -15.85
CA GLY A 189 2.06 6.93 -15.63
C GLY A 189 2.16 7.53 -14.23
N SER A 190 3.31 7.38 -13.60
CA SER A 190 3.52 7.90 -12.26
C SER A 190 4.65 8.92 -12.25
N ARG A 191 5.07 9.30 -11.04
CA ARG A 191 6.15 10.28 -10.88
C ARG A 191 5.74 11.63 -11.46
N ARG A 192 5.13 12.47 -10.63
CA ARG A 192 4.69 13.79 -11.06
C ARG A 192 3.85 13.69 -12.33
N GLU A 193 3.13 12.58 -12.48
CA GLU A 193 2.29 12.37 -13.66
C GLU A 193 0.85 12.05 -13.24
N ASP A 194 0.66 10.82 -12.75
CA ASP A 194 -0.66 10.38 -12.32
C ASP A 194 -1.67 10.50 -13.45
N LEU A 195 -1.36 9.88 -14.59
CA LEU A 195 -2.23 9.92 -15.76
C LEU A 195 -2.60 11.35 -16.11
N ALA A 1 -16.00 16.93 4.64
CA ALA A 1 -17.13 16.43 5.39
C ALA A 1 -17.25 14.92 5.29
N ASP A 2 -18.26 14.36 5.93
CA ASP A 2 -18.49 12.91 5.90
C ASP A 2 -19.12 12.49 4.58
N THR A 3 -18.61 11.39 4.02
CA THR A 3 -19.12 10.88 2.76
C THR A 3 -20.36 10.03 2.97
N PRO A 4 -21.23 9.98 1.95
CA PRO A 4 -22.47 9.21 2.01
C PRO A 4 -22.22 7.70 1.98
N GLY A 5 -21.28 7.28 1.14
CA GLY A 5 -20.96 5.86 1.02
C GLY A 5 -21.91 5.13 0.11
N GLU A 6 -22.14 5.67 -1.08
CA GLU A 6 -23.04 5.05 -2.04
C GLU A 6 -22.95 5.76 -3.40
N ALA A 7 -23.17 7.06 -3.39
CA ALA A 7 -23.12 7.85 -4.62
C ALA A 7 -21.67 8.12 -5.02
N THR A 8 -20.91 7.06 -5.27
CA THR A 8 -19.52 7.19 -5.67
C THR A 8 -19.24 6.43 -6.95
N PRO A 9 -18.31 6.96 -7.76
CA PRO A 9 -17.92 6.34 -9.03
C PRO A 9 -17.17 5.03 -8.85
N PRO A 10 -17.00 4.27 -9.94
CA PRO A 10 -16.30 2.99 -9.93
C PRO A 10 -14.80 3.16 -9.70
N PRO A 11 -14.12 2.05 -9.41
CA PRO A 11 -12.67 2.04 -9.16
C PRO A 11 -11.87 2.31 -10.42
N ARG A 12 -11.80 3.59 -10.80
CA ARG A 12 -11.06 3.99 -12.00
C ARG A 12 -9.59 3.59 -11.89
N LYS A 13 -8.92 4.09 -10.85
CA LYS A 13 -7.51 3.79 -10.63
C LYS A 13 -7.17 3.85 -9.14
N LYS A 14 -8.19 3.74 -8.30
CA LYS A 14 -7.99 3.79 -6.86
C LYS A 14 -7.17 2.60 -6.38
N LYS A 15 -7.72 1.40 -6.53
CA LYS A 15 -7.03 0.18 -6.11
C LYS A 15 -6.31 -0.45 -7.29
N ASP A 16 -6.00 0.35 -8.30
CA ASP A 16 -5.30 -0.13 -9.49
C ASP A 16 -3.79 -0.06 -9.30
N ILE A 17 -3.34 0.97 -8.58
CA ILE A 17 -1.92 1.16 -8.33
C ILE A 17 -1.15 1.34 -9.63
N ARG A 18 -0.84 2.59 -9.96
CA ARG A 18 -0.10 2.91 -11.18
C ARG A 18 1.21 2.14 -11.23
N ASP A 19 1.39 1.35 -12.28
CA ASP A 19 2.61 0.56 -12.44
C ASP A 19 2.76 -0.46 -11.31
N TYR A 20 1.67 -0.68 -10.58
CA TYR A 20 1.68 -1.63 -9.48
C TYR A 20 2.87 -1.38 -8.56
N ASN A 21 3.23 -0.11 -8.39
CA ASN A 21 4.35 0.26 -7.53
C ASN A 21 4.52 1.78 -7.50
N ASP A 22 4.25 2.42 -8.63
CA ASP A 22 4.37 3.88 -8.73
C ASP A 22 3.46 4.57 -7.73
N ALA A 23 2.46 3.85 -7.25
CA ALA A 23 1.51 4.38 -6.28
C ALA A 23 2.24 5.05 -5.12
N ASP A 24 3.06 4.27 -4.42
CA ASP A 24 3.81 4.78 -3.27
C ASP A 24 4.73 5.91 -3.70
N MET A 25 5.32 5.78 -4.89
CA MET A 25 6.23 6.79 -5.41
C MET A 25 5.52 8.13 -5.57
N ALA A 26 4.26 8.08 -6.01
CA ALA A 26 3.47 9.29 -6.20
C ALA A 26 3.40 10.11 -4.92
N ARG A 27 3.23 9.42 -3.79
CA ARG A 27 3.14 10.09 -2.49
C ARG A 27 4.32 11.04 -2.29
N LEU A 28 5.49 10.64 -2.78
CA LEU A 28 6.68 11.46 -2.65
C LEU A 28 6.43 12.88 -3.13
N LEU A 29 5.78 13.00 -4.29
CA LEU A 29 5.47 14.32 -4.86
C LEU A 29 4.70 15.17 -3.86
N GLU A 30 3.91 14.52 -3.01
CA GLU A 30 3.12 15.23 -2.00
C GLU A 30 4.02 15.81 -0.91
N GLN A 31 5.17 15.17 -0.70
CA GLN A 31 6.12 15.64 0.31
C GLN A 31 6.42 17.12 0.14
N TRP A 32 6.66 17.53 -1.10
CA TRP A 32 6.96 18.93 -1.39
C TRP A 32 5.85 19.85 -0.87
N GLU A 33 4.60 19.42 -1.06
CA GLU A 33 3.45 20.19 -0.61
C GLU A 33 3.36 20.21 0.91
N LYS A 34 4.00 19.24 1.54
CA LYS A 34 4.00 19.13 3.00
C LYS A 34 4.67 20.34 3.64
N ASP A 35 5.84 20.72 3.09
CA ASP A 35 6.58 21.87 3.61
C ASP A 35 5.67 23.09 3.73
N ASP A 36 4.68 23.18 2.85
CA ASP A 36 3.75 24.30 2.85
C ASP A 36 2.54 23.99 3.73
N ASP A 37 1.89 22.87 3.45
CA ASP A 37 0.71 22.45 4.20
C ASP A 37 1.07 22.18 5.66
N ILE A 38 1.81 21.10 5.89
CA ILE A 38 2.22 20.72 7.23
C ILE A 38 1.02 20.34 8.10
N GLU A 39 0.67 19.06 8.09
CA GLU A 39 -0.46 18.57 8.86
C GLU A 39 0.01 17.65 9.99
N GLU A 40 0.51 16.48 9.62
CA GLU A 40 0.99 15.52 10.60
C GLU A 40 1.51 14.25 9.91
N GLY A 41 1.79 13.22 10.70
CA GLY A 41 2.28 11.97 10.16
C GLY A 41 3.70 11.67 10.60
N ASP A 42 3.90 11.57 11.91
CA ASP A 42 5.21 11.28 12.47
C ASP A 42 5.09 10.52 13.79
N LEU A 43 4.29 9.47 13.78
CA LEU A 43 4.09 8.66 14.98
C LEU A 43 5.42 8.21 15.56
N PRO A 44 5.41 7.82 16.85
CA PRO A 44 6.61 7.35 17.55
C PRO A 44 7.09 5.99 17.04
N GLU A 45 6.19 5.25 16.43
CA GLU A 45 6.52 3.94 15.89
C GLU A 45 7.46 3.19 16.83
N HIS A 46 7.18 3.27 18.13
CA HIS A 46 8.01 2.61 19.13
C HIS A 46 8.19 1.13 18.80
N LYS A 47 7.20 0.56 18.13
CA LYS A 47 7.24 -0.85 17.75
C LYS A 47 6.03 -1.23 16.91
N ARG A 48 4.85 -1.21 17.54
CA ARG A 48 3.62 -1.56 16.85
C ARG A 48 3.74 -2.90 16.14
N PRO A 49 3.83 -3.98 16.93
CA PRO A 49 3.96 -5.33 16.39
C PRO A 49 2.68 -5.82 15.73
N SER A 50 2.80 -6.25 14.47
CA SER A 50 1.65 -6.73 13.72
C SER A 50 1.73 -8.24 13.50
N ALA A 51 0.57 -8.89 13.42
CA ALA A 51 0.51 -10.33 13.21
C ALA A 51 -0.23 -10.67 11.92
N PRO A 52 -0.02 -11.89 11.43
CA PRO A 52 -0.66 -12.37 10.20
C PRO A 52 -2.15 -12.60 10.37
N ILE A 53 -2.91 -11.51 10.34
CA ILE A 53 -4.36 -11.58 10.48
C ILE A 53 -5.05 -11.63 9.12
N ASP A 54 -4.47 -12.38 8.19
CA ASP A 54 -5.03 -12.52 6.85
C ASP A 54 -6.18 -13.52 6.85
N PHE A 55 -6.97 -13.49 5.79
CA PHE A 55 -8.11 -14.40 5.65
C PHE A 55 -7.90 -15.36 4.49
N SER A 56 -7.43 -14.82 3.36
CA SER A 56 -7.19 -15.63 2.17
C SER A 56 -8.49 -16.22 1.64
N LYS A 57 -8.96 -15.69 0.51
CA LYS A 57 -10.19 -16.16 -0.10
C LYS A 57 -9.99 -16.43 -1.59
N LEU A 58 -9.74 -15.38 -2.36
CA LEU A 58 -9.53 -15.50 -3.80
C LEU A 58 -8.27 -16.32 -4.09
N ASP A 59 -7.11 -15.72 -3.80
CA ASP A 59 -5.84 -16.39 -4.04
C ASP A 59 -5.74 -17.67 -3.22
N PRO A 60 -4.83 -18.58 -3.63
CA PRO A 60 -4.62 -19.85 -2.95
C PRO A 60 -3.99 -19.69 -1.57
N GLY A 61 -2.92 -18.90 -1.51
CA GLY A 61 -2.23 -18.67 -0.25
C GLY A 61 -0.83 -19.25 -0.24
N LYS A 62 -0.29 -19.51 -1.42
CA LYS A 62 1.05 -20.07 -1.54
C LYS A 62 1.77 -19.51 -2.77
N PRO A 63 2.07 -18.20 -2.75
CA PRO A 63 2.76 -17.53 -3.85
C PRO A 63 4.22 -17.97 -3.98
N GLU A 64 4.57 -18.46 -5.16
CA GLU A 64 5.94 -18.91 -5.41
C GLU A 64 6.86 -17.72 -5.71
N SER A 65 6.31 -16.71 -6.38
CA SER A 65 7.07 -15.53 -6.73
C SER A 65 7.41 -14.70 -5.49
N ILE A 66 6.40 -14.49 -4.64
CA ILE A 66 6.58 -13.72 -3.43
C ILE A 66 7.67 -14.33 -2.55
N LEU A 67 7.96 -15.60 -2.77
CA LEU A 67 8.99 -16.30 -2.00
C LEU A 67 10.31 -15.53 -2.02
N LYS A 68 10.51 -14.76 -3.08
CA LYS A 68 11.73 -13.96 -3.22
C LYS A 68 11.92 -13.04 -2.03
N MET A 69 10.82 -12.73 -1.34
CA MET A 69 10.87 -11.87 -0.17
C MET A 69 11.91 -12.35 0.83
N THR A 70 12.17 -13.66 0.83
CA THR A 70 13.14 -14.25 1.74
C THR A 70 12.68 -14.13 3.19
N LYS A 71 11.39 -14.33 3.41
CA LYS A 71 10.82 -14.24 4.76
C LYS A 71 10.98 -12.84 5.33
N LYS A 72 9.88 -12.09 5.36
CA LYS A 72 9.89 -10.73 5.89
C LYS A 72 10.07 -10.73 7.40
N GLY A 73 10.01 -9.55 8.00
CA GLY A 73 10.17 -9.44 9.44
C GLY A 73 9.10 -8.57 10.07
N LYS A 74 8.69 -7.53 9.36
CA LYS A 74 7.67 -6.61 9.85
C LYS A 74 6.63 -6.32 8.76
N THR A 75 5.38 -6.14 9.17
CA THR A 75 4.30 -5.85 8.24
C THR A 75 4.31 -4.38 7.84
N LEU A 76 3.27 -3.96 7.13
CA LEU A 76 3.15 -2.57 6.68
C LEU A 76 1.77 -2.01 7.00
N MET A 77 1.74 -0.79 7.51
CA MET A 77 0.48 -0.13 7.86
C MET A 77 0.65 1.39 7.89
N MET A 78 -0.10 2.09 7.04
CA MET A 78 -0.03 3.53 6.96
C MET A 78 -1.35 4.12 6.48
N PHE A 79 -1.90 5.06 7.23
CA PHE A 79 -3.16 5.69 6.87
C PHE A 79 -3.07 7.20 7.04
N VAL A 80 -3.27 7.94 5.95
CA VAL A 80 -3.21 9.39 5.98
C VAL A 80 -4.23 10.00 5.02
N THR A 81 -4.79 11.14 5.40
CA THR A 81 -5.78 11.82 4.58
C THR A 81 -5.68 13.33 4.73
N VAL A 82 -4.68 13.91 4.08
CA VAL A 82 -4.46 15.35 4.13
C VAL A 82 -3.39 15.79 3.15
N SER A 83 -3.45 17.06 2.73
CA SER A 83 -2.49 17.59 1.79
C SER A 83 -1.08 17.64 2.40
N GLY A 84 -0.14 16.97 1.76
CA GLY A 84 1.22 16.95 2.26
C GLY A 84 1.37 16.08 3.49
N ASN A 85 2.52 15.39 3.59
CA ASN A 85 2.79 14.52 4.73
C ASN A 85 4.21 13.99 4.68
N PRO A 86 4.94 14.14 5.80
CA PRO A 86 6.33 13.68 5.90
C PRO A 86 6.43 12.16 5.93
N THR A 87 6.53 11.56 4.74
CA THR A 87 6.65 10.11 4.62
C THR A 87 7.35 9.72 3.32
N GLU A 88 8.10 10.66 2.75
CA GLU A 88 8.82 10.41 1.51
C GLU A 88 9.71 9.18 1.65
N LYS A 89 10.48 9.13 2.73
CA LYS A 89 11.37 8.00 2.97
C LYS A 89 10.59 6.74 3.29
N GLU A 90 9.42 6.90 3.89
CA GLU A 90 8.58 5.77 4.24
C GLU A 90 7.98 5.12 3.00
N THR A 91 7.49 5.96 2.08
CA THR A 91 6.89 5.48 0.84
C THR A 91 7.81 4.48 0.14
N GLU A 92 9.07 4.86 -0.03
CA GLU A 92 10.05 4.00 -0.68
C GLU A 92 10.19 2.67 0.06
N GLU A 93 9.94 2.71 1.37
CA GLU A 93 10.04 1.51 2.19
C GLU A 93 8.78 0.66 2.07
N ILE A 94 7.67 1.30 1.70
CA ILE A 94 6.41 0.59 1.55
C ILE A 94 6.57 -0.65 0.68
N THR A 95 7.07 -0.45 -0.53
CA THR A 95 7.27 -1.56 -1.46
C THR A 95 8.03 -2.70 -0.79
N SER A 96 9.03 -2.35 0.00
CA SER A 96 9.84 -3.35 0.69
C SER A 96 8.98 -4.19 1.62
N LEU A 97 8.16 -3.53 2.44
CA LEU A 97 7.28 -4.22 3.37
C LEU A 97 6.15 -4.94 2.64
N TRP A 98 5.77 -4.40 1.48
CA TRP A 98 4.71 -4.99 0.68
C TRP A 98 4.94 -6.48 0.47
N GLN A 99 6.20 -6.85 0.25
CA GLN A 99 6.57 -8.25 0.03
C GLN A 99 6.00 -9.13 1.14
N GLY A 100 5.92 -8.59 2.34
CA GLY A 100 5.40 -9.34 3.47
C GLY A 100 3.90 -9.57 3.37
N SER A 101 3.15 -8.48 3.21
CA SER A 101 1.70 -8.58 3.11
C SER A 101 1.28 -9.35 1.86
N LEU A 102 2.09 -9.22 0.80
CA LEU A 102 1.81 -9.90 -0.46
C LEU A 102 1.59 -11.39 -0.23
N PHE A 103 2.36 -11.97 0.68
CA PHE A 103 2.24 -13.39 0.99
C PHE A 103 0.81 -13.75 1.37
N ASN A 104 0.16 -12.86 2.10
CA ASN A 104 -1.22 -13.08 2.53
C ASN A 104 -2.14 -13.25 1.32
N ALA A 105 -1.69 -12.78 0.17
CA ALA A 105 -2.48 -12.89 -1.05
C ALA A 105 -3.77 -12.08 -0.95
N ASN A 106 -3.80 -11.13 -0.02
CA ASN A 106 -4.97 -10.30 0.18
C ASN A 106 -4.57 -8.85 0.43
N TYR A 107 -3.39 -8.47 -0.06
CA TYR A 107 -2.88 -7.12 0.11
C TYR A 107 -3.92 -6.09 -0.34
N ASP A 108 -3.87 -4.90 0.25
CA ASP A 108 -4.80 -3.83 -0.08
C ASP A 108 -4.09 -2.48 -0.09
N VAL A 109 -4.25 -1.75 -1.19
CA VAL A 109 -3.62 -0.44 -1.32
C VAL A 109 -4.39 0.44 -2.31
N GLN A 110 -4.62 1.69 -1.93
CA GLN A 110 -5.34 2.63 -2.78
C GLN A 110 -4.57 3.93 -2.92
N ARG A 111 -4.56 4.48 -4.13
CA ARG A 111 -3.86 5.74 -4.39
C ARG A 111 -4.81 6.78 -4.98
N PHE A 112 -4.90 7.93 -4.33
CA PHE A 112 -5.78 9.00 -4.78
C PHE A 112 -5.16 10.37 -4.50
N ILE A 113 -5.21 11.26 -5.48
CA ILE A 113 -4.66 12.60 -5.34
C ILE A 113 -5.67 13.66 -5.75
N VAL A 114 -5.76 14.73 -4.97
CA VAL A 114 -6.69 15.82 -5.25
C VAL A 114 -6.07 17.16 -4.88
N GLY A 115 -6.40 18.19 -5.67
CA GLY A 115 -5.88 19.53 -5.42
C GLY A 115 -6.10 19.96 -3.98
N SER A 116 -7.15 19.44 -3.36
CA SER A 116 -7.47 19.79 -1.99
C SER A 116 -6.52 19.10 -1.01
N ASP A 117 -6.49 17.77 -1.06
CA ASP A 117 -5.62 17.00 -0.19
C ASP A 117 -5.28 15.64 -0.81
N ARG A 118 -4.66 14.77 -0.03
CA ARG A 118 -4.27 13.45 -0.51
C ARG A 118 -4.75 12.37 0.46
N ALA A 119 -5.30 11.30 -0.09
CA ALA A 119 -5.79 10.19 0.72
C ALA A 119 -5.25 8.85 0.21
N ILE A 120 -4.51 8.15 1.07
CA ILE A 120 -3.94 6.86 0.71
C ILE A 120 -4.05 5.87 1.87
N PHE A 121 -4.41 4.63 1.54
CA PHE A 121 -4.56 3.58 2.54
C PHE A 121 -3.80 2.33 2.13
N MET A 122 -3.07 1.74 3.07
CA MET A 122 -2.30 0.54 2.82
C MET A 122 -2.19 -0.32 4.07
N LEU A 123 -2.68 -1.55 4.00
CA LEU A 123 -2.64 -2.47 5.13
C LEU A 123 -2.48 -3.90 4.66
N ARG A 124 -1.83 -4.72 5.49
CA ARG A 124 -1.61 -6.13 5.15
C ARG A 124 -2.93 -6.83 4.88
N ASP A 125 -3.99 -6.39 5.56
CA ASP A 125 -5.31 -6.99 5.39
C ASP A 125 -5.88 -6.67 4.01
N GLY A 126 -7.13 -7.03 3.79
CA GLY A 126 -7.77 -6.77 2.51
C GLY A 126 -9.16 -6.19 2.67
N SER A 127 -10.12 -7.04 2.98
CA SER A 127 -11.50 -6.61 3.15
C SER A 127 -11.63 -5.60 4.30
N TYR A 128 -10.86 -5.84 5.35
CA TYR A 128 -10.88 -4.96 6.52
C TYR A 128 -10.34 -3.58 6.17
N ALA A 129 -9.44 -3.53 5.20
CA ALA A 129 -8.85 -2.27 4.76
C ALA A 129 -9.89 -1.37 4.10
N TRP A 130 -10.83 -1.99 3.40
CA TRP A 130 -11.89 -1.24 2.72
C TRP A 130 -12.82 -0.58 3.73
N GLU A 131 -13.06 -1.25 4.85
CA GLU A 131 -13.92 -0.71 5.88
C GLU A 131 -13.26 0.45 6.61
N ILE A 132 -11.99 0.27 6.96
CA ILE A 132 -11.24 1.31 7.65
C ILE A 132 -10.94 2.48 6.73
N LYS A 133 -10.33 2.19 5.58
CA LYS A 133 -9.99 3.21 4.60
C LYS A 133 -11.20 4.09 4.30
N ASP A 134 -12.38 3.51 4.39
CA ASP A 134 -13.62 4.25 4.12
C ASP A 134 -13.88 5.27 5.22
N PHE A 135 -13.77 4.85 6.47
CA PHE A 135 -14.01 5.73 7.61
C PHE A 135 -12.88 6.73 7.75
N LEU A 136 -11.67 6.34 7.33
CA LEU A 136 -10.51 7.22 7.40
C LEU A 136 -10.70 8.45 6.53
N VAL A 137 -10.90 8.24 5.24
CA VAL A 137 -11.09 9.34 4.29
C VAL A 137 -12.18 10.28 4.78
N SER A 138 -13.16 9.73 5.51
CA SER A 138 -14.26 10.52 6.02
C SER A 138 -13.75 11.69 6.87
N GLN A 139 -12.61 11.50 7.50
CA GLN A 139 -12.01 12.52 8.34
C GLN A 139 -11.53 13.70 7.49
N ASP A 140 -10.71 13.41 6.51
CA ASP A 140 -10.17 14.44 5.63
C ASP A 140 -9.30 15.42 6.40
N ARG A 141 -8.65 14.92 7.44
CA ARG A 141 -7.78 15.76 8.27
C ARG A 141 -7.10 14.92 9.35
N CYS A 142 -6.47 13.83 8.94
CA CYS A 142 -5.78 12.95 9.88
C CYS A 142 -4.59 12.28 9.22
N ALA A 143 -3.53 12.07 9.99
CA ALA A 143 -2.32 11.44 9.48
C ALA A 143 -1.71 10.49 10.51
N GLU A 144 -1.61 9.21 10.14
CA GLU A 144 -1.06 8.22 11.05
C GLU A 144 -0.40 7.08 10.26
N VAL A 145 0.90 6.89 10.47
CA VAL A 145 1.64 5.83 9.78
C VAL A 145 2.42 4.98 10.77
N THR A 146 2.40 3.67 10.57
CA THR A 146 3.10 2.74 11.44
C THR A 146 4.13 1.93 10.65
N LEU A 147 5.40 2.06 11.03
CA LEU A 147 6.47 1.34 10.36
C LEU A 147 7.62 1.06 11.33
N GLU A 148 7.92 -0.23 11.53
CA GLU A 148 8.99 -0.63 12.43
C GLU A 148 9.44 -2.06 12.14
N GLY A 149 10.75 -2.26 12.05
CA GLY A 149 11.28 -3.58 11.78
C GLY A 149 11.84 -4.25 13.02
N GLN A 150 10.95 -4.82 13.83
CA GLN A 150 11.36 -5.50 15.06
C GLN A 150 11.40 -7.00 14.86
N MET A 151 10.23 -7.63 14.83
CA MET A 151 10.13 -9.07 14.65
C MET A 151 8.68 -9.53 14.69
N TYR A 152 7.86 -8.95 13.81
CA TYR A 152 6.45 -9.30 13.75
C TYR A 152 5.93 -9.20 12.32
N PRO A 153 6.27 -10.20 11.49
CA PRO A 153 5.85 -10.24 10.10
C PRO A 153 4.36 -10.51 9.95
N GLY A 154 3.86 -10.40 8.72
CA GLY A 154 2.46 -10.63 8.46
C GLY A 154 2.22 -11.79 7.51
N LYS A 155 3.28 -12.25 6.87
CA LYS A 155 3.18 -13.36 5.93
C LYS A 155 2.45 -14.54 6.55
N GLY A 156 2.74 -14.81 7.82
CA GLY A 156 2.11 -15.92 8.50
C GLY A 156 2.26 -17.24 7.77
N GLY A 157 3.30 -17.34 6.95
CA GLY A 157 3.55 -18.55 6.20
C GLY A 157 4.92 -19.14 6.48
N GLY A 158 5.95 -18.32 6.34
CA GLY A 158 7.31 -18.78 6.59
C GLY A 158 7.99 -19.27 5.32
N SER A 159 8.02 -18.42 4.30
CA SER A 159 8.63 -18.77 3.03
C SER A 159 10.10 -19.13 3.22
N LYS A 160 10.87 -18.17 3.73
CA LYS A 160 12.30 -18.37 3.97
C LYS A 160 12.92 -19.20 2.84
N GLU A 161 12.66 -18.80 1.60
CA GLU A 161 13.20 -19.51 0.44
C GLU A 161 14.56 -18.93 0.04
N LYS A 162 14.63 -17.61 -0.04
CA LYS A 162 15.86 -16.93 -0.41
C LYS A 162 16.40 -17.47 -1.74
N ASN A 163 15.59 -17.36 -2.78
CA ASN A 163 15.98 -17.84 -4.10
C ASN A 163 15.31 -17.02 -5.19
N LYS A 164 16.13 -16.38 -6.03
CA LYS A 164 15.62 -15.56 -7.13
C LYS A 164 15.27 -16.42 -8.33
N THR A 165 14.19 -16.07 -9.02
CA THR A 165 13.75 -16.81 -10.20
C THR A 165 13.41 -15.86 -11.35
N LYS A 166 13.40 -16.40 -12.56
CA LYS A 166 13.08 -15.61 -13.74
C LYS A 166 11.65 -15.05 -13.66
N PRO A 167 10.67 -15.95 -13.59
CA PRO A 167 9.26 -15.58 -13.50
C PRO A 167 8.91 -14.93 -12.17
N GLU A 168 9.84 -15.00 -11.22
CA GLU A 168 9.63 -14.42 -9.89
C GLU A 168 9.18 -12.97 -10.00
N LYS A 169 10.02 -12.14 -10.61
CA LYS A 169 9.71 -10.72 -10.78
C LYS A 169 8.69 -10.52 -11.89
N ALA A 170 8.71 -11.41 -12.88
CA ALA A 170 7.78 -11.33 -14.00
C ALA A 170 6.34 -11.41 -13.52
N LYS A 171 6.06 -12.36 -12.63
CA LYS A 171 4.73 -12.55 -12.09
C LYS A 171 4.30 -11.34 -11.25
N LYS A 172 5.23 -10.82 -10.46
CA LYS A 172 4.96 -9.67 -9.61
C LYS A 172 4.73 -8.41 -10.45
N LYS A 173 5.39 -8.35 -11.61
CA LYS A 173 5.25 -7.21 -12.50
C LYS A 173 3.97 -7.31 -13.32
N GLU A 174 3.63 -8.53 -13.73
CA GLU A 174 2.42 -8.75 -14.51
C GLU A 174 1.17 -8.59 -13.66
N GLY A 175 1.07 -9.41 -12.61
CA GLY A 175 -0.09 -9.33 -11.74
C GLY A 175 -0.75 -10.69 -11.52
N ASP A 176 -0.54 -11.27 -10.35
CA ASP A 176 -1.12 -12.58 -10.04
C ASP A 176 -2.63 -12.47 -9.89
N PRO A 177 -3.08 -11.65 -8.93
CA PRO A 177 -4.51 -11.45 -8.68
C PRO A 177 -5.21 -10.69 -9.80
N LYS A 178 -4.59 -9.58 -10.20
CA LYS A 178 -5.15 -8.75 -11.26
C LYS A 178 -4.21 -8.70 -12.47
N PRO A 179 -4.14 -9.82 -13.21
CA PRO A 179 -3.28 -9.95 -14.39
C PRO A 179 -3.78 -9.09 -15.55
N ARG A 180 -2.86 -8.63 -16.40
CA ARG A 180 -3.21 -7.81 -17.55
C ARG A 180 -3.59 -6.40 -17.11
N ALA A 181 -3.53 -6.15 -15.80
CA ALA A 181 -3.87 -4.85 -15.25
C ALA A 181 -2.64 -3.95 -15.16
N SER A 182 -1.47 -4.58 -15.07
CA SER A 182 -0.22 -3.84 -14.97
C SER A 182 0.02 -3.00 -16.22
N LYS A 183 -0.30 -3.58 -17.38
CA LYS A 183 -0.12 -2.89 -18.65
C LYS A 183 -0.87 -1.57 -18.66
N GLU A 184 -2.12 -1.59 -18.22
CA GLU A 184 -2.96 -0.39 -18.17
C GLU A 184 -2.42 0.60 -17.15
N ASP A 185 -2.28 0.14 -15.91
CA ASP A 185 -1.77 1.00 -14.83
C ASP A 185 -0.45 1.64 -15.22
N ASN A 186 0.40 0.87 -15.90
CA ASN A 186 1.70 1.37 -16.33
C ASN A 186 1.55 2.32 -17.51
N ARG A 187 0.65 1.99 -18.42
CA ARG A 187 0.41 2.82 -19.60
C ARG A 187 0.11 4.26 -19.20
N ALA A 188 -0.54 4.43 -18.06
CA ALA A 188 -0.89 5.75 -17.56
C ALA A 188 0.35 6.48 -17.02
N GLY A 189 0.85 6.00 -15.88
CA GLY A 189 2.02 6.62 -15.29
C GLY A 189 1.66 7.69 -14.27
N SER A 190 2.21 7.57 -13.07
CA SER A 190 1.94 8.53 -12.00
C SER A 190 3.23 9.21 -11.54
N ARG A 191 3.15 9.95 -10.44
CA ARG A 191 4.29 10.65 -9.90
C ARG A 191 4.82 11.70 -10.88
N ARG A 192 4.28 12.91 -10.78
CA ARG A 192 4.68 14.00 -11.65
C ARG A 192 4.39 13.65 -13.12
N GLU A 193 3.28 12.94 -13.34
CA GLU A 193 2.88 12.55 -14.69
C GLU A 193 1.37 12.52 -14.81
N ASP A 194 0.75 11.52 -14.19
CA ASP A 194 -0.70 11.38 -14.24
C ASP A 194 -1.20 11.38 -15.67
N LEU A 195 -1.16 10.22 -16.32
CA LEU A 195 -1.61 10.09 -17.70
C LEU A 195 -2.43 8.82 -17.89
N ALA A 1 -14.80 16.41 7.17
CA ALA A 1 -16.24 16.24 7.16
C ALA A 1 -16.64 14.85 6.70
N ASP A 2 -17.52 14.20 7.44
CA ASP A 2 -17.98 12.85 7.11
C ASP A 2 -18.94 12.88 5.93
N THR A 3 -18.72 11.99 4.97
CA THR A 3 -19.58 11.91 3.79
C THR A 3 -20.33 10.59 3.74
N PRO A 4 -21.56 10.63 3.20
CA PRO A 4 -22.42 9.45 3.08
C PRO A 4 -21.89 8.46 2.05
N GLY A 5 -22.68 7.43 1.77
CA GLY A 5 -22.28 6.42 0.81
C GLY A 5 -23.40 6.04 -0.14
N GLU A 6 -23.68 6.92 -1.11
CA GLU A 6 -24.73 6.67 -2.07
C GLU A 6 -24.75 7.75 -3.15
N ALA A 7 -23.58 8.28 -3.47
CA ALA A 7 -23.45 9.32 -4.48
C ALA A 7 -22.00 9.57 -4.84
N THR A 8 -21.24 8.49 -4.99
CA THR A 8 -19.83 8.58 -5.34
C THR A 8 -19.54 7.89 -6.67
N PRO A 9 -18.56 8.43 -7.41
CA PRO A 9 -18.17 7.88 -8.71
C PRO A 9 -17.46 6.53 -8.58
N PRO A 10 -17.29 5.83 -9.72
CA PRO A 10 -16.63 4.53 -9.76
C PRO A 10 -15.14 4.62 -9.47
N PRO A 11 -14.51 3.47 -9.24
CA PRO A 11 -13.07 3.39 -8.96
C PRO A 11 -12.22 3.73 -10.18
N ARG A 12 -12.08 5.01 -10.48
CA ARG A 12 -11.30 5.45 -11.62
C ARG A 12 -9.87 4.95 -11.52
N LYS A 13 -9.35 4.87 -10.30
CA LYS A 13 -7.99 4.40 -10.06
C LYS A 13 -7.73 4.19 -8.58
N LYS A 14 -8.78 3.84 -7.85
CA LYS A 14 -8.67 3.61 -6.41
C LYS A 14 -7.96 2.29 -6.12
N LYS A 15 -8.58 1.18 -6.53
CA LYS A 15 -8.00 -0.14 -6.32
C LYS A 15 -7.23 -0.60 -7.56
N ASP A 16 -6.80 0.37 -8.36
CA ASP A 16 -6.05 0.07 -9.58
C ASP A 16 -4.56 0.00 -9.29
N ILE A 17 -4.05 1.03 -8.61
CA ILE A 17 -2.63 1.10 -8.27
C ILE A 17 -1.77 1.10 -9.53
N ARG A 18 -1.30 2.28 -9.92
CA ARG A 18 -0.46 2.43 -11.10
C ARG A 18 0.76 1.52 -11.00
N ASP A 19 0.90 0.62 -11.97
CA ASP A 19 2.02 -0.31 -12.00
C ASP A 19 2.02 -1.22 -10.77
N TYR A 20 0.88 -1.26 -10.08
CA TYR A 20 0.73 -2.09 -8.89
C TYR A 20 1.90 -1.85 -7.92
N ASN A 21 2.40 -0.62 -7.90
CA ASN A 21 3.51 -0.26 -7.03
C ASN A 21 3.89 1.20 -7.20
N ASP A 22 3.76 1.71 -8.41
CA ASP A 22 4.07 3.11 -8.71
C ASP A 22 3.24 4.05 -7.85
N ALA A 23 2.12 3.54 -7.34
CA ALA A 23 1.23 4.33 -6.50
C ALA A 23 2.01 5.02 -5.38
N ASP A 24 2.68 4.23 -4.56
CA ASP A 24 3.46 4.76 -3.45
C ASP A 24 4.41 5.85 -3.93
N MET A 25 4.97 5.67 -5.12
CA MET A 25 5.89 6.64 -5.69
C MET A 25 5.22 7.99 -5.86
N ALA A 26 4.01 7.98 -6.42
CA ALA A 26 3.26 9.22 -6.65
C ALA A 26 3.20 10.05 -5.38
N ARG A 27 3.19 9.39 -4.23
CA ARG A 27 3.13 10.07 -2.95
C ARG A 27 4.32 11.02 -2.78
N LEU A 28 5.48 10.59 -3.26
CA LEU A 28 6.69 11.40 -3.16
C LEU A 28 6.46 12.79 -3.72
N LEU A 29 5.62 12.88 -4.75
CA LEU A 29 5.31 14.16 -5.38
C LEU A 29 4.66 15.12 -4.37
N GLU A 30 3.86 14.56 -3.48
CA GLU A 30 3.18 15.36 -2.46
C GLU A 30 4.17 15.89 -1.43
N GLN A 31 5.29 15.19 -1.27
CA GLN A 31 6.31 15.58 -0.32
C GLN A 31 6.71 17.04 -0.52
N TRP A 32 6.88 17.44 -1.78
CA TRP A 32 7.25 18.80 -2.11
C TRP A 32 6.21 19.79 -1.61
N GLU A 33 4.94 19.43 -1.75
CA GLU A 33 3.85 20.29 -1.30
C GLU A 33 3.77 20.34 0.22
N LYS A 34 3.98 19.18 0.85
CA LYS A 34 3.94 19.08 2.30
C LYS A 34 5.12 19.78 2.93
N ASP A 35 6.17 19.99 2.14
CA ASP A 35 7.38 20.66 2.62
C ASP A 35 7.03 21.98 3.29
N ASP A 36 6.06 22.69 2.74
CA ASP A 36 5.63 23.98 3.28
C ASP A 36 4.51 23.78 4.29
N ASP A 37 3.49 23.04 3.90
CA ASP A 37 2.34 22.78 4.77
C ASP A 37 2.78 22.09 6.05
N ILE A 38 3.19 20.83 5.94
CA ILE A 38 3.64 20.06 7.09
C ILE A 38 2.52 19.92 8.13
N GLU A 39 1.57 19.04 7.84
CA GLU A 39 0.44 18.80 8.74
C GLU A 39 0.86 17.92 9.91
N GLU A 40 1.01 16.62 9.63
CA GLU A 40 1.40 15.67 10.66
C GLU A 40 1.78 14.33 10.04
N GLY A 41 1.94 13.31 10.89
CA GLY A 41 2.30 12.00 10.40
C GLY A 41 3.69 11.58 10.82
N ASP A 42 3.93 11.55 12.13
CA ASP A 42 5.23 11.16 12.66
C ASP A 42 5.09 10.53 14.04
N LEU A 43 4.38 9.40 14.09
CA LEU A 43 4.17 8.69 15.34
C LEU A 43 5.48 8.15 15.90
N PRO A 44 5.50 7.85 17.21
CA PRO A 44 6.69 7.33 17.89
C PRO A 44 7.03 5.91 17.45
N GLU A 45 6.01 5.14 17.10
CA GLU A 45 6.21 3.77 16.66
C GLU A 45 6.84 2.93 17.77
N HIS A 46 6.05 2.57 18.77
CA HIS A 46 6.53 1.78 19.89
C HIS A 46 6.91 0.37 19.43
N LYS A 47 6.09 -0.20 18.54
CA LYS A 47 6.34 -1.53 18.02
C LYS A 47 5.27 -1.92 17.01
N ARG A 48 4.01 -1.87 17.42
CA ARG A 48 2.90 -2.22 16.56
C ARG A 48 3.01 -3.66 16.08
N PRO A 49 2.73 -4.61 16.98
CA PRO A 49 2.80 -6.04 16.68
C PRO A 49 1.68 -6.48 15.73
N SER A 50 2.09 -7.06 14.60
CA SER A 50 1.12 -7.53 13.60
C SER A 50 1.16 -9.05 13.49
N ALA A 51 0.10 -9.62 12.94
CA ALA A 51 0.00 -11.06 12.76
C ALA A 51 -0.75 -11.42 11.48
N PRO A 52 -0.56 -12.65 11.00
CA PRO A 52 -1.22 -13.15 9.79
C PRO A 52 -2.72 -13.35 9.97
N ILE A 53 -3.47 -12.24 9.93
CA ILE A 53 -4.92 -12.31 10.10
C ILE A 53 -5.63 -11.89 8.82
N ASP A 54 -5.37 -12.62 7.74
CA ASP A 54 -6.00 -12.32 6.46
C ASP A 54 -6.89 -13.48 6.01
N PHE A 55 -7.55 -13.31 4.87
CA PHE A 55 -8.43 -14.33 4.33
C PHE A 55 -7.71 -15.23 3.34
N SER A 56 -6.97 -14.60 2.43
CA SER A 56 -6.22 -15.33 1.41
C SER A 56 -7.12 -16.32 0.68
N LYS A 57 -7.90 -15.81 -0.27
CA LYS A 57 -8.81 -16.64 -1.05
C LYS A 57 -8.77 -16.26 -2.53
N LEU A 58 -7.60 -15.79 -2.98
CA LEU A 58 -7.43 -15.40 -4.38
C LEU A 58 -6.97 -16.58 -5.22
N ASP A 59 -5.70 -16.95 -5.08
CA ASP A 59 -5.14 -18.06 -5.83
C ASP A 59 -4.85 -19.26 -4.91
N PRO A 60 -4.72 -20.45 -5.51
CA PRO A 60 -4.45 -21.67 -4.76
C PRO A 60 -3.03 -21.70 -4.18
N GLY A 61 -2.84 -21.00 -3.07
CA GLY A 61 -1.54 -20.95 -2.44
C GLY A 61 -0.82 -19.64 -2.67
N LYS A 62 0.41 -19.70 -3.14
CA LYS A 62 1.20 -18.51 -3.41
C LYS A 62 2.39 -18.83 -4.31
N PRO A 63 2.90 -17.80 -5.00
CA PRO A 63 4.04 -17.94 -5.91
C PRO A 63 5.34 -18.23 -5.18
N GLU A 64 6.31 -18.80 -5.89
CA GLU A 64 7.61 -19.12 -5.30
C GLU A 64 8.49 -17.89 -5.21
N SER A 65 8.18 -16.89 -6.04
CA SER A 65 8.96 -15.65 -6.06
C SER A 65 9.01 -15.02 -4.67
N ILE A 66 8.01 -15.32 -3.85
CA ILE A 66 7.95 -14.78 -2.50
C ILE A 66 9.03 -15.40 -1.61
N LEU A 67 9.47 -16.59 -1.98
CA LEU A 67 10.49 -17.30 -1.21
C LEU A 67 11.74 -16.43 -1.06
N LYS A 68 12.04 -15.64 -2.08
CA LYS A 68 13.20 -14.76 -2.06
C LYS A 68 13.10 -13.77 -0.90
N MET A 69 11.88 -13.38 -0.56
CA MET A 69 11.66 -12.44 0.54
C MET A 69 12.20 -12.98 1.84
N THR A 70 12.38 -14.30 1.90
CA THR A 70 12.90 -14.95 3.10
C THR A 70 12.35 -14.30 4.36
N LYS A 71 11.05 -14.00 4.35
CA LYS A 71 10.40 -13.38 5.49
C LYS A 71 10.98 -11.98 5.75
N LYS A 72 10.21 -10.96 5.39
CA LYS A 72 10.65 -9.58 5.57
C LYS A 72 11.02 -9.33 7.03
N GLY A 73 10.04 -9.39 7.92
CA GLY A 73 10.29 -9.17 9.33
C GLY A 73 9.10 -8.57 10.05
N LYS A 74 8.48 -7.56 9.42
CA LYS A 74 7.33 -6.90 10.01
C LYS A 74 6.40 -6.36 8.93
N THR A 75 5.09 -6.49 9.15
CA THR A 75 4.10 -6.02 8.19
C THR A 75 4.12 -4.51 8.09
N LEU A 76 3.28 -3.97 7.20
CA LEU A 76 3.19 -2.53 7.00
C LEU A 76 1.76 -2.04 7.17
N MET A 77 1.61 -0.89 7.82
CA MET A 77 0.28 -0.31 8.05
C MET A 77 0.37 1.19 8.24
N MET A 78 -0.29 1.94 7.37
CA MET A 78 -0.29 3.40 7.44
C MET A 78 -1.61 3.97 6.93
N PHE A 79 -2.05 5.07 7.55
CA PHE A 79 -3.30 5.71 7.17
C PHE A 79 -3.21 7.22 7.35
N VAL A 80 -3.38 7.96 6.26
CA VAL A 80 -3.32 9.41 6.30
C VAL A 80 -4.35 10.03 5.36
N THR A 81 -4.90 11.16 5.77
CA THR A 81 -5.91 11.86 4.97
C THR A 81 -5.64 13.36 4.93
N VAL A 82 -4.73 13.78 4.05
CA VAL A 82 -4.39 15.18 3.92
C VAL A 82 -3.40 15.41 2.78
N SER A 83 -3.39 16.62 2.23
CA SER A 83 -2.50 16.96 1.13
C SER A 83 -1.05 17.00 1.60
N GLY A 84 -0.25 16.07 1.11
CA GLY A 84 1.15 16.01 1.49
C GLY A 84 1.36 15.46 2.89
N ASN A 85 2.54 14.92 3.14
CA ASN A 85 2.87 14.35 4.44
C ASN A 85 4.28 13.79 4.46
N PRO A 86 4.93 13.85 5.63
CA PRO A 86 6.30 13.36 5.80
C PRO A 86 6.38 11.84 5.74
N THR A 87 6.31 11.30 4.52
CA THR A 87 6.37 9.86 4.32
C THR A 87 6.98 9.52 2.96
N GLU A 88 7.67 10.49 2.38
CA GLU A 88 8.31 10.30 1.08
C GLU A 88 9.18 9.04 1.09
N LYS A 89 10.29 9.11 1.82
CA LYS A 89 11.22 7.98 1.91
C LYS A 89 10.49 6.73 2.37
N GLU A 90 9.39 6.91 3.09
CA GLU A 90 8.60 5.79 3.60
C GLU A 90 7.90 5.07 2.45
N THR A 91 7.28 5.84 1.57
CA THR A 91 6.56 5.27 0.43
C THR A 91 7.45 4.34 -0.37
N GLU A 92 8.70 4.74 -0.58
CA GLU A 92 9.66 3.93 -1.33
C GLU A 92 9.91 2.60 -0.63
N GLU A 93 9.79 2.61 0.70
CA GLU A 93 10.00 1.40 1.49
C GLU A 93 8.77 0.50 1.47
N ILE A 94 7.61 1.11 1.23
CA ILE A 94 6.36 0.37 1.19
C ILE A 94 6.46 -0.83 0.26
N THR A 95 7.27 -0.70 -0.77
CA THR A 95 7.46 -1.77 -1.75
C THR A 95 8.16 -2.97 -1.10
N SER A 96 9.11 -2.69 -0.22
CA SER A 96 9.85 -3.74 0.46
C SER A 96 8.97 -4.49 1.46
N LEU A 97 8.22 -3.72 2.26
CA LEU A 97 7.33 -4.30 3.25
C LEU A 97 6.14 -4.98 2.59
N TRP A 98 5.64 -4.37 1.53
CA TRP A 98 4.49 -4.91 0.79
C TRP A 98 4.73 -6.37 0.42
N GLN A 99 5.99 -6.72 0.17
CA GLN A 99 6.36 -8.08 -0.19
C GLN A 99 5.79 -9.08 0.80
N GLY A 100 5.87 -8.74 2.09
CA GLY A 100 5.36 -9.63 3.12
C GLY A 100 3.85 -9.69 3.13
N SER A 101 3.21 -8.53 3.23
CA SER A 101 1.75 -8.45 3.25
C SER A 101 1.15 -9.14 2.02
N LEU A 102 1.80 -8.98 0.88
CA LEU A 102 1.34 -9.58 -0.36
C LEU A 102 1.09 -11.08 -0.18
N PHE A 103 1.90 -11.71 0.67
CA PHE A 103 1.78 -13.14 0.93
C PHE A 103 0.36 -13.48 1.37
N ASN A 104 -0.29 -12.54 2.04
CA ASN A 104 -1.65 -12.73 2.52
C ASN A 104 -2.61 -12.98 1.36
N ALA A 105 -2.23 -12.52 0.17
CA ALA A 105 -3.06 -12.70 -1.02
C ALA A 105 -4.38 -11.94 -0.88
N ASN A 106 -4.39 -10.93 -0.03
CA ASN A 106 -5.60 -10.14 0.19
C ASN A 106 -5.24 -8.70 0.57
N TYR A 107 -4.06 -8.27 0.15
CA TYR A 107 -3.60 -6.91 0.44
C TYR A 107 -4.63 -5.87 -0.01
N ASP A 108 -4.52 -4.67 0.52
CA ASP A 108 -5.44 -3.59 0.18
C ASP A 108 -4.75 -2.23 0.30
N VAL A 109 -4.70 -1.49 -0.81
CA VAL A 109 -4.07 -0.18 -0.83
C VAL A 109 -4.65 0.69 -1.94
N GLN A 110 -4.89 1.96 -1.62
CA GLN A 110 -5.45 2.89 -2.59
C GLN A 110 -4.63 4.17 -2.64
N ARG A 111 -4.46 4.73 -3.83
CA ARG A 111 -3.70 5.95 -4.01
C ARG A 111 -4.54 7.03 -4.69
N PHE A 112 -4.73 8.15 -4.00
CA PHE A 112 -5.53 9.25 -4.53
C PHE A 112 -4.79 10.58 -4.38
N ILE A 113 -4.72 11.35 -5.46
CA ILE A 113 -4.05 12.63 -5.45
C ILE A 113 -4.93 13.72 -6.05
N VAL A 114 -5.16 14.77 -5.27
CA VAL A 114 -5.99 15.88 -5.72
C VAL A 114 -5.50 17.21 -5.14
N GLY A 115 -5.62 18.28 -5.93
CA GLY A 115 -5.18 19.58 -5.47
C GLY A 115 -5.81 19.98 -4.15
N SER A 116 -6.98 19.41 -3.86
CA SER A 116 -7.69 19.72 -2.63
C SER A 116 -7.05 19.00 -1.44
N ASP A 117 -6.72 17.73 -1.64
CA ASP A 117 -6.10 16.93 -0.59
C ASP A 117 -5.68 15.57 -1.13
N ARG A 118 -4.90 14.84 -0.33
CA ARG A 118 -4.41 13.52 -0.73
C ARG A 118 -4.67 12.50 0.37
N ALA A 119 -5.24 11.36 -0.01
CA ALA A 119 -5.54 10.31 0.94
C ALA A 119 -5.01 8.96 0.45
N ILE A 120 -4.12 8.35 1.24
CA ILE A 120 -3.54 7.07 0.89
C ILE A 120 -3.54 6.12 2.08
N PHE A 121 -4.09 4.92 1.87
CA PHE A 121 -4.16 3.92 2.93
C PHE A 121 -3.60 2.58 2.44
N MET A 122 -2.91 1.88 3.33
CA MET A 122 -2.33 0.58 3.00
C MET A 122 -2.23 -0.31 4.23
N LEU A 123 -2.90 -1.45 4.17
CA LEU A 123 -2.89 -2.40 5.30
C LEU A 123 -2.69 -3.82 4.81
N ARG A 124 -1.91 -4.59 5.56
CA ARG A 124 -1.63 -5.98 5.20
C ARG A 124 -2.92 -6.75 4.95
N ASP A 125 -3.97 -6.38 5.67
CA ASP A 125 -5.27 -7.04 5.54
C ASP A 125 -6.07 -6.41 4.40
N GLY A 126 -7.29 -6.90 4.21
CA GLY A 126 -8.14 -6.37 3.15
C GLY A 126 -9.35 -5.63 3.68
N SER A 127 -10.34 -6.39 4.15
CA SER A 127 -11.56 -5.80 4.69
C SER A 127 -11.23 -4.74 5.75
N TYR A 128 -10.35 -5.10 6.67
CA TYR A 128 -9.96 -4.20 7.75
C TYR A 128 -9.51 -2.84 7.18
N ALA A 129 -8.84 -2.88 6.03
CA ALA A 129 -8.37 -1.67 5.39
C ALA A 129 -9.53 -0.86 4.82
N TRP A 130 -10.58 -1.55 4.39
CA TRP A 130 -11.75 -0.90 3.83
C TRP A 130 -12.51 -0.13 4.90
N GLU A 131 -12.61 -0.71 6.09
CA GLU A 131 -13.31 -0.08 7.20
C GLU A 131 -12.60 1.20 7.64
N ILE A 132 -11.28 1.11 7.79
CA ILE A 132 -10.47 2.26 8.20
C ILE A 132 -10.41 3.30 7.09
N LYS A 133 -10.49 2.85 5.85
CA LYS A 133 -10.44 3.75 4.70
C LYS A 133 -11.48 4.85 4.83
N ASP A 134 -12.75 4.47 4.79
CA ASP A 134 -13.85 5.43 4.91
C ASP A 134 -13.68 6.29 6.15
N PHE A 135 -13.17 5.69 7.23
CA PHE A 135 -12.97 6.41 8.48
C PHE A 135 -11.86 7.45 8.33
N LEU A 136 -10.91 7.18 7.45
CA LEU A 136 -9.79 8.09 7.22
C LEU A 136 -10.27 9.35 6.50
N VAL A 137 -10.76 9.18 5.27
CA VAL A 137 -11.26 10.31 4.49
C VAL A 137 -12.26 11.14 5.28
N SER A 138 -12.98 10.49 6.19
CA SER A 138 -13.97 11.16 7.02
C SER A 138 -13.33 12.31 7.79
N GLN A 139 -12.10 12.08 8.27
CA GLN A 139 -11.38 13.10 9.03
C GLN A 139 -10.97 14.26 8.14
N ASP A 140 -10.30 13.95 7.03
CA ASP A 140 -9.85 14.97 6.10
C ASP A 140 -8.84 15.91 6.75
N ARG A 141 -8.15 15.41 7.78
CA ARG A 141 -7.16 16.20 8.49
C ARG A 141 -6.48 15.36 9.58
N CYS A 142 -5.98 14.20 9.18
CA CYS A 142 -5.30 13.30 10.13
C CYS A 142 -4.16 12.56 9.44
N ALA A 143 -3.06 12.39 10.16
CA ALA A 143 -1.90 11.69 9.62
C ALA A 143 -1.34 10.69 10.63
N GLU A 144 -1.32 9.42 10.26
CA GLU A 144 -0.81 8.37 11.15
C GLU A 144 -0.22 7.22 10.33
N VAL A 145 1.07 6.96 10.53
CA VAL A 145 1.74 5.87 9.82
C VAL A 145 2.54 5.00 10.78
N THR A 146 2.46 3.69 10.58
CA THR A 146 3.18 2.75 11.44
C THR A 146 4.16 1.90 10.62
N LEU A 147 5.44 2.00 10.95
CA LEU A 147 6.47 1.24 10.25
C LEU A 147 7.56 0.78 11.22
N GLU A 148 7.73 -0.53 11.31
CA GLU A 148 8.74 -1.11 12.20
C GLU A 148 9.33 -2.38 11.60
N GLY A 149 10.26 -2.99 12.33
CA GLY A 149 10.89 -4.21 11.85
C GLY A 149 11.44 -5.06 12.98
N GLN A 150 10.60 -5.31 13.99
CA GLN A 150 11.02 -6.11 15.13
C GLN A 150 10.94 -7.60 14.81
N MET A 151 9.71 -8.12 14.79
CA MET A 151 9.49 -9.54 14.49
C MET A 151 8.01 -9.87 14.50
N TYR A 152 7.32 -9.53 13.42
CA TYR A 152 5.89 -9.80 13.31
C TYR A 152 5.43 -9.70 11.87
N PRO A 153 5.87 -10.65 11.04
CA PRO A 153 5.52 -10.70 9.61
C PRO A 153 4.05 -11.06 9.40
N GLY A 154 3.55 -10.78 8.19
CA GLY A 154 2.17 -11.07 7.88
C GLY A 154 2.01 -12.36 7.08
N LYS A 155 3.11 -12.79 6.45
CA LYS A 155 3.10 -14.01 5.66
C LYS A 155 2.51 -15.18 6.45
N GLY A 156 2.71 -15.14 7.77
CA GLY A 156 2.19 -16.19 8.63
C GLY A 156 2.77 -17.56 8.26
N GLY A 157 3.88 -17.56 7.54
CA GLY A 157 4.49 -18.81 7.14
C GLY A 157 5.97 -18.85 7.48
N GLY A 158 6.64 -17.71 7.39
CA GLY A 158 8.06 -17.64 7.70
C GLY A 158 8.87 -18.62 6.86
N SER A 159 8.77 -18.48 5.54
CA SER A 159 9.50 -19.35 4.62
C SER A 159 10.98 -19.38 4.97
N LYS A 160 11.61 -18.20 4.97
CA LYS A 160 13.03 -18.09 5.29
C LYS A 160 13.85 -19.04 4.43
N GLU A 161 13.97 -18.73 3.15
CA GLU A 161 14.73 -19.56 2.22
C GLU A 161 15.64 -18.71 1.34
N LYS A 162 15.08 -17.62 0.80
CA LYS A 162 15.83 -16.73 -0.06
C LYS A 162 16.31 -17.45 -1.32
N ASN A 163 15.39 -17.65 -2.26
CA ASN A 163 15.72 -18.32 -3.51
C ASN A 163 15.68 -17.34 -4.68
N LYS A 164 16.63 -17.49 -5.60
CA LYS A 164 16.71 -16.62 -6.77
C LYS A 164 15.76 -17.09 -7.86
N THR A 165 15.14 -16.15 -8.56
CA THR A 165 14.21 -16.46 -9.63
C THR A 165 14.27 -15.42 -10.74
N LYS A 166 14.49 -15.87 -11.97
CA LYS A 166 14.56 -14.98 -13.12
C LYS A 166 13.17 -14.52 -13.54
N PRO A 167 12.29 -15.49 -13.84
CA PRO A 167 10.92 -15.22 -14.26
C PRO A 167 10.07 -14.65 -13.13
N GLU A 168 10.71 -14.39 -11.99
CA GLU A 168 10.00 -13.85 -10.82
C GLU A 168 9.56 -12.41 -11.07
N LYS A 169 10.46 -11.62 -11.67
CA LYS A 169 10.16 -10.22 -11.96
C LYS A 169 9.02 -10.11 -12.96
N ALA A 170 9.03 -10.98 -13.97
CA ALA A 170 7.99 -10.97 -14.99
C ALA A 170 6.66 -11.44 -14.42
N LYS A 171 6.71 -12.44 -13.55
CA LYS A 171 5.50 -12.98 -12.93
C LYS A 171 4.88 -11.96 -11.98
N LYS A 172 5.72 -11.26 -11.22
CA LYS A 172 5.25 -10.25 -10.28
C LYS A 172 4.77 -9.00 -11.02
N LYS A 173 5.38 -8.73 -12.16
CA LYS A 173 5.03 -7.56 -12.97
C LYS A 173 3.76 -7.83 -13.78
N GLU A 174 3.53 -9.10 -14.10
CA GLU A 174 2.36 -9.48 -14.88
C GLU A 174 1.08 -9.20 -14.09
N GLY A 175 1.04 -9.67 -12.84
CA GLY A 175 -0.13 -9.46 -12.01
C GLY A 175 -0.34 -10.59 -11.02
N ASP A 176 -0.96 -10.27 -9.89
CA ASP A 176 -1.22 -11.26 -8.86
C ASP A 176 -2.25 -12.28 -9.33
N PRO A 177 -3.47 -11.79 -9.65
CA PRO A 177 -4.57 -12.64 -10.12
C PRO A 177 -4.31 -13.19 -11.51
N LYS A 178 -3.92 -12.32 -12.43
CA LYS A 178 -3.65 -12.71 -13.80
C LYS A 178 -3.08 -11.55 -14.60
N PRO A 179 -2.37 -11.86 -15.69
CA PRO A 179 -1.77 -10.86 -16.58
C PRO A 179 -2.81 -10.08 -17.36
N ARG A 180 -3.40 -9.07 -16.73
CA ARG A 180 -4.42 -8.25 -17.37
C ARG A 180 -4.80 -7.07 -16.49
N ALA A 181 -3.82 -6.22 -16.19
CA ALA A 181 -4.07 -5.05 -15.35
C ALA A 181 -2.78 -4.23 -15.19
N SER A 182 -1.71 -4.89 -14.77
CA SER A 182 -0.44 -4.21 -14.57
C SER A 182 0.01 -3.49 -15.85
N LYS A 183 -0.22 -4.13 -16.99
CA LYS A 183 0.15 -3.55 -18.28
C LYS A 183 -0.55 -2.21 -18.49
N GLU A 184 -1.88 -2.23 -18.41
CA GLU A 184 -2.66 -1.01 -18.60
C GLU A 184 -2.24 0.07 -17.62
N ASP A 185 -2.31 -0.23 -16.32
CA ASP A 185 -1.94 0.71 -15.29
C ASP A 185 -0.53 1.26 -15.54
N ASN A 186 0.45 0.37 -15.57
CA ASN A 186 1.84 0.76 -15.81
C ASN A 186 1.96 1.61 -17.06
N ARG A 187 1.21 1.24 -18.10
CA ARG A 187 1.23 1.98 -19.36
C ARG A 187 0.85 3.44 -19.14
N ALA A 188 0.00 3.69 -18.15
CA ALA A 188 -0.44 5.04 -17.84
C ALA A 188 0.72 5.88 -17.31
N GLY A 189 1.13 5.62 -16.08
CA GLY A 189 2.22 6.37 -15.49
C GLY A 189 1.77 7.26 -14.35
N SER A 190 2.58 7.35 -13.30
CA SER A 190 2.25 8.17 -12.15
C SER A 190 3.31 9.24 -11.93
N ARG A 191 3.23 9.92 -10.78
CA ARG A 191 4.18 10.97 -10.44
C ARG A 191 4.09 12.13 -11.43
N ARG A 192 3.22 13.09 -11.12
CA ARG A 192 3.04 14.25 -11.99
C ARG A 192 3.08 13.84 -13.46
N GLU A 193 2.43 12.72 -13.78
CA GLU A 193 2.39 12.22 -15.15
C GLU A 193 0.96 12.04 -15.61
N ASP A 194 0.24 11.13 -14.97
CA ASP A 194 -1.15 10.85 -15.32
C ASP A 194 -1.29 10.59 -16.82
N LEU A 195 -0.47 9.67 -17.33
CA LEU A 195 -0.49 9.32 -18.74
C LEU A 195 -1.13 7.95 -18.94
N ALA A 1 -16.46 16.92 7.82
CA ALA A 1 -17.53 16.42 6.95
C ALA A 1 -17.39 14.93 6.72
N ASP A 2 -18.53 14.23 6.71
CA ASP A 2 -18.54 12.78 6.50
C ASP A 2 -19.10 12.45 5.11
N THR A 3 -18.58 11.37 4.52
CA THR A 3 -19.03 10.95 3.20
C THR A 3 -20.47 10.43 3.25
N PRO A 4 -21.18 10.56 2.12
CA PRO A 4 -22.57 10.11 2.01
C PRO A 4 -22.69 8.59 2.03
N GLY A 5 -21.88 7.93 1.22
CA GLY A 5 -21.92 6.47 1.16
C GLY A 5 -23.08 5.95 0.34
N GLU A 6 -23.15 6.38 -0.92
CA GLU A 6 -24.22 5.95 -1.80
C GLU A 6 -24.04 6.54 -3.20
N ALA A 7 -23.87 7.86 -3.27
CA ALA A 7 -23.69 8.54 -4.54
C ALA A 7 -22.21 8.79 -4.82
N THR A 8 -21.49 7.71 -5.14
CA THR A 8 -20.07 7.80 -5.43
C THR A 8 -19.76 7.33 -6.86
N PRO A 9 -18.75 7.95 -7.48
CA PRO A 9 -18.34 7.61 -8.84
C PRO A 9 -17.69 6.23 -8.93
N PRO A 10 -17.51 5.74 -10.17
CA PRO A 10 -16.91 4.43 -10.41
C PRO A 10 -15.42 4.41 -10.08
N PRO A 11 -14.84 3.20 -10.04
CA PRO A 11 -13.42 3.01 -9.74
C PRO A 11 -12.52 3.50 -10.87
N ARG A 12 -12.24 4.81 -10.87
CA ARG A 12 -11.39 5.41 -11.90
C ARG A 12 -9.95 4.96 -11.73
N LYS A 13 -9.41 5.14 -10.53
CA LYS A 13 -8.03 4.76 -10.23
C LYS A 13 -7.86 4.42 -8.76
N LYS A 14 -8.97 4.10 -8.09
CA LYS A 14 -8.95 3.76 -6.68
C LYS A 14 -8.39 2.35 -6.48
N LYS A 15 -8.79 1.42 -7.33
CA LYS A 15 -8.33 0.04 -7.25
C LYS A 15 -7.32 -0.26 -8.36
N ASP A 16 -6.75 0.79 -8.93
CA ASP A 16 -5.76 0.63 -9.99
C ASP A 16 -4.37 0.38 -9.42
N ILE A 17 -3.91 1.30 -8.58
CA ILE A 17 -2.60 1.19 -7.96
C ILE A 17 -1.50 1.17 -9.01
N ARG A 18 -0.83 2.31 -9.19
CA ARG A 18 0.24 2.42 -10.17
C ARG A 18 1.29 1.33 -9.95
N ASP A 19 1.46 0.47 -10.94
CA ASP A 19 2.43 -0.61 -10.86
C ASP A 19 2.13 -1.51 -9.65
N TYR A 20 0.91 -1.43 -9.14
CA TYR A 20 0.50 -2.23 -8.00
C TYR A 20 1.51 -2.10 -6.86
N ASN A 21 2.23 -0.98 -6.83
CA ASN A 21 3.22 -0.73 -5.80
C ASN A 21 3.83 0.66 -5.94
N ASP A 22 4.04 1.07 -7.19
CA ASP A 22 4.62 2.38 -7.47
C ASP A 22 3.74 3.49 -6.92
N ALA A 23 2.48 3.16 -6.63
CA ALA A 23 1.54 4.13 -6.10
C ALA A 23 2.16 4.94 -4.97
N ASP A 24 2.79 4.24 -4.03
CA ASP A 24 3.43 4.90 -2.89
C ASP A 24 4.36 6.01 -3.36
N MET A 25 5.14 5.73 -4.40
CA MET A 25 6.07 6.70 -4.95
C MET A 25 5.36 8.02 -5.25
N ALA A 26 4.20 7.93 -5.89
CA ALA A 26 3.42 9.12 -6.24
C ALA A 26 3.21 10.01 -5.03
N ARG A 27 3.05 9.39 -3.86
CA ARG A 27 2.84 10.12 -2.62
C ARG A 27 4.01 11.05 -2.33
N LEU A 28 5.21 10.63 -2.74
CA LEU A 28 6.41 11.43 -2.52
C LEU A 28 6.21 12.86 -3.00
N LEU A 29 5.66 13.01 -4.20
CA LEU A 29 5.40 14.32 -4.77
C LEU A 29 4.59 15.19 -3.81
N GLU A 30 3.73 14.55 -3.03
CA GLU A 30 2.88 15.26 -2.08
C GLU A 30 3.72 15.79 -0.92
N GLN A 31 4.82 15.11 -0.62
CA GLN A 31 5.70 15.51 0.48
C GLN A 31 6.25 16.92 0.23
N TRP A 32 6.63 17.18 -1.01
CA TRP A 32 7.18 18.49 -1.37
C TRP A 32 6.27 19.62 -0.90
N GLU A 33 4.99 19.51 -1.24
CA GLU A 33 4.01 20.52 -0.86
C GLU A 33 3.88 20.59 0.66
N LYS A 34 4.03 19.45 1.33
CA LYS A 34 3.94 19.39 2.77
C LYS A 34 5.14 20.06 3.44
N ASP A 35 6.24 20.11 2.71
CA ASP A 35 7.47 20.73 3.22
C ASP A 35 7.17 22.11 3.81
N ASP A 36 6.27 22.84 3.15
CA ASP A 36 5.90 24.17 3.61
C ASP A 36 4.71 24.11 4.56
N ASP A 37 3.65 23.44 4.13
CA ASP A 37 2.45 23.30 4.95
C ASP A 37 2.76 22.58 6.26
N ILE A 38 3.04 21.29 6.17
CA ILE A 38 3.36 20.49 7.35
C ILE A 38 2.14 20.36 8.27
N GLU A 39 1.35 19.32 8.04
CA GLU A 39 0.15 19.08 8.84
C GLU A 39 0.47 18.15 10.02
N GLU A 40 0.70 16.87 9.71
CA GLU A 40 1.00 15.89 10.73
C GLU A 40 1.28 14.53 10.11
N GLY A 41 1.35 13.50 10.95
CA GLY A 41 1.60 12.15 10.46
C GLY A 41 2.98 11.65 10.85
N ASP A 42 3.89 12.58 11.10
CA ASP A 42 5.25 12.22 11.48
C ASP A 42 5.30 11.67 12.90
N LEU A 43 4.96 10.39 13.04
CA LEU A 43 4.94 9.74 14.34
C LEU A 43 6.30 9.09 14.64
N PRO A 44 6.57 8.84 15.93
CA PRO A 44 7.82 8.23 16.37
C PRO A 44 7.92 6.75 15.97
N GLU A 45 6.79 6.06 16.08
CA GLU A 45 6.75 4.63 15.73
C GLU A 45 7.85 3.86 16.44
N HIS A 46 7.56 3.39 17.65
CA HIS A 46 8.52 2.64 18.44
C HIS A 46 8.70 1.24 17.88
N LYS A 47 7.63 0.66 17.36
CA LYS A 47 7.67 -0.68 16.79
C LYS A 47 6.30 -1.09 16.26
N ARG A 48 5.35 -1.27 17.17
CA ARG A 48 4.00 -1.67 16.80
C ARG A 48 4.02 -2.89 15.87
N PRO A 49 4.42 -4.04 16.44
CA PRO A 49 4.49 -5.31 15.69
C PRO A 49 3.12 -5.85 15.33
N SER A 50 3.03 -6.49 14.17
CA SER A 50 1.76 -7.06 13.72
C SER A 50 1.90 -8.56 13.45
N ALA A 51 0.79 -9.27 13.51
CA ALA A 51 0.78 -10.71 13.27
C ALA A 51 -0.11 -11.06 12.09
N PRO A 52 0.10 -12.26 11.53
CA PRO A 52 -0.68 -12.75 10.39
C PRO A 52 -2.12 -13.08 10.76
N ILE A 53 -2.97 -12.07 10.78
CA ILE A 53 -4.38 -12.25 11.13
C ILE A 53 -5.28 -11.90 9.95
N ASP A 54 -4.82 -12.22 8.75
CA ASP A 54 -5.59 -11.96 7.54
C ASP A 54 -6.27 -13.22 7.03
N PHE A 55 -7.00 -13.10 5.92
CA PHE A 55 -7.70 -14.23 5.34
C PHE A 55 -6.71 -15.18 4.66
N SER A 56 -6.21 -14.77 3.49
CA SER A 56 -5.26 -15.57 2.74
C SER A 56 -5.89 -16.90 2.32
N LYS A 57 -6.95 -16.82 1.52
CA LYS A 57 -7.65 -18.01 1.05
C LYS A 57 -8.80 -17.63 0.13
N LEU A 58 -8.58 -16.64 -0.72
CA LEU A 58 -9.60 -16.18 -1.66
C LEU A 58 -9.53 -16.95 -2.97
N ASP A 59 -8.53 -16.62 -3.79
CA ASP A 59 -8.34 -17.29 -5.07
C ASP A 59 -7.10 -18.17 -5.05
N PRO A 60 -7.04 -19.12 -5.99
CA PRO A 60 -5.91 -20.05 -6.10
C PRO A 60 -4.63 -19.36 -6.58
N GLY A 61 -3.95 -18.69 -5.66
CA GLY A 61 -2.72 -17.99 -6.00
C GLY A 61 -1.57 -18.40 -5.11
N LYS A 62 -0.42 -18.68 -5.73
CA LYS A 62 0.77 -19.08 -4.99
C LYS A 62 1.98 -19.20 -5.92
N PRO A 63 2.43 -18.05 -6.44
CA PRO A 63 3.59 -18.00 -7.35
C PRO A 63 4.90 -18.31 -6.63
N GLU A 64 5.91 -18.68 -7.41
CA GLU A 64 7.22 -19.01 -6.86
C GLU A 64 8.02 -17.74 -6.55
N SER A 65 7.62 -16.63 -7.17
CA SER A 65 8.30 -15.36 -6.97
C SER A 65 8.24 -14.94 -5.50
N ILE A 66 7.30 -15.52 -4.76
CA ILE A 66 7.14 -15.21 -3.35
C ILE A 66 8.43 -15.43 -2.59
N LEU A 67 9.27 -16.33 -3.10
CA LEU A 67 10.55 -16.64 -2.46
C LEU A 67 11.46 -15.43 -2.49
N LYS A 68 11.21 -14.51 -3.42
CA LYS A 68 12.01 -13.30 -3.55
C LYS A 68 11.97 -12.47 -2.27
N MET A 69 10.90 -12.62 -1.50
CA MET A 69 10.76 -11.90 -0.25
C MET A 69 11.97 -12.10 0.65
N THR A 70 12.26 -13.36 0.96
CA THR A 70 13.40 -13.69 1.81
C THR A 70 13.22 -13.13 3.22
N LYS A 71 12.02 -13.31 3.77
CA LYS A 71 11.72 -12.82 5.11
C LYS A 71 11.82 -11.30 5.17
N LYS A 72 10.66 -10.64 5.13
CA LYS A 72 10.61 -9.19 5.19
C LYS A 72 10.95 -8.68 6.59
N GLY A 73 10.00 -8.84 7.50
CA GLY A 73 10.22 -8.39 8.87
C GLY A 73 8.93 -8.01 9.56
N LYS A 74 8.33 -6.89 9.14
CA LYS A 74 7.09 -6.42 9.73
C LYS A 74 6.10 -5.99 8.64
N THR A 75 4.81 -6.22 8.89
CA THR A 75 3.78 -5.87 7.93
C THR A 75 3.78 -4.37 7.65
N LEU A 76 2.78 -3.91 6.92
CA LEU A 76 2.66 -2.50 6.58
C LEU A 76 1.30 -1.94 6.96
N MET A 77 1.28 -0.74 7.51
CA MET A 77 0.03 -0.10 7.92
C MET A 77 0.20 1.42 7.99
N MET A 78 -0.58 2.13 7.18
CA MET A 78 -0.53 3.59 7.16
C MET A 78 -1.86 4.17 6.74
N PHE A 79 -2.23 5.30 7.34
CA PHE A 79 -3.49 5.97 7.03
C PHE A 79 -3.36 7.48 7.19
N VAL A 80 -3.59 8.20 6.10
CA VAL A 80 -3.49 9.66 6.11
C VAL A 80 -4.51 10.28 5.15
N THR A 81 -5.04 11.44 5.54
CA THR A 81 -6.03 12.14 4.72
C THR A 81 -5.80 13.64 4.77
N VAL A 82 -4.90 14.13 3.92
CA VAL A 82 -4.59 15.55 3.86
C VAL A 82 -3.62 15.86 2.72
N SER A 83 -3.65 17.09 2.23
CA SER A 83 -2.78 17.51 1.15
C SER A 83 -1.32 17.53 1.61
N GLY A 84 -0.60 16.46 1.29
CA GLY A 84 0.80 16.37 1.68
C GLY A 84 0.99 15.74 3.04
N ASN A 85 2.19 15.27 3.31
CA ASN A 85 2.50 14.64 4.60
C ASN A 85 3.94 14.16 4.63
N PRO A 86 4.57 14.25 5.82
CA PRO A 86 5.96 13.81 6.01
C PRO A 86 6.12 12.30 5.94
N THR A 87 6.22 11.78 4.72
CA THR A 87 6.37 10.34 4.53
C THR A 87 7.24 10.04 3.30
N GLU A 88 8.06 11.02 2.92
CA GLU A 88 8.94 10.86 1.77
C GLU A 88 9.78 9.59 1.90
N LYS A 89 10.61 9.54 2.92
CA LYS A 89 11.47 8.38 3.16
C LYS A 89 10.64 7.14 3.45
N GLU A 90 9.69 7.27 4.39
CA GLU A 90 8.84 6.16 4.76
C GLU A 90 8.21 5.51 3.52
N THR A 91 7.79 6.35 2.58
CA THR A 91 7.17 5.87 1.35
C THR A 91 8.04 4.81 0.68
N GLU A 92 9.29 5.16 0.42
CA GLU A 92 10.22 4.24 -0.21
C GLU A 92 10.26 2.90 0.51
N GLU A 93 9.98 2.93 1.82
CA GLU A 93 9.98 1.73 2.63
C GLU A 93 8.67 0.96 2.46
N ILE A 94 7.59 1.70 2.21
CA ILE A 94 6.28 1.08 2.03
C ILE A 94 6.34 -0.05 1.02
N THR A 95 6.85 0.25 -0.17
CA THR A 95 6.96 -0.75 -1.23
C THR A 95 7.68 -2.01 -0.73
N SER A 96 8.69 -1.81 0.10
CA SER A 96 9.46 -2.93 0.65
C SER A 96 8.57 -3.80 1.54
N LEU A 97 8.03 -3.20 2.60
CA LEU A 97 7.17 -3.93 3.52
C LEU A 97 5.97 -4.54 2.80
N TRP A 98 5.48 -3.83 1.78
CA TRP A 98 4.34 -4.30 1.00
C TRP A 98 4.57 -5.73 0.51
N GLN A 99 5.83 -6.06 0.24
CA GLN A 99 6.17 -7.40 -0.23
C GLN A 99 5.66 -8.47 0.73
N GLY A 100 5.73 -8.18 2.02
CA GLY A 100 5.28 -9.12 3.02
C GLY A 100 3.77 -9.27 3.03
N SER A 101 3.07 -8.14 3.15
CA SER A 101 1.61 -8.16 3.18
C SER A 101 1.04 -8.77 1.91
N LEU A 102 1.77 -8.62 0.81
CA LEU A 102 1.35 -9.16 -0.47
C LEU A 102 1.08 -10.66 -0.37
N PHE A 103 1.85 -11.33 0.48
CA PHE A 103 1.69 -12.77 0.67
C PHE A 103 0.25 -13.13 1.01
N ASN A 104 -0.43 -12.22 1.71
CA ASN A 104 -1.82 -12.43 2.09
C ASN A 104 -2.69 -12.69 0.87
N ALA A 105 -2.24 -12.19 -0.28
CA ALA A 105 -2.98 -12.36 -1.52
C ALA A 105 -4.33 -11.67 -1.46
N ASN A 106 -4.47 -10.72 -0.54
CA ASN A 106 -5.71 -9.98 -0.38
C ASN A 106 -5.45 -8.57 0.14
N TYR A 107 -4.25 -8.06 -0.16
CA TYR A 107 -3.87 -6.71 0.29
C TYR A 107 -4.94 -5.69 -0.11
N ASP A 108 -4.80 -4.48 0.43
CA ASP A 108 -5.75 -3.42 0.14
C ASP A 108 -5.07 -2.05 0.20
N VAL A 109 -5.09 -1.33 -0.91
CA VAL A 109 -4.48 -0.01 -0.99
C VAL A 109 -5.12 0.84 -2.08
N GLN A 110 -5.37 2.11 -1.76
CA GLN A 110 -5.98 3.02 -2.72
C GLN A 110 -5.20 4.32 -2.81
N ARG A 111 -5.09 4.86 -4.02
CA ARG A 111 -4.37 6.10 -4.25
C ARG A 111 -5.28 7.19 -4.81
N PHE A 112 -5.34 8.32 -4.12
CA PHE A 112 -6.17 9.43 -4.54
C PHE A 112 -5.38 10.74 -4.58
N ILE A 113 -5.43 11.43 -5.71
CA ILE A 113 -4.72 12.69 -5.86
C ILE A 113 -5.64 13.78 -6.40
N VAL A 114 -5.81 14.84 -5.63
CA VAL A 114 -6.65 15.95 -6.03
C VAL A 114 -6.11 17.28 -5.51
N GLY A 115 -6.29 18.34 -6.31
CA GLY A 115 -5.81 19.65 -5.90
C GLY A 115 -6.29 20.05 -4.52
N SER A 116 -7.44 19.51 -4.13
CA SER A 116 -8.01 19.82 -2.82
C SER A 116 -7.16 19.22 -1.70
N ASP A 117 -6.84 17.93 -1.83
CA ASP A 117 -6.04 17.23 -0.84
C ASP A 117 -5.61 15.87 -1.35
N ARG A 118 -4.99 15.08 -0.48
CA ARG A 118 -4.52 13.75 -0.85
C ARG A 118 -4.97 12.71 0.17
N ALA A 119 -5.35 11.54 -0.32
CA ALA A 119 -5.82 10.45 0.54
C ALA A 119 -5.27 9.10 0.07
N ILE A 120 -4.60 8.40 0.97
CA ILE A 120 -4.03 7.10 0.64
C ILE A 120 -3.97 6.21 1.88
N PHE A 121 -4.37 4.96 1.72
CA PHE A 121 -4.36 3.99 2.81
C PHE A 121 -3.75 2.67 2.38
N MET A 122 -3.04 2.02 3.29
CA MET A 122 -2.41 0.74 3.00
C MET A 122 -2.39 -0.16 4.23
N LEU A 123 -2.94 -1.36 4.10
CA LEU A 123 -2.99 -2.31 5.20
C LEU A 123 -2.88 -3.75 4.68
N ARG A 124 -2.31 -4.62 5.51
CA ARG A 124 -2.15 -6.02 5.15
C ARG A 124 -3.51 -6.70 4.95
N ASP A 125 -4.49 -6.26 5.72
CA ASP A 125 -5.83 -6.81 5.64
C ASP A 125 -6.60 -6.24 4.45
N GLY A 126 -7.68 -6.90 4.05
CA GLY A 126 -8.47 -6.44 2.94
C GLY A 126 -9.80 -5.86 3.37
N SER A 127 -10.68 -6.71 3.89
CA SER A 127 -12.00 -6.28 4.34
C SER A 127 -11.88 -5.10 5.30
N TYR A 128 -11.18 -5.32 6.41
CA TYR A 128 -11.00 -4.27 7.41
C TYR A 128 -10.46 -2.99 6.77
N ALA A 129 -9.69 -3.16 5.70
CA ALA A 129 -9.12 -2.01 5.00
C ALA A 129 -10.20 -1.13 4.39
N TRP A 130 -11.16 -1.76 3.71
CA TRP A 130 -12.25 -1.03 3.08
C TRP A 130 -12.94 -0.12 4.07
N GLU A 131 -13.23 -0.65 5.26
CA GLU A 131 -13.89 0.12 6.31
C GLU A 131 -13.08 1.36 6.67
N ILE A 132 -11.80 1.16 6.94
CA ILE A 132 -10.91 2.26 7.29
C ILE A 132 -10.83 3.30 6.16
N LYS A 133 -10.99 2.82 4.93
CA LYS A 133 -10.94 3.70 3.77
C LYS A 133 -11.92 4.85 3.92
N ASP A 134 -13.18 4.52 4.17
CA ASP A 134 -14.21 5.55 4.34
C ASP A 134 -13.92 6.43 5.55
N PHE A 135 -13.35 5.83 6.59
CA PHE A 135 -13.02 6.55 7.81
C PHE A 135 -11.88 7.54 7.56
N LEU A 136 -11.00 7.20 6.62
CA LEU A 136 -9.88 8.06 6.29
C LEU A 136 -10.34 9.39 5.72
N VAL A 137 -10.92 9.35 4.52
CA VAL A 137 -11.42 10.55 3.86
C VAL A 137 -12.43 11.27 4.75
N SER A 138 -13.16 10.51 5.55
CA SER A 138 -14.17 11.08 6.44
C SER A 138 -13.56 12.19 7.31
N GLN A 139 -12.34 11.97 7.77
CA GLN A 139 -11.64 12.94 8.60
C GLN A 139 -11.26 14.18 7.79
N ASP A 140 -10.55 13.96 6.69
CA ASP A 140 -10.11 15.05 5.82
C ASP A 140 -9.17 15.99 6.57
N ARG A 141 -8.52 15.48 7.61
CA ARG A 141 -7.59 16.27 8.40
C ARG A 141 -6.92 15.41 9.48
N CYS A 142 -6.39 14.26 9.07
CA CYS A 142 -5.73 13.36 9.99
C CYS A 142 -4.57 12.64 9.31
N ALA A 143 -3.51 12.39 10.07
CA ALA A 143 -2.33 11.70 9.54
C ALA A 143 -1.75 10.74 10.56
N GLU A 144 -1.70 9.46 10.22
CA GLU A 144 -1.16 8.44 11.11
C GLU A 144 -0.57 7.28 10.32
N VAL A 145 0.72 7.05 10.51
CA VAL A 145 1.42 5.96 9.82
C VAL A 145 2.21 5.10 10.80
N THR A 146 2.28 3.80 10.52
CA THR A 146 3.01 2.87 11.37
C THR A 146 3.83 1.90 10.54
N LEU A 147 5.14 1.92 10.74
CA LEU A 147 6.04 1.04 10.01
C LEU A 147 7.28 0.71 10.84
N GLU A 148 7.85 -0.46 10.60
CA GLU A 148 9.04 -0.89 11.32
C GLU A 148 9.65 -2.15 10.68
N GLY A 149 10.79 -2.58 11.23
CA GLY A 149 11.44 -3.76 10.70
C GLY A 149 11.50 -4.89 11.70
N GLN A 150 10.40 -5.11 12.42
CA GLN A 150 10.33 -6.16 13.41
C GLN A 150 10.55 -7.53 12.78
N MET A 151 10.30 -8.59 13.55
CA MET A 151 10.47 -9.95 13.05
C MET A 151 9.12 -10.67 12.96
N TYR A 152 8.05 -9.88 12.91
CA TYR A 152 6.71 -10.45 12.82
C TYR A 152 5.99 -9.97 11.56
N PRO A 153 6.40 -10.51 10.40
CA PRO A 153 5.81 -10.15 9.12
C PRO A 153 4.38 -10.67 8.97
N GLY A 154 3.78 -10.38 7.82
CA GLY A 154 2.41 -10.82 7.57
C GLY A 154 2.35 -12.08 6.72
N LYS A 155 3.52 -12.51 6.23
CA LYS A 155 3.59 -13.71 5.40
C LYS A 155 2.90 -14.89 6.08
N GLY A 156 2.93 -14.89 7.41
CA GLY A 156 2.30 -15.97 8.17
C GLY A 156 2.94 -17.31 7.88
N GLY A 157 3.86 -17.73 8.74
CA GLY A 157 4.53 -19.00 8.55
C GLY A 157 6.03 -18.90 8.74
N GLY A 158 6.68 -18.09 7.91
CA GLY A 158 8.12 -17.93 8.00
C GLY A 158 8.85 -18.66 6.89
N SER A 159 8.53 -18.33 5.65
CA SER A 159 9.16 -18.97 4.50
C SER A 159 10.68 -18.89 4.60
N LYS A 160 11.23 -17.70 4.36
CA LYS A 160 12.66 -17.49 4.43
C LYS A 160 13.41 -18.51 3.59
N GLU A 161 13.30 -18.38 2.27
CA GLU A 161 13.96 -19.29 1.34
C GLU A 161 15.20 -18.65 0.74
N LYS A 162 15.08 -17.37 0.37
CA LYS A 162 16.19 -16.64 -0.22
C LYS A 162 16.64 -17.30 -1.52
N ASN A 163 15.88 -17.06 -2.59
CA ASN A 163 16.20 -17.61 -3.90
C ASN A 163 16.04 -16.57 -5.00
N LYS A 164 16.63 -16.84 -6.15
CA LYS A 164 16.54 -15.92 -7.29
C LYS A 164 15.34 -16.25 -8.16
N THR A 165 14.77 -15.23 -8.79
CA THR A 165 13.61 -15.40 -9.65
C THR A 165 13.59 -14.36 -10.76
N LYS A 166 14.21 -14.70 -11.89
CA LYS A 166 14.26 -13.80 -13.03
C LYS A 166 12.89 -13.67 -13.69
N PRO A 167 12.37 -14.81 -14.18
CA PRO A 167 11.06 -14.86 -14.85
C PRO A 167 9.91 -14.64 -13.88
N GLU A 168 10.10 -15.07 -12.63
CA GLU A 168 9.07 -14.91 -11.61
C GLU A 168 8.99 -13.47 -11.14
N LYS A 169 10.08 -12.73 -11.32
CA LYS A 169 10.13 -11.33 -10.92
C LYS A 169 8.94 -10.55 -11.49
N ALA A 170 8.80 -10.59 -12.81
CA ALA A 170 7.70 -9.90 -13.48
C ALA A 170 6.38 -10.58 -13.21
N LYS A 171 6.42 -11.90 -13.03
CA LYS A 171 5.22 -12.68 -12.77
C LYS A 171 4.43 -12.09 -11.60
N LYS A 172 5.12 -11.82 -10.50
CA LYS A 172 4.49 -11.25 -9.32
C LYS A 172 3.98 -9.84 -9.60
N LYS A 173 4.86 -9.00 -10.12
CA LYS A 173 4.50 -7.61 -10.44
C LYS A 173 3.31 -7.58 -11.39
N GLU A 174 3.13 -8.64 -12.17
CA GLU A 174 2.03 -8.72 -13.11
C GLU A 174 0.69 -8.90 -12.38
N GLY A 175 0.75 -9.45 -11.18
CA GLY A 175 -0.45 -9.66 -10.39
C GLY A 175 -0.77 -11.13 -10.21
N ASP A 176 -0.68 -11.60 -8.97
CA ASP A 176 -0.96 -13.00 -8.66
C ASP A 176 -2.40 -13.35 -8.98
N PRO A 177 -3.35 -12.64 -8.33
CA PRO A 177 -4.78 -12.86 -8.54
C PRO A 177 -5.25 -12.40 -9.92
N LYS A 178 -4.86 -11.20 -10.30
CA LYS A 178 -5.23 -10.64 -11.60
C LYS A 178 -4.00 -10.30 -12.43
N PRO A 179 -3.34 -11.35 -12.96
CA PRO A 179 -2.14 -11.19 -13.79
C PRO A 179 -2.44 -10.55 -15.14
N ARG A 180 -2.63 -9.23 -15.13
CA ARG A 180 -2.93 -8.51 -16.37
C ARG A 180 -3.10 -7.02 -16.09
N ALA A 181 -3.68 -6.70 -14.93
CA ALA A 181 -3.89 -5.31 -14.54
C ALA A 181 -2.61 -4.50 -14.66
N SER A 182 -1.47 -5.17 -14.46
CA SER A 182 -0.17 -4.50 -14.53
C SER A 182 -0.04 -3.73 -15.84
N LYS A 183 -0.53 -4.31 -16.93
CA LYS A 183 -0.46 -3.67 -18.23
C LYS A 183 -1.13 -2.31 -18.20
N GLU A 184 -2.25 -2.21 -17.50
CA GLU A 184 -2.98 -0.96 -17.39
C GLU A 184 -2.35 -0.04 -16.36
N ASP A 185 -1.99 -0.61 -15.20
CA ASP A 185 -1.37 0.15 -14.13
C ASP A 185 -0.09 0.84 -14.62
N ASN A 186 0.86 0.04 -15.07
CA ASN A 186 2.13 0.57 -15.57
C ASN A 186 1.90 1.66 -16.61
N ARG A 187 0.91 1.44 -17.47
CA ARG A 187 0.58 2.41 -18.52
C ARG A 187 0.24 3.77 -17.91
N ALA A 188 -0.40 3.75 -16.75
CA ALA A 188 -0.79 4.98 -16.07
C ALA A 188 0.44 5.83 -15.74
N GLY A 189 1.32 5.30 -14.90
CA GLY A 189 2.52 6.03 -14.53
C GLY A 189 2.21 7.27 -13.71
N SER A 190 2.63 7.27 -12.45
CA SER A 190 2.40 8.41 -11.56
C SER A 190 3.71 8.99 -11.07
N ARG A 191 3.62 9.90 -10.10
CA ARG A 191 4.80 10.54 -9.53
C ARG A 191 5.54 11.34 -10.60
N ARG A 192 5.11 12.59 -10.79
CA ARG A 192 5.74 13.46 -11.78
C ARG A 192 6.10 12.69 -13.04
N GLU A 193 5.20 11.81 -13.47
CA GLU A 193 5.43 11.01 -14.66
C GLU A 193 4.24 11.11 -15.62
N ASP A 194 3.08 10.64 -15.16
CA ASP A 194 1.87 10.68 -15.97
C ASP A 194 2.11 10.04 -17.34
N LEU A 195 2.39 8.74 -17.34
CA LEU A 195 2.64 8.01 -18.58
C LEU A 195 2.82 6.52 -18.30
N ALA A 1 -18.90 12.62 11.38
CA ALA A 1 -19.54 13.13 10.17
C ALA A 1 -19.09 12.35 8.93
N ASP A 2 -19.22 11.04 8.99
CA ASP A 2 -18.82 10.18 7.87
C ASP A 2 -19.87 10.21 6.76
N THR A 3 -19.41 10.04 5.52
CA THR A 3 -20.32 10.05 4.38
C THR A 3 -20.71 8.64 3.97
N PRO A 4 -21.91 8.51 3.38
CA PRO A 4 -22.43 7.21 2.93
C PRO A 4 -21.66 6.65 1.73
N GLY A 5 -22.19 5.58 1.15
CA GLY A 5 -21.54 4.97 0.01
C GLY A 5 -22.39 3.90 -0.65
N GLU A 6 -23.31 4.32 -1.52
CA GLU A 6 -24.19 3.39 -2.20
C GLU A 6 -24.11 3.58 -3.72
N ALA A 7 -24.08 4.83 -4.15
CA ALA A 7 -24.01 5.14 -5.57
C ALA A 7 -22.58 5.53 -5.96
N THR A 8 -21.61 5.03 -5.22
CA THR A 8 -20.21 5.33 -5.49
C THR A 8 -19.75 4.64 -6.78
N PRO A 9 -18.88 5.33 -7.52
CA PRO A 9 -18.34 4.81 -8.79
C PRO A 9 -17.37 3.64 -8.57
N PRO A 10 -17.04 2.94 -9.66
CA PRO A 10 -16.13 1.80 -9.62
C PRO A 10 -14.69 2.21 -9.31
N PRO A 11 -13.85 1.22 -9.01
CA PRO A 11 -12.43 1.46 -8.69
C PRO A 11 -11.63 1.88 -9.91
N ARG A 12 -11.77 3.15 -10.29
CA ARG A 12 -11.06 3.69 -11.45
C ARG A 12 -9.57 3.83 -11.14
N LYS A 13 -9.25 4.57 -10.09
CA LYS A 13 -7.86 4.77 -9.71
C LYS A 13 -7.64 4.35 -8.26
N LYS A 14 -8.65 4.53 -7.44
CA LYS A 14 -8.56 4.16 -6.02
C LYS A 14 -8.03 2.74 -5.87
N LYS A 15 -8.60 1.81 -6.63
CA LYS A 15 -8.19 0.41 -6.57
C LYS A 15 -7.45 0.01 -7.85
N ASP A 16 -6.67 0.94 -8.39
CA ASP A 16 -5.92 0.69 -9.62
C ASP A 16 -4.43 0.59 -9.32
N ILE A 17 -3.93 1.51 -8.50
CA ILE A 17 -2.52 1.52 -8.14
C ILE A 17 -1.64 1.69 -9.38
N ARG A 18 -1.16 2.91 -9.60
CA ARG A 18 -0.30 3.21 -10.74
C ARG A 18 0.91 2.27 -10.76
N ASP A 19 0.99 1.46 -11.81
CA ASP A 19 2.11 0.53 -11.96
C ASP A 19 2.12 -0.49 -10.81
N TYR A 20 0.99 -0.59 -10.11
CA TYR A 20 0.87 -1.52 -8.99
C TYR A 20 2.16 -1.58 -8.19
N ASN A 21 2.79 -0.42 -8.00
CA ASN A 21 4.04 -0.35 -7.24
C ASN A 21 4.58 1.08 -7.24
N ASP A 22 4.77 1.64 -8.42
CA ASP A 22 5.27 3.00 -8.56
C ASP A 22 4.36 4.00 -7.86
N ALA A 23 3.12 3.59 -7.62
CA ALA A 23 2.14 4.44 -6.96
C ALA A 23 2.73 5.07 -5.70
N ASP A 24 3.33 4.25 -4.85
CA ASP A 24 3.93 4.72 -3.61
C ASP A 24 4.92 5.84 -3.88
N MET A 25 5.65 5.72 -4.99
CA MET A 25 6.63 6.73 -5.37
C MET A 25 5.98 8.08 -5.57
N ALA A 26 4.86 8.09 -6.30
CA ALA A 26 4.14 9.33 -6.57
C ALA A 26 3.90 10.12 -5.30
N ARG A 27 3.69 9.41 -4.19
CA ARG A 27 3.44 10.04 -2.90
C ARG A 27 4.58 11.00 -2.55
N LEU A 28 5.80 10.64 -2.93
CA LEU A 28 6.96 11.47 -2.66
C LEU A 28 6.77 12.88 -3.23
N LEU A 29 6.12 12.95 -4.38
CA LEU A 29 5.88 14.23 -5.04
C LEU A 29 5.02 15.14 -4.16
N GLU A 30 4.17 14.53 -3.34
CA GLU A 30 3.29 15.28 -2.45
C GLU A 30 4.10 15.93 -1.33
N GLN A 31 5.17 15.27 -0.90
CA GLN A 31 6.01 15.79 0.16
C GLN A 31 6.50 17.20 -0.16
N TRP A 32 6.82 17.43 -1.44
CA TRP A 32 7.29 18.74 -1.87
C TRP A 32 6.35 19.85 -1.40
N GLU A 33 5.06 19.66 -1.63
CA GLU A 33 4.06 20.64 -1.23
C GLU A 33 4.03 20.79 0.29
N LYS A 34 4.14 19.68 1.00
CA LYS A 34 4.13 19.69 2.45
C LYS A 34 5.42 20.29 3.01
N ASP A 35 6.45 20.33 2.17
CA ASP A 35 7.73 20.89 2.58
C ASP A 35 7.54 22.23 3.28
N ASP A 36 6.59 23.03 2.79
CA ASP A 36 6.32 24.33 3.38
C ASP A 36 5.20 24.23 4.42
N ASP A 37 4.16 23.48 4.09
CA ASP A 37 3.03 23.31 5.00
C ASP A 37 3.46 22.60 6.27
N ILE A 38 3.93 21.36 6.11
CA ILE A 38 4.37 20.56 7.25
C ILE A 38 3.50 20.82 8.48
N GLU A 39 2.39 20.09 8.57
CA GLU A 39 1.47 20.22 9.69
C GLU A 39 1.59 19.05 10.65
N GLU A 40 1.18 17.87 10.18
CA GLU A 40 1.23 16.67 10.99
C GLU A 40 1.81 15.50 10.20
N GLY A 41 1.70 14.30 10.76
CA GLY A 41 2.21 13.12 10.09
C GLY A 41 3.46 12.56 10.75
N ASP A 42 3.36 12.28 12.04
CA ASP A 42 4.48 11.75 12.81
C ASP A 42 4.01 11.15 14.13
N LEU A 43 4.56 9.99 14.47
CA LEU A 43 4.20 9.30 15.71
C LEU A 43 5.43 8.70 16.38
N PRO A 44 5.31 8.41 17.68
CA PRO A 44 6.41 7.82 18.47
C PRO A 44 6.70 6.39 18.07
N GLU A 45 5.64 5.60 17.88
CA GLU A 45 5.79 4.20 17.50
C GLU A 45 6.68 3.46 18.49
N HIS A 46 6.08 2.90 19.53
CA HIS A 46 6.82 2.17 20.54
C HIS A 46 7.22 0.79 20.03
N LYS A 47 6.28 0.10 19.38
CA LYS A 47 6.54 -1.22 18.84
C LYS A 47 5.52 -1.58 17.77
N ARG A 48 4.23 -1.48 18.12
CA ARG A 48 3.16 -1.79 17.19
C ARG A 48 3.24 -3.24 16.72
N PRO A 49 2.85 -4.16 17.62
CA PRO A 49 2.87 -5.59 17.33
C PRO A 49 1.81 -6.00 16.31
N SER A 50 2.25 -6.60 15.21
CA SER A 50 1.33 -7.02 14.15
C SER A 50 1.25 -8.54 14.08
N ALA A 51 0.19 -9.05 13.48
CA ALA A 51 -0.01 -10.48 13.34
C ALA A 51 -0.78 -10.82 12.07
N PRO A 52 -0.68 -12.08 11.63
CA PRO A 52 -1.36 -12.56 10.42
C PRO A 52 -2.87 -12.65 10.61
N ILE A 53 -3.54 -11.49 10.53
CA ILE A 53 -4.98 -11.44 10.68
C ILE A 53 -5.69 -11.35 9.34
N ASP A 54 -5.11 -12.01 8.33
CA ASP A 54 -5.68 -12.00 6.99
C ASP A 54 -6.39 -13.31 6.70
N PHE A 55 -6.94 -13.42 5.50
CA PHE A 55 -7.66 -14.62 5.09
C PHE A 55 -6.86 -15.42 4.07
N SER A 56 -6.21 -14.71 3.16
CA SER A 56 -5.40 -15.34 2.11
C SER A 56 -6.28 -16.23 1.22
N LYS A 57 -7.09 -15.60 0.39
CA LYS A 57 -7.97 -16.33 -0.52
C LYS A 57 -8.75 -15.36 -1.41
N LEU A 58 -8.04 -14.42 -2.01
CA LEU A 58 -8.66 -13.44 -2.90
C LEU A 58 -8.68 -13.95 -4.34
N ASP A 59 -7.53 -13.91 -5.00
CA ASP A 59 -7.42 -14.36 -6.37
C ASP A 59 -6.61 -15.65 -6.46
N PRO A 60 -6.78 -16.39 -7.56
CA PRO A 60 -6.08 -17.65 -7.80
C PRO A 60 -4.59 -17.45 -8.03
N GLY A 61 -4.17 -16.20 -8.17
CA GLY A 61 -2.77 -15.89 -8.40
C GLY A 61 -1.86 -16.55 -7.38
N LYS A 62 -1.63 -15.85 -6.27
CA LYS A 62 -0.77 -16.37 -5.21
C LYS A 62 0.66 -16.57 -5.71
N PRO A 63 1.38 -15.46 -5.91
CA PRO A 63 2.77 -15.49 -6.38
C PRO A 63 3.72 -16.06 -5.34
N GLU A 64 4.43 -17.13 -5.71
CA GLU A 64 5.38 -17.76 -4.80
C GLU A 64 6.70 -17.00 -4.77
N SER A 65 6.94 -16.20 -5.81
CA SER A 65 8.17 -15.42 -5.91
C SER A 65 8.28 -14.44 -4.74
N ILE A 66 7.15 -14.16 -4.11
CA ILE A 66 7.11 -13.23 -2.98
C ILE A 66 8.05 -13.69 -1.87
N LEU A 67 8.24 -15.00 -1.77
CA LEU A 67 9.12 -15.58 -0.75
C LEU A 67 10.54 -15.05 -0.90
N LYS A 68 10.86 -14.55 -2.09
CA LYS A 68 12.19 -14.01 -2.36
C LYS A 68 12.59 -12.99 -1.30
N MET A 69 11.60 -12.31 -0.74
CA MET A 69 11.85 -11.30 0.30
C MET A 69 12.66 -11.90 1.44
N THR A 70 12.53 -13.20 1.64
CA THR A 70 13.25 -13.89 2.70
C THR A 70 12.81 -13.39 4.08
N LYS A 71 11.50 -13.24 4.25
CA LYS A 71 10.95 -12.77 5.52
C LYS A 71 11.43 -11.35 5.84
N LYS A 72 10.55 -10.38 5.66
CA LYS A 72 10.88 -8.99 5.93
C LYS A 72 11.14 -8.77 7.42
N GLY A 73 10.12 -9.02 8.24
CA GLY A 73 10.26 -8.86 9.67
C GLY A 73 8.99 -8.33 10.32
N LYS A 74 8.46 -7.24 9.78
CA LYS A 74 7.25 -6.64 10.31
C LYS A 74 6.36 -6.12 9.19
N THR A 75 5.05 -6.22 9.37
CA THR A 75 4.09 -5.76 8.37
C THR A 75 4.16 -4.24 8.22
N LEU A 76 3.27 -3.70 7.39
CA LEU A 76 3.23 -2.27 7.14
C LEU A 76 1.85 -1.70 7.48
N MET A 77 1.82 -0.44 7.90
CA MET A 77 0.56 0.21 8.25
C MET A 77 0.72 1.73 8.23
N MET A 78 -0.06 2.39 7.37
CA MET A 78 0.00 3.84 7.25
C MET A 78 -1.36 4.40 6.87
N PHE A 79 -1.75 5.49 7.52
CA PHE A 79 -3.04 6.14 7.25
C PHE A 79 -2.91 7.66 7.34
N VAL A 80 -3.20 8.34 6.23
CA VAL A 80 -3.13 9.79 6.19
C VAL A 80 -4.04 10.35 5.10
N THR A 81 -4.76 11.42 5.44
CA THR A 81 -5.67 12.04 4.50
C THR A 81 -5.49 13.56 4.49
N VAL A 82 -4.47 14.03 3.79
CA VAL A 82 -4.19 15.46 3.71
C VAL A 82 -3.21 15.77 2.58
N SER A 83 -3.27 16.99 2.07
CA SER A 83 -2.40 17.41 0.98
C SER A 83 -0.94 17.39 1.42
N GLY A 84 -0.26 16.29 1.09
CA GLY A 84 1.14 16.16 1.46
C GLY A 84 1.32 15.65 2.87
N ASN A 85 2.56 15.31 3.22
CA ASN A 85 2.86 14.81 4.56
C ASN A 85 4.33 14.40 4.68
N PRO A 86 4.94 14.69 5.84
CA PRO A 86 6.34 14.37 6.10
C PRO A 86 6.59 12.87 6.22
N THR A 87 6.64 12.19 5.08
CA THR A 87 6.87 10.75 5.07
C THR A 87 7.38 10.28 3.71
N GLU A 88 8.00 11.20 2.97
CA GLU A 88 8.54 10.89 1.65
C GLU A 88 9.36 9.61 1.69
N LYS A 89 10.24 9.50 2.69
CA LYS A 89 11.08 8.33 2.84
C LYS A 89 10.27 7.12 3.27
N GLU A 90 9.21 7.36 4.03
CA GLU A 90 8.35 6.29 4.52
C GLU A 90 7.54 5.70 3.37
N THR A 91 7.22 6.52 2.38
CA THR A 91 6.45 6.08 1.23
C THR A 91 7.24 5.07 0.40
N GLU A 92 8.49 5.39 0.12
CA GLU A 92 9.35 4.52 -0.67
C GLU A 92 9.49 3.15 -0.01
N GLU A 93 9.40 3.13 1.32
CA GLU A 93 9.51 1.88 2.07
C GLU A 93 8.26 1.04 1.92
N ILE A 94 7.15 1.69 1.59
CA ILE A 94 5.88 1.00 1.40
C ILE A 94 6.04 -0.23 0.50
N THR A 95 6.53 0.02 -0.71
CA THR A 95 6.73 -1.06 -1.68
C THR A 95 7.54 -2.20 -1.07
N SER A 96 8.62 -1.86 -0.37
CA SER A 96 9.48 -2.85 0.25
C SER A 96 8.67 -3.73 1.21
N LEU A 97 8.10 -3.11 2.24
CA LEU A 97 7.31 -3.84 3.23
C LEU A 97 6.14 -4.55 2.56
N TRP A 98 5.65 -3.98 1.46
CA TRP A 98 4.53 -4.55 0.72
C TRP A 98 4.77 -6.04 0.44
N GLN A 99 6.03 -6.41 0.28
CA GLN A 99 6.39 -7.79 0.00
C GLN A 99 5.79 -8.73 1.04
N GLY A 100 5.84 -8.31 2.30
CA GLY A 100 5.30 -9.12 3.38
C GLY A 100 3.79 -9.18 3.35
N SER A 101 3.15 -8.02 3.36
CA SER A 101 1.70 -7.94 3.35
C SER A 101 1.13 -8.65 2.12
N LEU A 102 1.90 -8.66 1.04
CA LEU A 102 1.47 -9.31 -0.19
C LEU A 102 1.22 -10.80 0.03
N PHE A 103 2.15 -11.45 0.72
CA PHE A 103 2.03 -12.88 1.01
C PHE A 103 0.69 -13.19 1.65
N ASN A 104 0.16 -12.24 2.41
CA ASN A 104 -1.12 -12.41 3.08
C ASN A 104 -2.21 -12.78 2.08
N ALA A 105 -2.02 -12.37 0.83
CA ALA A 105 -2.98 -12.66 -0.22
C ALA A 105 -4.34 -12.02 0.08
N ASN A 106 -4.34 -11.04 0.99
CA ASN A 106 -5.56 -10.36 1.38
C ASN A 106 -5.27 -8.92 1.80
N TYR A 107 -4.15 -8.38 1.32
CA TYR A 107 -3.75 -7.02 1.64
C TYR A 107 -4.74 -6.01 1.05
N ASP A 108 -4.47 -4.73 1.29
CA ASP A 108 -5.33 -3.67 0.78
C ASP A 108 -4.52 -2.40 0.52
N VAL A 109 -4.53 -1.94 -0.73
CA VAL A 109 -3.80 -0.74 -1.10
C VAL A 109 -4.67 0.18 -1.96
N GLN A 110 -4.78 1.43 -1.55
CA GLN A 110 -5.58 2.41 -2.28
C GLN A 110 -4.79 3.69 -2.51
N ARG A 111 -4.83 4.17 -3.75
CA ARG A 111 -4.10 5.40 -4.12
C ARG A 111 -5.06 6.46 -4.62
N PHE A 112 -4.97 7.66 -4.05
CA PHE A 112 -5.84 8.77 -4.45
C PHE A 112 -5.01 10.02 -4.75
N ILE A 113 -5.32 10.66 -5.87
CA ILE A 113 -4.60 11.87 -6.26
C ILE A 113 -5.58 12.99 -6.62
N VAL A 114 -5.49 14.10 -5.90
CA VAL A 114 -6.36 15.24 -6.15
C VAL A 114 -5.63 16.56 -5.88
N GLY A 115 -5.94 17.57 -6.69
CA GLY A 115 -5.31 18.86 -6.53
C GLY A 115 -5.58 19.48 -5.17
N SER A 116 -6.60 18.96 -4.48
CA SER A 116 -6.97 19.47 -3.18
C SER A 116 -6.12 18.83 -2.07
N ASP A 117 -5.79 17.56 -2.27
CA ASP A 117 -4.98 16.83 -1.30
C ASP A 117 -4.71 15.40 -1.79
N ARG A 118 -4.06 14.61 -0.93
CA ARG A 118 -3.75 13.23 -1.28
C ARG A 118 -4.19 12.27 -0.17
N ALA A 119 -4.63 11.09 -0.56
CA ALA A 119 -5.08 10.09 0.39
C ALA A 119 -4.45 8.72 0.11
N ILE A 120 -3.72 8.20 1.10
CA ILE A 120 -3.06 6.91 0.96
C ILE A 120 -3.38 6.00 2.14
N PHE A 121 -3.89 4.82 1.85
CA PHE A 121 -4.23 3.85 2.88
C PHE A 121 -3.63 2.48 2.57
N MET A 122 -3.01 1.88 3.57
CA MET A 122 -2.39 0.57 3.41
C MET A 122 -2.41 -0.21 4.72
N LEU A 123 -2.78 -1.49 4.65
CA LEU A 123 -2.83 -2.33 5.84
C LEU A 123 -2.55 -3.79 5.48
N ARG A 124 -1.84 -4.49 6.36
CA ARG A 124 -1.51 -5.88 6.14
C ARG A 124 -2.75 -6.70 5.81
N ASP A 125 -3.89 -6.26 6.33
CA ASP A 125 -5.15 -6.95 6.08
C ASP A 125 -5.92 -6.30 4.94
N GLY A 126 -7.09 -6.85 4.63
CA GLY A 126 -7.90 -6.30 3.55
C GLY A 126 -9.31 -5.98 4.00
N SER A 127 -10.02 -6.99 4.49
CA SER A 127 -11.39 -6.81 4.95
C SER A 127 -11.49 -5.64 5.94
N TYR A 128 -10.68 -5.70 6.98
CA TYR A 128 -10.67 -4.65 8.00
C TYR A 128 -10.17 -3.33 7.42
N ALA A 129 -9.21 -3.41 6.50
CA ALA A 129 -8.66 -2.22 5.87
C ALA A 129 -9.70 -1.52 5.01
N TRP A 130 -10.63 -2.29 4.46
CA TRP A 130 -11.69 -1.74 3.62
C TRP A 130 -12.61 -0.84 4.43
N GLU A 131 -12.97 -1.28 5.63
CA GLU A 131 -13.85 -0.50 6.50
C GLU A 131 -13.17 0.78 6.95
N ILE A 132 -11.96 0.65 7.48
CA ILE A 132 -11.21 1.80 7.96
C ILE A 132 -10.84 2.73 6.80
N LYS A 133 -10.64 2.15 5.62
CA LYS A 133 -10.30 2.92 4.44
C LYS A 133 -11.28 4.07 4.23
N ASP A 134 -12.56 3.73 4.10
CA ASP A 134 -13.60 4.73 3.90
C ASP A 134 -13.60 5.75 5.03
N PHE A 135 -13.23 5.30 6.22
CA PHE A 135 -13.19 6.17 7.39
C PHE A 135 -12.06 7.18 7.29
N LEU A 136 -10.98 6.77 6.62
CA LEU A 136 -9.82 7.64 6.44
C LEU A 136 -10.20 8.90 5.66
N VAL A 137 -10.52 8.71 4.38
CA VAL A 137 -10.90 9.83 3.52
C VAL A 137 -12.00 10.66 4.16
N SER A 138 -12.83 10.02 4.97
CA SER A 138 -13.94 10.70 5.63
C SER A 138 -13.42 11.83 6.51
N GLN A 139 -12.22 11.66 7.05
CA GLN A 139 -11.61 12.67 7.91
C GLN A 139 -11.21 13.89 7.10
N ASP A 140 -10.42 13.69 6.06
CA ASP A 140 -9.97 14.78 5.20
C ASP A 140 -9.10 15.76 5.99
N ARG A 141 -8.49 15.27 7.06
CA ARG A 141 -7.64 16.10 7.89
C ARG A 141 -7.01 15.28 9.02
N CYS A 142 -6.29 14.23 8.63
CA CYS A 142 -5.63 13.36 9.60
C CYS A 142 -4.30 12.84 9.06
N ALA A 143 -3.33 12.68 9.94
CA ALA A 143 -2.01 12.19 9.54
C ALA A 143 -1.47 11.18 10.56
N GLU A 144 -1.22 9.97 10.09
CA GLU A 144 -0.72 8.91 10.97
C GLU A 144 0.15 7.93 10.18
N VAL A 145 1.20 7.43 10.81
CA VAL A 145 2.11 6.48 10.16
C VAL A 145 2.73 5.54 11.19
N THR A 146 2.72 4.24 10.90
CA THR A 146 3.30 3.25 11.79
C THR A 146 4.18 2.27 11.02
N LEU A 147 5.45 2.23 11.39
CA LEU A 147 6.41 1.34 10.75
C LEU A 147 7.44 0.82 11.75
N GLU A 148 7.53 -0.50 11.87
CA GLU A 148 8.48 -1.11 12.79
C GLU A 148 9.18 -2.30 12.13
N GLY A 149 10.08 -2.94 12.89
CA GLY A 149 10.80 -4.08 12.36
C GLY A 149 11.32 -5.00 13.46
N GLN A 150 10.59 -5.07 14.57
CA GLN A 150 10.98 -5.90 15.69
C GLN A 150 10.99 -7.38 15.31
N MET A 151 9.81 -7.96 15.23
CA MET A 151 9.66 -9.37 14.87
C MET A 151 8.21 -9.80 14.87
N TYR A 152 7.50 -9.52 13.78
CA TYR A 152 6.09 -9.87 13.66
C TYR A 152 5.60 -9.64 12.24
N PRO A 153 6.09 -10.45 11.30
CA PRO A 153 5.70 -10.36 9.89
C PRO A 153 4.27 -10.80 9.65
N GLY A 154 3.72 -10.42 8.50
CA GLY A 154 2.36 -10.78 8.17
C GLY A 154 2.27 -12.09 7.40
N LYS A 155 3.37 -12.46 6.74
CA LYS A 155 3.41 -13.69 5.97
C LYS A 155 2.97 -14.89 6.81
N GLY A 156 3.20 -14.80 8.12
CA GLY A 156 2.81 -15.86 9.02
C GLY A 156 4.01 -16.58 9.62
N GLY A 157 5.14 -15.89 9.66
CA GLY A 157 6.34 -16.47 10.23
C GLY A 157 7.59 -16.12 9.44
N GLY A 158 7.63 -16.53 8.18
CA GLY A 158 8.78 -16.25 7.35
C GLY A 158 9.22 -17.45 6.54
N SER A 159 8.66 -17.62 5.34
CA SER A 159 9.01 -18.74 4.49
C SER A 159 10.52 -18.84 4.30
N LYS A 160 11.16 -17.69 4.14
CA LYS A 160 12.61 -17.64 3.96
C LYS A 160 13.04 -18.47 2.75
N GLU A 161 13.16 -17.83 1.60
CA GLU A 161 13.56 -18.51 0.38
C GLU A 161 14.97 -18.11 -0.04
N LYS A 162 15.21 -16.81 -0.16
CA LYS A 162 16.52 -16.29 -0.54
C LYS A 162 17.00 -16.94 -1.83
N ASN A 163 16.09 -17.09 -2.80
CA ASN A 163 16.43 -17.69 -4.08
C ASN A 163 15.91 -16.83 -5.24
N LYS A 164 16.80 -16.52 -6.18
CA LYS A 164 16.44 -15.72 -7.33
C LYS A 164 15.20 -16.28 -8.03
N THR A 165 14.60 -15.48 -8.90
CA THR A 165 13.41 -15.90 -9.63
C THR A 165 13.42 -15.34 -11.05
N LYS A 166 13.99 -16.10 -11.98
CA LYS A 166 14.06 -15.69 -13.38
C LYS A 166 12.68 -15.72 -14.02
N PRO A 167 12.07 -16.92 -14.05
CA PRO A 167 10.74 -17.11 -14.63
C PRO A 167 9.64 -16.46 -13.81
N GLU A 168 9.85 -16.41 -12.49
CA GLU A 168 8.87 -15.82 -11.58
C GLU A 168 8.93 -14.29 -11.65
N LYS A 169 10.09 -13.77 -12.02
CA LYS A 169 10.29 -12.33 -12.12
C LYS A 169 9.22 -11.70 -13.01
N ALA A 170 8.96 -12.32 -14.16
CA ALA A 170 7.96 -11.82 -15.09
C ALA A 170 6.55 -12.18 -14.63
N LYS A 171 6.42 -13.31 -13.95
CA LYS A 171 5.13 -13.77 -13.45
C LYS A 171 4.45 -12.67 -12.64
N LYS A 172 5.22 -11.98 -11.81
CA LYS A 172 4.70 -10.91 -10.97
C LYS A 172 4.51 -9.63 -11.80
N LYS A 173 5.36 -9.46 -12.80
CA LYS A 173 5.29 -8.27 -13.66
C LYS A 173 3.97 -8.23 -14.42
N GLU A 174 3.54 -9.39 -14.91
CA GLU A 174 2.30 -9.49 -15.66
C GLU A 174 1.10 -9.20 -14.76
N GLY A 175 1.09 -9.80 -13.58
CA GLY A 175 0.00 -9.60 -12.64
C GLY A 175 -0.20 -10.80 -11.73
N ASP A 176 -0.73 -10.54 -10.54
CA ASP A 176 -0.98 -11.60 -9.57
C ASP A 176 -2.06 -12.55 -10.07
N PRO A 177 -3.27 -12.01 -10.29
CA PRO A 177 -4.41 -12.80 -10.77
C PRO A 177 -4.24 -13.26 -12.21
N LYS A 178 -3.85 -12.33 -13.08
CA LYS A 178 -3.64 -12.64 -14.48
C LYS A 178 -3.11 -11.43 -15.24
N PRO A 179 -2.46 -11.68 -16.38
CA PRO A 179 -1.88 -10.62 -17.21
C PRO A 179 -2.95 -9.78 -17.90
N ARG A 180 -3.46 -8.79 -17.18
CA ARG A 180 -4.48 -7.91 -17.72
C ARG A 180 -4.80 -6.77 -16.75
N ALA A 181 -3.83 -5.88 -16.54
CA ALA A 181 -4.01 -4.76 -15.63
C ALA A 181 -2.79 -3.84 -15.66
N SER A 182 -1.61 -4.43 -15.80
CA SER A 182 -0.37 -3.68 -15.83
C SER A 182 -0.45 -2.56 -16.87
N LYS A 183 -1.05 -2.86 -18.02
CA LYS A 183 -1.19 -1.89 -19.09
C LYS A 183 -2.09 -0.74 -18.66
N GLU A 184 -3.24 -1.08 -18.07
CA GLU A 184 -4.19 -0.06 -17.61
C GLU A 184 -3.52 0.91 -16.65
N ASP A 185 -2.94 0.38 -15.58
CA ASP A 185 -2.27 1.20 -14.58
C ASP A 185 -1.11 1.97 -15.20
N ASN A 186 -0.21 1.24 -15.86
CA ASN A 186 0.95 1.85 -16.50
C ASN A 186 0.53 3.00 -17.41
N ARG A 187 -0.58 2.81 -18.13
CA ARG A 187 -1.09 3.83 -19.03
C ARG A 187 -1.33 5.14 -18.29
N ALA A 188 -1.75 5.04 -17.04
CA ALA A 188 -2.01 6.23 -16.22
C ALA A 188 -0.74 7.05 -16.02
N GLY A 189 0.27 6.42 -15.45
CA GLY A 189 1.53 7.11 -15.21
C GLY A 189 1.39 8.22 -14.18
N SER A 190 2.03 8.06 -13.04
CA SER A 190 1.98 9.05 -11.97
C SER A 190 3.37 9.58 -11.65
N ARG A 191 3.47 10.34 -10.56
CA ARG A 191 4.75 10.91 -10.14
C ARG A 191 5.30 11.85 -11.20
N ARG A 192 4.87 13.11 -11.15
CA ARG A 192 5.32 14.10 -12.12
C ARG A 192 5.42 13.51 -13.52
N GLU A 193 4.43 12.70 -13.88
CA GLU A 193 4.41 12.06 -15.19
C GLU A 193 3.06 12.29 -15.88
N ASP A 194 2.02 11.72 -15.32
CA ASP A 194 0.67 11.86 -15.88
C ASP A 194 0.63 11.35 -17.32
N LEU A 195 1.00 10.08 -17.50
CA LEU A 195 1.01 9.48 -18.83
C LEU A 195 1.09 7.97 -18.74
N ALA A 1 -17.08 17.93 8.01
CA ALA A 1 -18.28 17.10 8.00
C ALA A 1 -17.99 15.72 7.44
N ASP A 2 -18.76 14.72 7.89
CA ASP A 2 -18.57 13.35 7.42
C ASP A 2 -19.70 12.95 6.48
N THR A 3 -19.38 12.09 5.51
CA THR A 3 -20.37 11.63 4.55
C THR A 3 -20.61 10.13 4.70
N PRO A 4 -21.85 9.70 4.44
CA PRO A 4 -22.23 8.28 4.52
C PRO A 4 -21.62 7.44 3.42
N GLY A 5 -21.48 6.15 3.68
CA GLY A 5 -20.91 5.26 2.69
C GLY A 5 -21.93 4.31 2.08
N GLU A 6 -22.34 4.60 0.85
CA GLU A 6 -23.33 3.78 0.17
C GLU A 6 -23.52 4.26 -1.28
N ALA A 7 -23.51 5.57 -1.47
CA ALA A 7 -23.68 6.15 -2.79
C ALA A 7 -22.35 6.64 -3.36
N THR A 8 -21.44 5.71 -3.62
CA THR A 8 -20.14 6.04 -4.16
C THR A 8 -19.86 5.29 -5.46
N PRO A 9 -19.10 5.93 -6.36
CA PRO A 9 -18.75 5.34 -7.66
C PRO A 9 -17.78 4.17 -7.52
N PRO A 10 -17.61 3.42 -8.61
CA PRO A 10 -16.69 2.27 -8.65
C PRO A 10 -15.24 2.68 -8.57
N PRO A 11 -14.35 1.70 -8.34
CA PRO A 11 -12.91 1.94 -8.24
C PRO A 11 -12.29 2.30 -9.59
N ARG A 12 -12.46 3.56 -9.99
CA ARG A 12 -11.92 4.03 -11.26
C ARG A 12 -10.40 3.99 -11.25
N LYS A 13 -9.81 4.24 -10.08
CA LYS A 13 -8.36 4.23 -9.94
C LYS A 13 -7.95 3.89 -8.51
N LYS A 14 -8.87 3.24 -7.79
CA LYS A 14 -8.60 2.85 -6.41
C LYS A 14 -7.72 1.61 -6.35
N LYS A 15 -8.19 0.52 -6.94
CA LYS A 15 -7.45 -0.73 -6.96
C LYS A 15 -6.65 -0.87 -8.26
N ASP A 16 -6.38 0.26 -8.90
CA ASP A 16 -5.62 0.28 -10.14
C ASP A 16 -4.12 0.27 -9.86
N ILE A 17 -3.67 1.20 -9.02
CA ILE A 17 -2.25 1.29 -8.67
C ILE A 17 -1.40 1.54 -9.91
N ARG A 18 -1.00 2.79 -10.10
CA ARG A 18 -0.18 3.16 -11.25
C ARG A 18 1.09 2.32 -11.30
N ASP A 19 1.24 1.56 -12.38
CA ASP A 19 2.41 0.71 -12.55
C ASP A 19 2.47 -0.36 -11.47
N TYR A 20 1.36 -0.56 -10.78
CA TYR A 20 1.28 -1.54 -9.70
C TYR A 20 2.45 -1.39 -8.73
N ASN A 21 2.90 -0.15 -8.56
CA ASN A 21 4.01 0.14 -7.66
C ASN A 21 4.31 1.64 -7.63
N ASP A 22 4.14 2.30 -8.78
CA ASP A 22 4.39 3.73 -8.89
C ASP A 22 3.52 4.51 -7.91
N ALA A 23 2.44 3.88 -7.46
CA ALA A 23 1.52 4.51 -6.51
C ALA A 23 2.28 5.11 -5.33
N ASP A 24 3.03 4.28 -4.63
CA ASP A 24 3.81 4.72 -3.48
C ASP A 24 4.80 5.81 -3.88
N MET A 25 5.42 5.64 -5.05
CA MET A 25 6.39 6.61 -5.54
C MET A 25 5.74 7.99 -5.74
N ALA A 26 4.54 7.99 -6.29
CA ALA A 26 3.81 9.22 -6.52
C ALA A 26 3.75 10.08 -5.26
N ARG A 27 3.55 9.43 -4.12
CA ARG A 27 3.47 10.11 -2.84
C ARG A 27 4.70 11.00 -2.63
N LEU A 28 5.86 10.50 -3.03
CA LEU A 28 7.11 11.25 -2.88
C LEU A 28 6.97 12.66 -3.43
N LEU A 29 6.14 12.80 -4.47
CA LEU A 29 5.92 14.11 -5.10
C LEU A 29 5.33 15.09 -4.09
N GLU A 30 4.42 14.61 -3.26
CA GLU A 30 3.77 15.44 -2.25
C GLU A 30 4.77 15.86 -1.18
N GLN A 31 5.85 15.10 -1.04
CA GLN A 31 6.88 15.40 -0.06
C GLN A 31 7.34 16.85 -0.17
N TRP A 32 7.46 17.34 -1.41
CA TRP A 32 7.89 18.71 -1.64
C TRP A 32 6.79 19.70 -1.24
N GLU A 33 5.55 19.32 -1.47
CA GLU A 33 4.41 20.17 -1.12
C GLU A 33 4.24 20.27 0.39
N LYS A 34 4.64 19.21 1.09
CA LYS A 34 4.53 19.17 2.54
C LYS A 34 5.52 20.14 3.19
N ASP A 35 6.57 20.49 2.46
CA ASP A 35 7.58 21.41 2.97
C ASP A 35 6.95 22.74 3.37
N ASP A 36 6.07 23.25 2.51
CA ASP A 36 5.41 24.52 2.78
C ASP A 36 4.09 24.29 3.52
N ASP A 37 3.40 23.21 3.17
CA ASP A 37 2.12 22.88 3.80
C ASP A 37 2.34 22.44 5.24
N ILE A 38 2.90 21.25 5.41
CA ILE A 38 3.15 20.71 6.75
C ILE A 38 1.85 20.47 7.49
N GLU A 39 1.33 19.25 7.37
CA GLU A 39 0.08 18.89 8.04
C GLU A 39 0.36 18.11 9.32
N GLU A 40 0.78 16.86 9.16
CA GLU A 40 1.09 16.01 10.32
C GLU A 40 1.71 14.69 9.87
N GLY A 41 1.81 13.74 10.79
CA GLY A 41 2.39 12.45 10.47
C GLY A 41 3.51 12.06 11.42
N ASP A 42 3.25 12.20 12.72
CA ASP A 42 4.24 11.86 13.74
C ASP A 42 3.88 10.55 14.43
N LEU A 43 4.39 9.45 13.89
CA LEU A 43 4.13 8.12 14.45
C LEU A 43 5.29 7.17 14.18
N PRO A 44 6.36 7.31 14.98
CA PRO A 44 7.55 6.46 14.84
C PRO A 44 7.29 5.02 15.26
N GLU A 45 6.32 4.84 16.15
CA GLU A 45 5.98 3.50 16.64
C GLU A 45 7.21 2.78 17.17
N HIS A 46 7.48 2.94 18.46
CA HIS A 46 8.63 2.30 19.09
C HIS A 46 8.65 0.81 18.80
N LYS A 47 7.51 0.15 18.99
CA LYS A 47 7.40 -1.28 18.74
C LYS A 47 6.16 -1.60 17.91
N ARG A 48 4.99 -1.52 18.54
CA ARG A 48 3.74 -1.80 17.85
C ARG A 48 3.80 -3.14 17.11
N PRO A 49 3.76 -4.23 17.88
CA PRO A 49 3.80 -5.59 17.32
C PRO A 49 2.54 -5.95 16.54
N SER A 50 2.71 -6.47 15.34
CA SER A 50 1.58 -6.86 14.50
C SER A 50 1.50 -8.37 14.36
N ALA A 51 0.27 -8.90 14.40
CA ALA A 51 0.05 -10.33 14.27
C ALA A 51 -0.82 -10.66 13.06
N PRO A 52 -0.77 -11.92 12.62
CA PRO A 52 -1.55 -12.38 11.46
C PRO A 52 -3.04 -12.43 11.75
N ILE A 53 -3.80 -11.56 11.10
CA ILE A 53 -5.24 -11.52 11.28
C ILE A 53 -5.96 -11.21 9.97
N ASP A 54 -5.78 -12.09 9.00
CA ASP A 54 -6.41 -11.91 7.68
C ASP A 54 -7.32 -13.09 7.36
N PHE A 55 -7.95 -13.04 6.19
CA PHE A 55 -8.85 -14.10 5.77
C PHE A 55 -8.16 -15.05 4.79
N SER A 56 -7.39 -14.47 3.87
CA SER A 56 -6.67 -15.25 2.86
C SER A 56 -7.61 -16.26 2.21
N LYS A 57 -8.66 -15.75 1.57
CA LYS A 57 -9.63 -16.61 0.88
C LYS A 57 -9.87 -16.11 -0.54
N LEU A 58 -8.89 -15.43 -1.10
CA LEU A 58 -9.00 -14.90 -2.46
C LEU A 58 -8.48 -15.92 -3.48
N ASP A 59 -7.17 -16.06 -3.55
CA ASP A 59 -6.54 -17.00 -4.47
C ASP A 59 -6.10 -18.27 -3.75
N PRO A 60 -5.91 -19.35 -4.53
CA PRO A 60 -5.49 -20.64 -3.97
C PRO A 60 -4.05 -20.61 -3.46
N GLY A 61 -3.15 -20.09 -4.28
CA GLY A 61 -1.74 -20.02 -3.89
C GLY A 61 -1.05 -18.81 -4.48
N LYS A 62 0.21 -18.99 -4.88
CA LYS A 62 1.00 -17.91 -5.46
C LYS A 62 2.16 -18.46 -6.28
N PRO A 63 2.65 -17.65 -7.23
CA PRO A 63 3.77 -18.04 -8.10
C PRO A 63 5.08 -18.13 -7.35
N GLU A 64 6.12 -18.60 -8.03
CA GLU A 64 7.44 -18.74 -7.42
C GLU A 64 8.03 -17.37 -7.09
N SER A 65 7.56 -16.34 -7.79
CA SER A 65 8.04 -14.99 -7.57
C SER A 65 7.81 -14.56 -6.12
N ILE A 66 6.90 -15.24 -5.45
CA ILE A 66 6.58 -14.92 -4.05
C ILE A 66 7.82 -15.05 -3.18
N LEU A 67 8.82 -15.77 -3.66
CA LEU A 67 10.05 -15.98 -2.91
C LEU A 67 10.75 -14.64 -2.64
N LYS A 68 10.39 -13.63 -3.43
CA LYS A 68 10.97 -12.30 -3.27
C LYS A 68 10.76 -11.77 -1.85
N MET A 69 9.75 -12.31 -1.18
CA MET A 69 9.45 -11.89 0.19
C MET A 69 10.67 -12.02 1.08
N THR A 70 11.49 -13.04 0.82
CA THR A 70 12.70 -13.27 1.59
C THR A 70 12.46 -12.98 3.07
N LYS A 71 11.31 -13.40 3.58
CA LYS A 71 10.96 -13.19 4.98
C LYS A 71 10.88 -11.69 5.30
N LYS A 72 9.65 -11.19 5.44
CA LYS A 72 9.42 -9.79 5.75
C LYS A 72 9.91 -9.45 7.16
N GLY A 73 9.36 -10.14 8.16
CA GLY A 73 9.75 -9.89 9.53
C GLY A 73 8.74 -9.05 10.28
N LYS A 74 8.13 -8.10 9.59
CA LYS A 74 7.15 -7.21 10.20
C LYS A 74 6.11 -6.76 9.17
N THR A 75 4.87 -6.59 9.61
CA THR A 75 3.80 -6.16 8.72
C THR A 75 3.93 -4.67 8.41
N LEU A 76 2.93 -4.13 7.71
CA LEU A 76 2.93 -2.72 7.34
C LEU A 76 1.52 -2.13 7.45
N MET A 77 1.44 -0.89 7.92
CA MET A 77 0.15 -0.21 8.06
C MET A 77 0.34 1.31 8.16
N MET A 78 -0.24 2.03 7.22
CA MET A 78 -0.14 3.47 7.19
C MET A 78 -1.43 4.11 6.68
N PHE A 79 -1.80 5.25 7.25
CA PHE A 79 -3.02 5.95 6.86
C PHE A 79 -2.81 7.46 6.91
N VAL A 80 -2.97 8.11 5.75
CA VAL A 80 -2.79 9.56 5.65
C VAL A 80 -3.66 10.13 4.54
N THR A 81 -4.31 11.26 4.83
CA THR A 81 -5.16 11.92 3.85
C THR A 81 -5.06 13.43 3.95
N VAL A 82 -4.06 14.00 3.27
CA VAL A 82 -3.86 15.44 3.27
C VAL A 82 -2.80 15.85 2.25
N SER A 83 -2.86 17.10 1.81
CA SER A 83 -1.92 17.62 0.83
C SER A 83 -0.52 17.73 1.44
N GLY A 84 0.33 16.77 1.11
CA GLY A 84 1.69 16.77 1.64
C GLY A 84 1.80 16.09 2.98
N ASN A 85 2.91 15.40 3.20
CA ASN A 85 3.14 14.69 4.46
C ASN A 85 4.50 14.01 4.47
N PRO A 86 5.18 14.09 5.62
CA PRO A 86 6.51 13.49 5.80
C PRO A 86 6.46 11.97 5.80
N THR A 87 6.57 11.37 4.62
CA THR A 87 6.54 9.91 4.49
C THR A 87 7.23 9.46 3.21
N GLU A 88 8.11 10.30 2.68
CA GLU A 88 8.83 9.98 1.46
C GLU A 88 9.58 8.68 1.60
N LYS A 89 10.31 8.53 2.70
CA LYS A 89 11.09 7.32 2.95
C LYS A 89 10.18 6.14 3.27
N GLU A 90 9.02 6.44 3.86
CA GLU A 90 8.06 5.40 4.22
C GLU A 90 7.41 4.82 2.96
N THR A 91 7.01 5.70 2.04
CA THR A 91 6.37 5.26 0.80
C THR A 91 7.20 4.21 0.09
N GLU A 92 8.50 4.48 -0.05
CA GLU A 92 9.40 3.54 -0.72
C GLU A 92 9.48 2.23 0.04
N GLU A 93 9.25 2.30 1.35
CA GLU A 93 9.29 1.11 2.19
C GLU A 93 8.00 0.31 2.09
N ILE A 94 6.92 1.00 1.71
CA ILE A 94 5.62 0.37 1.58
C ILE A 94 5.71 -0.92 0.76
N THR A 95 6.25 -0.79 -0.46
CA THR A 95 6.40 -1.94 -1.35
C THR A 95 7.22 -3.04 -0.69
N SER A 96 8.28 -2.65 0.00
CA SER A 96 9.14 -3.60 0.68
C SER A 96 8.36 -4.40 1.71
N LEU A 97 7.61 -3.70 2.55
CA LEU A 97 6.82 -4.35 3.59
C LEU A 97 5.63 -5.10 2.99
N TRP A 98 5.15 -4.61 1.86
CA TRP A 98 4.02 -5.23 1.18
C TRP A 98 4.27 -6.72 0.97
N GLN A 99 5.53 -7.09 0.82
CA GLN A 99 5.91 -8.48 0.61
C GLN A 99 5.29 -9.38 1.69
N GLY A 100 5.34 -8.91 2.93
CA GLY A 100 4.78 -9.68 4.04
C GLY A 100 3.27 -9.73 3.99
N SER A 101 2.64 -8.61 3.63
CA SER A 101 1.19 -8.53 3.56
C SER A 101 0.66 -9.35 2.40
N LEU A 102 1.46 -9.47 1.35
CA LEU A 102 1.07 -10.24 0.18
C LEU A 102 0.78 -11.69 0.53
N PHE A 103 1.52 -12.21 1.51
CA PHE A 103 1.35 -13.58 1.96
C PHE A 103 -0.10 -13.85 2.36
N ASN A 104 -0.77 -12.80 2.85
CA ASN A 104 -2.15 -12.92 3.29
C ASN A 104 -3.07 -13.19 2.11
N ALA A 105 -2.60 -12.86 0.91
CA ALA A 105 -3.38 -13.08 -0.31
C ALA A 105 -4.65 -12.24 -0.30
N ASN A 106 -4.64 -11.16 0.49
CA ASN A 106 -5.80 -10.28 0.59
C ASN A 106 -5.36 -8.85 0.89
N TYR A 107 -4.18 -8.48 0.41
CA TYR A 107 -3.64 -7.14 0.64
C TYR A 107 -4.66 -6.08 0.23
N ASP A 108 -4.40 -4.84 0.65
CA ASP A 108 -5.29 -3.73 0.34
C ASP A 108 -4.52 -2.42 0.24
N VAL A 109 -4.58 -1.79 -0.94
CA VAL A 109 -3.88 -0.53 -1.16
C VAL A 109 -4.62 0.33 -2.18
N GLN A 110 -4.91 1.57 -1.79
CA GLN A 110 -5.62 2.50 -2.68
C GLN A 110 -4.89 3.84 -2.75
N ARG A 111 -4.69 4.32 -3.98
CA ARG A 111 -4.00 5.58 -4.19
C ARG A 111 -4.91 6.58 -4.91
N PHE A 112 -5.17 7.71 -4.27
CA PHE A 112 -6.03 8.74 -4.84
C PHE A 112 -5.44 10.12 -4.61
N ILE A 113 -5.60 11.00 -5.59
CA ILE A 113 -5.10 12.37 -5.48
C ILE A 113 -5.96 13.35 -6.27
N VAL A 114 -6.32 14.45 -5.64
CA VAL A 114 -7.15 15.47 -6.29
C VAL A 114 -6.53 16.86 -6.14
N GLY A 115 -6.22 17.49 -7.26
CA GLY A 115 -5.63 18.82 -7.23
C GLY A 115 -4.31 18.84 -6.50
N SER A 116 -4.35 19.23 -5.22
CA SER A 116 -3.14 19.30 -4.42
C SER A 116 -3.23 18.36 -3.22
N ASP A 117 -4.40 17.76 -3.03
CA ASP A 117 -4.62 16.84 -1.92
C ASP A 117 -4.08 15.45 -2.25
N ARG A 118 -3.56 14.77 -1.22
CA ARG A 118 -3.01 13.43 -1.41
C ARG A 118 -3.47 12.50 -0.29
N ALA A 119 -4.16 11.43 -0.66
CA ALA A 119 -4.65 10.46 0.31
C ALA A 119 -4.34 9.04 -0.13
N ILE A 120 -3.93 8.20 0.82
CA ILE A 120 -3.60 6.82 0.53
C ILE A 120 -3.88 5.92 1.73
N PHE A 121 -4.37 4.71 1.46
CA PHE A 121 -4.68 3.76 2.53
C PHE A 121 -4.05 2.40 2.24
N MET A 122 -3.19 1.95 3.15
CA MET A 122 -2.52 0.66 2.99
C MET A 122 -2.58 -0.13 4.29
N LEU A 123 -3.03 -1.38 4.18
CA LEU A 123 -3.13 -2.26 5.35
C LEU A 123 -2.96 -3.71 4.95
N ARG A 124 -2.30 -4.49 5.82
CA ARG A 124 -2.07 -5.90 5.56
C ARG A 124 -3.38 -6.67 5.55
N ASP A 125 -4.45 -6.02 6.00
CA ASP A 125 -5.77 -6.65 6.05
C ASP A 125 -6.46 -6.57 4.69
N GLY A 126 -7.73 -6.94 4.65
CA GLY A 126 -8.48 -6.91 3.42
C GLY A 126 -9.79 -6.16 3.55
N SER A 127 -10.86 -6.89 3.87
CA SER A 127 -12.18 -6.28 4.03
C SER A 127 -12.17 -5.24 5.15
N TYR A 128 -11.32 -5.46 6.15
CA TYR A 128 -11.22 -4.54 7.27
C TYR A 128 -10.63 -3.21 6.84
N ALA A 129 -9.65 -3.26 5.94
CA ALA A 129 -9.01 -2.06 5.44
C ALA A 129 -9.97 -1.26 4.55
N TRP A 130 -10.77 -1.96 3.77
CA TRP A 130 -11.73 -1.32 2.87
C TRP A 130 -12.67 -0.41 3.65
N GLU A 131 -13.24 -0.94 4.73
CA GLU A 131 -14.15 -0.16 5.56
C GLU A 131 -13.48 1.09 6.10
N ILE A 132 -12.35 0.90 6.79
CA ILE A 132 -11.61 2.01 7.37
C ILE A 132 -11.18 3.00 6.28
N LYS A 133 -10.95 2.49 5.07
CA LYS A 133 -10.54 3.32 3.95
C LYS A 133 -11.47 4.51 3.78
N ASP A 134 -12.72 4.24 3.42
CA ASP A 134 -13.72 5.29 3.23
C ASP A 134 -13.78 6.20 4.45
N PHE A 135 -13.54 5.63 5.63
CA PHE A 135 -13.57 6.38 6.87
C PHE A 135 -12.40 7.35 6.95
N LEU A 136 -11.27 6.93 6.41
CA LEU A 136 -10.06 7.77 6.43
C LEU A 136 -10.23 8.97 5.51
N VAL A 137 -10.37 8.72 4.21
CA VAL A 137 -10.54 9.79 3.24
C VAL A 137 -11.67 10.73 3.65
N SER A 138 -12.65 10.20 4.35
CA SER A 138 -13.78 11.00 4.82
C SER A 138 -13.30 12.19 5.63
N GLN A 139 -12.23 12.00 6.39
CA GLN A 139 -11.67 13.07 7.22
C GLN A 139 -11.04 14.16 6.35
N ASP A 140 -10.10 13.75 5.50
CA ASP A 140 -9.42 14.69 4.61
C ASP A 140 -8.61 15.71 5.42
N ARG A 141 -7.98 15.24 6.49
CA ARG A 141 -7.18 16.10 7.35
C ARG A 141 -6.53 15.31 8.47
N CYS A 142 -5.99 14.15 8.13
CA CYS A 142 -5.33 13.29 9.12
C CYS A 142 -4.06 12.67 8.54
N ALA A 143 -3.06 12.50 9.40
CA ALA A 143 -1.79 11.92 8.98
C ALA A 143 -1.26 10.95 10.02
N GLU A 144 -1.08 9.69 9.62
CA GLU A 144 -0.59 8.66 10.52
C GLU A 144 0.20 7.60 9.75
N VAL A 145 1.24 7.07 10.38
CA VAL A 145 2.07 6.04 9.76
C VAL A 145 2.66 5.11 10.81
N THR A 146 2.47 3.80 10.61
CA THR A 146 2.99 2.81 11.54
C THR A 146 3.97 1.87 10.84
N LEU A 147 5.21 1.85 11.31
CA LEU A 147 6.24 0.99 10.73
C LEU A 147 7.28 0.61 11.77
N GLU A 148 7.42 -0.69 12.02
CA GLU A 148 8.38 -1.17 13.00
C GLU A 148 8.74 -2.63 12.72
N GLY A 149 9.98 -3.00 13.01
CA GLY A 149 10.43 -4.36 12.79
C GLY A 149 10.52 -5.16 14.08
N GLN A 150 9.37 -5.58 14.60
CA GLN A 150 9.34 -6.35 15.84
C GLN A 150 10.03 -7.70 15.66
N MET A 151 9.34 -8.65 15.06
CA MET A 151 9.90 -9.98 14.82
C MET A 151 8.85 -10.90 14.20
N TYR A 152 7.58 -10.67 14.53
CA TYR A 152 6.50 -11.48 14.00
C TYR A 152 5.77 -10.75 12.87
N PRO A 153 6.08 -11.13 11.63
CA PRO A 153 5.48 -10.53 10.43
C PRO A 153 4.01 -10.91 10.29
N GLY A 154 3.45 -10.65 9.10
CA GLY A 154 2.06 -10.98 8.85
C GLY A 154 1.88 -12.38 8.29
N LYS A 155 2.92 -12.89 7.64
CA LYS A 155 2.87 -14.23 7.05
C LYS A 155 2.42 -15.25 8.09
N GLY A 156 2.75 -15.01 9.35
CA GLY A 156 2.36 -15.92 10.41
C GLY A 156 3.55 -16.66 11.00
N GLY A 157 4.73 -16.02 10.95
CA GLY A 157 5.93 -16.64 11.49
C GLY A 157 7.17 -16.24 10.74
N GLY A 158 7.28 -16.70 9.49
CA GLY A 158 8.43 -16.37 8.68
C GLY A 158 8.68 -17.39 7.58
N SER A 159 8.37 -17.01 6.34
CA SER A 159 8.55 -17.89 5.21
C SER A 159 10.04 -18.11 4.92
N LYS A 160 10.73 -17.04 4.56
CA LYS A 160 12.16 -17.11 4.25
C LYS A 160 12.42 -18.00 3.04
N GLU A 161 12.61 -17.37 1.89
CA GLU A 161 12.86 -18.12 0.65
C GLU A 161 14.27 -17.81 0.12
N LYS A 162 14.55 -16.54 -0.08
CA LYS A 162 15.86 -16.11 -0.59
C LYS A 162 16.20 -16.84 -1.89
N ASN A 163 15.75 -16.28 -3.00
CA ASN A 163 16.00 -16.87 -4.31
C ASN A 163 16.08 -15.80 -5.39
N LYS A 164 16.80 -16.10 -6.47
CA LYS A 164 16.94 -15.15 -7.57
C LYS A 164 15.84 -15.34 -8.61
N THR A 165 15.06 -14.30 -8.84
CA THR A 165 13.97 -14.36 -9.80
C THR A 165 13.92 -13.09 -10.64
N LYS A 166 14.64 -13.11 -11.77
CA LYS A 166 14.67 -11.97 -12.68
C LYS A 166 13.34 -11.79 -13.39
N PRO A 167 12.93 -12.82 -14.16
CA PRO A 167 11.68 -12.80 -14.90
C PRO A 167 10.45 -12.88 -13.99
N GLU A 168 10.61 -13.57 -12.86
CA GLU A 168 9.52 -13.73 -11.90
C GLU A 168 9.32 -12.44 -11.11
N LYS A 169 10.36 -11.63 -11.01
CA LYS A 169 10.30 -10.37 -10.29
C LYS A 169 9.22 -9.46 -10.87
N ALA A 170 9.27 -9.25 -12.17
CA ALA A 170 8.30 -8.41 -12.87
C ALA A 170 6.92 -9.03 -12.83
N LYS A 171 6.88 -10.36 -12.88
CA LYS A 171 5.62 -11.10 -12.87
C LYS A 171 4.74 -10.65 -11.70
N LYS A 172 5.34 -10.56 -10.51
CA LYS A 172 4.61 -10.15 -9.32
C LYS A 172 4.19 -8.68 -9.43
N LYS A 173 5.02 -7.89 -10.10
CA LYS A 173 4.73 -6.46 -10.27
C LYS A 173 3.55 -6.25 -11.20
N GLU A 174 3.31 -7.23 -12.08
CA GLU A 174 2.20 -7.15 -13.02
C GLU A 174 0.86 -7.36 -12.31
N GLY A 175 0.87 -8.21 -11.30
CA GLY A 175 -0.35 -8.47 -10.55
C GLY A 175 -0.62 -9.96 -10.38
N ASP A 176 -0.44 -10.45 -9.16
CA ASP A 176 -0.66 -11.86 -8.86
C ASP A 176 -2.14 -12.21 -8.95
N PRO A 177 -2.95 -11.55 -8.12
CA PRO A 177 -4.40 -11.78 -8.09
C PRO A 177 -5.10 -11.26 -9.33
N LYS A 178 -4.63 -10.12 -9.84
CA LYS A 178 -5.21 -9.51 -11.03
C LYS A 178 -4.11 -9.14 -12.03
N PRO A 179 -3.56 -10.16 -12.70
CA PRO A 179 -2.50 -9.96 -13.70
C PRO A 179 -3.01 -9.28 -14.96
N ARG A 180 -2.10 -8.99 -15.88
CA ARG A 180 -2.47 -8.33 -17.14
C ARG A 180 -3.28 -7.07 -16.88
N ALA A 181 -2.70 -6.15 -16.11
CA ALA A 181 -3.37 -4.89 -15.78
C ALA A 181 -2.37 -3.77 -15.56
N SER A 182 -1.31 -4.08 -14.80
CA SER A 182 -0.28 -3.10 -14.50
C SER A 182 0.24 -2.44 -15.78
N LYS A 183 0.39 -3.25 -16.83
CA LYS A 183 0.87 -2.74 -18.12
C LYS A 183 0.06 -1.53 -18.56
N GLU A 184 -1.25 -1.59 -18.35
CA GLU A 184 -2.14 -0.50 -18.74
C GLU A 184 -1.92 0.72 -17.84
N ASP A 185 -1.99 0.50 -16.52
CA ASP A 185 -1.81 1.58 -15.57
C ASP A 185 -0.51 2.34 -15.85
N ASN A 186 0.59 1.60 -15.89
CA ASN A 186 1.89 2.22 -16.15
C ASN A 186 1.87 3.05 -17.43
N ARG A 187 1.18 2.54 -18.44
CA ARG A 187 1.07 3.24 -19.72
C ARG A 187 0.18 4.47 -19.59
N ALA A 188 -0.69 4.47 -18.59
CA ALA A 188 -1.60 5.58 -18.36
C ALA A 188 -0.82 6.86 -18.10
N GLY A 189 -0.11 6.90 -16.97
CA GLY A 189 0.66 8.08 -16.61
C GLY A 189 0.90 8.18 -15.13
N SER A 190 2.10 7.78 -14.70
CA SER A 190 2.46 7.82 -13.28
C SER A 190 3.68 8.71 -13.07
N ARG A 191 4.19 8.73 -11.84
CA ARG A 191 5.35 9.54 -11.49
C ARG A 191 5.04 11.03 -11.66
N ARG A 192 4.55 11.65 -10.60
CA ARG A 192 4.22 13.06 -10.63
C ARG A 192 3.57 13.44 -11.96
N GLU A 193 2.68 12.58 -12.45
CA GLU A 193 2.00 12.83 -13.71
C GLU A 193 0.49 12.65 -13.55
N ASP A 194 0.08 11.44 -13.20
CA ASP A 194 -1.33 11.13 -13.01
C ASP A 194 -2.11 11.34 -14.31
N LEU A 195 -1.58 10.79 -15.41
CA LEU A 195 -2.21 10.92 -16.71
C LEU A 195 -2.91 9.63 -17.10
N ALA A 1 -15.55 11.52 14.32
CA ALA A 1 -16.90 11.88 13.92
C ALA A 1 -17.05 11.83 12.41
N ASP A 2 -17.40 10.66 11.88
CA ASP A 2 -17.58 10.48 10.45
C ASP A 2 -19.06 10.33 10.09
N THR A 3 -19.41 10.67 8.86
CA THR A 3 -20.79 10.57 8.40
C THR A 3 -21.03 9.26 7.68
N PRO A 4 -22.28 8.77 7.72
CA PRO A 4 -22.68 7.52 7.07
C PRO A 4 -22.66 7.62 5.55
N GLY A 5 -22.13 6.60 4.90
CA GLY A 5 -22.07 6.60 3.45
C GLY A 5 -23.26 5.90 2.82
N GLU A 6 -23.13 4.60 2.59
CA GLU A 6 -24.21 3.81 1.99
C GLU A 6 -24.52 4.32 0.58
N ALA A 7 -23.53 4.89 -0.08
CA ALA A 7 -23.69 5.41 -1.43
C ALA A 7 -22.34 5.75 -2.06
N THR A 8 -21.31 5.02 -1.66
CA THR A 8 -19.97 5.24 -2.19
C THR A 8 -19.87 4.82 -3.65
N PRO A 9 -19.09 5.58 -4.44
CA PRO A 9 -18.91 5.31 -5.87
C PRO A 9 -18.08 4.05 -6.11
N PRO A 10 -18.08 3.58 -7.36
CA PRO A 10 -17.33 2.37 -7.75
C PRO A 10 -15.82 2.59 -7.71
N PRO A 11 -15.06 1.48 -7.81
CA PRO A 11 -13.59 1.52 -7.79
C PRO A 11 -13.02 2.14 -9.05
N ARG A 12 -13.02 3.47 -9.11
CA ARG A 12 -12.49 4.19 -10.26
C ARG A 12 -10.98 4.05 -10.35
N LYS A 13 -10.32 4.10 -9.19
CA LYS A 13 -8.87 3.98 -9.13
C LYS A 13 -8.43 3.38 -7.78
N LYS A 14 -9.33 2.62 -7.16
CA LYS A 14 -9.03 2.00 -5.88
C LYS A 14 -8.12 0.78 -6.07
N LYS A 15 -8.59 -0.19 -6.85
CA LYS A 15 -7.83 -1.40 -7.11
C LYS A 15 -6.99 -1.25 -8.38
N ASP A 16 -6.82 -0.01 -8.82
CA ASP A 16 -6.03 0.28 -10.02
C ASP A 16 -4.54 0.19 -9.72
N ILE A 17 -4.08 1.00 -8.79
CA ILE A 17 -2.67 1.02 -8.41
C ILE A 17 -1.79 1.37 -9.61
N ARG A 18 -1.34 2.62 -9.66
CA ARG A 18 -0.49 3.07 -10.75
C ARG A 18 0.72 2.16 -10.92
N ASP A 19 0.81 1.51 -12.07
CA ASP A 19 1.91 0.60 -12.36
C ASP A 19 2.00 -0.50 -11.30
N TYR A 20 0.90 -0.71 -10.58
CA TYR A 20 0.86 -1.72 -9.54
C TYR A 20 2.07 -1.60 -8.61
N ASN A 21 2.58 -0.39 -8.46
CA ASN A 21 3.73 -0.14 -7.61
C ASN A 21 4.11 1.33 -7.62
N ASP A 22 4.02 1.95 -8.80
CA ASP A 22 4.34 3.37 -8.95
C ASP A 22 3.49 4.23 -8.03
N ALA A 23 2.38 3.67 -7.57
CA ALA A 23 1.48 4.39 -6.67
C ALA A 23 2.25 5.05 -5.53
N ASP A 24 2.97 4.24 -4.78
CA ASP A 24 3.76 4.75 -3.65
C ASP A 24 4.62 5.93 -4.07
N MET A 25 5.18 5.84 -5.27
CA MET A 25 6.04 6.91 -5.80
C MET A 25 5.24 8.20 -5.96
N ALA A 26 3.99 8.07 -6.36
CA ALA A 26 3.11 9.23 -6.54
C ALA A 26 3.10 10.11 -5.30
N ARG A 27 3.14 9.47 -4.13
CA ARG A 27 3.12 10.20 -2.87
C ARG A 27 4.25 11.20 -2.80
N LEU A 28 5.41 10.82 -3.33
CA LEU A 28 6.59 11.68 -3.33
C LEU A 28 6.24 13.06 -3.87
N LEU A 29 5.31 13.11 -4.83
CA LEU A 29 4.89 14.37 -5.42
C LEU A 29 4.29 15.30 -4.37
N GLU A 30 3.55 14.72 -3.44
CA GLU A 30 2.92 15.49 -2.37
C GLU A 30 3.97 16.07 -1.43
N GLN A 31 5.14 15.45 -1.40
CA GLN A 31 6.22 15.91 -0.54
C GLN A 31 6.50 17.40 -0.75
N TRP A 32 6.46 17.82 -2.01
CA TRP A 32 6.70 19.22 -2.34
C TRP A 32 5.62 20.12 -1.75
N GLU A 33 4.37 19.69 -1.87
CA GLU A 33 3.25 20.45 -1.35
C GLU A 33 3.23 20.44 0.17
N LYS A 34 3.84 19.40 0.76
CA LYS A 34 3.90 19.27 2.21
C LYS A 34 4.63 20.46 2.84
N ASP A 35 5.77 20.80 2.28
CA ASP A 35 6.56 21.93 2.78
C ASP A 35 5.68 23.16 2.96
N ASP A 36 4.66 23.28 2.13
CA ASP A 36 3.75 24.42 2.20
C ASP A 36 2.57 24.12 3.13
N ASP A 37 1.95 22.95 2.93
CA ASP A 37 0.81 22.54 3.75
C ASP A 37 1.25 22.26 5.18
N ILE A 38 1.97 21.15 5.36
CA ILE A 38 2.44 20.77 6.69
C ILE A 38 1.28 20.47 7.63
N GLU A 39 0.89 19.20 7.67
CA GLU A 39 -0.22 18.78 8.54
C GLU A 39 0.28 17.90 9.67
N GLU A 40 0.70 16.69 9.33
CA GLU A 40 1.21 15.75 10.33
C GLU A 40 1.64 14.43 9.67
N GLY A 41 1.87 13.42 10.50
CA GLY A 41 2.28 12.13 9.98
C GLY A 41 2.09 11.01 10.98
N ASP A 42 2.45 11.27 12.23
CA ASP A 42 2.32 10.27 13.29
C ASP A 42 3.05 8.99 12.93
N LEU A 43 4.29 8.87 13.40
CA LEU A 43 5.10 7.69 13.13
C LEU A 43 6.24 7.56 14.13
N PRO A 44 5.91 7.16 15.36
CA PRO A 44 6.88 6.99 16.43
C PRO A 44 7.81 5.80 16.18
N GLU A 45 7.26 4.73 15.63
CA GLU A 45 8.04 3.54 15.34
C GLU A 45 8.70 3.00 16.61
N HIS A 46 8.00 2.12 17.30
CA HIS A 46 8.52 1.53 18.54
C HIS A 46 8.48 0.01 18.47
N LYS A 47 7.37 -0.54 17.98
CA LYS A 47 7.21 -1.98 17.86
C LYS A 47 5.93 -2.32 17.12
N ARG A 48 4.79 -2.15 17.78
CA ARG A 48 3.50 -2.44 17.18
C ARG A 48 3.47 -3.85 16.58
N PRO A 49 3.37 -4.86 17.46
CA PRO A 49 3.34 -6.26 17.06
C PRO A 49 2.04 -6.62 16.33
N SER A 50 2.17 -6.98 15.05
CA SER A 50 1.00 -7.33 14.24
C SER A 50 1.01 -8.82 13.92
N ALA A 51 -0.15 -9.36 13.56
CA ALA A 51 -0.28 -10.77 13.23
C ALA A 51 -0.76 -10.95 11.79
N PRO A 52 -0.54 -12.15 11.24
CA PRO A 52 -0.95 -12.49 9.87
C PRO A 52 -2.47 -12.58 9.73
N ILE A 53 -3.10 -11.46 9.43
CA ILE A 53 -4.55 -11.41 9.26
C ILE A 53 -4.92 -11.29 7.79
N ASP A 54 -5.24 -12.41 7.17
CA ASP A 54 -5.63 -12.43 5.76
C ASP A 54 -7.04 -12.99 5.59
N PHE A 55 -7.59 -12.82 4.39
CA PHE A 55 -8.93 -13.31 4.09
C PHE A 55 -8.91 -14.30 2.93
N SER A 56 -8.00 -14.07 1.99
CA SER A 56 -7.88 -14.94 0.82
C SER A 56 -9.15 -14.92 -0.01
N LYS A 57 -9.16 -14.07 -1.04
CA LYS A 57 -10.32 -13.96 -1.92
C LYS A 57 -9.89 -13.66 -3.35
N LEU A 58 -8.91 -12.77 -3.50
CA LEU A 58 -8.41 -12.41 -4.82
C LEU A 58 -7.84 -13.61 -5.54
N ASP A 59 -6.67 -14.07 -5.13
CA ASP A 59 -6.02 -15.23 -5.74
C ASP A 59 -6.04 -16.42 -4.79
N PRO A 60 -5.87 -17.63 -5.35
CA PRO A 60 -5.86 -18.86 -4.57
C PRO A 60 -4.62 -18.99 -3.68
N GLY A 61 -3.46 -18.75 -4.28
CA GLY A 61 -2.21 -18.83 -3.53
C GLY A 61 -1.26 -17.69 -3.85
N LYS A 62 -0.01 -18.04 -4.15
CA LYS A 62 1.00 -17.05 -4.48
C LYS A 62 2.11 -17.66 -5.33
N PRO A 63 2.86 -16.79 -6.03
CA PRO A 63 3.96 -17.23 -6.90
C PRO A 63 5.14 -17.77 -6.11
N GLU A 64 6.13 -18.31 -6.81
CA GLU A 64 7.31 -18.87 -6.18
C GLU A 64 8.29 -17.76 -5.78
N SER A 65 8.17 -16.62 -6.45
CA SER A 65 9.06 -15.49 -6.17
C SER A 65 8.81 -14.94 -4.76
N ILE A 66 7.63 -15.23 -4.22
CA ILE A 66 7.28 -14.78 -2.89
C ILE A 66 8.34 -15.19 -1.87
N LEU A 67 9.00 -16.31 -2.12
CA LEU A 67 10.03 -16.80 -1.23
C LEU A 67 11.16 -15.78 -1.06
N LYS A 68 11.27 -14.88 -2.03
CA LYS A 68 12.29 -13.84 -2.01
C LYS A 68 12.19 -13.02 -0.73
N MET A 69 11.00 -12.99 -0.14
CA MET A 69 10.76 -12.23 1.09
C MET A 69 11.80 -12.59 2.14
N THR A 70 11.88 -13.87 2.49
CA THR A 70 12.84 -14.33 3.49
C THR A 70 12.51 -13.74 4.86
N LYS A 71 11.23 -13.55 5.13
CA LYS A 71 10.79 -13.00 6.40
C LYS A 71 11.31 -11.57 6.59
N LYS A 72 10.43 -10.59 6.44
CA LYS A 72 10.79 -9.19 6.59
C LYS A 72 10.92 -8.82 8.06
N GLY A 73 9.77 -8.68 8.72
CA GLY A 73 9.77 -8.33 10.13
C GLY A 73 8.38 -8.01 10.65
N LYS A 74 7.75 -7.00 10.05
CA LYS A 74 6.41 -6.59 10.46
C LYS A 74 5.61 -6.08 9.26
N THR A 75 4.33 -6.44 9.22
CA THR A 75 3.46 -6.01 8.13
C THR A 75 3.46 -4.49 7.99
N LEU A 76 2.69 -4.00 7.03
CA LEU A 76 2.58 -2.55 6.80
C LEU A 76 1.15 -2.07 6.97
N MET A 77 0.98 -0.95 7.67
CA MET A 77 -0.33 -0.39 7.90
C MET A 77 -0.24 1.10 8.20
N MET A 78 -0.86 1.92 7.36
CA MET A 78 -0.86 3.37 7.54
C MET A 78 -2.07 4.01 6.87
N PHE A 79 -2.58 5.07 7.48
CA PHE A 79 -3.74 5.78 6.96
C PHE A 79 -3.58 7.29 7.13
N VAL A 80 -3.59 8.00 6.01
CA VAL A 80 -3.45 9.46 6.04
C VAL A 80 -4.28 10.11 4.93
N THR A 81 -4.82 11.28 5.22
CA THR A 81 -5.64 12.00 4.25
C THR A 81 -5.49 13.52 4.43
N VAL A 82 -4.58 14.11 3.68
CA VAL A 82 -4.35 15.55 3.76
C VAL A 82 -3.33 15.99 2.71
N SER A 83 -3.39 17.27 2.34
CA SER A 83 -2.48 17.83 1.34
C SER A 83 -1.04 17.76 1.84
N GLY A 84 -0.20 17.00 1.13
CA GLY A 84 1.19 16.88 1.51
C GLY A 84 1.36 16.17 2.84
N ASN A 85 2.50 15.50 3.01
CA ASN A 85 2.78 14.78 4.24
C ASN A 85 4.20 14.22 4.24
N PRO A 86 4.89 14.33 5.38
CA PRO A 86 6.26 13.84 5.53
C PRO A 86 6.34 12.32 5.51
N THR A 87 6.41 11.75 4.31
CA THR A 87 6.50 10.30 4.15
C THR A 87 7.11 9.93 2.81
N GLU A 88 7.86 10.86 2.23
CA GLU A 88 8.50 10.63 0.94
C GLU A 88 9.37 9.37 0.97
N LYS A 89 10.19 9.27 2.01
CA LYS A 89 11.07 8.11 2.16
C LYS A 89 10.27 6.87 2.54
N GLU A 90 9.26 7.05 3.37
CA GLU A 90 8.42 5.94 3.80
C GLU A 90 7.71 5.29 2.61
N THR A 91 7.12 6.12 1.75
CA THR A 91 6.42 5.62 0.58
C THR A 91 7.29 4.69 -0.24
N GLU A 92 8.54 5.11 -0.47
CA GLU A 92 9.48 4.31 -1.25
C GLU A 92 9.74 2.96 -0.56
N GLU A 93 9.62 2.96 0.77
CA GLU A 93 9.85 1.74 1.55
C GLU A 93 8.60 0.84 1.52
N ILE A 94 7.45 1.44 1.27
CA ILE A 94 6.20 0.71 1.23
C ILE A 94 6.32 -0.52 0.32
N THR A 95 7.18 -0.42 -0.68
CA THR A 95 7.39 -1.52 -1.62
C THR A 95 8.01 -2.72 -0.92
N SER A 96 8.97 -2.46 -0.03
CA SER A 96 9.64 -3.52 0.70
C SER A 96 8.70 -4.16 1.73
N LEU A 97 8.00 -3.32 2.47
CA LEU A 97 7.06 -3.80 3.48
C LEU A 97 5.85 -4.46 2.84
N TRP A 98 5.50 -4.01 1.65
CA TRP A 98 4.36 -4.56 0.92
C TRP A 98 4.57 -6.04 0.63
N GLN A 99 5.83 -6.45 0.49
CA GLN A 99 6.15 -7.84 0.21
C GLN A 99 5.47 -8.77 1.22
N GLY A 100 5.52 -8.40 2.48
CA GLY A 100 4.91 -9.20 3.52
C GLY A 100 3.39 -9.17 3.46
N SER A 101 2.83 -7.97 3.39
CA SER A 101 1.38 -7.81 3.34
C SER A 101 0.80 -8.52 2.12
N LEU A 102 1.60 -8.60 1.06
CA LEU A 102 1.17 -9.25 -0.18
C LEU A 102 0.98 -10.74 0.03
N PHE A 103 1.84 -11.34 0.86
CA PHE A 103 1.75 -12.76 1.15
C PHE A 103 0.36 -13.14 1.65
N ASN A 104 -0.30 -12.20 2.32
CA ASN A 104 -1.64 -12.44 2.84
C ASN A 104 -2.61 -12.80 1.72
N ALA A 105 -2.25 -12.42 0.49
CA ALA A 105 -3.08 -12.70 -0.67
C ALA A 105 -4.42 -11.97 -0.57
N ASN A 106 -4.44 -10.88 0.19
CA ASN A 106 -5.66 -10.10 0.37
C ASN A 106 -5.32 -8.62 0.59
N TYR A 107 -4.16 -8.21 0.12
CA TYR A 107 -3.72 -6.82 0.27
C TYR A 107 -4.78 -5.86 -0.26
N ASP A 108 -4.83 -4.67 0.33
CA ASP A 108 -5.79 -3.65 -0.07
C ASP A 108 -5.16 -2.26 -0.04
N VAL A 109 -5.13 -1.59 -1.20
CA VAL A 109 -4.57 -0.26 -1.29
C VAL A 109 -5.32 0.59 -2.31
N GLN A 110 -5.44 1.88 -2.02
CA GLN A 110 -6.14 2.79 -2.91
C GLN A 110 -5.39 4.12 -3.04
N ARG A 111 -5.44 4.72 -4.23
CA ARG A 111 -4.76 5.98 -4.48
C ARG A 111 -5.77 7.08 -4.83
N PHE A 112 -5.72 8.17 -4.07
CA PHE A 112 -6.63 9.28 -4.30
C PHE A 112 -5.88 10.61 -4.28
N ILE A 113 -6.11 11.43 -5.30
CA ILE A 113 -5.44 12.73 -5.40
C ILE A 113 -6.32 13.74 -6.13
N VAL A 114 -6.40 14.95 -5.59
CA VAL A 114 -7.20 16.01 -6.20
C VAL A 114 -6.60 17.39 -5.92
N GLY A 115 -6.25 18.10 -6.98
CA GLY A 115 -5.67 19.42 -6.82
C GLY A 115 -4.41 19.41 -5.98
N SER A 116 -4.55 19.75 -4.71
CA SER A 116 -3.42 19.79 -3.79
C SER A 116 -3.62 18.80 -2.64
N ASP A 117 -4.79 18.17 -2.61
CA ASP A 117 -5.11 17.21 -1.56
C ASP A 117 -4.56 15.83 -1.91
N ARG A 118 -4.07 15.12 -0.90
CA ARG A 118 -3.51 13.79 -1.11
C ARG A 118 -3.97 12.83 0.00
N ALA A 119 -4.66 11.77 -0.40
CA ALA A 119 -5.15 10.78 0.56
C ALA A 119 -4.78 9.37 0.12
N ILE A 120 -4.19 8.61 1.05
CA ILE A 120 -3.78 7.24 0.76
C ILE A 120 -4.29 6.27 1.83
N PHE A 121 -4.65 5.07 1.41
CA PHE A 121 -5.15 4.05 2.33
C PHE A 121 -4.63 2.67 1.96
N MET A 122 -3.93 2.04 2.91
CA MET A 122 -3.37 0.72 2.68
C MET A 122 -3.30 -0.07 3.99
N LEU A 123 -3.68 -1.34 3.93
CA LEU A 123 -3.65 -2.20 5.10
C LEU A 123 -3.40 -3.66 4.71
N ARG A 124 -2.76 -4.41 5.61
CA ARG A 124 -2.47 -5.81 5.36
C ARG A 124 -3.74 -6.60 5.11
N ASP A 125 -4.86 -6.10 5.62
CA ASP A 125 -6.15 -6.76 5.44
C ASP A 125 -6.89 -6.18 4.25
N GLY A 126 -8.10 -6.69 4.01
CA GLY A 126 -8.90 -6.22 2.89
C GLY A 126 -10.28 -5.76 3.33
N SER A 127 -11.00 -6.63 4.02
CA SER A 127 -12.34 -6.32 4.50
C SER A 127 -12.30 -5.26 5.60
N TYR A 128 -11.58 -5.57 6.67
CA TYR A 128 -11.46 -4.65 7.79
C TYR A 128 -10.90 -3.30 7.34
N ALA A 129 -10.03 -3.33 6.33
CA ALA A 129 -9.43 -2.12 5.81
C ALA A 129 -10.46 -1.26 5.07
N TRP A 130 -11.35 -1.92 4.33
CA TRP A 130 -12.38 -1.22 3.58
C TRP A 130 -13.15 -0.26 4.48
N GLU A 131 -13.47 -0.73 5.69
CA GLU A 131 -14.21 0.08 6.65
C GLU A 131 -13.40 1.31 7.07
N ILE A 132 -12.10 1.11 7.27
CA ILE A 132 -11.21 2.20 7.66
C ILE A 132 -11.01 3.18 6.52
N LYS A 133 -11.00 2.67 5.29
CA LYS A 133 -10.82 3.50 4.12
C LYS A 133 -11.79 4.68 4.12
N ASP A 134 -13.08 4.37 4.03
CA ASP A 134 -14.11 5.40 4.02
C ASP A 134 -13.97 6.32 5.24
N PHE A 135 -13.50 5.76 6.35
CA PHE A 135 -13.32 6.53 7.58
C PHE A 135 -12.16 7.51 7.43
N LEU A 136 -11.17 7.15 6.62
CA LEU A 136 -10.01 8.00 6.40
C LEU A 136 -10.39 9.24 5.62
N VAL A 137 -10.72 9.06 4.35
CA VAL A 137 -11.11 10.17 3.48
C VAL A 137 -12.23 10.99 4.12
N SER A 138 -13.07 10.33 4.91
CA SER A 138 -14.18 10.99 5.58
C SER A 138 -13.69 12.18 6.40
N GLN A 139 -12.61 11.97 7.14
CA GLN A 139 -12.04 13.03 7.97
C GLN A 139 -11.40 14.12 7.11
N ASP A 140 -10.53 13.72 6.20
CA ASP A 140 -9.86 14.66 5.31
C ASP A 140 -9.10 15.71 6.11
N ARG A 141 -8.42 15.26 7.16
CA ARG A 141 -7.65 16.17 8.01
C ARG A 141 -6.93 15.41 9.11
N CYS A 142 -6.35 14.27 8.75
CA CYS A 142 -5.62 13.44 9.71
C CYS A 142 -4.49 12.68 9.04
N ALA A 143 -3.39 12.49 9.76
CA ALA A 143 -2.24 11.78 9.23
C ALA A 143 -1.66 10.83 10.26
N GLU A 144 -1.64 9.54 9.93
CA GLU A 144 -1.13 8.52 10.84
C GLU A 144 -0.56 7.34 10.06
N VAL A 145 0.73 7.07 10.24
CA VAL A 145 1.39 5.98 9.55
C VAL A 145 2.23 5.15 10.52
N THR A 146 2.29 3.84 10.29
CA THR A 146 3.07 2.95 11.14
C THR A 146 3.75 1.87 10.31
N LEU A 147 5.07 1.78 10.45
CA LEU A 147 5.85 0.78 9.71
C LEU A 147 7.09 0.36 10.50
N GLU A 148 7.53 -0.87 10.30
CA GLU A 148 8.71 -1.38 10.98
C GLU A 148 9.00 -2.82 10.57
N GLY A 149 10.05 -3.40 11.14
CA GLY A 149 10.42 -4.76 10.82
C GLY A 149 10.77 -5.57 12.06
N GLN A 150 9.80 -5.75 12.94
CA GLN A 150 10.02 -6.51 14.17
C GLN A 150 10.71 -7.84 13.88
N MET A 151 9.93 -8.81 13.41
CA MET A 151 10.47 -10.13 13.08
C MET A 151 9.35 -11.07 12.62
N TYR A 152 8.16 -10.87 13.16
CA TYR A 152 7.02 -11.70 12.81
C TYR A 152 6.00 -10.92 11.99
N PRO A 153 6.25 -10.84 10.67
CA PRO A 153 5.37 -10.12 9.74
C PRO A 153 4.04 -10.83 9.54
N GLY A 154 3.11 -10.16 8.86
CA GLY A 154 1.80 -10.74 8.62
C GLY A 154 1.82 -11.78 7.52
N LYS A 155 2.98 -11.93 6.87
CA LYS A 155 3.13 -12.89 5.79
C LYS A 155 3.23 -14.32 6.34
N GLY A 156 3.60 -14.44 7.61
CA GLY A 156 3.72 -15.74 8.23
C GLY A 156 4.92 -15.83 9.17
N GLY A 157 5.92 -15.00 8.91
CA GLY A 157 7.12 -15.01 9.74
C GLY A 157 7.79 -16.36 9.77
N GLY A 158 7.51 -17.19 8.78
CA GLY A 158 8.09 -18.51 8.70
C GLY A 158 8.60 -18.86 7.32
N SER A 159 9.08 -17.86 6.60
CA SER A 159 9.57 -18.06 5.25
C SER A 159 11.07 -18.38 5.27
N LYS A 160 11.88 -17.36 5.51
CA LYS A 160 13.33 -17.53 5.57
C LYS A 160 13.80 -18.51 4.50
N GLU A 161 13.35 -18.30 3.26
CA GLU A 161 13.73 -19.16 2.15
C GLU A 161 14.99 -18.65 1.46
N LYS A 162 14.93 -17.42 0.95
CA LYS A 162 16.07 -16.82 0.27
C LYS A 162 16.44 -17.60 -0.98
N ASN A 163 15.53 -17.61 -1.96
CA ASN A 163 15.77 -18.32 -3.21
C ASN A 163 15.60 -17.39 -4.41
N LYS A 164 16.27 -17.73 -5.51
CA LYS A 164 16.18 -16.93 -6.73
C LYS A 164 14.97 -17.32 -7.55
N THR A 165 14.52 -16.41 -8.42
CA THR A 165 13.36 -16.66 -9.26
C THR A 165 13.50 -15.95 -10.61
N LYS A 166 14.09 -16.65 -11.57
CA LYS A 166 14.29 -16.09 -12.90
C LYS A 166 12.96 -15.95 -13.63
N PRO A 167 12.27 -17.08 -13.84
CA PRO A 167 10.98 -17.12 -14.52
C PRO A 167 9.87 -16.48 -13.70
N GLU A 168 9.98 -16.59 -12.38
CA GLU A 168 8.99 -16.02 -11.47
C GLU A 168 9.16 -14.51 -11.36
N LYS A 169 10.38 -14.03 -11.60
CA LYS A 169 10.67 -12.61 -11.52
C LYS A 169 9.72 -11.81 -12.40
N ALA A 170 9.48 -12.30 -13.62
CA ALA A 170 8.58 -11.64 -14.55
C ALA A 170 7.12 -11.93 -14.21
N LYS A 171 6.88 -13.12 -13.68
CA LYS A 171 5.52 -13.54 -13.31
C LYS A 171 4.85 -12.48 -12.44
N LYS A 172 5.52 -12.10 -11.36
CA LYS A 172 4.98 -11.10 -10.44
C LYS A 172 4.99 -9.72 -11.08
N LYS A 173 5.95 -9.48 -11.98
CA LYS A 173 6.05 -8.20 -12.67
C LYS A 173 4.87 -7.98 -13.60
N GLU A 174 4.41 -9.06 -14.23
CA GLU A 174 3.28 -8.98 -15.15
C GLU A 174 2.01 -8.55 -14.42
N GLY A 175 1.72 -9.24 -13.32
CA GLY A 175 0.52 -8.92 -12.54
C GLY A 175 0.18 -9.99 -11.53
N ASP A 176 -0.31 -9.58 -10.37
CA ASP A 176 -0.68 -10.52 -9.32
C ASP A 176 -1.81 -11.43 -9.78
N PRO A 177 -2.97 -10.82 -10.11
CA PRO A 177 -4.15 -11.56 -10.57
C PRO A 177 -3.95 -12.17 -11.96
N LYS A 178 -3.46 -11.36 -12.89
CA LYS A 178 -3.22 -11.81 -14.25
C LYS A 178 -2.58 -10.72 -15.09
N PRO A 179 -1.95 -11.11 -16.21
CA PRO A 179 -1.28 -10.17 -17.12
C PRO A 179 -2.29 -9.29 -17.87
N ARG A 180 -1.79 -8.55 -18.84
CA ARG A 180 -2.64 -7.66 -19.64
C ARG A 180 -3.25 -6.57 -18.77
N ALA A 181 -2.40 -5.74 -18.18
CA ALA A 181 -2.85 -4.66 -17.32
C ALA A 181 -1.72 -3.70 -16.98
N SER A 182 -0.53 -4.25 -16.77
CA SER A 182 0.64 -3.45 -16.43
C SER A 182 0.83 -2.32 -17.44
N LYS A 183 0.60 -2.63 -18.72
CA LYS A 183 0.75 -1.65 -19.78
C LYS A 183 -0.10 -0.41 -19.50
N GLU A 184 -1.33 -0.62 -19.06
CA GLU A 184 -2.23 0.47 -18.75
C GLU A 184 -1.86 1.13 -17.42
N ASP A 185 -1.58 0.32 -16.41
CA ASP A 185 -1.20 0.82 -15.10
C ASP A 185 0.02 1.74 -15.20
N ASN A 186 1.00 1.32 -15.98
CA ASN A 186 2.22 2.11 -16.16
C ASN A 186 1.91 3.48 -16.73
N ARG A 187 0.96 3.53 -17.67
CA ARG A 187 0.57 4.78 -18.30
C ARG A 187 0.05 5.77 -17.26
N ALA A 188 -0.61 5.24 -16.23
CA ALA A 188 -1.15 6.08 -15.16
C ALA A 188 -0.09 6.40 -14.12
N GLY A 189 1.12 5.88 -14.34
CA GLY A 189 2.20 6.12 -13.40
C GLY A 189 2.40 7.60 -13.11
N SER A 190 2.78 7.91 -11.87
CA SER A 190 2.99 9.29 -11.46
C SER A 190 4.43 9.50 -10.99
N ARG A 191 4.69 10.67 -10.40
CA ARG A 191 6.01 11.00 -9.91
C ARG A 191 7.02 11.04 -11.05
N ARG A 192 7.17 12.21 -11.67
CA ARG A 192 8.10 12.39 -12.77
C ARG A 192 7.87 11.34 -13.85
N GLU A 193 6.59 11.09 -14.17
CA GLU A 193 6.23 10.11 -15.18
C GLU A 193 5.10 10.62 -16.07
N ASP A 194 3.90 10.71 -15.49
CA ASP A 194 2.74 11.20 -16.22
C ASP A 194 2.56 10.42 -17.53
N LEU A 195 2.98 9.16 -17.52
CA LEU A 195 2.88 8.31 -18.70
C LEU A 195 3.40 6.91 -18.42
N ALA A 1 -16.09 18.45 11.91
CA ALA A 1 -17.36 18.22 11.22
C ALA A 1 -17.29 16.96 10.36
N ASP A 2 -18.45 16.51 9.89
CA ASP A 2 -18.52 15.32 9.04
C ASP A 2 -19.00 15.68 7.64
N THR A 3 -18.57 14.90 6.66
CA THR A 3 -18.96 15.13 5.28
C THR A 3 -19.82 14.00 4.73
N PRO A 4 -20.69 14.31 3.76
CA PRO A 4 -21.58 13.32 3.16
C PRO A 4 -20.83 12.32 2.29
N GLY A 5 -21.35 11.10 2.21
CA GLY A 5 -20.71 10.07 1.41
C GLY A 5 -21.71 9.06 0.87
N GLU A 6 -21.94 9.11 -0.43
CA GLU A 6 -22.88 8.20 -1.07
C GLU A 6 -22.92 8.42 -2.58
N ALA A 7 -22.81 9.68 -2.99
CA ALA A 7 -22.83 10.03 -4.40
C ALA A 7 -21.41 10.20 -4.94
N THR A 8 -20.65 9.11 -4.95
CA THR A 8 -19.28 9.16 -5.44
C THR A 8 -19.10 8.23 -6.64
N PRO A 9 -18.19 8.61 -7.56
CA PRO A 9 -17.90 7.82 -8.77
C PRO A 9 -17.17 6.53 -8.45
N PRO A 10 -17.09 5.64 -9.44
CA PRO A 10 -16.41 4.34 -9.29
C PRO A 10 -14.89 4.50 -9.17
N PRO A 11 -14.22 3.40 -8.79
CA PRO A 11 -12.76 3.39 -8.63
C PRO A 11 -12.03 3.49 -9.96
N ARG A 12 -11.95 4.69 -10.50
CA ARG A 12 -11.27 4.92 -11.78
C ARG A 12 -9.77 4.73 -11.63
N LYS A 13 -9.24 5.05 -10.46
CA LYS A 13 -7.82 4.91 -10.19
C LYS A 13 -7.53 4.93 -8.70
N LYS A 14 -8.52 4.52 -7.91
CA LYS A 14 -8.38 4.49 -6.45
C LYS A 14 -7.77 3.17 -5.99
N LYS A 15 -8.44 2.07 -6.34
CA LYS A 15 -7.96 0.75 -5.97
C LYS A 15 -7.22 0.08 -7.13
N ASP A 16 -6.69 0.90 -8.03
CA ASP A 16 -5.96 0.39 -9.18
C ASP A 16 -4.48 0.21 -8.86
N ILE A 17 -3.90 1.21 -8.20
CA ILE A 17 -2.48 1.15 -7.83
C ILE A 17 -1.60 1.03 -9.05
N ARG A 18 -1.02 2.15 -9.48
CA ARG A 18 -0.15 2.17 -10.65
C ARG A 18 1.01 1.17 -10.48
N ASP A 19 1.10 0.23 -11.41
CA ASP A 19 2.15 -0.78 -11.37
C ASP A 19 2.01 -1.66 -10.13
N TYR A 20 0.84 -1.60 -9.50
CA TYR A 20 0.58 -2.39 -8.31
C TYR A 20 1.70 -2.22 -7.28
N ASN A 21 2.29 -1.03 -7.25
CA ASN A 21 3.37 -0.74 -6.33
C ASN A 21 3.86 0.70 -6.50
N ASP A 22 3.86 1.17 -7.75
CA ASP A 22 4.31 2.53 -8.04
C ASP A 22 3.46 3.55 -7.29
N ALA A 23 2.27 3.14 -6.89
CA ALA A 23 1.37 4.03 -6.16
C ALA A 23 2.08 4.69 -4.97
N ASP A 24 2.78 3.87 -4.19
CA ASP A 24 3.51 4.38 -3.03
C ASP A 24 4.38 5.58 -3.41
N MET A 25 5.18 5.40 -4.45
CA MET A 25 6.07 6.47 -4.92
C MET A 25 5.30 7.78 -5.10
N ALA A 26 4.13 7.68 -5.72
CA ALA A 26 3.30 8.86 -5.96
C ALA A 26 3.12 9.66 -4.67
N ARG A 27 3.13 8.98 -3.53
CA ARG A 27 2.96 9.63 -2.25
C ARG A 27 4.07 10.65 -2.01
N LEU A 28 5.28 10.32 -2.45
CA LEU A 28 6.43 11.20 -2.28
C LEU A 28 6.11 12.60 -2.80
N LEU A 29 5.32 12.66 -3.85
CA LEU A 29 4.94 13.94 -4.46
C LEU A 29 4.19 14.81 -3.45
N GLU A 30 3.42 14.17 -2.59
CA GLU A 30 2.65 14.89 -1.58
C GLU A 30 3.58 15.48 -0.51
N GLN A 31 4.72 14.83 -0.30
CA GLN A 31 5.69 15.28 0.69
C GLN A 31 6.02 16.76 0.48
N TRP A 32 6.27 17.14 -0.76
CA TRP A 32 6.60 18.52 -1.09
C TRP A 32 5.57 19.48 -0.51
N GLU A 33 4.29 19.15 -0.68
CA GLU A 33 3.21 19.98 -0.18
C GLU A 33 3.21 20.02 1.34
N LYS A 34 3.77 18.97 1.95
CA LYS A 34 3.84 18.88 3.41
C LYS A 34 4.85 19.88 3.96
N ASP A 35 5.84 20.22 3.16
CA ASP A 35 6.87 21.16 3.56
C ASP A 35 6.26 22.46 4.10
N ASP A 36 5.27 22.98 3.36
CA ASP A 36 4.60 24.21 3.76
C ASP A 36 3.37 23.90 4.61
N ASP A 37 2.53 23.00 4.12
CA ASP A 37 1.32 22.61 4.82
C ASP A 37 1.65 22.04 6.20
N ILE A 38 2.34 20.91 6.20
CA ILE A 38 2.72 20.26 7.46
C ILE A 38 1.63 20.41 8.51
N GLU A 39 0.68 19.48 8.50
CA GLU A 39 -0.42 19.50 9.46
C GLU A 39 -0.23 18.45 10.55
N GLU A 40 -0.18 17.18 10.13
CA GLU A 40 0.00 16.07 11.06
C GLU A 40 0.69 14.89 10.38
N GLY A 41 0.78 13.78 11.09
CA GLY A 41 1.42 12.60 10.54
C GLY A 41 2.77 12.33 11.18
N ASP A 42 2.93 12.73 12.43
CA ASP A 42 4.19 12.53 13.14
C ASP A 42 3.98 11.64 14.37
N LEU A 43 4.29 10.36 14.23
CA LEU A 43 4.13 9.41 15.33
C LEU A 43 5.48 9.06 15.93
N PRO A 44 5.46 8.53 17.17
CA PRO A 44 6.67 8.14 17.89
C PRO A 44 7.34 6.91 17.27
N GLU A 45 6.52 5.94 16.90
CA GLU A 45 7.03 4.70 16.29
C GLU A 45 8.04 4.02 17.22
N HIS A 46 7.58 3.66 18.42
CA HIS A 46 8.44 3.00 19.39
C HIS A 46 8.65 1.54 19.02
N LYS A 47 7.58 0.87 18.63
CA LYS A 47 7.64 -0.54 18.25
C LYS A 47 6.37 -0.97 17.54
N ARG A 48 5.30 -1.15 18.30
CA ARG A 48 4.01 -1.56 17.74
C ARG A 48 4.15 -2.90 17.00
N PRO A 49 4.27 -3.99 17.76
CA PRO A 49 4.42 -5.34 17.20
C PRO A 49 3.13 -5.83 16.55
N SER A 50 3.24 -6.25 15.29
CA SER A 50 2.08 -6.74 14.54
C SER A 50 2.29 -8.19 14.13
N ALA A 51 1.18 -8.92 13.95
CA ALA A 51 1.23 -10.32 13.56
C ALA A 51 0.36 -10.56 12.32
N PRO A 52 0.61 -11.69 11.65
CA PRO A 52 -0.14 -12.07 10.44
C PRO A 52 -1.57 -12.47 10.76
N ILE A 53 -2.53 -11.75 10.17
CA ILE A 53 -3.94 -12.03 10.40
C ILE A 53 -4.73 -11.91 9.10
N ASP A 54 -4.06 -12.15 7.98
CA ASP A 54 -4.71 -12.07 6.68
C ASP A 54 -5.51 -13.34 6.39
N PHE A 55 -6.38 -13.26 5.38
CA PHE A 55 -7.20 -14.40 5.00
C PHE A 55 -6.49 -15.29 4.00
N SER A 56 -5.98 -14.67 2.93
CA SER A 56 -5.27 -15.41 1.89
C SER A 56 -6.09 -16.61 1.40
N LYS A 57 -7.28 -16.32 0.88
CA LYS A 57 -8.17 -17.35 0.38
C LYS A 57 -8.67 -17.01 -1.02
N LEU A 58 -7.85 -16.30 -1.78
CA LEU A 58 -8.20 -15.90 -3.14
C LEU A 58 -7.85 -17.02 -4.13
N ASP A 59 -6.57 -17.15 -4.42
CA ASP A 59 -6.10 -18.18 -5.35
C ASP A 59 -5.33 -19.28 -4.61
N PRO A 60 -5.29 -20.47 -5.22
CA PRO A 60 -4.60 -21.63 -4.64
C PRO A 60 -3.08 -21.45 -4.64
N GLY A 61 -2.60 -20.51 -5.45
CA GLY A 61 -1.17 -20.26 -5.52
C GLY A 61 -0.72 -19.85 -6.91
N LYS A 62 0.34 -19.08 -6.99
CA LYS A 62 0.87 -18.62 -8.27
C LYS A 62 2.10 -17.73 -8.06
N PRO A 63 1.89 -16.60 -7.36
CA PRO A 63 2.97 -15.64 -7.08
C PRO A 63 4.00 -16.19 -6.10
N GLU A 64 4.89 -17.05 -6.60
CA GLU A 64 5.92 -17.65 -5.76
C GLU A 64 7.08 -16.68 -5.55
N SER A 65 7.21 -15.72 -6.45
CA SER A 65 8.28 -14.73 -6.37
C SER A 65 8.25 -14.00 -5.03
N ILE A 66 7.08 -13.96 -4.42
CA ILE A 66 6.90 -13.29 -3.13
C ILE A 66 7.89 -13.83 -2.10
N LEU A 67 8.18 -15.12 -2.20
CA LEU A 67 9.12 -15.76 -1.28
C LEU A 67 10.49 -15.09 -1.34
N LYS A 68 10.76 -14.42 -2.45
CA LYS A 68 12.04 -13.74 -2.63
C LYS A 68 12.27 -12.73 -1.53
N MET A 69 11.19 -12.26 -0.90
CA MET A 69 11.28 -11.29 0.18
C MET A 69 12.27 -11.75 1.24
N THR A 70 12.34 -13.06 1.45
CA THR A 70 13.25 -13.63 2.44
C THR A 70 13.08 -12.95 3.79
N LYS A 71 11.83 -12.77 4.22
CA LYS A 71 11.53 -12.13 5.49
C LYS A 71 12.04 -10.70 5.52
N LYS A 72 11.12 -9.75 5.36
CA LYS A 72 11.48 -8.33 5.37
C LYS A 72 11.63 -7.82 6.80
N GLY A 73 10.50 -7.63 7.47
CA GLY A 73 10.53 -7.14 8.84
C GLY A 73 9.18 -7.26 9.52
N LYS A 74 8.31 -6.27 9.29
CA LYS A 74 6.98 -6.27 9.89
C LYS A 74 5.97 -5.59 8.97
N THR A 75 4.74 -6.08 8.99
CA THR A 75 3.68 -5.52 8.16
C THR A 75 3.68 -4.00 8.20
N LEU A 76 3.09 -3.38 7.19
CA LEU A 76 3.03 -1.92 7.10
C LEU A 76 1.58 -1.44 7.13
N MET A 77 1.37 -0.26 7.70
CA MET A 77 0.03 0.32 7.77
C MET A 77 0.10 1.84 7.82
N MET A 78 -0.51 2.48 6.83
CA MET A 78 -0.51 3.94 6.75
C MET A 78 -1.89 4.46 6.40
N PHE A 79 -2.34 5.49 7.12
CA PHE A 79 -3.66 6.08 6.89
C PHE A 79 -3.61 7.59 7.06
N VAL A 80 -3.92 8.31 5.97
CA VAL A 80 -3.91 9.77 6.01
C VAL A 80 -4.91 10.34 5.01
N THR A 81 -5.74 11.27 5.48
CA THR A 81 -6.75 11.90 4.63
C THR A 81 -6.60 13.42 4.63
N VAL A 82 -5.60 13.90 3.89
CA VAL A 82 -5.35 15.33 3.80
C VAL A 82 -4.23 15.64 2.82
N SER A 83 -4.24 16.85 2.27
CA SER A 83 -3.22 17.26 1.31
C SER A 83 -1.84 17.30 1.96
N GLY A 84 -0.87 16.66 1.31
CA GLY A 84 0.47 16.63 1.85
C GLY A 84 0.57 15.86 3.15
N ASN A 85 1.72 15.22 3.37
CA ASN A 85 1.93 14.44 4.59
C ASN A 85 3.32 13.81 4.59
N PRO A 86 3.92 13.70 5.79
CA PRO A 86 5.25 13.11 5.95
C PRO A 86 5.25 11.60 5.71
N THR A 87 5.74 11.20 4.54
CA THR A 87 5.80 9.79 4.18
C THR A 87 6.74 9.56 3.00
N GLU A 88 7.71 10.45 2.85
CA GLU A 88 8.67 10.34 1.76
C GLU A 88 9.57 9.12 1.94
N LYS A 89 10.44 9.17 2.93
CA LYS A 89 11.35 8.07 3.22
C LYS A 89 10.58 6.78 3.46
N GLU A 90 9.41 6.90 4.10
CA GLU A 90 8.58 5.75 4.39
C GLU A 90 8.08 5.09 3.11
N THR A 91 7.66 5.91 2.16
CA THR A 91 7.16 5.42 0.88
C THR A 91 8.11 4.40 0.27
N GLU A 92 9.37 4.80 0.10
CA GLU A 92 10.38 3.92 -0.47
C GLU A 92 10.46 2.60 0.30
N GLU A 93 10.12 2.66 1.58
CA GLU A 93 10.16 1.47 2.42
C GLU A 93 8.90 0.62 2.24
N ILE A 94 7.82 1.28 1.83
CA ILE A 94 6.55 0.60 1.60
C ILE A 94 6.74 -0.62 0.70
N THR A 95 7.63 -0.50 -0.27
CA THR A 95 7.90 -1.58 -1.21
C THR A 95 8.57 -2.76 -0.50
N SER A 96 9.40 -2.46 0.50
CA SER A 96 10.09 -3.49 1.24
C SER A 96 9.10 -4.28 2.11
N LEU A 97 8.28 -3.56 2.87
CA LEU A 97 7.30 -4.21 3.73
C LEU A 97 6.18 -4.84 2.92
N TRP A 98 5.83 -4.20 1.81
CA TRP A 98 4.77 -4.70 0.94
C TRP A 98 5.01 -6.17 0.58
N GLN A 99 6.28 -6.53 0.45
CA GLN A 99 6.64 -7.91 0.11
C GLN A 99 5.95 -8.91 1.04
N GLY A 100 5.88 -8.57 2.32
CA GLY A 100 5.25 -9.43 3.29
C GLY A 100 3.74 -9.49 3.12
N SER A 101 3.11 -8.32 3.06
CA SER A 101 1.66 -8.24 2.90
C SER A 101 1.22 -8.91 1.61
N LEU A 102 2.05 -8.79 0.57
CA LEU A 102 1.73 -9.39 -0.72
C LEU A 102 1.61 -10.90 -0.60
N PHE A 103 2.35 -11.49 0.33
CA PHE A 103 2.31 -12.93 0.54
C PHE A 103 0.87 -13.41 0.73
N ASN A 104 0.11 -12.68 1.54
CA ASN A 104 -1.28 -13.04 1.81
C ASN A 104 -2.08 -13.13 0.51
N ALA A 105 -1.61 -12.43 -0.51
CA ALA A 105 -2.28 -12.44 -1.82
C ALA A 105 -3.67 -11.81 -1.72
N ASN A 106 -3.87 -11.01 -0.68
CA ASN A 106 -5.17 -10.36 -0.47
C ASN A 106 -4.99 -9.01 0.23
N TYR A 107 -3.83 -8.40 0.04
CA TYR A 107 -3.53 -7.12 0.66
C TYR A 107 -4.53 -6.06 0.22
N ASP A 108 -4.29 -4.82 0.63
CA ASP A 108 -5.17 -3.71 0.27
C ASP A 108 -4.40 -2.40 0.18
N VAL A 109 -4.48 -1.74 -0.97
CA VAL A 109 -3.79 -0.48 -1.18
C VAL A 109 -4.50 0.37 -2.22
N GLN A 110 -4.76 1.62 -1.87
CA GLN A 110 -5.45 2.55 -2.77
C GLN A 110 -4.78 3.92 -2.76
N ARG A 111 -4.71 4.55 -3.93
CA ARG A 111 -4.09 5.87 -4.05
C ARG A 111 -5.06 6.86 -4.69
N PHE A 112 -5.29 7.97 -4.01
CA PHE A 112 -6.19 9.00 -4.52
C PHE A 112 -5.54 10.38 -4.47
N ILE A 113 -5.68 11.13 -5.55
CA ILE A 113 -5.10 12.47 -5.64
C ILE A 113 -6.12 13.49 -6.12
N VAL A 114 -6.28 14.58 -5.38
CA VAL A 114 -7.22 15.63 -5.75
C VAL A 114 -6.68 17.01 -5.36
N GLY A 115 -6.99 18.00 -6.19
CA GLY A 115 -6.52 19.35 -5.93
C GLY A 115 -6.96 19.85 -4.56
N SER A 116 -8.03 19.27 -4.04
CA SER A 116 -8.56 19.66 -2.73
C SER A 116 -7.69 19.09 -1.61
N ASP A 117 -7.33 17.81 -1.74
CA ASP A 117 -6.51 17.14 -0.74
C ASP A 117 -6.00 15.80 -1.26
N ARG A 118 -5.28 15.08 -0.41
CA ARG A 118 -4.74 13.79 -0.78
C ARG A 118 -5.07 12.73 0.27
N ALA A 119 -5.64 11.62 -0.17
CA ALA A 119 -6.01 10.54 0.74
C ALA A 119 -5.49 9.19 0.23
N ILE A 120 -4.69 8.53 1.05
CA ILE A 120 -4.12 7.23 0.69
C ILE A 120 -4.35 6.20 1.79
N PHE A 121 -4.61 4.96 1.38
CA PHE A 121 -4.84 3.88 2.33
C PHE A 121 -4.04 2.64 1.96
N MET A 122 -3.22 2.17 2.88
CA MET A 122 -2.40 0.99 2.65
C MET A 122 -2.30 0.13 3.91
N LEU A 123 -2.68 -1.14 3.78
CA LEU A 123 -2.63 -2.06 4.91
C LEU A 123 -2.38 -3.49 4.43
N ARG A 124 -1.74 -4.29 5.28
CA ARG A 124 -1.44 -5.67 4.95
C ARG A 124 -2.72 -6.46 4.72
N ASP A 125 -3.78 -6.11 5.44
CA ASP A 125 -5.06 -6.78 5.31
C ASP A 125 -5.69 -6.50 3.95
N GLY A 126 -6.90 -7.01 3.75
CA GLY A 126 -7.59 -6.80 2.49
C GLY A 126 -8.94 -6.11 2.67
N SER A 127 -9.93 -6.87 3.11
CA SER A 127 -11.27 -6.33 3.33
C SER A 127 -11.29 -5.39 4.52
N TYR A 128 -10.51 -5.72 5.53
CA TYR A 128 -10.43 -4.90 6.75
C TYR A 128 -10.09 -3.46 6.41
N ALA A 129 -9.10 -3.28 5.54
CA ALA A 129 -8.67 -1.94 5.13
C ALA A 129 -9.72 -1.28 4.25
N TRP A 130 -10.36 -2.08 3.40
CA TRP A 130 -11.39 -1.57 2.50
C TRP A 130 -12.43 -0.76 3.27
N GLU A 131 -12.98 -1.36 4.32
CA GLU A 131 -13.99 -0.70 5.13
C GLU A 131 -13.46 0.61 5.71
N ILE A 132 -12.40 0.51 6.52
CA ILE A 132 -11.79 1.69 7.12
C ILE A 132 -11.48 2.75 6.07
N LYS A 133 -11.20 2.31 4.85
CA LYS A 133 -10.89 3.22 3.76
C LYS A 133 -12.00 4.25 3.58
N ASP A 134 -13.25 3.77 3.60
CA ASP A 134 -14.40 4.64 3.44
C ASP A 134 -14.50 5.65 4.59
N PHE A 135 -14.23 5.17 5.80
CA PHE A 135 -14.29 6.02 6.98
C PHE A 135 -13.15 7.03 6.99
N LEU A 136 -12.03 6.64 6.39
CA LEU A 136 -10.86 7.51 6.32
C LEU A 136 -11.19 8.82 5.60
N VAL A 137 -11.59 8.71 4.34
CA VAL A 137 -11.94 9.88 3.54
C VAL A 137 -12.97 10.74 4.26
N SER A 138 -13.81 10.10 5.07
CA SER A 138 -14.85 10.81 5.82
C SER A 138 -14.23 11.84 6.77
N GLN A 139 -13.02 11.55 7.24
CA GLN A 139 -12.32 12.45 8.15
C GLN A 139 -11.93 13.73 7.45
N ASP A 140 -11.18 13.60 6.35
CA ASP A 140 -10.74 14.76 5.59
C ASP A 140 -9.80 15.63 6.42
N ARG A 141 -9.17 15.04 7.42
CA ARG A 141 -8.25 15.76 8.30
C ARG A 141 -7.60 14.82 9.31
N CYS A 142 -6.86 13.84 8.79
CA CYS A 142 -6.18 12.87 9.65
C CYS A 142 -4.86 12.43 9.02
N ALA A 143 -3.86 12.18 9.87
CA ALA A 143 -2.55 11.76 9.41
C ALA A 143 -1.97 10.69 10.32
N GLU A 144 -1.62 9.54 9.74
CA GLU A 144 -1.06 8.44 10.51
C GLU A 144 -0.12 7.60 9.65
N VAL A 145 1.00 7.20 10.22
CA VAL A 145 1.98 6.40 9.50
C VAL A 145 2.76 5.48 10.46
N THR A 146 2.98 4.24 10.03
CA THR A 146 3.70 3.27 10.85
C THR A 146 4.54 2.35 9.98
N LEU A 147 5.85 2.40 10.18
CA LEU A 147 6.78 1.56 9.42
C LEU A 147 8.05 1.29 10.21
N GLU A 148 8.36 0.01 10.40
CA GLU A 148 9.54 -0.39 11.15
C GLU A 148 10.02 -1.78 10.71
N GLY A 149 11.08 -2.26 11.35
CA GLY A 149 11.62 -3.56 11.01
C GLY A 149 12.09 -4.33 12.23
N GLN A 150 11.46 -4.07 13.37
CA GLN A 150 11.83 -4.74 14.61
C GLN A 150 10.73 -5.71 15.06
N MET A 151 10.43 -6.69 14.20
CA MET A 151 9.41 -7.68 14.50
C MET A 151 9.26 -8.68 13.36
N TYR A 152 8.19 -9.47 13.39
CA TYR A 152 7.94 -10.46 12.37
C TYR A 152 6.99 -9.92 11.29
N PRO A 153 7.20 -10.35 10.04
CA PRO A 153 6.38 -9.92 8.91
C PRO A 153 4.96 -10.48 8.98
N GLY A 154 4.15 -10.16 7.98
CA GLY A 154 2.78 -10.65 7.93
C GLY A 154 2.63 -11.86 7.04
N LYS A 155 3.71 -12.27 6.39
CA LYS A 155 3.68 -13.42 5.50
C LYS A 155 3.38 -14.70 6.27
N GLY A 156 3.64 -14.68 7.57
CA GLY A 156 3.38 -15.83 8.41
C GLY A 156 4.12 -15.79 9.72
N GLY A 157 5.35 -15.27 9.69
CA GLY A 157 6.15 -15.17 10.90
C GLY A 157 7.64 -15.17 10.60
N GLY A 158 8.06 -15.97 9.63
CA GLY A 158 9.47 -16.03 9.28
C GLY A 158 9.77 -17.14 8.28
N SER A 159 9.00 -17.16 7.20
CA SER A 159 9.19 -18.18 6.16
C SER A 159 10.63 -18.18 5.65
N LYS A 160 10.97 -17.17 4.87
CA LYS A 160 12.32 -17.05 4.31
C LYS A 160 12.66 -18.26 3.46
N GLU A 161 12.49 -18.13 2.14
CA GLU A 161 12.79 -19.21 1.22
C GLU A 161 14.23 -19.15 0.75
N LYS A 162 14.74 -17.94 0.55
CA LYS A 162 16.11 -17.74 0.11
C LYS A 162 16.41 -18.57 -1.13
N ASN A 163 15.59 -18.38 -2.18
CA ASN A 163 15.77 -19.12 -3.43
C ASN A 163 15.45 -18.22 -4.62
N LYS A 164 16.42 -18.06 -5.50
CA LYS A 164 16.26 -17.23 -6.70
C LYS A 164 15.04 -17.68 -7.50
N THR A 165 14.54 -16.80 -8.36
CA THR A 165 13.37 -17.10 -9.18
C THR A 165 13.50 -16.46 -10.56
N LYS A 166 14.08 -17.19 -11.49
CA LYS A 166 14.26 -16.71 -12.86
C LYS A 166 12.92 -16.62 -13.58
N PRO A 167 12.24 -17.77 -13.72
CA PRO A 167 10.94 -17.84 -14.39
C PRO A 167 9.84 -17.18 -13.58
N GLU A 168 9.96 -17.22 -12.26
CA GLU A 168 8.97 -16.61 -11.37
C GLU A 168 9.13 -15.09 -11.34
N LYS A 169 10.34 -14.63 -11.60
CA LYS A 169 10.63 -13.20 -11.59
C LYS A 169 9.64 -12.44 -12.48
N ALA A 170 9.46 -12.92 -13.71
CA ALA A 170 8.55 -12.29 -14.65
C ALA A 170 7.10 -12.65 -14.32
N LYS A 171 6.89 -13.82 -13.75
CA LYS A 171 5.56 -14.27 -13.37
C LYS A 171 4.87 -13.25 -12.48
N LYS A 172 5.57 -12.80 -11.44
CA LYS A 172 5.03 -11.82 -10.51
C LYS A 172 4.87 -10.46 -11.18
N LYS A 173 5.81 -10.14 -12.07
CA LYS A 173 5.78 -8.87 -12.79
C LYS A 173 4.50 -8.73 -13.59
N GLU A 174 3.97 -9.86 -14.06
CA GLU A 174 2.75 -9.86 -14.85
C GLU A 174 1.53 -9.55 -13.97
N GLY A 175 1.34 -10.36 -12.93
CA GLY A 175 0.22 -10.16 -12.03
C GLY A 175 0.06 -11.29 -11.04
N ASP A 176 -0.28 -10.97 -9.80
CA ASP A 176 -0.47 -11.97 -8.77
C ASP A 176 -1.59 -12.94 -9.14
N PRO A 177 -2.81 -12.40 -9.32
CA PRO A 177 -3.98 -13.20 -9.69
C PRO A 177 -3.90 -13.73 -11.11
N LYS A 178 -3.54 -12.85 -12.05
CA LYS A 178 -3.43 -13.24 -13.46
C LYS A 178 -2.95 -12.06 -14.30
N PRO A 179 -2.43 -12.36 -15.49
CA PRO A 179 -1.93 -11.34 -16.42
C PRO A 179 -3.05 -10.50 -17.02
N ARG A 180 -2.71 -9.67 -18.01
CA ARG A 180 -3.69 -8.82 -18.66
C ARG A 180 -4.34 -7.88 -17.66
N ALA A 181 -3.53 -7.04 -17.03
CA ALA A 181 -4.01 -6.08 -16.04
C ALA A 181 -2.92 -5.09 -15.65
N SER A 182 -1.74 -5.61 -15.33
CA SER A 182 -0.62 -4.77 -14.93
C SER A 182 -0.36 -3.68 -15.96
N LYS A 183 -0.47 -4.04 -17.23
CA LYS A 183 -0.25 -3.09 -18.32
C LYS A 183 -1.19 -1.89 -18.19
N GLU A 184 -2.45 -2.16 -17.86
CA GLU A 184 -3.44 -1.10 -17.70
C GLU A 184 -2.93 -0.02 -16.74
N ASP A 185 -2.48 -0.45 -15.57
CA ASP A 185 -1.97 0.48 -14.57
C ASP A 185 -0.64 1.07 -15.00
N ASN A 186 0.26 0.21 -15.47
CA ASN A 186 1.58 0.65 -15.92
C ASN A 186 1.46 1.77 -16.95
N ARG A 187 0.49 1.64 -17.85
CA ARG A 187 0.26 2.65 -18.87
C ARG A 187 -0.17 3.97 -18.26
N ALA A 188 -0.78 3.91 -17.09
CA ALA A 188 -1.25 5.09 -16.39
C ALA A 188 -0.09 6.02 -16.04
N GLY A 189 0.98 5.43 -15.49
CA GLY A 189 2.14 6.22 -15.11
C GLY A 189 1.85 7.20 -13.99
N SER A 190 2.41 6.94 -12.82
CA SER A 190 2.21 7.81 -11.66
C SER A 190 3.52 8.39 -11.17
N ARG A 191 3.48 9.06 -10.02
CA ARG A 191 4.67 9.67 -9.45
C ARG A 191 5.29 10.67 -10.41
N ARG A 192 4.71 11.86 -10.47
CA ARG A 192 5.21 12.91 -11.36
C ARG A 192 5.36 12.39 -12.78
N GLU A 193 4.45 11.51 -13.19
CA GLU A 193 4.47 10.94 -14.53
C GLU A 193 3.17 11.23 -15.27
N ASP A 194 2.07 10.67 -14.77
CA ASP A 194 0.76 10.87 -15.38
C ASP A 194 0.81 10.53 -16.87
N LEU A 195 1.34 9.35 -17.19
CA LEU A 195 1.44 8.91 -18.58
C LEU A 195 1.55 7.39 -18.65
N ALA A 1 -19.60 14.06 12.70
CA ALA A 1 -20.44 12.90 12.46
C ALA A 1 -19.93 12.09 11.27
N ASP A 2 -19.65 10.81 11.51
CA ASP A 2 -19.15 9.93 10.45
C ASP A 2 -20.30 9.25 9.73
N THR A 3 -20.07 8.90 8.46
CA THR A 3 -21.09 8.25 7.65
C THR A 3 -20.72 6.80 7.37
N PRO A 4 -21.74 5.96 7.17
CA PRO A 4 -21.54 4.52 6.89
C PRO A 4 -20.95 4.28 5.50
N GLY A 5 -21.53 4.94 4.50
CA GLY A 5 -21.04 4.78 3.14
C GLY A 5 -21.96 3.91 2.30
N GLU A 6 -22.32 4.40 1.12
CA GLU A 6 -23.19 3.66 0.21
C GLU A 6 -23.33 4.37 -1.13
N ALA A 7 -23.47 5.69 -1.07
CA ALA A 7 -23.61 6.49 -2.28
C ALA A 7 -22.26 7.00 -2.77
N THR A 8 -21.39 6.07 -3.16
CA THR A 8 -20.06 6.42 -3.65
C THR A 8 -19.85 5.94 -5.08
N PRO A 9 -19.07 6.70 -5.85
CA PRO A 9 -18.76 6.38 -7.24
C PRO A 9 -17.88 5.15 -7.38
N PRO A 10 -17.77 4.63 -8.61
CA PRO A 10 -16.94 3.45 -8.90
C PRO A 10 -15.45 3.73 -8.77
N PRO A 11 -14.64 2.67 -8.77
CA PRO A 11 -13.19 2.78 -8.66
C PRO A 11 -12.55 3.37 -9.91
N ARG A 12 -12.64 4.70 -10.04
CA ARG A 12 -12.07 5.39 -11.19
C ARG A 12 -10.55 5.36 -11.15
N LYS A 13 -9.99 5.47 -9.95
CA LYS A 13 -8.55 5.47 -9.76
C LYS A 13 -8.18 5.11 -8.33
N LYS A 14 -9.08 4.40 -7.64
CA LYS A 14 -8.85 4.00 -6.27
C LYS A 14 -8.16 2.64 -6.21
N LYS A 15 -8.77 1.64 -6.85
CA LYS A 15 -8.21 0.30 -6.87
C LYS A 15 -7.40 0.06 -8.15
N ASP A 16 -6.94 1.15 -8.75
CA ASP A 16 -6.16 1.06 -9.98
C ASP A 16 -4.67 0.87 -9.67
N ILE A 17 -4.12 1.80 -8.89
CA ILE A 17 -2.71 1.73 -8.52
C ILE A 17 -1.81 1.75 -9.75
N ARG A 18 -1.27 2.94 -10.05
CA ARG A 18 -0.39 3.10 -11.20
C ARG A 18 0.79 2.14 -11.13
N ASP A 19 0.91 1.28 -12.15
CA ASP A 19 1.99 0.30 -12.19
C ASP A 19 1.88 -0.69 -11.05
N TYR A 20 0.71 -0.73 -10.40
CA TYR A 20 0.49 -1.63 -9.29
C TYR A 20 1.59 -1.50 -8.25
N ASN A 21 2.15 -0.30 -8.13
CA ASN A 21 3.22 -0.04 -7.17
C ASN A 21 3.67 1.42 -7.25
N ASP A 22 3.69 1.96 -8.45
CA ASP A 22 4.11 3.35 -8.66
C ASP A 22 3.20 4.31 -7.89
N ALA A 23 2.02 3.82 -7.52
CA ALA A 23 1.06 4.63 -6.78
C ALA A 23 1.73 5.34 -5.60
N ASP A 24 2.41 4.57 -4.77
CA ASP A 24 3.11 5.11 -3.60
C ASP A 24 3.99 6.28 -4.00
N MET A 25 4.70 6.12 -5.12
CA MET A 25 5.60 7.17 -5.61
C MET A 25 4.83 8.47 -5.85
N ALA A 26 3.64 8.36 -6.42
CA ALA A 26 2.81 9.53 -6.70
C ALA A 26 2.66 10.39 -5.45
N ARG A 27 2.63 9.75 -4.29
CA ARG A 27 2.48 10.46 -3.03
C ARG A 27 3.63 11.45 -2.82
N LEU A 28 4.80 11.09 -3.31
CA LEU A 28 5.98 11.94 -3.18
C LEU A 28 5.68 13.36 -3.65
N LEU A 29 5.01 13.48 -4.79
CA LEU A 29 4.66 14.77 -5.35
C LEU A 29 3.91 15.62 -4.32
N GLU A 30 3.13 14.95 -3.48
CA GLU A 30 2.35 15.64 -2.46
C GLU A 30 3.27 16.22 -1.37
N GLN A 31 4.40 15.56 -1.16
CA GLN A 31 5.37 16.00 -0.15
C GLN A 31 5.69 17.48 -0.33
N TRP A 32 5.98 17.88 -1.56
CA TRP A 32 6.31 19.26 -1.86
C TRP A 32 5.26 20.20 -1.29
N GLU A 33 3.99 19.82 -1.41
CA GLU A 33 2.89 20.64 -0.91
C GLU A 33 2.87 20.62 0.62
N LYS A 34 3.33 19.53 1.21
CA LYS A 34 3.36 19.39 2.66
C LYS A 34 4.42 20.30 3.27
N ASP A 35 5.39 20.69 2.46
CA ASP A 35 6.47 21.57 2.91
C ASP A 35 5.90 22.85 3.51
N ASP A 36 4.93 23.44 2.82
CA ASP A 36 4.30 24.67 3.28
C ASP A 36 3.09 24.37 4.16
N ASP A 37 2.35 23.34 3.79
CA ASP A 37 1.15 22.95 4.53
C ASP A 37 1.53 22.36 5.88
N ILE A 38 2.09 21.15 5.86
CA ILE A 38 2.50 20.47 7.08
C ILE A 38 1.29 20.13 7.95
N GLU A 39 0.74 18.94 7.75
CA GLU A 39 -0.42 18.49 8.51
C GLU A 39 -0.32 17.00 8.83
N GLU A 40 0.71 16.63 9.58
CA GLU A 40 0.91 15.23 9.95
C GLU A 40 0.49 14.98 11.39
N GLY A 41 0.62 13.74 11.84
CA GLY A 41 0.25 13.38 13.19
C GLY A 41 1.45 13.08 14.06
N ASP A 42 2.58 12.76 13.43
CA ASP A 42 3.80 12.45 14.15
C ASP A 42 3.63 11.18 14.98
N LEU A 43 3.76 10.03 14.34
CA LEU A 43 3.62 8.74 15.01
C LEU A 43 4.40 7.65 14.29
N PRO A 44 5.74 7.75 14.33
CA PRO A 44 6.62 6.78 13.69
C PRO A 44 6.59 5.42 14.38
N GLU A 45 6.74 5.42 15.71
CA GLU A 45 6.73 4.19 16.48
C GLU A 45 7.71 3.17 15.90
N HIS A 46 8.98 3.32 16.25
CA HIS A 46 10.01 2.41 15.77
C HIS A 46 9.62 0.95 16.01
N LYS A 47 9.24 0.65 17.24
CA LYS A 47 8.84 -0.70 17.60
C LYS A 47 7.65 -1.17 16.76
N ARG A 48 6.45 -0.72 17.13
CA ARG A 48 5.24 -1.09 16.40
C ARG A 48 5.20 -2.59 16.14
N PRO A 49 4.81 -3.36 17.17
CA PRO A 49 4.72 -4.81 17.08
C PRO A 49 3.57 -5.27 16.18
N SER A 50 3.92 -5.77 14.99
CA SER A 50 2.92 -6.24 14.05
C SER A 50 2.96 -7.76 13.92
N ALA A 51 1.86 -8.33 13.42
CA ALA A 51 1.77 -9.78 13.24
C ALA A 51 0.91 -10.12 12.03
N PRO A 52 1.05 -11.37 11.55
CA PRO A 52 0.29 -11.85 10.39
C PRO A 52 -1.19 -12.04 10.71
N ILE A 53 -2.05 -11.49 9.86
CA ILE A 53 -3.49 -11.60 10.04
C ILE A 53 -4.23 -11.53 8.71
N ASP A 54 -3.72 -12.24 7.73
CA ASP A 54 -4.33 -12.26 6.39
C ASP A 54 -5.54 -13.19 6.37
N PHE A 55 -6.25 -13.18 5.25
CA PHE A 55 -7.43 -14.03 5.09
C PHE A 55 -7.17 -15.15 4.10
N SER A 56 -6.43 -14.83 3.04
CA SER A 56 -6.11 -15.82 2.00
C SER A 56 -7.38 -16.29 1.30
N LYS A 57 -7.92 -15.46 0.42
CA LYS A 57 -9.13 -15.79 -0.32
C LYS A 57 -9.52 -14.67 -1.27
N LEU A 58 -8.52 -14.09 -1.93
CA LEU A 58 -8.76 -13.01 -2.87
C LEU A 58 -9.00 -13.54 -4.28
N ASP A 59 -7.94 -13.96 -4.93
CA ASP A 59 -8.03 -14.50 -6.29
C ASP A 59 -7.76 -16.01 -6.29
N PRO A 60 -8.21 -16.69 -7.35
CA PRO A 60 -8.03 -18.14 -7.50
C PRO A 60 -6.57 -18.51 -7.77
N GLY A 61 -5.74 -17.50 -8.01
CA GLY A 61 -4.34 -17.74 -8.28
C GLY A 61 -3.58 -18.18 -7.05
N LYS A 62 -2.28 -18.40 -7.20
CA LYS A 62 -1.44 -18.83 -6.09
C LYS A 62 0.03 -18.91 -6.51
N PRO A 63 0.66 -17.74 -6.67
CA PRO A 63 2.07 -17.66 -7.07
C PRO A 63 3.02 -18.13 -5.98
N GLU A 64 3.87 -19.09 -6.33
CA GLU A 64 4.83 -19.64 -5.38
C GLU A 64 6.04 -18.72 -5.22
N SER A 65 6.29 -17.91 -6.25
CA SER A 65 7.42 -16.98 -6.23
C SER A 65 7.38 -16.11 -4.99
N ILE A 66 6.19 -15.92 -4.43
CA ILE A 66 6.01 -15.11 -3.23
C ILE A 66 6.86 -15.64 -2.08
N LEU A 67 7.21 -16.91 -2.15
CA LEU A 67 8.03 -17.55 -1.11
C LEU A 67 9.37 -16.84 -0.98
N LYS A 68 9.75 -16.10 -2.01
CA LYS A 68 11.02 -15.36 -2.00
C LYS A 68 11.15 -14.52 -0.74
N MET A 69 10.01 -14.06 -0.22
CA MET A 69 10.01 -13.24 0.99
C MET A 69 10.80 -13.91 2.10
N THR A 70 10.42 -15.15 2.44
CA THR A 70 11.09 -15.90 3.50
C THR A 70 10.99 -15.18 4.84
N LYS A 71 9.95 -14.36 4.99
CA LYS A 71 9.74 -13.61 6.22
C LYS A 71 10.91 -12.67 6.50
N LYS A 72 10.70 -11.39 6.24
CA LYS A 72 11.73 -10.38 6.45
C LYS A 72 11.13 -8.98 6.51
N GLY A 73 11.79 -8.09 7.24
CA GLY A 73 11.31 -6.73 7.36
C GLY A 73 10.10 -6.62 8.27
N LYS A 74 9.18 -5.72 7.94
CA LYS A 74 7.97 -5.53 8.73
C LYS A 74 6.82 -5.05 7.86
N THR A 75 5.60 -5.49 8.20
CA THR A 75 4.42 -5.10 7.44
C THR A 75 4.35 -3.59 7.25
N LEU A 76 3.47 -3.15 6.37
CA LEU A 76 3.30 -1.72 6.10
C LEU A 76 1.89 -1.27 6.42
N MET A 77 1.77 -0.09 7.02
CA MET A 77 0.47 0.46 7.39
C MET A 77 0.54 1.97 7.52
N MET A 78 -0.25 2.68 6.71
CA MET A 78 -0.27 4.14 6.75
C MET A 78 -1.65 4.67 6.37
N PHE A 79 -2.27 5.40 7.28
CA PHE A 79 -3.60 5.97 7.03
C PHE A 79 -3.61 7.47 7.30
N VAL A 80 -3.89 8.25 6.26
CA VAL A 80 -3.93 9.70 6.39
C VAL A 80 -4.93 10.31 5.40
N THR A 81 -5.61 11.36 5.85
CA THR A 81 -6.60 12.03 5.02
C THR A 81 -6.40 13.55 5.03
N VAL A 82 -5.42 14.02 4.25
CA VAL A 82 -5.13 15.44 4.17
C VAL A 82 -4.19 15.75 3.01
N SER A 83 -4.24 16.98 2.52
CA SER A 83 -3.40 17.39 1.41
C SER A 83 -1.92 17.41 1.82
N GLY A 84 -1.12 16.66 1.09
CA GLY A 84 0.30 16.60 1.38
C GLY A 84 0.59 16.01 2.75
N ASN A 85 1.81 15.54 2.95
CA ASN A 85 2.21 14.94 4.23
C ASN A 85 3.66 14.47 4.18
N PRO A 86 4.37 14.65 5.30
CA PRO A 86 5.78 14.25 5.41
C PRO A 86 5.94 12.73 5.44
N THR A 87 6.14 12.15 4.26
CA THR A 87 6.30 10.71 4.14
C THR A 87 7.03 10.34 2.85
N GLU A 88 7.76 11.30 2.29
CA GLU A 88 8.49 11.08 1.05
C GLU A 88 9.50 9.95 1.21
N LYS A 89 10.22 9.96 2.34
CA LYS A 89 11.22 8.94 2.63
C LYS A 89 10.57 7.57 2.78
N GLU A 90 9.56 7.50 3.65
CA GLU A 90 8.86 6.24 3.90
C GLU A 90 8.20 5.72 2.62
N THR A 91 7.73 6.65 1.78
CA THR A 91 7.08 6.29 0.53
C THR A 91 7.93 5.32 -0.27
N GLU A 92 9.17 5.72 -0.58
CA GLU A 92 10.07 4.87 -1.34
C GLU A 92 10.26 3.52 -0.66
N GLU A 93 10.13 3.52 0.67
CA GLU A 93 10.29 2.29 1.45
C GLU A 93 9.06 1.40 1.33
N ILE A 94 7.93 2.02 0.97
CA ILE A 94 6.68 1.29 0.82
C ILE A 94 6.87 0.05 -0.04
N THR A 95 7.71 0.16 -1.05
CA THR A 95 7.98 -0.96 -1.95
C THR A 95 8.70 -2.09 -1.23
N SER A 96 9.60 -1.72 -0.32
CA SER A 96 10.36 -2.71 0.44
C SER A 96 9.45 -3.48 1.39
N LEU A 97 8.61 -2.76 2.13
CA LEU A 97 7.70 -3.37 3.07
C LEU A 97 6.58 -4.11 2.34
N TRP A 98 6.18 -3.58 1.18
CA TRP A 98 5.13 -4.19 0.39
C TRP A 98 5.43 -5.67 0.13
N GLN A 99 6.71 -6.00 0.09
CA GLN A 99 7.13 -7.38 -0.15
C GLN A 99 6.37 -8.34 0.74
N GLY A 100 6.48 -8.14 2.04
CA GLY A 100 5.79 -9.01 3.00
C GLY A 100 4.29 -8.88 2.91
N SER A 101 3.80 -7.65 2.84
CA SER A 101 2.37 -7.39 2.76
C SER A 101 1.75 -8.14 1.60
N LEU A 102 2.46 -8.17 0.48
CA LEU A 102 1.98 -8.86 -0.73
C LEU A 102 1.59 -10.30 -0.41
N PHE A 103 2.39 -10.95 0.43
CA PHE A 103 2.13 -12.33 0.82
C PHE A 103 0.70 -12.50 1.30
N ASN A 104 0.14 -11.44 1.88
CA ASN A 104 -1.22 -11.47 2.39
C ASN A 104 -2.19 -11.97 1.32
N ALA A 105 -1.81 -11.81 0.05
CA ALA A 105 -2.64 -12.25 -1.05
C ALA A 105 -3.96 -11.46 -1.10
N ASN A 106 -4.00 -10.35 -0.38
CA ASN A 106 -5.20 -9.51 -0.34
C ASN A 106 -4.82 -8.06 -0.10
N TYR A 107 -3.61 -7.68 -0.48
CA TYR A 107 -3.13 -6.32 -0.32
C TYR A 107 -4.14 -5.31 -0.88
N ASP A 108 -4.12 -4.11 -0.32
CA ASP A 108 -5.03 -3.05 -0.76
C ASP A 108 -4.40 -1.68 -0.57
N VAL A 109 -4.25 -0.94 -1.67
CA VAL A 109 -3.66 0.39 -1.62
C VAL A 109 -4.28 1.30 -2.68
N GLN A 110 -4.72 2.48 -2.25
CA GLN A 110 -5.33 3.44 -3.16
C GLN A 110 -4.70 4.81 -3.00
N ARG A 111 -4.58 5.54 -4.12
CA ARG A 111 -3.99 6.87 -4.10
C ARG A 111 -4.88 7.87 -4.83
N PHE A 112 -5.28 8.91 -4.13
CA PHE A 112 -6.14 9.95 -4.71
C PHE A 112 -5.58 11.34 -4.45
N ILE A 113 -5.63 12.19 -5.47
CA ILE A 113 -5.13 13.56 -5.36
C ILE A 113 -6.16 14.56 -5.83
N VAL A 114 -6.56 15.46 -4.93
CA VAL A 114 -7.54 16.49 -5.26
C VAL A 114 -7.14 17.84 -4.68
N GLY A 115 -7.45 18.91 -5.41
CA GLY A 115 -7.12 20.24 -4.95
C GLY A 115 -7.59 20.50 -3.53
N SER A 116 -8.66 19.83 -3.13
CA SER A 116 -9.21 19.99 -1.79
C SER A 116 -8.32 19.32 -0.74
N ASP A 117 -7.85 18.12 -1.08
CA ASP A 117 -6.98 17.36 -0.17
C ASP A 117 -6.57 16.04 -0.80
N ARG A 118 -5.73 15.29 -0.09
CA ARG A 118 -5.26 14.00 -0.58
C ARG A 118 -5.46 12.92 0.48
N ALA A 119 -5.92 11.75 0.04
CA ALA A 119 -6.15 10.62 0.95
C ALA A 119 -5.49 9.36 0.43
N ILE A 120 -4.64 8.75 1.24
CA ILE A 120 -3.95 7.53 0.86
C ILE A 120 -4.09 6.45 1.94
N PHE A 121 -4.54 5.28 1.54
CA PHE A 121 -4.72 4.17 2.48
C PHE A 121 -4.07 2.89 1.94
N MET A 122 -3.10 2.38 2.71
CA MET A 122 -2.40 1.17 2.31
C MET A 122 -2.18 0.24 3.51
N LEU A 123 -2.72 -0.96 3.43
CA LEU A 123 -2.59 -1.93 4.50
C LEU A 123 -2.26 -3.33 3.96
N ARG A 124 -1.55 -4.11 4.74
CA ARG A 124 -1.17 -5.45 4.33
C ARG A 124 -2.40 -6.33 4.14
N ASP A 125 -3.43 -6.07 4.93
CA ASP A 125 -4.68 -6.84 4.86
C ASP A 125 -5.51 -6.39 3.66
N GLY A 126 -6.70 -6.95 3.54
CA GLY A 126 -7.59 -6.59 2.44
C GLY A 126 -8.88 -5.97 2.91
N SER A 127 -9.86 -6.81 3.26
CA SER A 127 -11.15 -6.32 3.73
C SER A 127 -10.98 -5.32 4.86
N TYR A 128 -10.12 -5.66 5.81
CA TYR A 128 -9.87 -4.79 6.96
C TYR A 128 -9.51 -3.37 6.50
N ALA A 129 -8.65 -3.30 5.48
CA ALA A 129 -8.21 -2.01 4.95
C ALA A 129 -9.35 -1.32 4.21
N TRP A 130 -10.25 -2.10 3.64
CA TRP A 130 -11.39 -1.55 2.90
C TRP A 130 -12.37 -0.86 3.85
N GLU A 131 -12.63 -1.50 4.99
CA GLU A 131 -13.55 -0.94 5.97
C GLU A 131 -13.00 0.36 6.56
N ILE A 132 -11.80 0.28 7.12
CA ILE A 132 -11.16 1.45 7.72
C ILE A 132 -11.00 2.57 6.69
N LYS A 133 -10.74 2.19 5.45
CA LYS A 133 -10.57 3.16 4.37
C LYS A 133 -11.74 4.14 4.33
N ASP A 134 -12.95 3.60 4.18
CA ASP A 134 -14.15 4.43 4.13
C ASP A 134 -14.21 5.39 5.32
N PHE A 135 -13.77 4.90 6.47
CA PHE A 135 -13.78 5.71 7.69
C PHE A 135 -12.73 6.82 7.61
N LEU A 136 -11.63 6.53 6.91
CA LEU A 136 -10.55 7.50 6.76
C LEU A 136 -11.05 8.75 6.03
N VAL A 137 -11.49 8.57 4.79
CA VAL A 137 -11.99 9.69 3.99
C VAL A 137 -13.08 10.46 4.73
N SER A 138 -13.81 9.75 5.59
CA SER A 138 -14.88 10.37 6.36
C SER A 138 -14.33 11.43 7.30
N GLN A 139 -13.10 11.24 7.74
CA GLN A 139 -12.45 12.19 8.65
C GLN A 139 -12.22 13.52 7.97
N ASP A 140 -11.50 13.49 6.85
CA ASP A 140 -11.20 14.71 6.10
C ASP A 140 -10.35 15.66 6.93
N ARG A 141 -9.65 15.11 7.92
CA ARG A 141 -8.81 15.92 8.79
C ARG A 141 -8.06 15.05 9.79
N CYS A 142 -7.31 14.09 9.27
CA CYS A 142 -6.54 13.17 10.13
C CYS A 142 -5.22 12.79 9.46
N ALA A 143 -4.18 12.62 10.28
CA ALA A 143 -2.88 12.25 9.78
C ALA A 143 -2.26 11.13 10.60
N GLU A 144 -1.93 10.02 9.94
CA GLU A 144 -1.34 8.87 10.61
C GLU A 144 -0.45 8.08 9.66
N VAL A 145 0.71 7.65 10.16
CA VAL A 145 1.65 6.89 9.35
C VAL A 145 2.47 5.93 10.22
N THR A 146 2.58 4.69 9.78
CA THR A 146 3.34 3.67 10.51
C THR A 146 4.33 2.97 9.61
N LEU A 147 5.62 3.09 9.94
CA LEU A 147 6.68 2.46 9.16
C LEU A 147 7.74 1.87 10.07
N GLU A 148 7.93 0.55 9.98
CA GLU A 148 8.92 -0.14 10.80
C GLU A 148 9.63 -1.23 9.99
N GLY A 149 10.60 -1.88 10.61
CA GLY A 149 11.34 -2.94 9.94
C GLY A 149 12.21 -3.73 10.89
N GLN A 150 11.81 -3.77 12.15
CA GLN A 150 12.56 -4.51 13.17
C GLN A 150 12.64 -5.99 12.83
N MET A 151 11.53 -6.70 13.04
CA MET A 151 11.47 -8.12 12.76
C MET A 151 10.07 -8.68 13.02
N TYR A 152 9.14 -8.37 12.12
CA TYR A 152 7.77 -8.82 12.25
C TYR A 152 6.93 -8.37 11.06
N PRO A 153 7.03 -9.10 9.94
CA PRO A 153 6.28 -8.79 8.72
C PRO A 153 4.79 -9.05 8.87
N GLY A 154 4.06 -8.98 7.76
CA GLY A 154 2.63 -9.21 7.79
C GLY A 154 2.17 -10.13 6.68
N LYS A 155 3.02 -11.07 6.30
CA LYS A 155 2.70 -12.02 5.24
C LYS A 155 1.33 -12.65 5.46
N GLY A 156 1.08 -13.06 6.70
CA GLY A 156 -0.19 -13.67 7.04
C GLY A 156 -0.09 -15.17 7.20
N GLY A 157 0.95 -15.63 7.89
CA GLY A 157 1.15 -17.05 8.09
C GLY A 157 2.55 -17.37 8.57
N GLY A 158 3.51 -17.35 7.65
CA GLY A 158 4.89 -17.66 8.01
C GLY A 158 5.55 -18.60 7.03
N SER A 159 6.14 -18.04 5.98
CA SER A 159 6.80 -18.85 4.96
C SER A 159 8.19 -19.28 5.42
N LYS A 160 9.13 -18.35 5.41
CA LYS A 160 10.50 -18.63 5.83
C LYS A 160 11.02 -19.90 5.15
N GLU A 161 10.87 -19.98 3.84
CA GLU A 161 11.34 -21.14 3.08
C GLU A 161 12.76 -20.91 2.56
N LYS A 162 13.04 -19.69 2.13
CA LYS A 162 14.36 -19.34 1.62
C LYS A 162 14.66 -20.12 0.34
N ASN A 163 14.14 -19.64 -0.78
CA ASN A 163 14.34 -20.29 -2.07
C ASN A 163 14.34 -19.27 -3.20
N LYS A 164 15.37 -19.34 -4.06
CA LYS A 164 15.48 -18.43 -5.19
C LYS A 164 14.66 -18.92 -6.37
N THR A 165 14.33 -18.00 -7.28
CA THR A 165 13.54 -18.34 -8.46
C THR A 165 13.91 -17.44 -9.64
N LYS A 166 14.27 -18.06 -10.76
CA LYS A 166 14.63 -17.32 -11.96
C LYS A 166 13.40 -16.76 -12.66
N PRO A 167 12.47 -17.66 -13.00
CA PRO A 167 11.22 -17.29 -13.68
C PRO A 167 10.28 -16.51 -12.77
N GLU A 168 10.75 -16.19 -11.57
CA GLU A 168 9.94 -15.45 -10.61
C GLU A 168 9.73 -14.01 -11.07
N LYS A 169 10.79 -13.39 -11.58
CA LYS A 169 10.72 -12.02 -12.05
C LYS A 169 9.63 -11.87 -13.10
N ALA A 170 9.37 -12.94 -13.84
CA ALA A 170 8.34 -12.92 -14.88
C ALA A 170 6.95 -13.03 -14.27
N LYS A 171 6.84 -13.81 -13.20
CA LYS A 171 5.56 -14.01 -12.53
C LYS A 171 5.01 -12.70 -11.99
N LYS A 172 5.89 -11.91 -11.35
CA LYS A 172 5.49 -10.62 -10.80
C LYS A 172 5.41 -9.56 -11.89
N LYS A 173 6.23 -9.71 -12.92
CA LYS A 173 6.25 -8.77 -14.04
C LYS A 173 4.88 -8.67 -14.69
N GLU A 174 4.29 -9.82 -15.02
CA GLU A 174 2.97 -9.85 -15.64
C GLU A 174 1.91 -9.31 -14.69
N GLY A 175 2.00 -9.69 -13.43
CA GLY A 175 1.04 -9.24 -12.44
C GLY A 175 0.75 -10.29 -11.39
N ASP A 176 0.35 -9.84 -10.20
CA ASP A 176 0.05 -10.75 -9.10
C ASP A 176 -1.21 -11.55 -9.39
N PRO A 177 -2.34 -10.84 -9.58
CA PRO A 177 -3.63 -11.46 -9.87
C PRO A 177 -3.68 -12.07 -11.26
N LYS A 178 -3.25 -11.30 -12.26
CA LYS A 178 -3.24 -11.77 -13.63
C LYS A 178 -2.62 -10.73 -14.56
N PRO A 179 -2.19 -11.18 -15.75
CA PRO A 179 -1.57 -10.30 -16.75
C PRO A 179 -2.57 -9.32 -17.36
N ARG A 180 -2.14 -8.61 -18.40
CA ARG A 180 -2.99 -7.65 -19.08
C ARG A 180 -3.58 -6.66 -18.08
N ALA A 181 -2.73 -5.79 -17.53
CA ALA A 181 -3.17 -4.80 -16.57
C ALA A 181 -2.01 -3.90 -16.13
N SER A 182 -0.84 -4.51 -15.97
CA SER A 182 0.36 -3.77 -15.56
C SER A 182 0.78 -2.78 -16.62
N LYS A 183 0.70 -3.20 -17.88
CA LYS A 183 1.07 -2.35 -19.01
C LYS A 183 0.28 -1.05 -18.99
N GLU A 184 -1.05 -1.16 -18.99
CA GLU A 184 -1.91 0.01 -18.97
C GLU A 184 -1.68 0.84 -17.71
N ASP A 185 -1.79 0.20 -16.56
CA ASP A 185 -1.59 0.87 -15.28
C ASP A 185 -0.27 1.63 -15.27
N ASN A 186 0.76 1.02 -15.84
CA ASN A 186 2.09 1.64 -15.89
C ASN A 186 2.11 2.78 -16.92
N ARG A 187 1.44 2.56 -18.05
CA ARG A 187 1.39 3.56 -19.11
C ARG A 187 0.84 4.88 -18.58
N ALA A 188 -0.10 4.79 -17.64
CA ALA A 188 -0.71 5.97 -17.05
C ALA A 188 0.07 6.45 -15.83
N GLY A 189 1.15 5.74 -15.51
CA GLY A 189 1.96 6.10 -14.36
C GLY A 189 2.40 7.55 -14.41
N SER A 190 1.75 8.38 -13.60
CA SER A 190 2.06 9.80 -13.55
C SER A 190 2.52 10.21 -12.15
N ARG A 191 2.64 11.51 -11.93
CA ARG A 191 3.07 12.04 -10.63
C ARG A 191 4.44 11.49 -10.25
N ARG A 192 5.48 12.22 -10.65
CA ARG A 192 6.84 11.81 -10.35
C ARG A 192 7.17 10.47 -11.02
N GLU A 193 6.65 10.28 -12.22
CA GLU A 193 6.89 9.05 -12.97
C GLU A 193 7.01 9.32 -14.47
N ASP A 194 5.89 9.66 -15.09
CA ASP A 194 5.86 9.95 -16.51
C ASP A 194 6.40 8.76 -17.32
N LEU A 195 5.61 7.70 -17.39
CA LEU A 195 6.01 6.50 -18.12
C LEU A 195 4.80 5.86 -18.80
N ALA A 1 -20.69 17.99 9.36
CA ALA A 1 -19.30 17.54 9.47
C ALA A 1 -19.05 16.30 8.62
N ASP A 2 -20.03 15.40 8.60
CA ASP A 2 -19.91 14.17 7.83
C ASP A 2 -20.00 14.45 6.34
N THR A 3 -19.21 13.73 5.55
CA THR A 3 -19.20 13.91 4.10
C THR A 3 -20.13 12.92 3.42
N PRO A 4 -20.66 13.31 2.25
CA PRO A 4 -21.57 12.48 1.47
C PRO A 4 -20.87 11.27 0.86
N GLY A 5 -21.66 10.30 0.39
CA GLY A 5 -21.10 9.11 -0.21
C GLY A 5 -22.13 8.31 -0.98
N GLU A 6 -22.14 8.48 -2.30
CA GLU A 6 -23.08 7.78 -3.15
C GLU A 6 -22.87 8.13 -4.62
N ALA A 7 -22.66 9.42 -4.90
CA ALA A 7 -22.43 9.88 -6.26
C ALA A 7 -20.94 10.01 -6.55
N THR A 8 -20.25 8.87 -6.59
CA THR A 8 -18.82 8.86 -6.86
C THR A 8 -18.50 8.07 -8.12
N PRO A 9 -17.46 8.49 -8.84
CA PRO A 9 -17.03 7.84 -10.08
C PRO A 9 -16.43 6.46 -9.83
N PRO A 10 -16.24 5.69 -10.92
CA PRO A 10 -15.67 4.34 -10.83
C PRO A 10 -14.19 4.35 -10.48
N PRO A 11 -13.65 3.18 -10.13
CA PRO A 11 -12.23 3.03 -9.76
C PRO A 11 -11.31 3.22 -10.95
N ARG A 12 -11.07 4.48 -11.31
CA ARG A 12 -10.20 4.80 -12.44
C ARG A 12 -8.78 4.27 -12.20
N LYS A 13 -8.21 4.66 -11.07
CA LYS A 13 -6.86 4.22 -10.71
C LYS A 13 -6.68 4.20 -9.20
N LYS A 14 -7.79 4.13 -8.46
CA LYS A 14 -7.74 4.10 -7.01
C LYS A 14 -6.96 2.89 -6.51
N LYS A 15 -7.51 1.70 -6.73
CA LYS A 15 -6.86 0.47 -6.32
C LYS A 15 -6.08 -0.16 -7.47
N ASP A 16 -5.70 0.67 -8.44
CA ASP A 16 -4.95 0.20 -9.59
C ASP A 16 -3.45 0.23 -9.31
N ILE A 17 -3.02 1.17 -8.49
CA ILE A 17 -1.61 1.31 -8.14
C ILE A 17 -0.77 1.60 -9.38
N ARG A 18 -0.40 2.86 -9.55
CA ARG A 18 0.41 3.27 -10.68
C ARG A 18 1.69 2.44 -10.78
N ASP A 19 1.83 1.72 -11.89
CA ASP A 19 3.01 0.88 -12.09
C ASP A 19 3.11 -0.19 -11.01
N TYR A 20 2.01 -0.42 -10.31
CA TYR A 20 1.98 -1.41 -9.23
C TYR A 20 3.14 -1.20 -8.26
N ASN A 21 3.55 0.05 -8.11
CA ASN A 21 4.65 0.39 -7.20
C ASN A 21 4.91 1.89 -7.21
N ASP A 22 4.83 2.50 -8.39
CA ASP A 22 5.05 3.93 -8.53
C ASP A 22 4.09 4.72 -7.64
N ALA A 23 2.98 4.09 -7.28
CA ALA A 23 1.97 4.73 -6.44
C ALA A 23 2.61 5.35 -5.20
N ASP A 24 3.29 4.52 -4.42
CA ASP A 24 3.95 4.99 -3.20
C ASP A 24 4.82 6.21 -3.48
N MET A 25 5.61 6.14 -4.56
CA MET A 25 6.48 7.25 -4.94
C MET A 25 5.67 8.50 -5.22
N ALA A 26 4.47 8.31 -5.75
CA ALA A 26 3.59 9.45 -6.07
C ALA A 26 3.39 10.35 -4.85
N ARG A 27 3.29 9.74 -3.68
CA ARG A 27 3.09 10.49 -2.45
C ARG A 27 4.21 11.50 -2.24
N LEU A 28 5.42 11.12 -2.67
CA LEU A 28 6.58 11.99 -2.54
C LEU A 28 6.29 13.38 -3.08
N LEU A 29 5.52 13.44 -4.16
CA LEU A 29 5.17 14.71 -4.79
C LEU A 29 4.40 15.61 -3.81
N GLU A 30 3.52 14.99 -3.02
CA GLU A 30 2.74 15.73 -2.05
C GLU A 30 3.61 16.20 -0.88
N GLN A 31 4.66 15.45 -0.59
CA GLN A 31 5.56 15.79 0.49
C GLN A 31 6.11 17.20 0.32
N TRP A 32 6.28 17.61 -0.93
CA TRP A 32 6.80 18.95 -1.23
C TRP A 32 5.82 20.03 -0.75
N GLU A 33 4.54 19.85 -1.06
CA GLU A 33 3.52 20.81 -0.66
C GLU A 33 3.37 20.83 0.86
N LYS A 34 3.76 19.74 1.50
CA LYS A 34 3.65 19.63 2.96
C LYS A 34 4.68 20.54 3.64
N ASP A 35 5.84 20.66 3.02
CA ASP A 35 6.91 21.51 3.57
C ASP A 35 6.36 22.87 3.99
N ASP A 36 5.38 23.36 3.25
CA ASP A 36 4.77 24.65 3.55
C ASP A 36 3.56 24.49 4.47
N ASP A 37 2.67 23.57 4.12
CA ASP A 37 1.48 23.31 4.91
C ASP A 37 1.84 22.71 6.26
N ILE A 38 2.29 21.47 6.24
CA ILE A 38 2.68 20.78 7.47
C ILE A 38 1.48 20.51 8.35
N GLU A 39 0.84 19.36 8.16
CA GLU A 39 -0.34 18.99 8.95
C GLU A 39 0.06 18.07 10.11
N GLU A 40 0.39 16.83 9.79
CA GLU A 40 0.78 15.87 10.81
C GLU A 40 1.13 14.53 10.17
N GLY A 41 1.30 13.50 11.01
CA GLY A 41 1.63 12.18 10.52
C GLY A 41 1.61 11.13 11.61
N ASP A 42 2.07 11.50 12.79
CA ASP A 42 2.10 10.58 13.93
C ASP A 42 2.95 9.36 13.61
N LEU A 43 4.25 9.57 13.48
CA LEU A 43 5.19 8.49 13.18
C LEU A 43 6.27 8.38 14.25
N PRO A 44 5.89 7.88 15.43
CA PRO A 44 6.82 7.71 16.55
C PRO A 44 7.86 6.62 16.29
N GLU A 45 7.46 5.59 15.54
CA GLU A 45 8.36 4.49 15.22
C GLU A 45 8.97 3.90 16.49
N HIS A 46 8.29 2.92 17.07
CA HIS A 46 8.77 2.27 18.29
C HIS A 46 8.96 0.78 18.07
N LYS A 47 8.04 0.16 17.35
CA LYS A 47 8.10 -1.26 17.06
C LYS A 47 6.91 -1.71 16.22
N ARG A 48 5.70 -1.44 16.71
CA ARG A 48 4.49 -1.81 15.99
C ARG A 48 4.52 -3.29 15.60
N PRO A 49 4.32 -4.16 16.59
CA PRO A 49 4.32 -5.61 16.37
C PRO A 49 3.09 -6.08 15.59
N SER A 50 3.33 -6.55 14.37
CA SER A 50 2.26 -7.02 13.51
C SER A 50 2.31 -8.54 13.34
N ALA A 51 1.15 -9.18 13.36
CA ALA A 51 1.08 -10.63 13.20
C ALA A 51 0.20 -11.01 12.02
N PRO A 52 0.36 -12.24 11.53
CA PRO A 52 -0.42 -12.76 10.40
C PRO A 52 -1.88 -12.98 10.75
N ILE A 53 -2.66 -11.90 10.79
CA ILE A 53 -4.07 -11.98 11.11
C ILE A 53 -4.93 -11.75 9.87
N ASP A 54 -4.36 -12.02 8.70
CA ASP A 54 -5.08 -11.84 7.45
C ASP A 54 -5.88 -13.09 7.10
N PHE A 55 -6.58 -13.04 5.97
CA PHE A 55 -7.38 -14.17 5.53
C PHE A 55 -6.57 -15.12 4.65
N SER A 56 -5.98 -14.57 3.59
CA SER A 56 -5.18 -15.37 2.66
C SER A 56 -6.01 -16.49 2.05
N LYS A 57 -7.02 -16.12 1.27
CA LYS A 57 -7.89 -17.09 0.62
C LYS A 57 -8.93 -16.38 -0.25
N LEU A 58 -8.48 -15.43 -1.05
CA LEU A 58 -9.37 -14.69 -1.93
C LEU A 58 -9.49 -15.37 -3.29
N ASP A 59 -8.44 -15.25 -4.10
CA ASP A 59 -8.42 -15.86 -5.43
C ASP A 59 -7.43 -17.02 -5.48
N PRO A 60 -7.60 -17.90 -6.48
CA PRO A 60 -6.73 -19.06 -6.66
C PRO A 60 -5.33 -18.67 -7.11
N GLY A 61 -4.51 -18.22 -6.17
CA GLY A 61 -3.16 -17.83 -6.50
C GLY A 61 -2.16 -18.21 -5.42
N LYS A 62 -1.15 -18.98 -5.79
CA LYS A 62 -0.13 -19.41 -4.84
C LYS A 62 1.11 -19.91 -5.57
N PRO A 63 1.82 -18.97 -6.23
CA PRO A 63 3.05 -19.29 -6.97
C PRO A 63 4.20 -19.67 -6.06
N GLU A 64 5.30 -20.13 -6.66
CA GLU A 64 6.48 -20.54 -5.89
C GLU A 64 7.30 -19.32 -5.49
N SER A 65 7.18 -18.25 -6.26
CA SER A 65 7.93 -17.02 -5.99
C SER A 65 7.65 -16.51 -4.58
N ILE A 66 6.48 -16.88 -4.06
CA ILE A 66 6.09 -16.46 -2.72
C ILE A 66 7.16 -16.84 -1.69
N LEU A 67 7.80 -17.97 -1.91
CA LEU A 67 8.85 -18.45 -1.01
C LEU A 67 10.10 -17.57 -1.10
N LYS A 68 10.29 -16.96 -2.26
CA LYS A 68 11.43 -16.08 -2.49
C LYS A 68 11.48 -14.97 -1.45
N MET A 69 10.32 -14.64 -0.89
CA MET A 69 10.24 -13.59 0.12
C MET A 69 11.23 -13.83 1.25
N THR A 70 11.54 -15.11 1.49
CA THR A 70 12.47 -15.49 2.55
C THR A 70 12.31 -14.59 3.77
N LYS A 71 11.06 -14.33 4.14
CA LYS A 71 10.77 -13.48 5.29
C LYS A 71 11.29 -12.07 5.08
N LYS A 72 10.39 -11.17 4.68
CA LYS A 72 10.75 -9.77 4.45
C LYS A 72 11.27 -9.12 5.72
N GLY A 73 10.34 -8.81 6.63
CA GLY A 73 10.72 -8.19 7.89
C GLY A 73 9.52 -7.84 8.75
N LYS A 74 8.75 -6.84 8.33
CA LYS A 74 7.57 -6.42 9.07
C LYS A 74 6.51 -5.84 8.13
N THR A 75 5.24 -6.07 8.45
CA THR A 75 4.15 -5.57 7.64
C THR A 75 4.19 -4.06 7.52
N LEU A 76 3.14 -3.48 6.96
CA LEU A 76 3.05 -2.04 6.79
C LEU A 76 1.64 -1.53 7.09
N MET A 77 1.55 -0.28 7.52
CA MET A 77 0.26 0.32 7.85
C MET A 77 0.35 1.85 7.86
N MET A 78 -0.41 2.49 6.98
CA MET A 78 -0.41 3.94 6.89
C MET A 78 -1.78 4.46 6.45
N PHE A 79 -2.27 5.47 7.14
CA PHE A 79 -3.57 6.05 6.81
C PHE A 79 -3.57 7.56 7.10
N VAL A 80 -3.80 8.35 6.06
CA VAL A 80 -3.83 9.80 6.19
C VAL A 80 -4.68 10.44 5.09
N THR A 81 -5.64 11.25 5.49
CA THR A 81 -6.52 11.93 4.54
C THR A 81 -6.32 13.44 4.58
N VAL A 82 -5.39 13.93 3.79
CA VAL A 82 -5.11 15.37 3.73
C VAL A 82 -4.10 15.68 2.63
N SER A 83 -4.14 16.92 2.14
CA SER A 83 -3.24 17.35 1.08
C SER A 83 -1.83 17.59 1.63
N GLY A 84 -0.95 16.62 1.42
CA GLY A 84 0.41 16.74 1.90
C GLY A 84 0.62 16.06 3.24
N ASN A 85 1.83 15.57 3.48
CA ASN A 85 2.15 14.90 4.73
C ASN A 85 3.60 14.41 4.73
N PRO A 86 4.30 14.63 5.85
CA PRO A 86 5.69 14.22 6.01
C PRO A 86 5.85 12.70 6.07
N THR A 87 6.21 12.09 4.95
CA THR A 87 6.39 10.65 4.89
C THR A 87 7.11 10.25 3.60
N GLU A 88 7.91 11.15 3.05
CA GLU A 88 8.65 10.89 1.83
C GLU A 88 9.40 9.56 1.92
N LYS A 89 10.12 9.38 3.01
CA LYS A 89 10.88 8.15 3.22
C LYS A 89 9.97 7.00 3.63
N GLU A 90 8.89 7.32 4.34
CA GLU A 90 7.93 6.32 4.78
C GLU A 90 7.27 5.63 3.59
N THR A 91 6.75 6.42 2.67
CA THR A 91 6.08 5.90 1.48
C THR A 91 7.07 5.15 0.59
N GLU A 92 8.32 5.60 0.60
CA GLU A 92 9.36 4.98 -0.22
C GLU A 92 9.73 3.60 0.33
N GLU A 93 9.57 3.44 1.64
CA GLU A 93 9.88 2.16 2.29
C GLU A 93 8.73 1.17 2.12
N ILE A 94 7.54 1.69 1.86
CA ILE A 94 6.36 0.86 1.68
C ILE A 94 6.65 -0.28 0.70
N THR A 95 7.55 -0.03 -0.24
CA THR A 95 7.90 -1.03 -1.24
C THR A 95 8.54 -2.25 -0.59
N SER A 96 9.44 -2.02 0.35
CA SER A 96 10.12 -3.10 1.05
C SER A 96 9.15 -3.84 1.98
N LEU A 97 8.40 -3.08 2.76
CA LEU A 97 7.43 -3.65 3.69
C LEU A 97 6.32 -4.39 2.94
N TRP A 98 5.90 -3.82 1.83
CA TRP A 98 4.84 -4.43 1.01
C TRP A 98 5.16 -5.88 0.71
N GLN A 99 6.44 -6.17 0.50
CA GLN A 99 6.87 -7.54 0.20
C GLN A 99 6.33 -8.52 1.22
N GLY A 100 6.26 -8.09 2.48
CA GLY A 100 5.75 -8.95 3.53
C GLY A 100 4.25 -9.18 3.42
N SER A 101 3.50 -8.09 3.40
CA SER A 101 2.05 -8.17 3.32
C SER A 101 1.62 -8.92 2.05
N LEU A 102 2.44 -8.80 1.01
CA LEU A 102 2.16 -9.47 -0.26
C LEU A 102 1.91 -10.96 -0.05
N PHE A 103 2.64 -11.56 0.88
CA PHE A 103 2.51 -12.98 1.16
C PHE A 103 1.04 -13.33 1.47
N ASN A 104 0.33 -12.39 2.08
CA ASN A 104 -1.07 -12.60 2.42
C ASN A 104 -1.89 -12.94 1.17
N ALA A 105 -1.40 -12.52 0.01
CA ALA A 105 -2.07 -12.79 -1.25
C ALA A 105 -3.43 -12.08 -1.30
N ASN A 106 -3.63 -11.13 -0.40
CA ASN A 106 -4.87 -10.38 -0.34
C ASN A 106 -4.64 -8.97 0.19
N TYR A 107 -3.42 -8.47 0.02
CA TYR A 107 -3.07 -7.14 0.48
C TYR A 107 -4.06 -6.10 -0.03
N ASP A 108 -3.96 -4.88 0.49
CA ASP A 108 -4.85 -3.80 0.08
C ASP A 108 -4.08 -2.49 -0.06
N VAL A 109 -4.23 -1.85 -1.21
CA VAL A 109 -3.55 -0.59 -1.47
C VAL A 109 -4.33 0.26 -2.48
N GLN A 110 -4.74 1.45 -2.06
CA GLN A 110 -5.50 2.36 -2.92
C GLN A 110 -5.21 3.81 -2.55
N ARG A 111 -4.80 4.60 -3.55
CA ARG A 111 -4.50 6.00 -3.34
C ARG A 111 -5.36 6.89 -4.25
N PHE A 112 -5.66 8.09 -3.78
CA PHE A 112 -6.47 9.03 -4.55
C PHE A 112 -5.80 10.40 -4.61
N ILE A 113 -5.97 11.08 -5.75
CA ILE A 113 -5.38 12.40 -5.94
C ILE A 113 -6.42 13.39 -6.42
N VAL A 114 -6.62 14.46 -5.65
CA VAL A 114 -7.58 15.50 -6.02
C VAL A 114 -7.11 16.87 -5.55
N GLY A 115 -7.42 17.89 -6.35
CA GLY A 115 -7.03 19.24 -6.01
C GLY A 115 -7.42 19.62 -4.59
N SER A 116 -8.48 19.02 -4.09
CA SER A 116 -8.96 19.30 -2.74
C SER A 116 -7.97 18.78 -1.69
N ASP A 117 -7.56 17.53 -1.85
CA ASP A 117 -6.62 16.92 -0.93
C ASP A 117 -6.17 15.55 -1.43
N ARG A 118 -5.33 14.88 -0.65
CA ARG A 118 -4.82 13.56 -1.02
C ARG A 118 -4.98 12.58 0.13
N ALA A 119 -5.35 11.34 -0.20
CA ALA A 119 -5.54 10.30 0.81
C ALA A 119 -4.85 9.00 0.38
N ILE A 120 -4.24 8.33 1.34
CA ILE A 120 -3.56 7.07 1.08
C ILE A 120 -3.99 5.99 2.06
N PHE A 121 -4.34 4.82 1.52
CA PHE A 121 -4.77 3.70 2.36
C PHE A 121 -4.01 2.42 1.98
N MET A 122 -3.28 1.88 2.95
CA MET A 122 -2.51 0.67 2.72
C MET A 122 -2.35 -0.13 4.01
N LEU A 123 -2.74 -1.40 3.98
CA LEU A 123 -2.65 -2.26 5.15
C LEU A 123 -2.43 -3.71 4.74
N ARG A 124 -1.74 -4.47 5.59
CA ARG A 124 -1.47 -5.88 5.32
C ARG A 124 -2.77 -6.66 5.16
N ASP A 125 -3.79 -6.25 5.90
CA ASP A 125 -5.09 -6.91 5.83
C ASP A 125 -5.83 -6.56 4.55
N GLY A 126 -7.08 -7.00 4.46
CA GLY A 126 -7.87 -6.72 3.27
C GLY A 126 -9.30 -6.34 3.61
N SER A 127 -10.10 -7.32 4.01
CA SER A 127 -11.49 -7.08 4.36
C SER A 127 -11.60 -6.15 5.57
N TYR A 128 -10.70 -6.33 6.53
CA TYR A 128 -10.69 -5.52 7.74
C TYR A 128 -10.30 -4.08 7.43
N ALA A 129 -9.15 -3.92 6.77
CA ALA A 129 -8.66 -2.60 6.41
C ALA A 129 -9.61 -1.91 5.43
N TRP A 130 -10.24 -2.70 4.56
CA TRP A 130 -11.17 -2.16 3.58
C TRP A 130 -12.22 -1.28 4.25
N GLU A 131 -12.88 -1.81 5.27
CA GLU A 131 -13.91 -1.08 5.99
C GLU A 131 -13.34 0.22 6.57
N ILE A 132 -12.14 0.13 7.14
CA ILE A 132 -11.50 1.29 7.73
C ILE A 132 -11.17 2.33 6.66
N LYS A 133 -10.90 1.87 5.45
CA LYS A 133 -10.58 2.76 4.34
C LYS A 133 -11.67 3.81 4.16
N ASP A 134 -12.89 3.35 3.89
CA ASP A 134 -14.02 4.25 3.69
C ASP A 134 -14.15 5.23 4.85
N PHE A 135 -13.90 4.75 6.06
CA PHE A 135 -13.99 5.59 7.25
C PHE A 135 -12.84 6.60 7.29
N LEU A 136 -11.70 6.21 6.70
CA LEU A 136 -10.53 7.09 6.67
C LEU A 136 -10.81 8.34 5.85
N VAL A 137 -11.04 8.16 4.55
CA VAL A 137 -11.31 9.27 3.65
C VAL A 137 -12.45 10.14 4.18
N SER A 138 -13.36 9.51 4.93
CA SER A 138 -14.50 10.22 5.49
C SER A 138 -14.03 11.33 6.43
N GLN A 139 -12.89 11.11 7.09
CA GLN A 139 -12.34 12.09 8.01
C GLN A 139 -12.05 13.41 7.29
N ASP A 140 -11.27 13.33 6.22
CA ASP A 140 -10.91 14.52 5.44
C ASP A 140 -10.09 15.48 6.29
N ARG A 141 -9.47 14.97 7.33
CA ARG A 141 -8.65 15.79 8.22
C ARG A 141 -7.99 14.93 9.30
N CYS A 142 -7.23 13.93 8.86
CA CYS A 142 -6.54 13.04 9.79
C CYS A 142 -5.19 12.60 9.23
N ALA A 143 -4.21 12.43 10.10
CA ALA A 143 -2.88 12.02 9.69
C ALA A 143 -2.33 10.95 10.62
N GLU A 144 -2.03 9.77 10.07
CA GLU A 144 -1.49 8.67 10.85
C GLU A 144 -0.59 7.78 9.99
N VAL A 145 0.58 7.46 10.53
CA VAL A 145 1.54 6.61 9.82
C VAL A 145 2.38 5.79 10.79
N THR A 146 2.58 4.52 10.48
CA THR A 146 3.36 3.63 11.32
C THR A 146 4.04 2.54 10.49
N LEU A 147 5.35 2.39 10.69
CA LEU A 147 6.12 1.39 9.96
C LEU A 147 7.29 0.90 10.79
N GLU A 148 7.73 -0.33 10.53
CA GLU A 148 8.85 -0.92 11.26
C GLU A 148 9.48 -2.06 10.46
N GLY A 149 10.52 -2.67 11.02
CA GLY A 149 11.19 -3.76 10.36
C GLY A 149 12.13 -4.52 11.28
N GLN A 150 11.58 -5.03 12.38
CA GLN A 150 12.38 -5.78 13.34
C GLN A 150 12.48 -7.25 12.93
N MET A 151 11.41 -8.01 13.16
CA MET A 151 11.39 -9.42 12.82
C MET A 151 10.01 -10.02 13.09
N TYR A 152 9.06 -9.70 12.23
CA TYR A 152 7.69 -10.20 12.38
C TYR A 152 6.81 -9.75 11.22
N PRO A 153 7.10 -10.28 10.01
CA PRO A 153 6.34 -9.94 8.80
C PRO A 153 4.93 -10.51 8.83
N GLY A 154 4.13 -10.13 7.83
CA GLY A 154 2.76 -10.60 7.76
C GLY A 154 2.68 -12.05 7.30
N LYS A 155 3.76 -12.55 6.72
CA LYS A 155 3.81 -13.92 6.23
C LYS A 155 3.38 -14.89 7.32
N GLY A 156 4.06 -14.86 8.46
CA GLY A 156 3.72 -15.74 9.55
C GLY A 156 4.44 -17.07 9.47
N GLY A 157 4.41 -17.69 8.29
CA GLY A 157 5.08 -18.96 8.10
C GLY A 157 6.52 -18.95 8.56
N GLY A 158 7.17 -17.79 8.41
CA GLY A 158 8.56 -17.66 8.81
C GLY A 158 9.44 -18.75 8.21
N SER A 159 9.47 -18.81 6.88
CA SER A 159 10.27 -19.81 6.18
C SER A 159 11.72 -19.36 6.08
N LYS A 160 11.94 -18.20 5.48
CA LYS A 160 13.29 -17.66 5.31
C LYS A 160 14.21 -18.69 4.68
N GLU A 161 13.96 -19.00 3.41
CA GLU A 161 14.77 -19.98 2.69
C GLU A 161 15.64 -19.29 1.64
N LYS A 162 15.09 -18.28 0.99
CA LYS A 162 15.81 -17.54 -0.03
C LYS A 162 16.17 -18.43 -1.20
N ASN A 163 15.35 -18.39 -2.26
CA ASN A 163 15.59 -19.20 -3.44
C ASN A 163 15.42 -18.37 -4.71
N LYS A 164 16.48 -18.30 -5.51
CA LYS A 164 16.46 -17.55 -6.75
C LYS A 164 15.26 -17.94 -7.61
N THR A 165 14.69 -16.96 -8.30
CA THR A 165 13.54 -17.20 -9.16
C THR A 165 13.64 -16.41 -10.46
N LYS A 166 14.25 -17.02 -11.47
CA LYS A 166 14.41 -16.38 -12.77
C LYS A 166 13.08 -16.26 -13.49
N PRO A 167 12.43 -17.40 -13.76
CA PRO A 167 11.13 -17.43 -14.43
C PRO A 167 10.00 -16.89 -13.56
N GLU A 168 10.13 -17.08 -12.25
CA GLU A 168 9.13 -16.60 -11.31
C GLU A 168 9.24 -15.09 -11.10
N LYS A 169 10.44 -14.56 -11.31
CA LYS A 169 10.68 -13.14 -11.15
C LYS A 169 9.68 -12.32 -11.96
N ALA A 170 9.55 -12.65 -13.25
CA ALA A 170 8.62 -11.95 -14.13
C ALA A 170 7.18 -12.33 -13.83
N LYS A 171 6.99 -13.57 -13.37
CA LYS A 171 5.66 -14.06 -13.05
C LYS A 171 4.93 -13.10 -12.11
N LYS A 172 5.64 -12.64 -11.09
CA LYS A 172 5.07 -11.70 -10.12
C LYS A 172 4.94 -10.31 -10.72
N LYS A 173 5.86 -9.97 -11.64
CA LYS A 173 5.84 -8.66 -12.28
C LYS A 173 4.66 -8.54 -13.23
N GLU A 174 4.20 -9.67 -13.75
CA GLU A 174 3.07 -9.68 -14.67
C GLU A 174 1.76 -9.49 -13.93
N GLY A 175 1.70 -10.00 -12.70
CA GLY A 175 0.49 -9.87 -11.90
C GLY A 175 -0.23 -11.19 -11.74
N ASP A 176 0.10 -11.93 -10.67
CA ASP A 176 -0.53 -13.21 -10.41
C ASP A 176 -2.00 -13.03 -10.04
N PRO A 177 -2.25 -12.29 -8.96
CA PRO A 177 -3.61 -12.03 -8.48
C PRO A 177 -4.39 -11.10 -9.40
N LYS A 178 -3.73 -10.03 -9.85
CA LYS A 178 -4.36 -9.06 -10.74
C LYS A 178 -3.60 -8.97 -12.06
N PRO A 179 -3.71 -10.04 -12.88
CA PRO A 179 -3.04 -10.10 -14.18
C PRO A 179 -3.65 -9.15 -15.20
N ARG A 180 -2.91 -8.88 -16.27
CA ARG A 180 -3.38 -7.98 -17.32
C ARG A 180 -3.74 -6.61 -16.73
N ALA A 181 -3.11 -6.27 -15.61
CA ALA A 181 -3.37 -5.00 -14.96
C ALA A 181 -2.16 -4.08 -15.05
N SER A 182 -0.96 -4.66 -14.94
CA SER A 182 0.27 -3.89 -15.02
C SER A 182 0.30 -3.01 -16.26
N LYS A 183 -0.19 -3.56 -17.37
CA LYS A 183 -0.23 -2.81 -18.63
C LYS A 183 -0.90 -1.46 -18.45
N GLU A 184 -2.06 -1.47 -17.79
CA GLU A 184 -2.80 -0.23 -17.56
C GLU A 184 -2.13 0.60 -16.46
N ASP A 185 -1.69 -0.07 -15.40
CA ASP A 185 -1.04 0.60 -14.29
C ASP A 185 0.10 1.48 -14.78
N ASN A 186 0.84 0.98 -15.76
CA ASN A 186 1.98 1.72 -16.32
C ASN A 186 1.48 2.87 -17.20
N ARG A 187 0.42 2.62 -17.96
CA ARG A 187 -0.13 3.63 -18.85
C ARG A 187 -0.45 4.91 -18.08
N ALA A 188 -0.85 4.76 -16.82
CA ALA A 188 -1.17 5.90 -15.98
C ALA A 188 0.09 6.63 -15.53
N GLY A 189 0.85 6.01 -14.63
CA GLY A 189 2.07 6.62 -14.14
C GLY A 189 1.80 7.83 -13.26
N SER A 190 2.57 7.96 -12.19
CA SER A 190 2.40 9.08 -11.26
C SER A 190 3.68 9.91 -11.18
N ARG A 191 3.73 10.83 -10.23
CA ARG A 191 4.90 11.68 -10.04
C ARG A 191 5.13 12.56 -11.27
N ARG A 192 4.51 13.74 -11.27
CA ARG A 192 4.66 14.67 -12.39
C ARG A 192 4.09 14.06 -13.68
N GLU A 193 3.01 13.31 -13.54
CA GLU A 193 2.37 12.67 -14.70
C GLU A 193 0.87 12.53 -14.47
N ASP A 194 0.48 11.58 -13.63
CA ASP A 194 -0.92 11.34 -13.32
C ASP A 194 -1.72 11.16 -14.60
N LEU A 195 -1.78 9.93 -15.10
CA LEU A 195 -2.51 9.62 -16.32
C LEU A 195 -3.43 8.41 -16.11
N ALA A 1 -16.79 17.23 11.33
CA ALA A 1 -18.02 16.64 10.82
C ALA A 1 -17.76 15.74 9.62
N ASP A 2 -17.44 14.48 9.90
CA ASP A 2 -17.16 13.51 8.84
C ASP A 2 -18.45 13.01 8.21
N THR A 3 -18.56 13.15 6.89
CA THR A 3 -19.75 12.71 6.17
C THR A 3 -19.42 11.56 5.22
N PRO A 4 -20.42 10.71 4.96
CA PRO A 4 -20.26 9.56 4.06
C PRO A 4 -20.10 9.98 2.61
N GLY A 5 -20.92 10.93 2.18
CA GLY A 5 -20.86 11.40 0.81
C GLY A 5 -22.09 11.01 0.01
N GLU A 6 -22.26 9.72 -0.21
CA GLU A 6 -23.40 9.22 -0.98
C GLU A 6 -23.37 9.74 -2.41
N ALA A 7 -22.16 10.03 -2.90
CA ALA A 7 -22.01 10.54 -4.25
C ALA A 7 -20.56 10.37 -4.73
N THR A 8 -19.90 9.34 -4.24
CA THR A 8 -18.51 9.07 -4.61
C THR A 8 -18.41 8.61 -6.06
N PRO A 9 -17.34 9.04 -6.74
CA PRO A 9 -17.09 8.68 -8.15
C PRO A 9 -16.75 7.20 -8.32
N PRO A 10 -16.77 6.73 -9.57
CA PRO A 10 -16.45 5.34 -9.90
C PRO A 10 -14.98 5.01 -9.69
N PRO A 11 -14.65 3.70 -9.71
CA PRO A 11 -13.28 3.24 -9.53
C PRO A 11 -12.38 3.59 -10.71
N ARG A 12 -11.93 4.84 -10.76
CA ARG A 12 -11.07 5.30 -11.84
C ARG A 12 -9.68 4.68 -11.73
N LYS A 13 -9.09 4.77 -10.55
CA LYS A 13 -7.76 4.22 -10.30
C LYS A 13 -7.59 3.85 -8.84
N LYS A 14 -8.70 3.68 -8.14
CA LYS A 14 -8.66 3.31 -6.72
C LYS A 14 -8.17 1.88 -6.54
N LYS A 15 -8.87 0.93 -7.15
CA LYS A 15 -8.50 -0.47 -7.06
C LYS A 15 -7.67 -0.90 -8.26
N ASP A 16 -7.04 0.07 -8.91
CA ASP A 16 -6.21 -0.20 -10.08
C ASP A 16 -4.74 -0.31 -9.68
N ILE A 17 -4.28 0.61 -8.85
CA ILE A 17 -2.90 0.62 -8.39
C ILE A 17 -1.93 0.75 -9.57
N ARG A 18 -1.43 1.97 -9.78
CA ARG A 18 -0.49 2.23 -10.86
C ARG A 18 0.70 1.29 -10.80
N ASP A 19 0.86 0.46 -11.83
CA ASP A 19 1.96 -0.49 -11.89
C ASP A 19 1.87 -1.50 -10.75
N TYR A 20 0.70 -1.58 -10.13
CA TYR A 20 0.48 -2.50 -9.01
C TYR A 20 1.60 -2.38 -7.99
N ASN A 21 2.15 -1.17 -7.85
CA ASN A 21 3.22 -0.92 -6.90
C ASN A 21 3.65 0.54 -6.93
N ASP A 22 3.60 1.14 -8.12
CA ASP A 22 3.98 2.54 -8.27
C ASP A 22 3.10 3.45 -7.44
N ALA A 23 1.95 2.93 -7.02
CA ALA A 23 1.00 3.70 -6.21
C ALA A 23 1.71 4.35 -5.03
N ASP A 24 2.32 3.51 -4.18
CA ASP A 24 3.04 4.01 -3.01
C ASP A 24 4.04 5.07 -3.40
N MET A 25 4.80 4.81 -4.46
CA MET A 25 5.81 5.75 -4.94
C MET A 25 5.18 7.11 -5.26
N ALA A 26 4.02 7.07 -5.92
CA ALA A 26 3.32 8.29 -6.29
C ALA A 26 3.18 9.22 -5.10
N ARG A 27 3.08 8.64 -3.90
CA ARG A 27 2.94 9.42 -2.68
C ARG A 27 4.11 10.36 -2.49
N LEU A 28 5.31 9.89 -2.86
CA LEU A 28 6.52 10.68 -2.72
C LEU A 28 6.34 12.05 -3.36
N LEU A 29 5.60 12.10 -4.47
CA LEU A 29 5.35 13.35 -5.16
C LEU A 29 4.62 14.35 -4.27
N GLU A 30 3.76 13.84 -3.40
CA GLU A 30 3.01 14.68 -2.47
C GLU A 30 3.92 15.30 -1.43
N GLN A 31 5.04 14.62 -1.15
CA GLN A 31 5.99 15.11 -0.15
C GLN A 31 6.39 16.55 -0.43
N TRP A 32 6.69 16.83 -1.70
CA TRP A 32 7.08 18.18 -2.11
C TRP A 32 6.08 19.21 -1.61
N GLU A 33 4.79 18.95 -1.86
CA GLU A 33 3.74 19.86 -1.44
C GLU A 33 3.63 19.90 0.08
N LYS A 34 3.99 18.80 0.73
CA LYS A 34 3.93 18.71 2.19
C LYS A 34 5.01 19.57 2.82
N ASP A 35 6.10 19.78 2.09
CA ASP A 35 7.21 20.60 2.58
C ASP A 35 6.72 21.92 3.13
N ASP A 36 5.72 22.50 2.46
CA ASP A 36 5.16 23.78 2.88
C ASP A 36 3.97 23.57 3.82
N ASP A 37 2.99 22.81 3.36
CA ASP A 37 1.80 22.52 4.15
C ASP A 37 2.16 21.84 5.46
N ILE A 38 2.69 20.62 5.35
CA ILE A 38 3.08 19.86 6.53
C ILE A 38 2.13 20.10 7.70
N GLU A 39 1.03 19.35 7.71
CA GLU A 39 0.03 19.48 8.77
C GLU A 39 0.23 18.41 9.83
N GLU A 40 0.04 17.15 9.44
CA GLU A 40 0.19 16.02 10.37
C GLU A 40 1.00 14.91 9.72
N GLY A 41 1.11 13.79 10.44
CA GLY A 41 1.87 12.66 9.93
C GLY A 41 3.10 12.36 10.76
N ASP A 42 2.90 12.20 12.07
CA ASP A 42 4.01 11.91 12.97
C ASP A 42 3.76 10.62 13.73
N LEU A 43 4.17 9.50 13.15
CA LEU A 43 3.99 8.19 13.77
C LEU A 43 5.10 7.23 13.35
N PRO A 44 6.30 7.41 13.94
CA PRO A 44 7.45 6.56 13.64
C PRO A 44 7.29 5.14 14.19
N GLU A 45 6.62 5.02 15.33
CA GLU A 45 6.39 3.72 15.94
C GLU A 45 7.71 3.07 16.35
N HIS A 46 8.13 3.34 17.58
CA HIS A 46 9.38 2.79 18.11
C HIS A 46 9.43 1.28 17.91
N LYS A 47 8.26 0.65 17.92
CA LYS A 47 8.17 -0.79 17.74
C LYS A 47 6.88 -1.18 17.04
N ARG A 48 5.77 -1.11 17.77
CA ARG A 48 4.46 -1.45 17.21
C ARG A 48 4.49 -2.82 16.53
N PRO A 49 4.53 -3.88 17.35
CA PRO A 49 4.57 -5.25 16.86
C PRO A 49 3.25 -5.68 16.22
N SER A 50 3.31 -6.00 14.93
CA SER A 50 2.11 -6.42 14.20
C SER A 50 2.20 -7.89 13.81
N ALA A 51 1.05 -8.49 13.52
CA ALA A 51 0.99 -9.89 13.13
C ALA A 51 0.00 -10.11 11.99
N PRO A 52 0.14 -11.24 11.29
CA PRO A 52 -0.74 -11.60 10.17
C PRO A 52 -2.16 -11.93 10.62
N ILE A 53 -3.14 -11.41 9.90
CA ILE A 53 -4.54 -11.66 10.23
C ILE A 53 -5.41 -11.63 8.97
N ASP A 54 -5.14 -12.54 8.05
CA ASP A 54 -5.90 -12.62 6.80
C ASP A 54 -6.57 -13.98 6.67
N PHE A 55 -7.30 -14.17 5.57
CA PHE A 55 -8.00 -15.42 5.31
C PHE A 55 -7.70 -15.94 3.91
N SER A 56 -7.80 -15.05 2.93
CA SER A 56 -7.56 -15.41 1.53
C SER A 56 -8.34 -16.66 1.15
N LYS A 57 -9.57 -16.45 0.68
CA LYS A 57 -10.43 -17.56 0.28
C LYS A 57 -10.76 -17.47 -1.21
N LEU A 58 -10.82 -16.25 -1.73
CA LEU A 58 -11.13 -16.03 -3.14
C LEU A 58 -10.09 -16.70 -4.03
N ASP A 59 -8.94 -16.05 -4.18
CA ASP A 59 -7.86 -16.59 -5.00
C ASP A 59 -6.67 -17.01 -4.14
N PRO A 60 -5.81 -17.87 -4.70
CA PRO A 60 -4.63 -18.38 -3.99
C PRO A 60 -3.57 -17.29 -3.80
N GLY A 61 -3.23 -16.60 -4.88
CA GLY A 61 -2.24 -15.55 -4.81
C GLY A 61 -0.99 -15.98 -4.05
N LYS A 62 -0.49 -17.16 -4.37
CA LYS A 62 0.70 -17.68 -3.71
C LYS A 62 1.82 -17.95 -4.72
N PRO A 63 2.30 -16.88 -5.37
CA PRO A 63 3.37 -16.97 -6.36
C PRO A 63 4.71 -17.33 -5.75
N GLU A 64 5.73 -17.46 -6.58
CA GLU A 64 7.07 -17.79 -6.12
C GLU A 64 7.78 -16.57 -5.56
N SER A 65 7.30 -15.39 -5.93
CA SER A 65 7.89 -14.14 -5.48
C SER A 65 8.05 -14.14 -3.96
N ILE A 66 7.07 -14.72 -3.27
CA ILE A 66 7.11 -14.79 -1.81
C ILE A 66 8.43 -15.35 -1.32
N LEU A 67 9.04 -16.22 -2.13
CA LEU A 67 10.31 -16.84 -1.77
C LEU A 67 11.43 -15.80 -1.77
N LYS A 68 11.41 -14.90 -2.74
CA LYS A 68 12.42 -13.87 -2.85
C LYS A 68 12.41 -12.97 -1.62
N MET A 69 11.29 -12.96 -0.90
CA MET A 69 11.16 -12.15 0.31
C MET A 69 12.33 -12.41 1.26
N THR A 70 12.81 -13.64 1.28
CA THR A 70 13.92 -14.01 2.15
C THR A 70 13.53 -13.90 3.62
N LYS A 71 12.32 -14.33 3.94
CA LYS A 71 11.83 -14.28 5.32
C LYS A 71 11.71 -12.84 5.80
N LYS A 72 10.51 -12.29 5.70
CA LYS A 72 10.25 -10.92 6.13
C LYS A 72 10.16 -10.82 7.65
N GLY A 73 10.02 -9.60 8.15
CA GLY A 73 9.92 -9.41 9.59
C GLY A 73 9.22 -8.12 9.95
N LYS A 74 8.44 -7.58 9.00
CA LYS A 74 7.71 -6.35 9.23
C LYS A 74 6.43 -6.31 8.41
N THR A 75 5.35 -5.80 9.01
CA THR A 75 4.07 -5.71 8.33
C THR A 75 3.92 -4.39 7.60
N LEU A 76 2.73 -4.14 7.08
CA LEU A 76 2.45 -2.90 6.35
C LEU A 76 1.13 -2.29 6.79
N MET A 77 1.19 -1.06 7.30
CA MET A 77 -0.02 -0.37 7.76
C MET A 77 0.19 1.14 7.72
N MET A 78 -0.63 1.82 6.92
CA MET A 78 -0.55 3.27 6.79
C MET A 78 -1.89 3.86 6.36
N PHE A 79 -2.34 4.89 7.07
CA PHE A 79 -3.60 5.55 6.75
C PHE A 79 -3.48 7.06 6.89
N VAL A 80 -3.69 7.76 5.78
CA VAL A 80 -3.61 9.22 5.77
C VAL A 80 -4.60 9.82 4.77
N THR A 81 -5.14 10.98 5.11
CA THR A 81 -6.09 11.66 4.25
C THR A 81 -5.89 13.17 4.28
N VAL A 82 -4.85 13.64 3.60
CA VAL A 82 -4.55 15.06 3.55
C VAL A 82 -3.54 15.37 2.45
N SER A 83 -3.57 16.62 1.97
CA SER A 83 -2.64 17.04 0.92
C SER A 83 -1.20 16.93 1.37
N GLY A 84 -0.48 15.95 0.81
CA GLY A 84 0.91 15.77 1.18
C GLY A 84 1.08 15.33 2.63
N ASN A 85 2.15 14.60 2.89
CA ASN A 85 2.43 14.13 4.25
C ASN A 85 3.88 13.70 4.39
N PRO A 86 4.48 13.97 5.56
CA PRO A 86 5.86 13.61 5.85
C PRO A 86 6.07 12.11 5.99
N THR A 87 6.22 11.43 4.86
CA THR A 87 6.41 9.98 4.85
C THR A 87 7.16 9.54 3.61
N GLU A 88 7.87 10.47 2.98
CA GLU A 88 8.63 10.16 1.78
C GLU A 88 9.59 9.00 2.02
N LYS A 89 10.18 8.97 3.20
CA LYS A 89 11.12 7.90 3.56
C LYS A 89 10.40 6.56 3.66
N GLU A 90 9.36 6.50 4.49
CA GLU A 90 8.60 5.27 4.66
C GLU A 90 7.99 4.82 3.34
N THR A 91 7.65 5.78 2.49
CA THR A 91 7.06 5.48 1.19
C THR A 91 7.88 4.45 0.43
N GLU A 92 9.14 4.77 0.18
CA GLU A 92 10.03 3.87 -0.55
C GLU A 92 10.12 2.52 0.16
N GLU A 93 9.93 2.54 1.48
CA GLU A 93 9.99 1.31 2.26
C GLU A 93 8.71 0.48 2.09
N ILE A 94 7.63 1.15 1.68
CA ILE A 94 6.36 0.48 1.47
C ILE A 94 6.54 -0.77 0.61
N THR A 95 7.51 -0.73 -0.29
CA THR A 95 7.77 -1.86 -1.18
C THR A 95 8.22 -3.08 -0.39
N SER A 96 9.05 -2.85 0.63
CA SER A 96 9.56 -3.93 1.46
C SER A 96 8.46 -4.52 2.34
N LEU A 97 7.67 -3.63 2.96
CA LEU A 97 6.58 -4.06 3.83
C LEU A 97 5.49 -4.74 3.02
N TRP A 98 5.19 -4.19 1.84
CA TRP A 98 4.17 -4.75 0.97
C TRP A 98 4.41 -6.24 0.71
N GLN A 99 5.69 -6.63 0.71
CA GLN A 99 6.05 -8.01 0.47
C GLN A 99 5.46 -8.92 1.54
N GLY A 100 5.36 -8.40 2.76
CA GLY A 100 4.81 -9.19 3.86
C GLY A 100 3.32 -9.43 3.71
N SER A 101 2.55 -8.35 3.60
CA SER A 101 1.11 -8.45 3.46
C SER A 101 0.74 -9.22 2.19
N LEU A 102 1.60 -9.12 1.17
CA LEU A 102 1.36 -9.80 -0.10
C LEU A 102 1.12 -11.28 0.12
N PHE A 103 1.80 -11.86 1.11
CA PHE A 103 1.65 -13.27 1.42
C PHE A 103 0.19 -13.63 1.65
N ASN A 104 -0.55 -12.70 2.25
CA ASN A 104 -1.97 -12.91 2.53
C ASN A 104 -2.74 -13.20 1.25
N ALA A 105 -2.18 -12.79 0.12
CA ALA A 105 -2.81 -13.01 -1.18
C ALA A 105 -4.14 -12.26 -1.27
N ASN A 106 -4.34 -11.30 -0.37
CA ASN A 106 -5.56 -10.50 -0.35
C ASN A 106 -5.30 -9.12 0.21
N TYR A 107 -4.08 -8.62 -0.01
CA TYR A 107 -3.71 -7.29 0.47
C TYR A 107 -4.73 -6.24 0.05
N ASP A 108 -4.61 -5.05 0.62
CA ASP A 108 -5.52 -3.96 0.31
C ASP A 108 -4.76 -2.65 0.13
N VAL A 109 -4.87 -2.05 -1.06
CA VAL A 109 -4.19 -0.80 -1.35
C VAL A 109 -4.98 0.03 -2.36
N GLN A 110 -5.38 1.22 -1.95
CA GLN A 110 -6.15 2.11 -2.82
C GLN A 110 -5.53 3.51 -2.85
N ARG A 111 -5.42 4.09 -4.03
CA ARG A 111 -4.86 5.42 -4.20
C ARG A 111 -5.87 6.37 -4.82
N PHE A 112 -6.20 7.43 -4.10
CA PHE A 112 -7.16 8.42 -4.58
C PHE A 112 -6.67 9.84 -4.29
N ILE A 113 -6.98 10.76 -5.20
CA ILE A 113 -6.57 12.15 -5.04
C ILE A 113 -7.68 13.10 -5.48
N VAL A 114 -7.89 14.16 -4.71
CA VAL A 114 -8.92 15.14 -5.02
C VAL A 114 -8.36 16.56 -4.96
N GLY A 115 -8.43 17.26 -6.09
CA GLY A 115 -7.92 18.62 -6.15
C GLY A 115 -6.47 18.71 -5.77
N SER A 116 -6.19 19.09 -4.52
CA SER A 116 -4.82 19.22 -4.04
C SER A 116 -4.58 18.29 -2.86
N ASP A 117 -5.62 17.58 -2.44
CA ASP A 117 -5.51 16.65 -1.32
C ASP A 117 -5.22 15.23 -1.82
N ARG A 118 -4.49 14.47 -1.01
CA ARG A 118 -4.15 13.10 -1.37
C ARG A 118 -4.47 12.14 -0.22
N ALA A 119 -5.18 11.07 -0.55
CA ALA A 119 -5.55 10.06 0.45
C ALA A 119 -5.19 8.66 -0.01
N ILE A 120 -4.43 7.94 0.80
CA ILE A 120 -4.02 6.59 0.47
C ILE A 120 -4.30 5.63 1.63
N PHE A 121 -4.67 4.40 1.30
CA PHE A 121 -4.96 3.39 2.30
C PHE A 121 -4.21 2.10 2.02
N MET A 122 -3.64 1.51 3.07
CA MET A 122 -2.89 0.27 2.93
C MET A 122 -2.98 -0.57 4.20
N LEU A 123 -3.48 -1.80 4.07
CA LEU A 123 -3.61 -2.69 5.22
C LEU A 123 -3.30 -4.13 4.82
N ARG A 124 -2.70 -4.88 5.74
CA ARG A 124 -2.34 -6.27 5.49
C ARG A 124 -3.59 -7.10 5.17
N ASP A 125 -4.71 -6.72 5.79
CA ASP A 125 -5.97 -7.43 5.58
C ASP A 125 -6.71 -6.87 4.37
N GLY A 126 -7.81 -7.52 4.01
CA GLY A 126 -8.59 -7.07 2.87
C GLY A 126 -9.99 -6.63 3.27
N SER A 127 -10.84 -7.59 3.63
CA SER A 127 -12.20 -7.30 4.03
C SER A 127 -12.24 -6.22 5.11
N TYR A 128 -11.54 -6.47 6.21
CA TYR A 128 -11.49 -5.52 7.31
C TYR A 128 -10.89 -4.20 6.86
N ALA A 129 -10.00 -4.26 5.88
CA ALA A 129 -9.36 -3.06 5.36
C ALA A 129 -10.34 -2.19 4.59
N TRP A 130 -11.23 -2.85 3.84
CA TRP A 130 -12.24 -2.14 3.06
C TRP A 130 -13.08 -1.23 3.94
N GLU A 131 -13.45 -1.73 5.12
CA GLU A 131 -14.26 -0.95 6.05
C GLU A 131 -13.51 0.28 6.54
N ILE A 132 -12.23 0.11 6.85
CA ILE A 132 -11.41 1.20 7.33
C ILE A 132 -11.12 2.19 6.21
N LYS A 133 -11.02 1.69 4.98
CA LYS A 133 -10.75 2.53 3.83
C LYS A 133 -11.73 3.71 3.76
N ASP A 134 -13.00 3.38 3.55
CA ASP A 134 -14.04 4.41 3.48
C ASP A 134 -14.01 5.31 4.70
N PHE A 135 -13.62 4.74 5.85
CA PHE A 135 -13.55 5.49 7.09
C PHE A 135 -12.40 6.50 7.06
N LEU A 136 -11.34 6.15 6.33
CA LEU A 136 -10.18 7.03 6.21
C LEU A 136 -10.56 8.37 5.58
N VAL A 137 -11.03 8.32 4.35
CA VAL A 137 -11.43 9.53 3.64
C VAL A 137 -12.43 10.34 4.46
N SER A 138 -13.21 9.65 5.28
CA SER A 138 -14.20 10.30 6.12
C SER A 138 -13.58 11.44 6.93
N GLN A 139 -12.30 11.27 7.27
CA GLN A 139 -11.59 12.28 8.04
C GLN A 139 -11.34 13.53 7.20
N ASP A 140 -10.62 13.36 6.09
CA ASP A 140 -10.31 14.48 5.20
C ASP A 140 -9.45 15.51 5.91
N ARG A 141 -8.75 15.08 6.96
CA ARG A 141 -7.89 15.97 7.72
C ARG A 141 -7.16 15.21 8.83
N CYS A 142 -6.55 14.08 8.47
CA CYS A 142 -5.82 13.26 9.43
C CYS A 142 -4.68 12.52 8.74
N ALA A 143 -3.58 12.34 9.47
CA ALA A 143 -2.41 11.64 8.93
C ALA A 143 -1.86 10.66 9.95
N GLU A 144 -1.66 9.41 9.51
CA GLU A 144 -1.13 8.37 10.38
C GLU A 144 -0.36 7.32 9.57
N VAL A 145 0.73 6.84 10.14
CA VAL A 145 1.57 5.84 9.48
C VAL A 145 2.23 4.91 10.49
N THR A 146 2.23 3.62 10.18
CA THR A 146 2.83 2.63 11.07
C THR A 146 3.76 1.70 10.30
N LEU A 147 5.04 1.71 10.67
CA LEU A 147 6.03 0.86 10.02
C LEU A 147 7.17 0.52 10.98
N GLU A 148 7.79 -0.64 10.76
CA GLU A 148 8.88 -1.08 11.61
C GLU A 148 9.72 -2.14 10.89
N GLY A 149 10.76 -2.63 11.57
CA GLY A 149 11.63 -3.63 10.98
C GLY A 149 12.36 -4.44 12.03
N GLN A 150 11.67 -4.79 13.11
CA GLN A 150 12.27 -5.57 14.19
C GLN A 150 12.21 -7.06 13.89
N MET A 151 11.03 -7.64 14.02
CA MET A 151 10.83 -9.07 13.76
C MET A 151 9.35 -9.44 13.85
N TYR A 152 8.49 -8.50 13.49
CA TYR A 152 7.05 -8.74 13.53
C TYR A 152 6.45 -8.69 12.12
N PRO A 153 6.71 -9.74 11.35
CA PRO A 153 6.20 -9.86 9.97
C PRO A 153 4.70 -10.07 9.92
N GLY A 154 4.11 -9.88 8.74
CA GLY A 154 2.68 -10.05 8.59
C GLY A 154 2.33 -11.01 7.47
N LYS A 155 3.33 -11.75 6.98
CA LYS A 155 3.12 -12.71 5.92
C LYS A 155 2.50 -14.00 6.45
N GLY A 156 2.82 -14.33 7.69
CA GLY A 156 2.28 -15.53 8.31
C GLY A 156 3.24 -16.16 9.29
N GLY A 157 4.50 -15.73 9.25
CA GLY A 157 5.50 -16.27 10.16
C GLY A 157 6.89 -16.25 9.56
N GLY A 158 7.04 -16.83 8.38
CA GLY A 158 8.34 -16.86 7.72
C GLY A 158 8.45 -17.98 6.71
N SER A 159 8.70 -17.64 5.46
CA SER A 159 8.83 -18.63 4.39
C SER A 159 10.25 -19.19 4.35
N LYS A 160 11.23 -18.31 4.38
CA LYS A 160 12.63 -18.72 4.33
C LYS A 160 12.95 -19.43 3.02
N GLU A 161 13.54 -18.70 2.09
CA GLU A 161 13.90 -19.26 0.80
C GLU A 161 15.14 -18.56 0.23
N LYS A 162 15.20 -17.24 0.40
CA LYS A 162 16.32 -16.45 -0.10
C LYS A 162 16.72 -16.90 -1.50
N ASN A 163 15.72 -17.20 -2.32
CA ASN A 163 15.98 -17.64 -3.69
C ASN A 163 15.56 -16.56 -4.70
N LYS A 164 16.50 -16.15 -5.54
CA LYS A 164 16.23 -15.13 -6.55
C LYS A 164 15.00 -15.48 -7.36
N THR A 165 14.52 -14.52 -8.15
CA THR A 165 13.34 -14.74 -8.97
C THR A 165 13.40 -13.88 -10.24
N LYS A 166 13.99 -14.43 -11.29
CA LYS A 166 14.11 -13.72 -12.57
C LYS A 166 12.75 -13.60 -13.25
N PRO A 167 12.14 -14.75 -13.56
CA PRO A 167 10.83 -14.79 -14.22
C PRO A 167 9.70 -14.33 -13.30
N GLU A 168 9.86 -14.59 -12.01
CA GLU A 168 8.85 -14.19 -11.04
C GLU A 168 8.87 -12.69 -10.81
N LYS A 169 9.98 -12.06 -11.15
CA LYS A 169 10.13 -10.62 -10.99
C LYS A 169 8.96 -9.87 -11.63
N ALA A 170 8.70 -10.18 -12.90
CA ALA A 170 7.61 -9.54 -13.62
C ALA A 170 6.27 -10.15 -13.23
N LYS A 171 6.29 -11.41 -12.82
CA LYS A 171 5.07 -12.10 -12.42
C LYS A 171 4.32 -11.32 -11.35
N LYS A 172 5.02 -10.98 -10.27
CA LYS A 172 4.43 -10.22 -9.17
C LYS A 172 4.11 -8.80 -9.60
N LYS A 173 4.93 -8.26 -10.51
CA LYS A 173 4.74 -6.90 -11.01
C LYS A 173 3.49 -6.81 -11.87
N GLU A 174 3.09 -7.95 -12.44
CA GLU A 174 1.91 -7.99 -13.30
C GLU A 174 0.64 -7.87 -12.47
N GLY A 175 0.52 -8.69 -11.44
CA GLY A 175 -0.65 -8.66 -10.58
C GLY A 175 -1.11 -10.04 -10.17
N ASP A 176 -1.09 -10.32 -8.87
CA ASP A 176 -1.51 -11.61 -8.35
C ASP A 176 -3.02 -11.81 -8.52
N PRO A 177 -3.79 -10.92 -7.88
CA PRO A 177 -5.26 -10.97 -7.93
C PRO A 177 -5.79 -10.59 -9.31
N LYS A 178 -5.08 -9.72 -10.01
CA LYS A 178 -5.48 -9.28 -11.34
C LYS A 178 -4.27 -9.12 -12.25
N PRO A 179 -3.74 -10.25 -12.74
CA PRO A 179 -2.58 -10.26 -13.63
C PRO A 179 -2.90 -9.70 -15.01
N ARG A 180 -1.87 -9.29 -15.74
CA ARG A 180 -2.04 -8.73 -17.07
C ARG A 180 -2.96 -7.51 -17.04
N ALA A 181 -2.51 -6.46 -16.34
CA ALA A 181 -3.29 -5.23 -16.23
C ALA A 181 -2.44 -4.10 -15.66
N SER A 182 -1.59 -4.43 -14.69
CA SER A 182 -0.73 -3.43 -14.06
C SER A 182 0.05 -2.65 -15.11
N LYS A 183 0.52 -3.35 -16.15
CA LYS A 183 1.27 -2.72 -17.22
C LYS A 183 0.53 -1.52 -17.79
N GLU A 184 -0.79 -1.66 -17.92
CA GLU A 184 -1.61 -0.58 -18.45
C GLU A 184 -1.58 0.64 -17.54
N ASP A 185 -1.83 0.42 -16.25
CA ASP A 185 -1.82 1.50 -15.28
C ASP A 185 -0.44 2.14 -15.18
N ASN A 186 0.59 1.30 -15.17
CA ASN A 186 1.97 1.78 -15.09
C ASN A 186 2.24 2.85 -16.15
N ARG A 187 1.85 2.56 -17.38
CA ARG A 187 2.05 3.50 -18.49
C ARG A 187 0.97 4.57 -18.49
N ALA A 188 -0.08 4.35 -17.71
CA ALA A 188 -1.18 5.30 -17.61
C ALA A 188 -0.69 6.66 -17.11
N GLY A 189 0.33 6.63 -16.25
CA GLY A 189 0.88 7.87 -15.71
C GLY A 189 1.40 7.70 -14.30
N SER A 190 2.65 7.23 -14.19
CA SER A 190 3.26 7.01 -12.89
C SER A 190 4.53 7.85 -12.75
N ARG A 191 5.18 7.74 -11.59
CA ARG A 191 6.40 8.49 -11.32
C ARG A 191 6.16 9.99 -11.43
N ARG A 192 5.32 10.51 -10.54
CA ARG A 192 4.99 11.94 -10.55
C ARG A 192 4.85 12.46 -11.97
N GLU A 193 4.21 11.68 -12.82
CA GLU A 193 4.01 12.06 -14.22
C GLU A 193 2.52 12.16 -14.55
N ASP A 194 1.75 11.18 -14.10
CA ASP A 194 0.32 11.16 -14.34
C ASP A 194 0.02 11.34 -15.83
N LEU A 195 0.84 10.74 -16.67
CA LEU A 195 0.67 10.84 -18.12
C LEU A 195 0.88 9.49 -18.79
N ALA A 1 -14.91 15.82 3.52
CA ALA A 1 -15.90 15.56 4.55
C ALA A 1 -16.28 14.09 4.56
N ASP A 2 -17.31 13.76 5.35
CA ASP A 2 -17.77 12.38 5.45
C ASP A 2 -18.51 11.96 4.19
N THR A 3 -18.15 10.78 3.68
CA THR A 3 -18.78 10.26 2.47
C THR A 3 -20.19 9.76 2.75
N PRO A 4 -21.05 9.82 1.72
CA PRO A 4 -22.44 9.37 1.83
C PRO A 4 -22.57 7.86 1.98
N GLY A 5 -21.84 7.12 1.15
CA GLY A 5 -21.88 5.68 1.21
C GLY A 5 -23.24 5.12 0.85
N GLU A 6 -23.60 5.21 -0.43
CA GLU A 6 -24.89 4.70 -0.89
C GLU A 6 -25.04 4.91 -2.40
N ALA A 7 -24.62 6.07 -2.88
CA ALA A 7 -24.71 6.39 -4.30
C ALA A 7 -23.35 6.81 -4.84
N THR A 8 -22.29 6.38 -4.19
CA THR A 8 -20.93 6.71 -4.62
C THR A 8 -20.57 6.00 -5.91
N PRO A 9 -19.67 6.61 -6.69
CA PRO A 9 -19.22 6.06 -7.97
C PRO A 9 -18.36 4.81 -7.79
N PRO A 10 -18.12 4.09 -8.90
CA PRO A 10 -17.31 2.87 -8.89
C PRO A 10 -15.84 3.15 -8.63
N PRO A 11 -15.08 2.09 -8.36
CA PRO A 11 -13.64 2.18 -8.08
C PRO A 11 -12.84 2.56 -9.33
N ARG A 12 -12.73 3.85 -9.59
CA ARG A 12 -11.99 4.35 -10.74
C ARG A 12 -10.49 4.13 -10.56
N LYS A 13 -10.02 4.31 -9.34
CA LYS A 13 -8.60 4.14 -9.03
C LYS A 13 -8.42 3.57 -7.62
N LYS A 14 -9.47 2.98 -7.09
CA LYS A 14 -9.43 2.39 -5.75
C LYS A 14 -8.64 1.09 -5.76
N LYS A 15 -9.14 0.11 -6.52
CA LYS A 15 -8.49 -1.19 -6.61
C LYS A 15 -7.59 -1.27 -7.85
N ASP A 16 -7.23 -0.10 -8.38
CA ASP A 16 -6.38 -0.03 -9.56
C ASP A 16 -4.91 -0.16 -9.18
N ILE A 17 -4.45 0.75 -8.31
CA ILE A 17 -3.07 0.74 -7.87
C ILE A 17 -2.10 0.90 -9.04
N ARG A 18 -1.58 2.11 -9.20
CA ARG A 18 -0.65 2.40 -10.29
C ARG A 18 0.49 1.38 -10.31
N ASP A 19 0.60 0.67 -11.43
CA ASP A 19 1.64 -0.34 -11.59
C ASP A 19 1.62 -1.34 -10.42
N TYR A 20 0.47 -1.42 -9.75
CA TYR A 20 0.31 -2.34 -8.63
C TYR A 20 1.50 -2.22 -7.66
N ASN A 21 2.07 -1.03 -7.58
CA ASN A 21 3.21 -0.79 -6.70
C ASN A 21 3.70 0.65 -6.84
N ASP A 22 3.64 1.18 -8.05
CA ASP A 22 4.08 2.55 -8.30
C ASP A 22 3.29 3.55 -7.45
N ALA A 23 2.13 3.11 -6.96
CA ALA A 23 1.30 3.96 -6.13
C ALA A 23 2.10 4.63 -5.04
N ASP A 24 2.89 3.85 -4.31
CA ASP A 24 3.72 4.37 -3.24
C ASP A 24 4.61 5.51 -3.73
N MET A 25 5.22 5.31 -4.90
CA MET A 25 6.09 6.31 -5.49
C MET A 25 5.33 7.61 -5.75
N ALA A 26 4.08 7.48 -6.17
CA ALA A 26 3.24 8.64 -6.45
C ALA A 26 3.25 9.61 -5.29
N ARG A 27 3.27 9.08 -4.07
CA ARG A 27 3.27 9.90 -2.87
C ARG A 27 4.46 10.85 -2.86
N LEU A 28 5.58 10.39 -3.43
CA LEU A 28 6.79 11.20 -3.48
C LEU A 28 6.50 12.59 -4.06
N LEU A 29 5.73 12.62 -5.15
CA LEU A 29 5.38 13.87 -5.79
C LEU A 29 4.71 14.83 -4.80
N GLU A 30 4.00 14.27 -3.83
CA GLU A 30 3.32 15.07 -2.82
C GLU A 30 4.33 15.72 -1.88
N GLN A 31 5.50 15.09 -1.74
CA GLN A 31 6.54 15.61 -0.87
C GLN A 31 6.80 17.08 -1.14
N TRP A 32 6.78 17.46 -2.41
CA TRP A 32 7.01 18.85 -2.81
C TRP A 32 5.90 19.75 -2.30
N GLU A 33 4.66 19.28 -2.43
CA GLU A 33 3.50 20.05 -1.99
C GLU A 33 3.45 20.13 -0.47
N LYS A 34 4.10 19.18 0.19
CA LYS A 34 4.14 19.13 1.65
C LYS A 34 4.85 20.35 2.21
N ASP A 35 5.97 20.72 1.60
CA ASP A 35 6.74 21.87 2.04
C ASP A 35 5.85 23.10 2.18
N ASP A 36 4.81 23.17 1.36
CA ASP A 36 3.88 24.29 1.40
C ASP A 36 2.72 24.01 2.35
N ASP A 37 2.05 22.87 2.14
CA ASP A 37 0.93 22.48 2.97
C ASP A 37 1.37 22.25 4.41
N ILE A 38 2.11 21.18 4.62
CA ILE A 38 2.60 20.83 5.95
C ILE A 38 1.46 20.46 6.88
N GLU A 39 1.12 19.17 6.91
CA GLU A 39 0.04 18.68 7.77
C GLU A 39 0.28 17.23 8.17
N GLU A 40 1.36 17.00 8.91
CA GLU A 40 1.70 15.65 9.36
C GLU A 40 1.06 15.35 10.71
N GLY A 41 1.32 14.16 11.23
CA GLY A 41 0.75 13.76 12.50
C GLY A 41 1.81 13.38 13.51
N ASP A 42 2.87 12.72 13.04
CA ASP A 42 3.96 12.30 13.91
C ASP A 42 3.47 11.27 14.92
N LEU A 43 3.95 10.03 14.77
CA LEU A 43 3.56 8.95 15.67
C LEU A 43 4.78 8.36 16.36
N PRO A 44 4.55 7.69 17.50
CA PRO A 44 5.61 7.06 18.28
C PRO A 44 6.23 5.85 17.57
N GLU A 45 5.38 5.02 16.99
CA GLU A 45 5.84 3.83 16.28
C GLU A 45 6.81 3.03 17.13
N HIS A 46 6.37 2.68 18.34
CA HIS A 46 7.20 1.91 19.26
C HIS A 46 7.74 0.66 18.58
N LYS A 47 6.87 -0.02 17.83
CA LYS A 47 7.25 -1.24 17.14
C LYS A 47 6.10 -1.76 16.28
N ARG A 48 4.88 -1.60 16.78
CA ARG A 48 3.69 -2.06 16.07
C ARG A 48 3.78 -3.55 15.76
N PRO A 49 3.50 -4.39 16.76
CA PRO A 49 3.55 -5.84 16.62
C PRO A 49 2.43 -6.38 15.73
N SER A 50 2.79 -6.88 14.56
CA SER A 50 1.81 -7.41 13.62
C SER A 50 1.94 -8.93 13.51
N ALA A 51 0.87 -9.57 13.03
CA ALA A 51 0.87 -11.02 12.87
C ALA A 51 -0.06 -11.45 11.74
N PRO A 52 0.13 -12.67 11.24
CA PRO A 52 -0.68 -13.22 10.15
C PRO A 52 -2.11 -13.52 10.58
N ILE A 53 -2.93 -12.48 10.66
CA ILE A 53 -4.32 -12.63 11.05
C ILE A 53 -5.26 -12.33 9.90
N ASP A 54 -4.77 -12.47 8.68
CA ASP A 54 -5.57 -12.22 7.48
C ASP A 54 -6.37 -13.44 7.09
N PHE A 55 -7.13 -13.33 6.01
CA PHE A 55 -7.96 -14.44 5.53
C PHE A 55 -7.16 -15.32 4.57
N SER A 56 -6.55 -14.70 3.57
CA SER A 56 -5.77 -15.43 2.58
C SER A 56 -6.65 -16.39 1.79
N LYS A 57 -7.32 -15.85 0.77
CA LYS A 57 -8.19 -16.66 -0.07
C LYS A 57 -8.51 -15.94 -1.39
N LEU A 58 -7.48 -15.39 -2.00
CA LEU A 58 -7.65 -14.67 -3.27
C LEU A 58 -7.49 -15.62 -4.45
N ASP A 59 -6.26 -15.99 -4.75
CA ASP A 59 -5.97 -16.89 -5.86
C ASP A 59 -5.50 -18.25 -5.36
N PRO A 60 -5.61 -19.27 -6.22
CA PRO A 60 -5.20 -20.64 -5.87
C PRO A 60 -3.69 -20.78 -5.75
N GLY A 61 -2.97 -20.27 -6.73
CA GLY A 61 -1.52 -20.34 -6.71
C GLY A 61 -0.91 -20.24 -8.09
N LYS A 62 0.31 -19.70 -8.16
CA LYS A 62 0.99 -19.55 -9.43
C LYS A 62 2.36 -18.89 -9.23
N PRO A 63 2.35 -17.66 -8.71
CA PRO A 63 3.58 -16.89 -8.46
C PRO A 63 4.40 -17.48 -7.31
N GLU A 64 5.60 -17.94 -7.63
CA GLU A 64 6.49 -18.52 -6.64
C GLU A 64 7.20 -17.44 -5.83
N SER A 65 7.24 -16.23 -6.39
CA SER A 65 7.90 -15.11 -5.74
C SER A 65 7.40 -14.95 -4.30
N ILE A 66 6.16 -15.36 -4.07
CA ILE A 66 5.56 -15.27 -2.74
C ILE A 66 6.48 -15.86 -1.68
N LEU A 67 6.96 -17.08 -1.94
CA LEU A 67 7.85 -17.77 -1.01
C LEU A 67 9.22 -17.10 -0.97
N LYS A 68 9.57 -16.44 -2.07
CA LYS A 68 10.86 -15.74 -2.16
C LYS A 68 10.97 -14.67 -1.08
N MET A 69 9.83 -14.27 -0.53
CA MET A 69 9.81 -13.25 0.51
C MET A 69 10.78 -13.59 1.64
N THR A 70 10.99 -14.88 1.84
CA THR A 70 11.90 -15.35 2.90
C THR A 70 11.79 -14.48 4.14
N LYS A 71 10.57 -14.12 4.50
CA LYS A 71 10.33 -13.29 5.69
C LYS A 71 11.12 -11.98 5.59
N LYS A 72 10.48 -10.96 5.05
CA LYS A 72 11.13 -9.66 4.90
C LYS A 72 11.54 -9.10 6.26
N GLY A 73 10.56 -8.60 7.01
CA GLY A 73 10.84 -8.05 8.32
C GLY A 73 9.58 -7.74 9.10
N LYS A 74 8.79 -6.78 8.60
CA LYS A 74 7.54 -6.40 9.26
C LYS A 74 6.52 -5.91 8.25
N THR A 75 5.25 -6.19 8.51
CA THR A 75 4.17 -5.77 7.62
C THR A 75 4.19 -4.25 7.42
N LEU A 76 3.20 -3.75 6.68
CA LEU A 76 3.10 -2.33 6.40
C LEU A 76 1.78 -1.77 6.90
N MET A 77 1.80 -0.52 7.35
CA MET A 77 0.59 0.13 7.85
C MET A 77 0.74 1.65 7.84
N MET A 78 -0.11 2.32 7.07
CA MET A 78 -0.07 3.77 6.96
C MET A 78 -1.44 4.33 6.57
N PHE A 79 -1.82 5.43 7.21
CA PHE A 79 -3.11 6.06 6.92
C PHE A 79 -2.99 7.58 6.98
N VAL A 80 -3.26 8.23 5.85
CA VAL A 80 -3.18 9.68 5.77
C VAL A 80 -4.20 10.23 4.77
N THR A 81 -4.77 11.39 5.08
CA THR A 81 -5.75 12.02 4.22
C THR A 81 -5.54 13.53 4.16
N VAL A 82 -4.49 13.95 3.48
CA VAL A 82 -4.18 15.37 3.35
C VAL A 82 -3.17 15.61 2.22
N SER A 83 -3.19 16.82 1.67
CA SER A 83 -2.28 17.18 0.59
C SER A 83 -0.84 17.25 1.08
N GLY A 84 0.01 16.37 0.57
CA GLY A 84 1.40 16.36 0.98
C GLY A 84 1.59 15.83 2.39
N ASN A 85 2.78 15.30 2.66
CA ASN A 85 3.08 14.76 3.98
C ASN A 85 4.51 14.22 4.03
N PRO A 86 5.19 14.46 5.16
CA PRO A 86 6.57 14.01 5.36
C PRO A 86 6.67 12.49 5.51
N THR A 87 6.70 11.79 4.38
CA THR A 87 6.78 10.34 4.38
C THR A 87 7.29 9.82 3.03
N GLU A 88 8.00 10.67 2.30
CA GLU A 88 8.53 10.30 1.00
C GLU A 88 9.54 9.16 1.13
N LYS A 89 10.29 9.16 2.23
CA LYS A 89 11.29 8.13 2.48
C LYS A 89 10.62 6.80 2.82
N GLU A 90 9.57 6.86 3.63
CA GLU A 90 8.85 5.65 4.03
C GLU A 90 8.14 5.03 2.83
N THR A 91 7.53 5.87 2.01
CA THR A 91 6.81 5.40 0.82
C THR A 91 7.68 4.47 -0.01
N GLU A 92 8.92 4.87 -0.24
CA GLU A 92 9.85 4.06 -1.02
C GLU A 92 10.13 2.72 -0.32
N GLU A 93 10.02 2.72 1.00
CA GLU A 93 10.27 1.51 1.78
C GLU A 93 9.05 0.60 1.76
N ILE A 94 7.88 1.19 1.53
CA ILE A 94 6.63 0.43 1.50
C ILE A 94 6.76 -0.78 0.58
N THR A 95 7.59 -0.65 -0.45
CA THR A 95 7.79 -1.74 -1.40
C THR A 95 8.34 -2.98 -0.71
N SER A 96 9.24 -2.77 0.24
CA SER A 96 9.85 -3.88 0.98
C SER A 96 8.82 -4.54 1.90
N LEU A 97 8.05 -3.72 2.60
CA LEU A 97 7.03 -4.23 3.52
C LEU A 97 5.89 -4.88 2.75
N TRP A 98 5.65 -4.38 1.54
CA TRP A 98 4.58 -4.92 0.70
C TRP A 98 4.77 -6.41 0.46
N GLN A 99 6.02 -6.82 0.25
CA GLN A 99 6.33 -8.22 0.02
C GLN A 99 5.71 -9.11 1.08
N GLY A 100 5.83 -8.69 2.33
CA GLY A 100 5.27 -9.46 3.43
C GLY A 100 3.76 -9.44 3.45
N SER A 101 3.19 -8.24 3.46
CA SER A 101 1.74 -8.09 3.47
C SER A 101 1.08 -8.91 2.37
N LEU A 102 1.65 -8.82 1.17
CA LEU A 102 1.13 -9.55 0.02
C LEU A 102 0.96 -11.03 0.35
N PHE A 103 1.88 -11.56 1.14
CA PHE A 103 1.83 -12.97 1.53
C PHE A 103 0.48 -13.32 2.14
N ASN A 104 -0.16 -12.33 2.77
CA ASN A 104 -1.46 -12.54 3.40
C ASN A 104 -2.48 -13.01 2.38
N ALA A 105 -2.21 -12.72 1.10
CA ALA A 105 -3.11 -13.11 0.03
C ALA A 105 -4.46 -12.40 0.15
N ASN A 106 -4.49 -11.36 0.97
CA ASN A 106 -5.72 -10.59 1.18
C ASN A 106 -5.41 -9.13 1.51
N TYR A 107 -4.19 -8.71 1.18
CA TYR A 107 -3.76 -7.35 1.46
C TYR A 107 -4.71 -6.34 0.80
N ASP A 108 -4.77 -5.14 1.36
CA ASP A 108 -5.63 -4.09 0.83
C ASP A 108 -4.86 -2.78 0.66
N VAL A 109 -4.91 -2.23 -0.54
CA VAL A 109 -4.21 -0.98 -0.84
C VAL A 109 -5.00 -0.13 -1.83
N GLN A 110 -4.94 1.18 -1.65
CA GLN A 110 -5.65 2.10 -2.54
C GLN A 110 -4.94 3.45 -2.61
N ARG A 111 -4.98 4.06 -3.79
CA ARG A 111 -4.34 5.36 -3.99
C ARG A 111 -5.35 6.42 -4.39
N PHE A 112 -5.20 7.62 -3.84
CA PHE A 112 -6.10 8.72 -4.15
C PHE A 112 -5.33 9.97 -4.52
N ILE A 113 -5.65 10.53 -5.69
CA ILE A 113 -4.98 11.74 -6.17
C ILE A 113 -6.00 12.80 -6.60
N VAL A 114 -5.95 13.94 -5.94
CA VAL A 114 -6.86 15.04 -6.26
C VAL A 114 -6.20 16.40 -6.01
N GLY A 115 -6.54 17.37 -6.85
CA GLY A 115 -5.97 18.69 -6.71
C GLY A 115 -6.14 19.26 -5.31
N SER A 116 -7.16 18.79 -4.62
CA SER A 116 -7.43 19.26 -3.25
C SER A 116 -6.43 18.68 -2.27
N ASP A 117 -6.34 17.34 -2.23
CA ASP A 117 -5.42 16.66 -1.33
C ASP A 117 -5.20 15.22 -1.78
N ARG A 118 -4.44 14.47 -0.99
CA ARG A 118 -4.15 13.07 -1.31
C ARG A 118 -4.43 12.18 -0.11
N ALA A 119 -4.99 11.00 -0.37
CA ALA A 119 -5.31 10.05 0.68
C ALA A 119 -4.90 8.64 0.29
N ILE A 120 -4.13 7.98 1.15
CA ILE A 120 -3.67 6.62 0.89
C ILE A 120 -3.94 5.72 2.09
N PHE A 121 -4.49 4.54 1.81
CA PHE A 121 -4.80 3.59 2.87
C PHE A 121 -4.31 2.19 2.48
N MET A 122 -3.46 1.60 3.34
CA MET A 122 -2.93 0.27 3.10
C MET A 122 -2.64 -0.45 4.41
N LEU A 123 -3.30 -1.59 4.61
CA LEU A 123 -3.12 -2.37 5.82
C LEU A 123 -2.87 -3.84 5.49
N ARG A 124 -2.12 -4.52 6.36
CA ARG A 124 -1.82 -5.93 6.15
C ARG A 124 -3.09 -6.73 5.90
N ASP A 125 -4.19 -6.29 6.49
CA ASP A 125 -5.48 -6.96 6.32
C ASP A 125 -6.13 -6.57 5.01
N GLY A 126 -7.35 -7.05 4.79
CA GLY A 126 -8.06 -6.74 3.55
C GLY A 126 -9.39 -6.06 3.82
N SER A 127 -10.44 -6.87 3.97
CA SER A 127 -11.77 -6.33 4.22
C SER A 127 -11.76 -5.34 5.38
N TYR A 128 -10.85 -5.56 6.32
CA TYR A 128 -10.73 -4.69 7.49
C TYR A 128 -10.33 -3.28 7.08
N ALA A 129 -9.44 -3.19 6.09
CA ALA A 129 -8.98 -1.90 5.60
C ALA A 129 -10.09 -1.17 4.85
N TRP A 130 -10.97 -1.93 4.22
CA TRP A 130 -12.08 -1.35 3.47
C TRP A 130 -12.94 -0.46 4.35
N GLU A 131 -13.30 -0.98 5.53
CA GLU A 131 -14.13 -0.23 6.47
C GLU A 131 -13.38 0.99 7.00
N ILE A 132 -12.26 0.74 7.65
CA ILE A 132 -11.45 1.82 8.21
C ILE A 132 -11.14 2.89 7.16
N LYS A 133 -10.94 2.45 5.93
CA LYS A 133 -10.65 3.35 4.82
C LYS A 133 -11.68 4.47 4.75
N ASP A 134 -12.95 4.09 4.63
CA ASP A 134 -14.04 5.07 4.55
C ASP A 134 -13.95 6.06 5.71
N PHE A 135 -13.62 5.55 6.89
CA PHE A 135 -13.51 6.40 8.07
C PHE A 135 -12.31 7.33 7.97
N LEU A 136 -11.25 6.85 7.31
CA LEU A 136 -10.04 7.64 7.14
C LEU A 136 -10.30 8.88 6.30
N VAL A 137 -10.68 8.68 5.05
CA VAL A 137 -10.98 9.78 4.14
C VAL A 137 -11.96 10.77 4.78
N SER A 138 -12.84 10.25 5.64
CA SER A 138 -13.82 11.09 6.31
C SER A 138 -13.16 12.26 7.01
N GLN A 139 -11.94 12.05 7.49
CA GLN A 139 -11.20 13.10 8.18
C GLN A 139 -10.87 14.25 7.25
N ASP A 140 -10.23 13.93 6.12
CA ASP A 140 -9.86 14.94 5.13
C ASP A 140 -8.87 15.94 5.72
N ARG A 141 -8.18 15.53 6.78
CA ARG A 141 -7.21 16.39 7.44
C ARG A 141 -6.50 15.65 8.58
N CYS A 142 -5.91 14.51 8.24
CA CYS A 142 -5.20 13.70 9.23
C CYS A 142 -3.99 13.01 8.61
N ALA A 143 -2.94 12.86 9.40
CA ALA A 143 -1.72 12.22 8.92
C ALA A 143 -1.25 11.13 9.90
N GLU A 144 -1.07 9.92 9.39
CA GLU A 144 -0.63 8.80 10.22
C GLU A 144 0.16 7.79 9.39
N VAL A 145 1.29 7.34 9.93
CA VAL A 145 2.14 6.38 9.26
C VAL A 145 2.89 5.50 10.25
N THR A 146 2.89 4.19 9.99
CA THR A 146 3.56 3.24 10.87
C THR A 146 4.51 2.34 10.08
N LEU A 147 5.79 2.40 10.41
CA LEU A 147 6.79 1.58 9.73
C LEU A 147 7.89 1.16 10.70
N GLU A 148 8.05 -0.15 10.86
CA GLU A 148 9.07 -0.69 11.76
C GLU A 148 9.80 -1.86 11.12
N GLY A 149 10.99 -2.16 11.62
CA GLY A 149 11.77 -3.26 11.09
C GLY A 149 11.69 -4.50 11.94
N GLN A 150 10.51 -4.78 12.47
CA GLN A 150 10.30 -5.95 13.31
C GLN A 150 10.61 -7.24 12.55
N MET A 151 10.21 -8.37 13.12
CA MET A 151 10.44 -9.66 12.49
C MET A 151 9.12 -10.32 12.11
N TYR A 152 8.04 -9.57 12.19
CA TYR A 152 6.71 -10.08 11.86
C TYR A 152 6.19 -9.43 10.58
N PRO A 153 6.63 -9.94 9.42
CA PRO A 153 6.21 -9.44 8.11
C PRO A 153 4.75 -9.75 7.81
N GLY A 154 4.19 -10.70 8.56
CA GLY A 154 2.80 -11.07 8.34
C GLY A 154 2.67 -12.32 7.49
N LYS A 155 3.77 -12.74 6.88
CA LYS A 155 3.77 -13.93 6.03
C LYS A 155 3.59 -15.20 6.87
N GLY A 156 4.12 -15.17 8.09
CA GLY A 156 4.02 -16.32 8.97
C GLY A 156 5.10 -16.34 10.03
N GLY A 157 5.43 -15.16 10.57
CA GLY A 157 6.45 -15.07 11.58
C GLY A 157 7.85 -15.16 11.01
N GLY A 158 8.19 -16.32 10.47
CA GLY A 158 9.51 -16.52 9.90
C GLY A 158 9.62 -17.79 9.09
N SER A 159 9.27 -17.72 7.81
CA SER A 159 9.33 -18.88 6.93
C SER A 159 10.74 -19.09 6.40
N LYS A 160 11.23 -18.12 5.63
CA LYS A 160 12.57 -18.21 5.05
C LYS A 160 12.67 -19.38 4.08
N GLU A 161 12.50 -19.09 2.80
CA GLU A 161 12.58 -20.13 1.77
C GLU A 161 13.81 -19.94 0.89
N LYS A 162 14.13 -18.68 0.60
CA LYS A 162 15.28 -18.35 -0.22
C LYS A 162 15.25 -19.12 -1.54
N ASN A 163 14.35 -18.70 -2.43
CA ASN A 163 14.22 -19.35 -3.74
C ASN A 163 14.70 -18.43 -4.85
N LYS A 164 15.70 -18.89 -5.59
CA LYS A 164 16.26 -18.11 -6.70
C LYS A 164 15.54 -18.43 -8.00
N THR A 165 14.93 -17.41 -8.60
CA THR A 165 14.20 -17.59 -9.85
C THR A 165 14.25 -16.31 -10.69
N LYS A 166 14.57 -16.46 -11.97
CA LYS A 166 14.64 -15.31 -12.88
C LYS A 166 13.24 -14.77 -13.18
N PRO A 167 12.37 -15.64 -13.71
CA PRO A 167 10.99 -15.27 -14.05
C PRO A 167 10.14 -15.02 -12.82
N GLU A 168 10.80 -14.85 -11.67
CA GLU A 168 10.10 -14.59 -10.41
C GLU A 168 9.68 -13.13 -10.30
N LYS A 169 10.67 -12.25 -10.33
CA LYS A 169 10.41 -10.82 -10.23
C LYS A 169 9.48 -10.35 -11.35
N ALA A 170 9.71 -10.87 -12.56
CA ALA A 170 8.89 -10.52 -13.71
C ALA A 170 7.44 -10.93 -13.50
N LYS A 171 7.23 -11.93 -12.66
CA LYS A 171 5.88 -12.42 -12.38
C LYS A 171 5.07 -11.37 -11.62
N LYS A 172 5.68 -10.78 -10.59
CA LYS A 172 5.02 -9.75 -9.80
C LYS A 172 5.06 -8.40 -10.50
N LYS A 173 6.11 -8.19 -11.29
CA LYS A 173 6.26 -6.93 -12.03
C LYS A 173 5.00 -6.60 -12.82
N GLU A 174 4.42 -7.63 -13.44
CA GLU A 174 3.21 -7.45 -14.24
C GLU A 174 1.97 -7.40 -13.34
N GLY A 175 1.78 -8.43 -12.54
CA GLY A 175 0.64 -8.49 -11.65
C GLY A 175 0.15 -9.90 -11.42
N ASP A 176 0.30 -10.38 -10.18
CA ASP A 176 -0.13 -11.73 -9.83
C ASP A 176 -1.64 -11.84 -9.87
N PRO A 177 -2.33 -11.02 -9.06
CA PRO A 177 -3.79 -11.02 -8.99
C PRO A 177 -4.43 -10.46 -10.26
N LYS A 178 -3.73 -9.53 -10.90
CA LYS A 178 -4.23 -8.92 -12.13
C LYS A 178 -3.09 -8.60 -13.09
N PRO A 179 -2.60 -9.64 -13.80
CA PRO A 179 -1.50 -9.50 -14.76
C PRO A 179 -1.92 -8.71 -16.00
N ARG A 180 -0.93 -8.24 -16.75
CA ARG A 180 -1.19 -7.47 -17.96
C ARG A 180 -2.15 -6.32 -17.68
N ALA A 181 -1.65 -5.30 -16.99
CA ALA A 181 -2.46 -4.14 -16.65
C ALA A 181 -1.64 -3.10 -15.89
N SER A 182 -0.72 -3.58 -15.05
CA SER A 182 0.13 -2.69 -14.26
C SER A 182 0.89 -1.73 -15.17
N LYS A 183 1.37 -2.24 -16.30
CA LYS A 183 2.13 -1.43 -17.24
C LYS A 183 1.36 -0.14 -17.59
N GLU A 184 0.16 -0.30 -18.15
CA GLU A 184 -0.66 0.83 -18.52
C GLU A 184 -0.93 1.74 -17.32
N ASP A 185 -1.34 1.13 -16.21
CA ASP A 185 -1.63 1.86 -14.99
C ASP A 185 -0.46 2.77 -14.62
N ASN A 186 0.75 2.25 -14.79
CA ASN A 186 1.96 3.01 -14.46
C ASN A 186 1.96 4.36 -15.17
N ARG A 187 1.70 4.35 -16.48
CA ARG A 187 1.67 5.57 -17.27
C ARG A 187 0.34 6.29 -17.10
N ALA A 188 -0.56 5.69 -16.33
CA ALA A 188 -1.87 6.28 -16.09
C ALA A 188 -1.99 6.79 -14.65
N GLY A 189 -0.92 6.61 -13.87
CA GLY A 189 -0.92 7.06 -12.50
C GLY A 189 -0.26 8.41 -12.32
N SER A 190 0.20 8.69 -11.11
CA SER A 190 0.85 9.95 -10.80
C SER A 190 2.38 9.81 -10.85
N ARG A 191 3.07 10.84 -10.37
CA ARG A 191 4.53 10.83 -10.37
C ARG A 191 5.08 10.80 -11.79
N ARG A 192 5.29 11.98 -12.36
CA ARG A 192 5.82 12.08 -13.71
C ARG A 192 4.90 11.38 -14.71
N GLU A 193 3.60 11.44 -14.45
CA GLU A 193 2.62 10.80 -15.32
C GLU A 193 1.32 11.61 -15.36
N ASP A 194 0.67 11.72 -14.21
CA ASP A 194 -0.59 12.45 -14.10
C ASP A 194 -1.58 11.98 -15.17
N LEU A 195 -2.04 10.74 -15.04
CA LEU A 195 -2.99 10.18 -15.98
C LEU A 195 -2.44 10.21 -17.41
N ALA A 1 -14.82 18.56 13.14
CA ALA A 1 -15.58 17.32 12.97
C ALA A 1 -15.68 16.95 11.50
N ASP A 2 -15.82 15.65 11.23
CA ASP A 2 -15.92 15.17 9.87
C ASP A 2 -17.34 15.36 9.34
N THR A 3 -17.45 15.54 8.02
CA THR A 3 -18.75 15.75 7.39
C THR A 3 -19.08 14.61 6.44
N PRO A 4 -20.39 14.34 6.25
CA PRO A 4 -20.86 13.27 5.37
C PRO A 4 -20.62 13.58 3.90
N GLY A 5 -21.12 12.71 3.02
CA GLY A 5 -20.94 12.92 1.60
C GLY A 5 -22.17 12.53 0.80
N GLU A 6 -22.33 11.24 0.54
CA GLU A 6 -23.47 10.74 -0.21
C GLU A 6 -23.48 11.31 -1.63
N ALA A 7 -22.28 11.62 -2.14
CA ALA A 7 -22.14 12.17 -3.48
C ALA A 7 -20.73 11.94 -4.02
N THR A 8 -20.07 10.89 -3.53
CA THR A 8 -18.72 10.58 -3.97
C THR A 8 -18.70 10.08 -5.41
N PRO A 9 -17.64 10.46 -6.15
CA PRO A 9 -17.48 10.07 -7.55
C PRO A 9 -17.18 8.59 -7.71
N PRO A 10 -17.27 8.08 -8.95
CA PRO A 10 -17.01 6.68 -9.26
C PRO A 10 -15.54 6.31 -9.11
N PRO A 11 -15.26 5.00 -9.12
CA PRO A 11 -13.90 4.49 -8.99
C PRO A 11 -13.04 4.79 -10.22
N ARG A 12 -12.55 6.02 -10.32
CA ARG A 12 -11.73 6.43 -11.45
C ARG A 12 -10.36 5.77 -11.38
N LYS A 13 -9.75 5.78 -10.21
CA LYS A 13 -8.43 5.18 -10.01
C LYS A 13 -8.19 4.84 -8.55
N LYS A 14 -9.28 4.68 -7.81
CA LYS A 14 -9.20 4.33 -6.39
C LYS A 14 -8.60 2.95 -6.19
N LYS A 15 -9.27 1.94 -6.74
CA LYS A 15 -8.80 0.56 -6.62
C LYS A 15 -7.97 0.16 -7.83
N ASP A 16 -7.45 1.16 -8.54
CA ASP A 16 -6.64 0.92 -9.73
C ASP A 16 -5.20 0.61 -9.35
N ILE A 17 -4.59 1.50 -8.56
CA ILE A 17 -3.21 1.32 -8.12
C ILE A 17 -2.26 1.27 -9.30
N ARG A 18 -1.58 2.39 -9.56
CA ARG A 18 -0.64 2.48 -10.66
C ARG A 18 0.40 1.35 -10.58
N ASP A 19 0.43 0.51 -11.61
CA ASP A 19 1.37 -0.61 -11.66
C ASP A 19 1.15 -1.55 -10.49
N TYR A 20 -0.02 -1.45 -9.87
CA TYR A 20 -0.36 -2.30 -8.73
C TYR A 20 0.76 -2.27 -7.69
N ASN A 21 1.47 -1.15 -7.61
CA ASN A 21 2.56 -1.00 -6.67
C ASN A 21 3.22 0.37 -6.81
N ASP A 22 3.39 0.81 -8.04
CA ASP A 22 4.00 2.10 -8.31
C ASP A 22 3.22 3.23 -7.65
N ALA A 23 1.95 2.95 -7.32
CA ALA A 23 1.09 3.94 -6.68
C ALA A 23 1.80 4.60 -5.50
N ASP A 24 2.48 3.79 -4.70
CA ASP A 24 3.20 4.29 -3.53
C ASP A 24 4.13 5.43 -3.92
N MET A 25 4.80 5.27 -5.05
CA MET A 25 5.73 6.30 -5.53
C MET A 25 5.00 7.62 -5.77
N ALA A 26 3.80 7.54 -6.34
CA ALA A 26 3.01 8.74 -6.62
C ALA A 26 2.90 9.62 -5.37
N ARG A 27 2.87 8.98 -4.20
CA ARG A 27 2.76 9.71 -2.94
C ARG A 27 3.93 10.68 -2.77
N LEU A 28 5.10 10.27 -3.26
CA LEU A 28 6.31 11.10 -3.15
C LEU A 28 6.03 12.51 -3.67
N LEU A 29 5.34 12.61 -4.80
CA LEU A 29 5.01 13.89 -5.39
C LEU A 29 4.32 14.81 -4.38
N GLU A 30 3.53 14.21 -3.50
CA GLU A 30 2.81 14.96 -2.48
C GLU A 30 3.78 15.51 -1.44
N GLN A 31 4.88 14.81 -1.22
CA GLN A 31 5.88 15.22 -0.25
C GLN A 31 6.28 16.68 -0.47
N TRP A 32 6.56 17.03 -1.72
CA TRP A 32 6.94 18.39 -2.06
C TRP A 32 5.95 19.40 -1.50
N GLU A 33 4.66 19.09 -1.64
CA GLU A 33 3.60 19.96 -1.14
C GLU A 33 3.57 19.98 0.38
N LYS A 34 4.02 18.88 0.99
CA LYS A 34 4.04 18.76 2.44
C LYS A 34 5.11 19.67 3.04
N ASP A 35 6.10 20.02 2.24
CA ASP A 35 7.18 20.90 2.70
C ASP A 35 6.62 22.22 3.21
N ASP A 36 5.71 22.82 2.45
CA ASP A 36 5.10 24.09 2.82
C ASP A 36 3.83 23.86 3.63
N ASP A 37 3.10 22.80 3.29
CA ASP A 37 1.87 22.47 3.98
C ASP A 37 2.14 21.98 5.40
N ILE A 38 2.71 20.78 5.51
CA ILE A 38 3.02 20.20 6.81
C ILE A 38 1.76 20.01 7.65
N GLU A 39 1.18 18.82 7.56
CA GLU A 39 -0.03 18.51 8.31
C GLU A 39 0.28 17.58 9.49
N GLU A 40 0.54 16.32 9.18
CA GLU A 40 0.84 15.33 10.21
C GLU A 40 1.51 14.10 9.60
N GLY A 41 1.64 13.05 10.41
CA GLY A 41 2.26 11.83 9.93
C GLY A 41 2.84 11.00 11.06
N ASP A 42 3.80 11.56 11.78
CA ASP A 42 4.44 10.87 12.89
C ASP A 42 3.40 10.44 13.93
N LEU A 43 3.54 9.21 14.42
CA LEU A 43 2.61 8.68 15.41
C LEU A 43 3.37 8.03 16.56
N PRO A 44 2.68 7.85 17.71
CA PRO A 44 3.27 7.24 18.90
C PRO A 44 3.53 5.75 18.72
N GLU A 45 4.81 5.38 18.70
CA GLU A 45 5.19 3.97 18.53
C GLU A 45 4.80 3.47 17.14
N HIS A 46 5.70 3.66 16.18
CA HIS A 46 5.45 3.22 14.82
C HIS A 46 5.58 1.71 14.69
N LYS A 47 6.03 1.08 15.77
CA LYS A 47 6.21 -0.37 15.79
C LYS A 47 4.97 -1.08 15.27
N ARG A 48 3.93 -1.11 16.10
CA ARG A 48 2.67 -1.76 15.72
C ARG A 48 2.92 -3.16 15.18
N PRO A 49 3.16 -4.12 16.10
CA PRO A 49 3.42 -5.51 15.74
C PRO A 49 2.17 -6.21 15.20
N SER A 50 2.25 -6.67 13.96
CA SER A 50 1.14 -7.35 13.32
C SER A 50 1.44 -8.84 13.14
N ALA A 51 0.38 -9.63 12.96
CA ALA A 51 0.53 -11.07 12.78
C ALA A 51 -0.21 -11.54 11.53
N PRO A 52 0.15 -12.75 11.06
CA PRO A 52 -0.46 -13.33 9.86
C PRO A 52 -1.91 -13.76 10.10
N ILE A 53 -2.81 -12.79 10.07
CA ILE A 53 -4.23 -13.05 10.29
C ILE A 53 -5.05 -12.69 9.06
N ASP A 54 -4.83 -13.41 7.97
CA ASP A 54 -5.56 -13.16 6.73
C ASP A 54 -6.44 -14.36 6.37
N PHE A 55 -7.18 -14.22 5.27
CA PHE A 55 -8.07 -15.29 4.81
C PHE A 55 -7.59 -15.87 3.49
N SER A 56 -7.25 -14.98 2.55
CA SER A 56 -6.78 -15.40 1.23
C SER A 56 -7.85 -16.21 0.51
N LYS A 57 -8.56 -15.57 -0.40
CA LYS A 57 -9.61 -16.23 -1.17
C LYS A 57 -9.40 -16.04 -2.67
N LEU A 58 -8.25 -15.49 -3.03
CA LEU A 58 -7.92 -15.25 -4.44
C LEU A 58 -7.20 -16.45 -5.04
N ASP A 59 -5.92 -16.61 -4.68
CA ASP A 59 -5.13 -17.72 -5.18
C ASP A 59 -5.06 -18.85 -4.16
N PRO A 60 -4.75 -20.07 -4.63
CA PRO A 60 -4.64 -21.24 -3.78
C PRO A 60 -3.43 -21.19 -2.85
N GLY A 61 -2.27 -20.89 -3.43
CA GLY A 61 -1.05 -20.81 -2.65
C GLY A 61 0.20 -20.81 -3.52
N LYS A 62 1.07 -21.78 -3.28
CA LYS A 62 2.31 -21.89 -4.05
C LYS A 62 3.06 -20.57 -4.08
N PRO A 63 3.52 -20.11 -2.90
CA PRO A 63 4.27 -18.87 -2.78
C PRO A 63 5.65 -18.93 -3.41
N GLU A 64 5.70 -18.78 -4.73
CA GLU A 64 6.96 -18.82 -5.46
C GLU A 64 7.70 -17.49 -5.36
N SER A 65 6.95 -16.40 -5.45
CA SER A 65 7.54 -15.07 -5.37
C SER A 65 7.99 -14.76 -3.95
N ILE A 66 7.28 -15.31 -2.96
CA ILE A 66 7.61 -15.09 -1.57
C ILE A 66 9.08 -15.43 -1.29
N LEU A 67 9.62 -16.34 -2.08
CA LEU A 67 11.02 -16.75 -1.92
C LEU A 67 11.95 -15.55 -1.97
N LYS A 68 11.75 -14.69 -2.97
CA LYS A 68 12.57 -13.50 -3.13
C LYS A 68 12.44 -12.59 -1.91
N MET A 69 11.26 -12.61 -1.28
CA MET A 69 11.02 -11.78 -0.11
C MET A 69 12.12 -11.96 0.93
N THR A 70 12.43 -13.22 1.25
CA THR A 70 13.46 -13.53 2.23
C THR A 70 13.07 -13.04 3.62
N LYS A 71 11.77 -12.89 3.85
CA LYS A 71 11.26 -12.43 5.13
C LYS A 71 11.74 -11.01 5.42
N LYS A 72 10.83 -10.05 5.29
CA LYS A 72 11.15 -8.65 5.55
C LYS A 72 11.37 -8.41 7.04
N GLY A 73 10.28 -8.37 7.79
CA GLY A 73 10.36 -8.14 9.23
C GLY A 73 9.07 -7.64 9.82
N LYS A 74 8.33 -6.85 9.05
CA LYS A 74 7.07 -6.29 9.50
C LYS A 74 6.12 -6.08 8.33
N THR A 75 4.83 -6.27 8.58
CA THR A 75 3.81 -6.09 7.53
C THR A 75 3.81 -4.65 7.01
N LEU A 76 2.78 -4.32 6.24
CA LEU A 76 2.66 -2.98 5.69
C LEU A 76 1.38 -2.29 6.17
N MET A 77 1.54 -1.10 6.73
CA MET A 77 0.39 -0.34 7.23
C MET A 77 0.61 1.15 7.08
N MET A 78 -0.25 1.80 6.30
CA MET A 78 -0.14 3.23 6.07
C MET A 78 -1.49 3.82 5.68
N PHE A 79 -1.98 4.77 6.48
CA PHE A 79 -3.26 5.41 6.22
C PHE A 79 -3.16 6.92 6.39
N VAL A 80 -3.41 7.66 5.31
CA VAL A 80 -3.35 9.11 5.35
C VAL A 80 -4.34 9.73 4.36
N THR A 81 -5.07 10.74 4.82
CA THR A 81 -6.05 11.41 3.98
C THR A 81 -5.91 12.93 4.08
N VAL A 82 -4.82 13.45 3.52
CA VAL A 82 -4.57 14.89 3.55
C VAL A 82 -3.64 15.30 2.42
N SER A 83 -3.72 16.57 2.03
CA SER A 83 -2.88 17.09 0.95
C SER A 83 -1.42 17.22 1.41
N GLY A 84 -0.60 16.27 1.00
CA GLY A 84 0.80 16.28 1.38
C GLY A 84 1.06 15.62 2.72
N ASN A 85 2.26 15.08 2.89
CA ASN A 85 2.62 14.42 4.14
C ASN A 85 4.05 13.88 4.07
N PRO A 86 4.80 14.05 5.17
CA PRO A 86 6.18 13.58 5.25
C PRO A 86 6.29 12.07 5.31
N THR A 87 6.50 11.45 4.16
CA THR A 87 6.62 10.00 4.07
C THR A 87 7.33 9.58 2.79
N GLU A 88 8.12 10.48 2.23
CA GLU A 88 8.85 10.20 1.01
C GLU A 88 9.81 9.03 1.21
N LYS A 89 10.50 9.03 2.34
CA LYS A 89 11.45 7.96 2.66
C LYS A 89 10.74 6.62 2.83
N GLU A 90 9.74 6.61 3.72
CA GLU A 90 8.98 5.39 3.98
C GLU A 90 8.29 4.90 2.71
N THR A 91 7.87 5.84 1.87
CA THR A 91 7.19 5.50 0.61
C THR A 91 7.99 4.46 -0.18
N GLU A 92 9.23 4.81 -0.51
CA GLU A 92 10.10 3.91 -1.27
C GLU A 92 10.22 2.56 -0.57
N GLU A 93 10.10 2.57 0.75
CA GLU A 93 10.20 1.35 1.54
C GLU A 93 8.92 0.52 1.44
N ILE A 94 7.81 1.19 1.12
CA ILE A 94 6.53 0.52 0.99
C ILE A 94 6.63 -0.69 0.07
N THR A 95 7.48 -0.57 -0.95
CA THR A 95 7.68 -1.65 -1.90
C THR A 95 8.21 -2.91 -1.22
N SER A 96 9.07 -2.71 -0.23
CA SER A 96 9.65 -3.83 0.51
C SER A 96 8.59 -4.54 1.35
N LEU A 97 7.80 -3.76 2.06
CA LEU A 97 6.74 -4.32 2.90
C LEU A 97 5.62 -4.90 2.06
N TRP A 98 5.42 -4.33 0.87
CA TRP A 98 4.38 -4.80 -0.04
C TRP A 98 4.53 -6.29 -0.31
N GLN A 99 5.76 -6.74 -0.49
CA GLN A 99 6.04 -8.14 -0.75
C GLN A 99 5.65 -9.01 0.44
N GLY A 100 5.75 -8.44 1.63
CA GLY A 100 5.40 -9.18 2.84
C GLY A 100 3.92 -9.44 2.95
N SER A 101 3.12 -8.40 2.76
CA SER A 101 1.66 -8.52 2.85
C SER A 101 1.11 -9.32 1.68
N LEU A 102 1.79 -9.23 0.53
CA LEU A 102 1.37 -9.94 -0.67
C LEU A 102 1.16 -11.42 -0.38
N PHE A 103 1.91 -11.94 0.59
CA PHE A 103 1.81 -13.35 0.97
C PHE A 103 0.37 -13.72 1.30
N ASN A 104 -0.35 -12.78 1.89
CA ASN A 104 -1.75 -13.01 2.25
C ASN A 104 -2.58 -13.40 1.03
N ALA A 105 -2.09 -13.01 -0.14
CA ALA A 105 -2.78 -13.32 -1.39
C ALA A 105 -4.12 -12.59 -1.46
N ASN A 106 -4.31 -11.62 -0.58
CA ASN A 106 -5.55 -10.86 -0.55
C ASN A 106 -5.31 -9.44 -0.02
N TYR A 107 -4.11 -8.93 -0.26
CA TYR A 107 -3.75 -7.60 0.20
C TYR A 107 -4.79 -6.58 -0.25
N ASP A 108 -4.76 -5.40 0.39
CA ASP A 108 -5.70 -4.34 0.06
C ASP A 108 -4.96 -3.02 -0.19
N VAL A 109 -5.30 -2.36 -1.29
CA VAL A 109 -4.68 -1.10 -1.64
C VAL A 109 -5.65 -0.19 -2.40
N GLN A 110 -5.65 1.09 -2.06
CA GLN A 110 -6.53 2.06 -2.70
C GLN A 110 -5.90 3.44 -2.72
N ARG A 111 -5.70 3.99 -3.91
CA ARG A 111 -5.10 5.30 -4.06
C ARG A 111 -6.06 6.26 -4.78
N PHE A 112 -6.42 7.34 -4.11
CA PHE A 112 -7.34 8.33 -4.69
C PHE A 112 -6.76 9.74 -4.56
N ILE A 113 -6.96 10.55 -5.59
CA ILE A 113 -6.48 11.92 -5.58
C ILE A 113 -7.58 12.90 -5.97
N VAL A 114 -7.79 13.91 -5.13
CA VAL A 114 -8.80 14.92 -5.37
C VAL A 114 -8.24 16.33 -5.24
N GLY A 115 -8.31 17.09 -6.32
CA GLY A 115 -7.80 18.45 -6.30
C GLY A 115 -6.33 18.52 -5.89
N SER A 116 -6.09 18.87 -4.63
CA SER A 116 -4.74 18.96 -4.12
C SER A 116 -4.52 18.02 -2.94
N ASP A 117 -5.57 17.28 -2.60
CA ASP A 117 -5.50 16.33 -1.49
C ASP A 117 -5.19 14.93 -2.00
N ARG A 118 -4.61 14.10 -1.14
CA ARG A 118 -4.25 12.73 -1.49
C ARG A 118 -4.65 11.75 -0.39
N ALA A 119 -5.28 10.66 -0.79
CA ALA A 119 -5.71 9.64 0.17
C ALA A 119 -5.26 8.25 -0.25
N ILE A 120 -4.63 7.52 0.66
CA ILE A 120 -4.16 6.18 0.37
C ILE A 120 -4.37 5.25 1.56
N PHE A 121 -4.98 4.09 1.30
CA PHE A 121 -5.25 3.12 2.34
C PHE A 121 -4.77 1.73 1.94
N MET A 122 -3.91 1.13 2.76
CA MET A 122 -3.38 -0.19 2.49
C MET A 122 -3.08 -0.94 3.78
N LEU A 123 -3.60 -2.15 3.89
CA LEU A 123 -3.39 -2.97 5.09
C LEU A 123 -3.20 -4.44 4.71
N ARG A 124 -2.37 -5.14 5.48
CA ARG A 124 -2.10 -6.55 5.24
C ARG A 124 -3.39 -7.34 5.11
N ASP A 125 -4.42 -6.92 5.84
CA ASP A 125 -5.71 -7.58 5.81
C ASP A 125 -6.40 -7.37 4.46
N GLY A 126 -7.67 -7.74 4.39
CA GLY A 126 -8.43 -7.59 3.16
C GLY A 126 -9.75 -6.87 3.36
N SER A 127 -10.81 -7.64 3.48
CA SER A 127 -12.14 -7.08 3.68
C SER A 127 -12.14 -6.10 4.85
N TYR A 128 -11.28 -6.35 5.83
CA TYR A 128 -11.19 -5.49 7.00
C TYR A 128 -10.74 -4.08 6.62
N ALA A 129 -9.82 -4.00 5.65
CA ALA A 129 -9.32 -2.72 5.19
C ALA A 129 -10.39 -1.95 4.42
N TRP A 130 -11.25 -2.68 3.71
CA TRP A 130 -12.31 -2.07 2.94
C TRP A 130 -13.19 -1.18 3.81
N GLU A 131 -13.64 -1.72 4.93
CA GLU A 131 -14.49 -0.98 5.85
C GLU A 131 -13.78 0.28 6.34
N ILE A 132 -12.62 0.10 6.97
CA ILE A 132 -11.85 1.22 7.49
C ILE A 132 -11.55 2.23 6.38
N LYS A 133 -11.44 1.74 5.15
CA LYS A 133 -11.16 2.60 4.02
C LYS A 133 -12.13 3.78 3.97
N ASP A 134 -13.41 3.47 3.80
CA ASP A 134 -14.44 4.50 3.73
C ASP A 134 -14.35 5.44 4.93
N PHE A 135 -13.94 4.88 6.07
CA PHE A 135 -13.81 5.67 7.30
C PHE A 135 -12.65 6.65 7.19
N LEU A 136 -11.59 6.25 6.49
CA LEU A 136 -10.42 7.10 6.31
C LEU A 136 -10.78 8.38 5.57
N VAL A 137 -11.15 8.24 4.30
CA VAL A 137 -11.52 9.39 3.49
C VAL A 137 -12.57 10.24 4.18
N SER A 138 -13.40 9.59 4.99
CA SER A 138 -14.45 10.30 5.72
C SER A 138 -13.89 11.47 6.50
N GLN A 139 -12.69 11.28 7.06
CA GLN A 139 -12.03 12.33 7.84
C GLN A 139 -11.59 13.48 6.94
N ASP A 140 -10.82 13.15 5.91
CA ASP A 140 -10.32 14.15 4.97
C ASP A 140 -9.40 15.14 5.68
N ARG A 141 -8.72 14.67 6.72
CA ARG A 141 -7.81 15.51 7.48
C ARG A 141 -7.10 14.71 8.56
N CYS A 142 -6.48 13.60 8.17
CA CYS A 142 -5.77 12.75 9.11
C CYS A 142 -4.51 12.15 8.46
N ALA A 143 -3.47 11.98 9.26
CA ALA A 143 -2.21 11.43 8.76
C ALA A 143 -1.70 10.33 9.69
N GLU A 144 -1.44 9.16 9.13
CA GLU A 144 -0.94 8.03 9.90
C GLU A 144 -0.07 7.11 9.03
N VAL A 145 1.00 6.60 9.62
CA VAL A 145 1.91 5.72 8.91
C VAL A 145 2.57 4.72 9.87
N THR A 146 2.62 3.46 9.45
CA THR A 146 3.22 2.42 10.27
C THR A 146 4.26 1.63 9.48
N LEU A 147 5.50 1.67 9.95
CA LEU A 147 6.60 0.96 9.27
C LEU A 147 7.67 0.55 10.27
N GLU A 148 7.90 -0.75 10.39
CA GLU A 148 8.90 -1.28 11.31
C GLU A 148 9.57 -2.53 10.73
N GLY A 149 10.50 -3.09 11.49
CA GLY A 149 11.20 -4.28 11.04
C GLY A 149 11.89 -5.01 12.17
N GLN A 150 11.22 -5.08 13.33
CA GLN A 150 11.78 -5.76 14.49
C GLN A 150 10.69 -6.47 15.28
N MET A 151 10.07 -7.47 14.66
CA MET A 151 9.01 -8.24 15.31
C MET A 151 8.67 -9.49 14.50
N TYR A 152 7.96 -9.29 13.39
CA TYR A 152 7.56 -10.39 12.54
C TYR A 152 6.75 -9.90 11.34
N PRO A 153 7.00 -10.50 10.17
CA PRO A 153 6.30 -10.14 8.93
C PRO A 153 4.83 -10.56 8.95
N GLY A 154 4.15 -10.39 7.82
CA GLY A 154 2.75 -10.75 7.73
C GLY A 154 2.54 -12.09 7.06
N LYS A 155 3.53 -12.52 6.29
CA LYS A 155 3.45 -13.80 5.58
C LYS A 155 3.17 -14.93 6.56
N GLY A 156 3.74 -14.84 7.76
CA GLY A 156 3.54 -15.87 8.76
C GLY A 156 4.13 -17.20 8.36
N GLY A 157 4.96 -17.19 7.32
CA GLY A 157 5.58 -18.42 6.85
C GLY A 157 7.08 -18.43 7.06
N GLY A 158 7.67 -17.24 7.15
CA GLY A 158 9.10 -17.15 7.36
C GLY A 158 9.90 -17.89 6.30
N SER A 159 9.78 -17.43 5.05
CA SER A 159 10.48 -18.06 3.93
C SER A 159 11.98 -18.15 4.22
N LYS A 160 12.66 -17.01 4.16
CA LYS A 160 14.09 -16.96 4.41
C LYS A 160 14.83 -17.98 3.56
N GLU A 161 14.73 -17.82 2.23
CA GLU A 161 15.40 -18.74 1.31
C GLU A 161 16.57 -18.06 0.63
N LYS A 162 16.54 -16.74 0.57
CA LYS A 162 17.60 -15.96 -0.05
C LYS A 162 17.94 -16.51 -1.44
N ASN A 163 16.93 -17.04 -2.11
CA ASN A 163 17.11 -17.60 -3.44
C ASN A 163 16.47 -16.71 -4.50
N LYS A 164 17.28 -16.21 -5.42
CA LYS A 164 16.80 -15.34 -6.49
C LYS A 164 16.02 -16.15 -7.53
N THR A 165 15.33 -15.44 -8.42
CA THR A 165 14.55 -16.09 -9.47
C THR A 165 14.47 -15.23 -10.72
N LYS A 166 14.42 -15.88 -11.88
CA LYS A 166 14.35 -15.16 -13.15
C LYS A 166 12.90 -15.02 -13.61
N PRO A 167 12.25 -16.17 -13.89
CA PRO A 167 10.86 -16.19 -14.33
C PRO A 167 9.89 -15.79 -13.23
N GLU A 168 10.16 -16.25 -12.01
CA GLU A 168 9.31 -15.94 -10.87
C GLU A 168 9.46 -14.47 -10.46
N LYS A 169 10.56 -13.86 -10.89
CA LYS A 169 10.83 -12.47 -10.56
C LYS A 169 9.88 -11.54 -11.32
N ALA A 170 9.50 -11.95 -12.53
CA ALA A 170 8.60 -11.15 -13.34
C ALA A 170 7.15 -11.35 -12.92
N LYS A 171 6.87 -12.49 -12.31
CA LYS A 171 5.53 -12.81 -11.84
C LYS A 171 5.08 -11.84 -10.75
N LYS A 172 5.98 -11.59 -9.80
CA LYS A 172 5.69 -10.68 -8.70
C LYS A 172 5.75 -9.22 -9.16
N LYS A 173 6.59 -8.96 -10.16
CA LYS A 173 6.74 -7.61 -10.70
C LYS A 173 5.51 -7.21 -11.52
N GLU A 174 5.03 -8.15 -12.33
CA GLU A 174 3.87 -7.89 -13.17
C GLU A 174 2.60 -7.75 -12.32
N GLY A 175 2.27 -8.79 -11.58
CA GLY A 175 1.10 -8.77 -10.74
C GLY A 175 0.59 -10.15 -10.38
N ASP A 176 0.89 -10.60 -9.18
CA ASP A 176 0.47 -11.92 -8.72
C ASP A 176 -1.05 -12.01 -8.63
N PRO A 177 -1.64 -11.15 -7.79
CA PRO A 177 -3.09 -11.11 -7.58
C PRO A 177 -3.83 -10.55 -8.80
N LYS A 178 -3.34 -9.44 -9.32
CA LYS A 178 -3.96 -8.80 -10.49
C LYS A 178 -2.99 -8.81 -11.67
N PRO A 179 -2.76 -10.00 -12.24
CA PRO A 179 -1.85 -10.16 -13.39
C PRO A 179 -2.43 -9.56 -14.66
N ARG A 180 -1.55 -9.11 -15.55
CA ARG A 180 -1.96 -8.51 -16.81
C ARG A 180 -2.98 -7.40 -16.57
N ALA A 181 -2.54 -6.32 -15.93
CA ALA A 181 -3.41 -5.19 -15.64
C ALA A 181 -2.62 -4.03 -15.04
N SER A 182 -1.64 -4.36 -14.21
CA SER A 182 -0.81 -3.34 -13.57
C SER A 182 -0.24 -2.37 -14.60
N LYS A 183 0.21 -2.91 -15.72
CA LYS A 183 0.79 -2.09 -16.78
C LYS A 183 -0.22 -1.04 -17.25
N GLU A 184 -1.48 -1.43 -17.35
CA GLU A 184 -2.54 -0.52 -17.77
C GLU A 184 -2.52 0.76 -16.94
N ASP A 185 -2.51 0.59 -15.63
CA ASP A 185 -2.49 1.74 -14.71
C ASP A 185 -1.14 2.43 -14.73
N ASN A 186 -0.08 1.65 -14.78
CA ASN A 186 1.28 2.19 -14.81
C ASN A 186 1.43 3.22 -15.92
N ARG A 187 0.86 2.92 -17.09
CA ARG A 187 0.93 3.82 -18.23
C ARG A 187 -0.09 4.94 -18.10
N ALA A 188 -1.06 4.75 -17.22
CA ALA A 188 -2.11 5.75 -17.00
C ALA A 188 -1.51 7.07 -16.55
N GLY A 189 -0.49 6.99 -15.70
CA GLY A 189 0.16 8.19 -15.20
C GLY A 189 0.69 8.01 -13.78
N SER A 190 1.87 7.41 -13.67
CA SER A 190 2.48 7.17 -12.37
C SER A 190 3.84 7.86 -12.28
N ARG A 191 4.49 7.72 -11.14
CA ARG A 191 5.80 8.32 -10.91
C ARG A 191 5.73 9.83 -11.11
N ARG A 192 4.95 10.50 -10.25
CA ARG A 192 4.80 11.94 -10.33
C ARG A 192 4.74 12.42 -11.78
N GLU A 193 4.01 11.67 -12.60
CA GLU A 193 3.88 12.01 -14.01
C GLU A 193 2.42 12.32 -14.37
N ASP A 194 1.52 11.51 -13.83
CA ASP A 194 0.09 11.70 -14.09
C ASP A 194 -0.19 11.77 -15.59
N LEU A 195 0.54 10.97 -16.35
CA LEU A 195 0.38 10.95 -17.81
C LEU A 195 -1.08 10.64 -18.19
N ALA A 1 -18.18 15.80 7.72
CA ALA A 1 -19.21 14.83 7.39
C ALA A 1 -18.60 13.61 6.71
N ASP A 2 -19.40 12.55 6.57
CA ASP A 2 -18.94 11.33 5.93
C ASP A 2 -19.69 11.07 4.63
N THR A 3 -18.99 10.50 3.66
CA THR A 3 -19.58 10.20 2.36
C THR A 3 -20.58 9.06 2.45
N PRO A 4 -21.59 9.07 1.56
CA PRO A 4 -22.63 8.04 1.53
C PRO A 4 -22.09 6.69 1.06
N GLY A 5 -22.72 5.62 1.51
CA GLY A 5 -22.29 4.28 1.12
C GLY A 5 -23.45 3.40 0.70
N GLU A 6 -23.60 3.19 -0.60
CA GLU A 6 -24.68 2.37 -1.13
C GLU A 6 -24.56 2.20 -2.64
N ALA A 7 -24.37 3.32 -3.34
CA ALA A 7 -24.24 3.31 -4.78
C ALA A 7 -22.99 4.06 -5.23
N THR A 8 -21.85 3.38 -5.19
CA THR A 8 -20.58 3.98 -5.59
C THR A 8 -19.93 3.20 -6.72
N PRO A 9 -19.21 3.92 -7.60
CA PRO A 9 -18.52 3.31 -8.74
C PRO A 9 -17.33 2.45 -8.32
N PRO A 10 -16.81 1.66 -9.27
CA PRO A 10 -15.66 0.79 -9.01
C PRO A 10 -14.37 1.56 -8.80
N PRO A 11 -13.33 0.87 -8.32
CA PRO A 11 -12.02 1.47 -8.06
C PRO A 11 -11.29 1.85 -9.35
N ARG A 12 -11.67 2.99 -9.92
CA ARG A 12 -11.05 3.46 -11.16
C ARG A 12 -9.56 3.71 -10.96
N LYS A 13 -9.19 4.13 -9.76
CA LYS A 13 -7.79 4.41 -9.43
C LYS A 13 -7.56 4.32 -7.93
N LYS A 14 -8.42 3.57 -7.25
CA LYS A 14 -8.29 3.41 -5.80
C LYS A 14 -7.86 1.98 -5.46
N LYS A 15 -7.68 1.17 -6.48
CA LYS A 15 -7.26 -0.22 -6.29
C LYS A 15 -6.48 -0.73 -7.50
N ASP A 16 -5.95 0.20 -8.28
CA ASP A 16 -5.18 -0.15 -9.48
C ASP A 16 -3.68 -0.01 -9.21
N ILE A 17 -3.32 0.93 -8.33
CA ILE A 17 -1.93 1.16 -7.99
C ILE A 17 -1.12 1.55 -9.22
N ARG A 18 -0.87 2.85 -9.36
CA ARG A 18 -0.10 3.35 -10.50
C ARG A 18 1.21 2.58 -10.66
N ASP A 19 1.37 1.93 -11.81
CA ASP A 19 2.58 1.17 -12.08
C ASP A 19 2.86 0.18 -10.95
N TYR A 20 1.80 -0.24 -10.26
CA TYR A 20 1.95 -1.18 -9.16
C TYR A 20 3.20 -0.88 -8.34
N ASN A 21 3.49 0.40 -8.16
CA ASN A 21 4.65 0.82 -7.39
C ASN A 21 4.81 2.33 -7.43
N ASP A 22 4.56 2.92 -8.59
CA ASP A 22 4.68 4.36 -8.76
C ASP A 22 3.74 5.10 -7.82
N ALA A 23 2.73 4.39 -7.32
CA ALA A 23 1.76 4.98 -6.40
C ALA A 23 2.46 5.66 -5.24
N ASP A 24 3.23 4.89 -4.48
CA ASP A 24 3.96 5.42 -3.32
C ASP A 24 4.92 6.53 -3.76
N MET A 25 5.58 6.32 -4.90
CA MET A 25 6.53 7.30 -5.41
C MET A 25 5.84 8.63 -5.69
N ALA A 26 4.64 8.57 -6.26
CA ALA A 26 3.88 9.78 -6.57
C ALA A 26 3.74 10.67 -5.33
N ARG A 27 3.61 10.06 -4.17
CA ARG A 27 3.48 10.80 -2.92
C ARG A 27 4.70 11.68 -2.68
N LEU A 28 5.85 11.23 -3.16
CA LEU A 28 7.10 11.98 -3.00
C LEU A 28 6.93 13.41 -3.48
N LEU A 29 6.31 13.58 -4.64
CA LEU A 29 6.09 14.89 -5.22
C LEU A 29 5.37 15.80 -4.23
N GLU A 30 4.50 15.21 -3.41
CA GLU A 30 3.74 15.96 -2.42
C GLU A 30 4.65 16.44 -1.30
N GLN A 31 5.74 15.72 -1.07
CA GLN A 31 6.69 16.08 -0.03
C GLN A 31 7.09 17.55 -0.12
N TRP A 32 7.35 18.01 -1.34
CA TRP A 32 7.73 19.39 -1.57
C TRP A 32 6.63 20.34 -1.12
N GLU A 33 5.38 19.95 -1.35
CA GLU A 33 4.24 20.77 -0.97
C GLU A 33 4.08 20.81 0.55
N LYS A 34 4.27 19.65 1.19
CA LYS A 34 4.13 19.55 2.64
C LYS A 34 5.27 20.29 3.34
N ASP A 35 6.35 20.54 2.61
CA ASP A 35 7.51 21.25 3.16
C ASP A 35 7.08 22.56 3.80
N ASP A 36 6.11 23.23 3.19
CA ASP A 36 5.61 24.49 3.72
C ASP A 36 4.43 24.27 4.66
N ASP A 37 3.45 23.51 4.20
CA ASP A 37 2.27 23.21 5.02
C ASP A 37 2.66 22.50 6.31
N ILE A 38 3.09 21.24 6.17
CA ILE A 38 3.50 20.46 7.33
C ILE A 38 2.32 20.20 8.26
N GLU A 39 1.39 19.36 7.84
CA GLU A 39 0.21 19.03 8.63
C GLU A 39 0.60 18.16 9.82
N GLU A 40 0.85 16.88 9.54
CA GLU A 40 1.22 15.94 10.59
C GLU A 40 1.54 14.56 10.00
N GLY A 41 1.66 13.57 10.86
CA GLY A 41 1.96 12.22 10.41
C GLY A 41 3.21 11.65 11.04
N ASP A 42 4.12 12.53 11.45
CA ASP A 42 5.36 12.11 12.07
C ASP A 42 5.12 11.63 13.50
N LEU A 43 4.77 10.35 13.64
CA LEU A 43 4.50 9.76 14.95
C LEU A 43 5.75 9.09 15.51
N PRO A 44 5.78 8.91 16.84
CA PRO A 44 6.90 8.28 17.53
C PRO A 44 7.01 6.79 17.22
N GLU A 45 5.86 6.12 17.16
CA GLU A 45 5.83 4.69 16.88
C GLU A 45 6.64 3.90 17.90
N HIS A 46 5.98 3.50 18.98
CA HIS A 46 6.64 2.74 20.04
C HIS A 46 7.18 1.41 19.50
N LYS A 47 6.42 0.79 18.60
CA LYS A 47 6.82 -0.48 18.02
C LYS A 47 5.78 -0.96 17.00
N ARG A 48 4.51 -0.69 17.29
CA ARG A 48 3.42 -1.08 16.41
C ARG A 48 3.48 -2.59 16.13
N PRO A 49 3.09 -3.39 17.13
CA PRO A 49 3.09 -4.86 17.02
C PRO A 49 2.01 -5.36 16.06
N SER A 50 2.43 -5.87 14.91
CA SER A 50 1.50 -6.39 13.91
C SER A 50 1.59 -7.91 13.82
N ALA A 51 0.55 -8.53 13.28
CA ALA A 51 0.51 -9.98 13.13
C ALA A 51 -0.29 -10.38 11.90
N PRO A 52 -0.07 -11.62 11.43
CA PRO A 52 -0.76 -12.15 10.25
C PRO A 52 -2.25 -12.41 10.51
N ILE A 53 -3.04 -11.33 10.49
CA ILE A 53 -4.47 -11.45 10.72
C ILE A 53 -5.26 -11.25 9.42
N ASP A 54 -4.61 -11.53 8.30
CA ASP A 54 -5.24 -11.39 6.99
C ASP A 54 -6.11 -12.61 6.67
N PHE A 55 -6.74 -12.58 5.50
CA PHE A 55 -7.60 -13.68 5.08
C PHE A 55 -6.83 -14.64 4.17
N SER A 56 -6.46 -14.16 2.99
CA SER A 56 -5.73 -14.98 2.02
C SER A 56 -6.49 -16.27 1.72
N LYS A 57 -7.55 -16.15 0.92
CA LYS A 57 -8.35 -17.30 0.54
C LYS A 57 -8.91 -17.14 -0.87
N LEU A 58 -8.06 -16.72 -1.79
CA LEU A 58 -8.46 -16.53 -3.18
C LEU A 58 -8.28 -17.82 -3.99
N ASP A 59 -7.04 -18.13 -4.30
CA ASP A 59 -6.72 -19.33 -5.07
C ASP A 59 -6.02 -20.37 -4.20
N PRO A 60 -6.04 -21.63 -4.64
CA PRO A 60 -5.42 -22.74 -3.92
C PRO A 60 -3.89 -22.66 -3.94
N GLY A 61 -3.36 -21.85 -4.86
CA GLY A 61 -1.92 -21.71 -4.97
C GLY A 61 -1.47 -21.48 -6.40
N LYS A 62 -0.31 -20.84 -6.56
CA LYS A 62 0.23 -20.57 -7.89
C LYS A 62 1.55 -19.81 -7.79
N PRO A 63 1.50 -18.62 -7.19
CA PRO A 63 2.70 -17.78 -7.02
C PRO A 63 3.68 -18.35 -6.01
N GLU A 64 4.44 -19.35 -6.43
CA GLU A 64 5.42 -19.99 -5.56
C GLU A 64 6.69 -19.15 -5.45
N SER A 65 6.89 -18.27 -6.43
CA SER A 65 8.06 -17.41 -6.45
C SER A 65 8.03 -16.41 -5.30
N ILE A 66 6.84 -16.19 -4.74
CA ILE A 66 6.67 -15.26 -3.63
C ILE A 66 7.52 -15.67 -2.44
N LEU A 67 7.86 -16.95 -2.39
CA LEU A 67 8.68 -17.48 -1.30
C LEU A 67 10.05 -16.81 -1.26
N LYS A 68 10.46 -16.25 -2.39
CA LYS A 68 11.74 -15.57 -2.50
C LYS A 68 11.86 -14.47 -1.45
N MET A 69 10.72 -13.94 -1.01
CA MET A 69 10.70 -12.89 0.00
C MET A 69 11.53 -13.28 1.21
N THR A 70 11.61 -14.57 1.49
CA THR A 70 12.37 -15.07 2.62
C THR A 70 12.00 -14.35 3.90
N LYS A 71 10.69 -14.20 4.13
CA LYS A 71 10.19 -13.52 5.32
C LYS A 71 10.65 -12.07 5.35
N LYS A 72 9.73 -11.16 5.03
CA LYS A 72 10.03 -9.73 5.03
C LYS A 72 10.59 -9.28 6.37
N GLY A 73 9.76 -9.38 7.41
CA GLY A 73 10.18 -8.98 8.75
C GLY A 73 9.10 -8.22 9.50
N LYS A 74 8.49 -7.26 8.82
CA LYS A 74 7.43 -6.45 9.43
C LYS A 74 6.42 -5.99 8.37
N THR A 75 5.16 -5.91 8.78
CA THR A 75 4.09 -5.49 7.87
C THR A 75 4.12 -3.98 7.67
N LEU A 76 3.16 -3.48 6.91
CA LEU A 76 3.07 -2.05 6.62
C LEU A 76 1.65 -1.54 6.87
N MET A 77 1.56 -0.32 7.42
CA MET A 77 0.26 0.28 7.69
C MET A 77 0.39 1.79 7.84
N MET A 78 -0.31 2.53 6.98
CA MET A 78 -0.27 3.99 7.02
C MET A 78 -1.58 4.58 6.53
N PHE A 79 -2.05 5.61 7.22
CA PHE A 79 -3.31 6.26 6.87
C PHE A 79 -3.20 7.77 7.04
N VAL A 80 -3.37 8.50 5.94
CA VAL A 80 -3.29 9.96 5.97
C VAL A 80 -4.08 10.58 4.83
N THR A 81 -4.89 11.58 5.14
CA THR A 81 -5.69 12.26 4.14
C THR A 81 -5.51 13.77 4.21
N VAL A 82 -4.44 14.26 3.57
CA VAL A 82 -4.16 15.69 3.56
C VAL A 82 -3.06 16.01 2.54
N SER A 83 -3.06 17.26 2.06
CA SER A 83 -2.07 17.70 1.08
C SER A 83 -0.66 17.52 1.62
N GLY A 84 0.11 16.67 0.95
CA GLY A 84 1.48 16.41 1.37
C GLY A 84 1.56 15.86 2.77
N ASN A 85 2.75 15.38 3.15
CA ASN A 85 2.95 14.80 4.47
C ASN A 85 4.39 14.32 4.64
N PRO A 86 4.92 14.49 5.86
CA PRO A 86 6.30 14.07 6.18
C PRO A 86 6.45 12.56 6.20
N THR A 87 6.54 11.95 5.02
CA THR A 87 6.69 10.51 4.91
C THR A 87 7.32 10.13 3.57
N GLU A 88 8.01 11.08 2.95
CA GLU A 88 8.67 10.84 1.67
C GLU A 88 9.61 9.64 1.76
N LYS A 89 10.41 9.59 2.82
CA LYS A 89 11.35 8.50 3.01
C LYS A 89 10.62 7.19 3.28
N GLU A 90 9.46 7.28 3.93
CA GLU A 90 8.66 6.10 4.25
C GLU A 90 8.05 5.51 2.97
N THR A 91 7.53 6.38 2.10
CA THR A 91 6.92 5.93 0.86
C THR A 91 7.85 4.99 0.09
N GLU A 92 9.11 5.38 -0.04
CA GLU A 92 10.09 4.58 -0.75
C GLU A 92 10.28 3.22 -0.06
N GLU A 93 10.06 3.19 1.25
CA GLU A 93 10.21 1.98 2.03
C GLU A 93 8.97 1.08 1.88
N ILE A 94 7.84 1.70 1.57
CA ILE A 94 6.59 0.97 1.40
C ILE A 94 6.77 -0.21 0.44
N THR A 95 7.69 -0.07 -0.50
CA THR A 95 7.96 -1.12 -1.47
C THR A 95 8.59 -2.35 -0.80
N SER A 96 9.44 -2.09 0.18
CA SER A 96 10.11 -3.17 0.90
C SER A 96 9.14 -3.92 1.80
N LEU A 97 8.32 -3.16 2.54
CA LEU A 97 7.34 -3.76 3.43
C LEU A 97 6.21 -4.41 2.65
N TRP A 98 5.82 -3.76 1.55
CA TRP A 98 4.75 -4.29 0.71
C TRP A 98 5.00 -5.75 0.34
N GLN A 99 6.26 -6.09 0.14
CA GLN A 99 6.63 -7.46 -0.21
C GLN A 99 6.03 -8.45 0.78
N GLY A 100 6.00 -8.08 2.05
CA GLY A 100 5.45 -8.96 3.07
C GLY A 100 3.95 -9.09 2.96
N SER A 101 3.24 -7.97 3.01
CA SER A 101 1.79 -7.97 2.92
C SER A 101 1.32 -8.62 1.62
N LEU A 102 2.08 -8.41 0.55
CA LEU A 102 1.73 -8.98 -0.74
C LEU A 102 1.51 -10.49 -0.63
N PHE A 103 2.28 -11.14 0.23
CA PHE A 103 2.17 -12.58 0.43
C PHE A 103 0.74 -12.96 0.78
N ASN A 104 0.07 -12.11 1.55
CA ASN A 104 -1.30 -12.36 1.96
C ASN A 104 -2.20 -12.53 0.75
N ALA A 105 -1.79 -11.97 -0.38
CA ALA A 105 -2.56 -12.05 -1.61
C ALA A 105 -3.90 -11.34 -1.48
N ASN A 106 -4.01 -10.51 -0.45
CA ASN A 106 -5.24 -9.76 -0.20
C ASN A 106 -4.94 -8.43 0.48
N TYR A 107 -3.74 -7.91 0.25
CA TYR A 107 -3.33 -6.64 0.84
C TYR A 107 -4.32 -5.53 0.49
N ASP A 108 -4.05 -4.33 1.01
CA ASP A 108 -4.92 -3.18 0.75
C ASP A 108 -4.09 -1.99 0.29
N VAL A 109 -4.51 -1.37 -0.81
CA VAL A 109 -3.82 -0.22 -1.36
C VAL A 109 -4.77 0.68 -2.14
N GLN A 110 -4.77 1.96 -1.83
CA GLN A 110 -5.63 2.92 -2.51
C GLN A 110 -4.99 4.31 -2.55
N ARG A 111 -4.90 4.88 -3.74
CA ARG A 111 -4.33 6.21 -3.90
C ARG A 111 -5.33 7.18 -4.49
N PHE A 112 -5.22 8.45 -4.10
CA PHE A 112 -6.13 9.49 -4.59
C PHE A 112 -5.43 10.84 -4.65
N ILE A 113 -5.78 11.64 -5.64
CA ILE A 113 -5.19 12.96 -5.82
C ILE A 113 -6.23 13.97 -6.29
N VAL A 114 -6.44 15.01 -5.48
CA VAL A 114 -7.40 16.05 -5.83
C VAL A 114 -6.81 17.44 -5.61
N GLY A 115 -6.76 18.24 -6.67
CA GLY A 115 -6.22 19.58 -6.58
C GLY A 115 -4.82 19.60 -6.00
N SER A 116 -4.71 19.94 -4.72
CA SER A 116 -3.41 20.00 -4.05
C SER A 116 -3.37 19.04 -2.86
N ASP A 117 -4.47 18.34 -2.64
CA ASP A 117 -4.56 17.39 -1.54
C ASP A 117 -4.10 16.00 -1.97
N ARG A 118 -3.75 15.17 -1.01
CA ARG A 118 -3.30 13.82 -1.29
C ARG A 118 -3.66 12.86 -0.15
N ALA A 119 -4.33 11.76 -0.49
CA ALA A 119 -4.72 10.78 0.50
C ALA A 119 -4.31 9.37 0.08
N ILE A 120 -3.74 8.62 1.00
CA ILE A 120 -3.30 7.26 0.72
C ILE A 120 -3.68 6.32 1.86
N PHE A 121 -4.27 5.19 1.51
CA PHE A 121 -4.68 4.20 2.50
C PHE A 121 -4.25 2.79 2.08
N MET A 122 -3.42 2.15 2.90
CA MET A 122 -2.94 0.81 2.62
C MET A 122 -2.71 0.03 3.91
N LEU A 123 -3.08 -1.24 3.90
CA LEU A 123 -2.93 -2.10 5.07
C LEU A 123 -2.73 -3.56 4.66
N ARG A 124 -1.95 -4.29 5.45
CA ARG A 124 -1.68 -5.69 5.17
C ARG A 124 -2.97 -6.46 4.93
N ASP A 125 -4.04 -6.02 5.59
CA ASP A 125 -5.35 -6.66 5.45
C ASP A 125 -5.98 -6.33 4.11
N GLY A 126 -7.25 -6.68 3.96
CA GLY A 126 -7.95 -6.40 2.71
C GLY A 126 -9.28 -5.71 2.93
N SER A 127 -10.37 -6.48 2.94
CA SER A 127 -11.69 -5.93 3.13
C SER A 127 -11.74 -5.07 4.39
N TYR A 128 -10.91 -5.42 5.37
CA TYR A 128 -10.87 -4.67 6.63
C TYR A 128 -10.44 -3.23 6.40
N ALA A 129 -9.34 -3.05 5.66
CA ALA A 129 -8.83 -1.73 5.37
C ALA A 129 -9.76 -0.99 4.40
N TRP A 130 -10.43 -1.73 3.55
CA TRP A 130 -11.35 -1.14 2.58
C TRP A 130 -12.43 -0.33 3.27
N GLU A 131 -13.02 -0.90 4.32
CA GLU A 131 -14.06 -0.22 5.07
C GLU A 131 -13.51 1.01 5.79
N ILE A 132 -12.57 0.79 6.68
CA ILE A 132 -11.95 1.88 7.43
C ILE A 132 -11.47 2.98 6.50
N LYS A 133 -10.97 2.59 5.34
CA LYS A 133 -10.47 3.54 4.35
C LYS A 133 -11.50 4.62 4.06
N ASP A 134 -12.71 4.20 3.68
CA ASP A 134 -13.78 5.12 3.38
C ASP A 134 -13.99 6.11 4.52
N PHE A 135 -13.93 5.60 5.75
CA PHE A 135 -14.11 6.43 6.93
C PHE A 135 -12.93 7.38 7.12
N LEU A 136 -11.73 6.91 6.75
CA LEU A 136 -10.52 7.71 6.88
C LEU A 136 -10.53 8.87 5.88
N VAL A 137 -10.55 8.53 4.59
CA VAL A 137 -10.56 9.54 3.54
C VAL A 137 -11.65 10.57 3.77
N SER A 138 -12.74 10.12 4.41
CA SER A 138 -13.87 11.01 4.70
C SER A 138 -13.43 12.19 5.55
N GLN A 139 -12.53 11.93 6.49
CA GLN A 139 -12.03 12.97 7.37
C GLN A 139 -11.52 14.17 6.58
N ASP A 140 -10.66 13.90 5.60
CA ASP A 140 -10.09 14.96 4.77
C ASP A 140 -9.25 15.92 5.60
N ARG A 141 -8.69 15.41 6.70
CA ARG A 141 -7.86 16.23 7.58
C ARG A 141 -7.27 15.39 8.71
N CYS A 142 -6.56 14.33 8.34
CA CYS A 142 -5.95 13.43 9.32
C CYS A 142 -4.60 12.93 8.80
N ALA A 143 -3.66 12.74 9.73
CA ALA A 143 -2.33 12.26 9.38
C ALA A 143 -1.88 11.16 10.34
N GLU A 144 -1.61 9.98 9.79
CA GLU A 144 -1.16 8.85 10.60
C GLU A 144 -0.28 7.91 9.79
N VAL A 145 0.77 7.40 10.42
CA VAL A 145 1.69 6.49 9.77
C VAL A 145 2.30 5.51 10.76
N THR A 146 2.20 4.22 10.46
CA THR A 146 2.74 3.18 11.32
C THR A 146 3.78 2.34 10.59
N LEU A 147 5.01 2.34 11.10
CA LEU A 147 6.10 1.58 10.50
C LEU A 147 7.08 1.12 11.56
N GLU A 148 7.25 -0.20 11.67
CA GLU A 148 8.17 -0.78 12.65
C GLU A 148 9.43 -1.31 11.96
N GLY A 149 10.35 -1.84 12.75
CA GLY A 149 11.58 -2.37 12.20
C GLY A 149 11.78 -3.83 12.55
N GLN A 150 11.21 -4.26 13.67
CA GLN A 150 11.33 -5.65 14.10
C GLN A 150 10.10 -6.07 14.89
N MET A 151 9.51 -7.19 14.48
CA MET A 151 8.31 -7.71 15.15
C MET A 151 7.86 -9.02 14.50
N TYR A 152 7.23 -8.90 13.34
CA TYR A 152 6.73 -10.08 12.62
C TYR A 152 6.05 -9.68 11.32
N PRO A 153 6.27 -10.47 10.27
CA PRO A 153 5.68 -10.23 8.95
C PRO A 153 4.17 -10.46 8.93
N GLY A 154 3.54 -10.15 7.80
CA GLY A 154 2.10 -10.33 7.68
C GLY A 154 1.74 -11.55 6.85
N LYS A 155 2.72 -12.07 6.13
CA LYS A 155 2.51 -13.24 5.28
C LYS A 155 1.84 -14.37 6.07
N GLY A 156 2.21 -14.47 7.35
CA GLY A 156 1.64 -15.51 8.18
C GLY A 156 1.92 -16.90 7.65
N GLY A 157 2.99 -17.51 8.13
CA GLY A 157 3.35 -18.85 7.68
C GLY A 157 4.81 -19.19 7.96
N GLY A 158 5.70 -18.30 7.52
CA GLY A 158 7.13 -18.53 7.73
C GLY A 158 7.73 -19.39 6.63
N SER A 159 8.01 -18.79 5.49
CA SER A 159 8.60 -19.51 4.36
C SER A 159 10.11 -19.61 4.51
N LYS A 160 10.80 -18.50 4.27
CA LYS A 160 12.25 -18.46 4.38
C LYS A 160 12.90 -19.39 3.36
N GLU A 161 13.27 -18.83 2.21
CA GLU A 161 13.91 -19.61 1.16
C GLU A 161 15.23 -18.99 0.74
N LYS A 162 15.25 -17.67 0.58
CA LYS A 162 16.44 -16.95 0.19
C LYS A 162 16.89 -17.37 -1.21
N ASN A 163 16.25 -16.81 -2.22
CA ASN A 163 16.58 -17.13 -3.61
C ASN A 163 16.32 -15.93 -4.52
N LYS A 164 16.93 -15.94 -5.70
CA LYS A 164 16.75 -14.87 -6.67
C LYS A 164 15.51 -15.11 -7.53
N THR A 165 14.98 -14.04 -8.11
CA THR A 165 13.80 -14.13 -8.95
C THR A 165 13.80 -13.06 -10.03
N LYS A 166 14.42 -13.35 -11.16
CA LYS A 166 14.49 -12.41 -12.26
C LYS A 166 13.21 -12.43 -13.08
N PRO A 167 12.92 -13.59 -13.70
CA PRO A 167 11.72 -13.78 -14.54
C PRO A 167 10.44 -13.79 -13.71
N GLU A 168 10.55 -14.29 -12.48
CA GLU A 168 9.39 -14.36 -11.58
C GLU A 168 9.11 -13.00 -10.96
N LYS A 169 10.11 -12.14 -10.93
CA LYS A 169 9.97 -10.80 -10.37
C LYS A 169 8.77 -10.08 -10.98
N ALA A 170 8.74 -9.99 -12.30
CA ALA A 170 7.64 -9.34 -13.00
C ALA A 170 6.41 -10.22 -13.04
N LYS A 171 6.62 -11.54 -13.02
CA LYS A 171 5.51 -12.49 -13.05
C LYS A 171 4.50 -12.17 -11.97
N LYS A 172 4.95 -12.07 -10.73
CA LYS A 172 4.08 -11.78 -9.60
C LYS A 172 3.53 -10.36 -9.71
N LYS A 173 4.39 -9.43 -10.09
CA LYS A 173 3.99 -8.03 -10.23
C LYS A 173 2.88 -7.88 -11.26
N GLU A 174 2.84 -8.82 -12.21
CA GLU A 174 1.82 -8.79 -13.25
C GLU A 174 0.45 -9.19 -12.70
N GLY A 175 0.46 -10.05 -11.69
CA GLY A 175 -0.79 -10.50 -11.09
C GLY A 175 -1.06 -11.97 -11.34
N ASP A 176 -0.91 -12.78 -10.30
CA ASP A 176 -1.14 -14.22 -10.42
C ASP A 176 -2.63 -14.52 -10.48
N PRO A 177 -3.36 -14.11 -9.43
CA PRO A 177 -4.80 -14.33 -9.34
C PRO A 177 -5.59 -13.49 -10.33
N LYS A 178 -5.03 -12.33 -10.70
CA LYS A 178 -5.67 -11.44 -11.66
C LYS A 178 -4.63 -10.80 -12.58
N PRO A 179 -4.10 -11.59 -13.52
CA PRO A 179 -3.10 -11.12 -14.48
C PRO A 179 -3.68 -10.14 -15.49
N ARG A 180 -3.86 -8.90 -15.07
CA ARG A 180 -4.41 -7.86 -15.94
C ARG A 180 -4.46 -6.52 -15.23
N ALA A 181 -3.48 -6.27 -14.36
CA ALA A 181 -3.42 -5.02 -13.61
C ALA A 181 -2.22 -4.18 -14.04
N SER A 182 -1.08 -4.84 -14.25
CA SER A 182 0.13 -4.15 -14.66
C SER A 182 -0.10 -3.36 -15.94
N LYS A 183 -0.86 -3.95 -16.87
CA LYS A 183 -1.15 -3.30 -18.14
C LYS A 183 -1.70 -1.91 -17.92
N GLU A 184 -2.79 -1.81 -17.15
CA GLU A 184 -3.42 -0.53 -16.87
C GLU A 184 -2.54 0.31 -15.94
N ASP A 185 -1.94 -0.35 -14.96
CA ASP A 185 -1.08 0.33 -14.00
C ASP A 185 -0.01 1.14 -14.72
N ASN A 186 0.80 0.46 -15.52
CA ASN A 186 1.88 1.12 -16.26
C ASN A 186 1.34 2.31 -17.05
N ARG A 187 0.16 2.13 -17.64
CA ARG A 187 -0.47 3.20 -18.43
C ARG A 187 -0.54 4.49 -17.63
N ALA A 188 -0.93 4.37 -16.35
CA ALA A 188 -1.04 5.53 -15.48
C ALA A 188 0.30 6.26 -15.35
N GLY A 189 1.20 5.67 -14.57
CA GLY A 189 2.51 6.27 -14.37
C GLY A 189 2.44 7.51 -13.50
N SER A 190 3.26 7.54 -12.45
CA SER A 190 3.30 8.67 -11.53
C SER A 190 4.68 9.30 -11.51
N ARG A 191 4.89 10.21 -10.55
CA ARG A 191 6.17 10.90 -10.42
C ARG A 191 6.49 11.72 -11.66
N ARG A 192 6.04 12.97 -11.66
CA ARG A 192 6.27 13.87 -12.79
C ARG A 192 5.67 13.30 -14.07
N GLU A 193 4.53 12.64 -13.94
CA GLU A 193 3.85 12.04 -15.09
C GLU A 193 2.33 12.12 -14.92
N ASP A 194 1.81 11.28 -14.02
CA ASP A 194 0.37 11.25 -13.77
C ASP A 194 -0.41 11.06 -15.07
N LEU A 195 -0.63 9.79 -15.44
CA LEU A 195 -1.36 9.48 -16.66
C LEU A 195 -0.69 10.12 -17.88
N ALA A 1 -19.71 11.29 16.51
CA ALA A 1 -19.07 10.34 15.60
C ALA A 1 -18.63 11.03 14.32
N ASP A 2 -18.00 10.26 13.43
CA ASP A 2 -17.53 10.80 12.15
C ASP A 2 -18.67 10.92 11.16
N THR A 3 -18.61 11.95 10.31
CA THR A 3 -19.64 12.18 9.31
C THR A 3 -19.18 11.72 7.93
N PRO A 4 -20.15 11.34 7.08
CA PRO A 4 -19.86 10.86 5.72
C PRO A 4 -19.38 11.99 4.81
N GLY A 5 -19.24 11.69 3.53
CA GLY A 5 -18.80 12.68 2.57
C GLY A 5 -19.94 13.49 1.98
N GLU A 6 -20.31 13.16 0.74
CA GLU A 6 -21.39 13.86 0.07
C GLU A 6 -21.75 13.18 -1.24
N ALA A 7 -20.73 12.85 -2.03
CA ALA A 7 -20.94 12.18 -3.31
C ALA A 7 -19.61 11.84 -3.98
N THR A 8 -18.93 10.83 -3.46
CA THR A 8 -17.64 10.41 -4.00
C THR A 8 -17.80 9.77 -5.37
N PRO A 9 -16.83 10.02 -6.26
CA PRO A 9 -16.85 9.47 -7.62
C PRO A 9 -16.61 7.97 -7.64
N PRO A 10 -16.86 7.35 -8.81
CA PRO A 10 -16.69 5.90 -8.99
C PRO A 10 -15.22 5.49 -8.97
N PRO A 11 -14.96 4.18 -8.86
CA PRO A 11 -13.61 3.63 -8.84
C PRO A 11 -12.90 3.76 -10.19
N ARG A 12 -12.42 4.96 -10.49
CA ARG A 12 -11.72 5.22 -11.74
C ARG A 12 -10.36 4.54 -11.75
N LYS A 13 -9.54 4.84 -10.76
CA LYS A 13 -8.21 4.27 -10.66
C LYS A 13 -7.76 4.18 -9.20
N LYS A 14 -8.73 4.24 -8.28
CA LYS A 14 -8.44 4.16 -6.86
C LYS A 14 -7.92 2.78 -6.47
N LYS A 15 -8.55 1.75 -7.02
CA LYS A 15 -8.15 0.37 -6.75
C LYS A 15 -7.37 -0.21 -7.91
N ASP A 16 -6.86 0.65 -8.78
CA ASP A 16 -6.10 0.22 -9.94
C ASP A 16 -4.61 0.16 -9.62
N ILE A 17 -4.12 1.18 -8.91
CA ILE A 17 -2.72 1.24 -8.52
C ILE A 17 -1.82 1.28 -9.75
N ARG A 18 -1.34 2.47 -10.10
CA ARG A 18 -0.48 2.65 -11.25
C ARG A 18 0.74 1.72 -11.16
N ASP A 19 0.87 0.83 -12.14
CA ASP A 19 1.98 -0.10 -12.19
C ASP A 19 1.96 -1.02 -10.96
N TYR A 20 0.82 -1.06 -10.28
CA TYR A 20 0.68 -1.89 -9.09
C TYR A 20 1.85 -1.69 -8.14
N ASN A 21 2.37 -0.46 -8.10
CA ASN A 21 3.50 -0.14 -7.23
C ASN A 21 3.86 1.34 -7.34
N ASP A 22 3.72 1.90 -8.54
CA ASP A 22 4.02 3.30 -8.78
C ASP A 22 3.22 4.20 -7.84
N ALA A 23 2.11 3.67 -7.32
CA ALA A 23 1.26 4.42 -6.42
C ALA A 23 2.07 5.04 -5.29
N ASP A 24 2.87 4.23 -4.62
CA ASP A 24 3.69 4.70 -3.52
C ASP A 24 4.53 5.91 -3.94
N MET A 25 5.09 5.84 -5.14
CA MET A 25 5.91 6.93 -5.66
C MET A 25 5.09 8.21 -5.78
N ALA A 26 3.84 8.08 -6.19
CA ALA A 26 2.95 9.23 -6.33
C ALA A 26 2.95 10.08 -5.06
N ARG A 27 3.01 9.42 -3.92
CA ARG A 27 3.01 10.11 -2.63
C ARG A 27 4.18 11.09 -2.53
N LEU A 28 5.29 10.72 -3.17
CA LEU A 28 6.49 11.56 -3.15
C LEU A 28 6.15 12.99 -3.57
N LEU A 29 5.30 13.13 -4.57
CA LEU A 29 4.89 14.44 -5.06
C LEU A 29 4.28 15.28 -3.94
N GLU A 30 3.57 14.60 -3.03
CA GLU A 30 2.94 15.28 -1.91
C GLU A 30 3.98 15.79 -0.92
N GLN A 31 5.15 15.15 -0.91
CA GLN A 31 6.23 15.54 0.00
C GLN A 31 6.49 17.05 -0.10
N TRP A 32 6.49 17.57 -1.31
CA TRP A 32 6.73 18.99 -1.53
C TRP A 32 5.62 19.84 -0.90
N GLU A 33 4.39 19.32 -0.96
CA GLU A 33 3.24 20.02 -0.40
C GLU A 33 3.30 20.03 1.12
N LYS A 34 3.96 19.02 1.69
CA LYS A 34 4.08 18.91 3.14
C LYS A 34 5.00 19.99 3.69
N ASP A 35 5.86 20.53 2.83
CA ASP A 35 6.79 21.58 3.23
C ASP A 35 6.04 22.80 3.74
N ASP A 36 5.02 23.22 3.01
CA ASP A 36 4.22 24.38 3.38
C ASP A 36 3.04 23.96 4.26
N ASP A 37 2.42 22.84 3.91
CA ASP A 37 1.29 22.33 4.67
C ASP A 37 1.72 21.83 6.04
N ILE A 38 2.52 20.77 6.05
CA ILE A 38 3.00 20.20 7.30
C ILE A 38 1.94 20.26 8.39
N GLU A 39 1.03 19.29 8.38
CA GLU A 39 -0.04 19.24 9.37
C GLU A 39 0.23 18.16 10.41
N GLU A 40 0.17 16.90 9.98
CA GLU A 40 0.41 15.78 10.88
C GLU A 40 1.36 14.77 10.24
N GLY A 41 1.58 13.65 10.93
CA GLY A 41 2.47 12.63 10.42
C GLY A 41 3.10 11.80 11.53
N ASP A 42 3.97 12.42 12.31
CA ASP A 42 4.64 11.73 13.41
C ASP A 42 3.63 11.23 14.43
N LEU A 43 3.77 9.96 14.82
CA LEU A 43 2.87 9.35 15.79
C LEU A 43 3.66 8.67 16.92
N PRO A 44 2.98 8.42 18.04
CA PRO A 44 3.59 7.77 19.20
C PRO A 44 3.90 6.30 18.96
N GLU A 45 5.18 5.97 18.91
CA GLU A 45 5.62 4.60 18.67
C GLU A 45 5.22 4.14 17.27
N HIS A 46 6.08 4.42 16.30
CA HIS A 46 5.82 4.03 14.92
C HIS A 46 5.92 2.51 14.75
N LYS A 47 6.41 1.84 15.78
CA LYS A 47 6.55 0.39 15.75
C LYS A 47 5.25 -0.27 15.31
N ARG A 48 4.28 -0.32 16.23
CA ARG A 48 2.99 -0.94 15.95
C ARG A 48 3.17 -2.32 15.32
N PRO A 49 3.49 -3.31 16.16
CA PRO A 49 3.69 -4.69 15.71
C PRO A 49 2.39 -5.35 15.28
N SER A 50 2.37 -5.87 14.05
CA SER A 50 1.19 -6.52 13.51
C SER A 50 1.42 -8.02 13.38
N ALA A 51 0.32 -8.79 13.43
CA ALA A 51 0.40 -10.23 13.31
C ALA A 51 -0.40 -10.74 12.11
N PRO A 52 -0.08 -11.97 11.67
CA PRO A 52 -0.76 -12.59 10.52
C PRO A 52 -2.22 -12.94 10.83
N ILE A 53 -3.12 -12.00 10.57
CA ILE A 53 -4.54 -12.22 10.82
C ILE A 53 -5.37 -11.90 9.59
N ASP A 54 -4.89 -12.33 8.42
CA ASP A 54 -5.59 -12.08 7.17
C ASP A 54 -6.47 -13.27 6.79
N PHE A 55 -7.14 -13.16 5.66
CA PHE A 55 -8.03 -14.23 5.19
C PHE A 55 -7.31 -15.11 4.18
N SER A 56 -6.98 -14.54 3.02
CA SER A 56 -6.29 -15.28 1.97
C SER A 56 -7.08 -16.53 1.58
N LYS A 57 -7.93 -16.38 0.57
CA LYS A 57 -8.75 -17.49 0.09
C LYS A 57 -8.81 -17.51 -1.43
N LEU A 58 -7.97 -16.70 -2.06
CA LEU A 58 -7.94 -16.62 -3.52
C LEU A 58 -6.94 -17.62 -4.09
N ASP A 59 -5.65 -17.31 -3.97
CA ASP A 59 -4.61 -18.18 -4.47
C ASP A 59 -3.84 -18.84 -3.32
N PRO A 60 -4.04 -20.15 -3.14
CA PRO A 60 -3.39 -20.92 -2.08
C PRO A 60 -1.90 -21.08 -2.33
N GLY A 61 -1.46 -20.82 -3.57
CA GLY A 61 -0.07 -20.94 -3.91
C GLY A 61 0.15 -21.37 -5.35
N LYS A 62 1.27 -20.98 -5.92
CA LYS A 62 1.59 -21.33 -7.30
C LYS A 62 2.94 -20.74 -7.71
N PRO A 63 3.04 -19.40 -7.68
CA PRO A 63 4.26 -18.69 -8.04
C PRO A 63 5.38 -18.91 -7.03
N GLU A 64 6.59 -19.18 -7.52
CA GLU A 64 7.73 -19.39 -6.66
C GLU A 64 8.32 -18.07 -6.17
N SER A 65 8.00 -16.99 -6.88
CA SER A 65 8.49 -15.67 -6.53
C SER A 65 8.21 -15.36 -5.06
N ILE A 66 7.13 -15.93 -4.54
CA ILE A 66 6.75 -15.72 -3.15
C ILE A 66 7.90 -16.08 -2.21
N LEU A 67 8.72 -17.03 -2.63
CA LEU A 67 9.86 -17.47 -1.82
C LEU A 67 10.93 -16.38 -1.76
N LYS A 68 10.95 -15.52 -2.76
CA LYS A 68 11.92 -14.43 -2.82
C LYS A 68 11.91 -13.62 -1.54
N MET A 69 10.75 -13.57 -0.89
CA MET A 69 10.60 -12.83 0.36
C MET A 69 11.65 -13.27 1.38
N THR A 70 11.72 -14.58 1.62
CA THR A 70 12.68 -15.13 2.57
C THR A 70 12.62 -14.38 3.90
N LYS A 71 11.40 -14.14 4.39
CA LYS A 71 11.20 -13.44 5.65
C LYS A 71 11.74 -12.01 5.57
N LYS A 72 10.83 -11.05 5.46
CA LYS A 72 11.22 -9.64 5.39
C LYS A 72 11.50 -9.08 6.78
N GLY A 73 10.49 -9.07 7.62
CA GLY A 73 10.64 -8.55 8.97
C GLY A 73 9.32 -8.23 9.62
N LYS A 74 8.67 -7.18 9.15
CA LYS A 74 7.38 -6.75 9.69
C LYS A 74 6.48 -6.20 8.60
N THR A 75 5.18 -6.45 8.73
CA THR A 75 4.21 -5.96 7.75
C THR A 75 4.24 -4.45 7.64
N LEU A 76 3.27 -3.88 6.92
CA LEU A 76 3.20 -2.44 6.74
C LEU A 76 1.76 -1.96 6.84
N MET A 77 1.57 -0.77 7.41
CA MET A 77 0.23 -0.20 7.57
C MET A 77 0.32 1.31 7.79
N MET A 78 -0.29 2.07 6.87
CA MET A 78 -0.29 3.52 6.97
C MET A 78 -1.61 4.10 6.51
N PHE A 79 -2.06 5.16 7.16
CA PHE A 79 -3.31 5.81 6.81
C PHE A 79 -3.23 7.32 7.00
N VAL A 80 -3.41 8.06 5.91
CA VAL A 80 -3.35 9.52 5.95
C VAL A 80 -4.35 10.14 4.98
N THR A 81 -4.91 11.28 5.37
CA THR A 81 -5.88 11.98 4.52
C THR A 81 -5.68 13.49 4.59
N VAL A 82 -4.67 13.97 3.88
CA VAL A 82 -4.37 15.40 3.85
C VAL A 82 -3.40 15.74 2.72
N SER A 83 -3.43 16.99 2.28
CA SER A 83 -2.55 17.43 1.21
C SER A 83 -1.11 17.60 1.71
N GLY A 84 -0.25 16.65 1.34
CA GLY A 84 1.13 16.71 1.77
C GLY A 84 1.36 15.97 3.07
N ASN A 85 2.52 15.33 3.17
CA ASN A 85 2.87 14.58 4.39
C ASN A 85 4.25 13.95 4.26
N PRO A 86 4.96 13.83 5.39
CA PRO A 86 6.30 13.25 5.42
C PRO A 86 6.28 11.74 5.17
N THR A 87 6.64 11.34 3.94
CA THR A 87 6.66 9.93 3.58
C THR A 87 7.42 9.72 2.27
N GLU A 88 8.37 10.61 1.99
CA GLU A 88 9.16 10.52 0.77
C GLU A 88 9.93 9.20 0.73
N LYS A 89 10.93 9.09 1.60
CA LYS A 89 11.76 7.88 1.66
C LYS A 89 10.95 6.70 2.19
N GLU A 90 9.87 7.00 2.91
CA GLU A 90 9.01 5.97 3.47
C GLU A 90 8.24 5.25 2.37
N THR A 91 7.64 6.02 1.48
CA THR A 91 6.86 5.46 0.38
C THR A 91 7.71 4.54 -0.48
N GLU A 92 8.96 4.94 -0.73
CA GLU A 92 9.87 4.14 -1.54
C GLU A 92 10.14 2.79 -0.88
N GLU A 93 10.06 2.76 0.45
CA GLU A 93 10.31 1.54 1.21
C GLU A 93 9.07 0.65 1.22
N ILE A 94 7.90 1.28 1.04
CA ILE A 94 6.64 0.54 1.03
C ILE A 94 6.70 -0.65 0.08
N THR A 95 7.50 -0.52 -0.98
CA THR A 95 7.65 -1.58 -1.96
C THR A 95 8.26 -2.83 -1.33
N SER A 96 9.24 -2.63 -0.45
CA SER A 96 9.90 -3.75 0.22
C SER A 96 8.94 -4.44 1.19
N LEU A 97 8.24 -3.64 1.98
CA LEU A 97 7.29 -4.18 2.95
C LEU A 97 6.08 -4.78 2.26
N TRP A 98 5.71 -4.21 1.12
CA TRP A 98 4.56 -4.68 0.36
C TRP A 98 4.70 -6.17 0.04
N GLN A 99 5.94 -6.63 -0.09
CA GLN A 99 6.22 -8.03 -0.39
C GLN A 99 5.50 -8.94 0.59
N GLY A 100 5.55 -8.58 1.88
CA GLY A 100 4.90 -9.39 2.90
C GLY A 100 3.38 -9.31 2.83
N SER A 101 2.85 -8.09 2.86
CA SER A 101 1.41 -7.88 2.81
C SER A 101 0.82 -8.50 1.54
N LEU A 102 1.62 -8.55 0.49
CA LEU A 102 1.18 -9.13 -0.78
C LEU A 102 0.94 -10.63 -0.65
N PHE A 103 1.69 -11.26 0.26
CA PHE A 103 1.56 -12.70 0.49
C PHE A 103 0.10 -13.08 0.72
N ASN A 104 -0.60 -12.25 1.49
CA ASN A 104 -2.01 -12.50 1.80
C ASN A 104 -2.82 -12.67 0.52
N ALA A 105 -2.36 -12.07 -0.56
CA ALA A 105 -3.03 -12.16 -1.85
C ALA A 105 -4.41 -11.50 -1.78
N ASN A 106 -4.64 -10.70 -0.75
CA ASN A 106 -5.91 -10.01 -0.57
C ASN A 106 -5.72 -8.70 0.17
N TYR A 107 -4.52 -8.14 0.07
CA TYR A 107 -4.20 -6.88 0.73
C TYR A 107 -5.14 -5.76 0.26
N ASP A 108 -4.86 -4.54 0.70
CA ASP A 108 -5.67 -3.39 0.32
C ASP A 108 -4.79 -2.16 0.08
N VAL A 109 -5.00 -1.52 -1.06
CA VAL A 109 -4.23 -0.33 -1.42
C VAL A 109 -5.06 0.64 -2.25
N GLN A 110 -4.91 1.93 -1.98
CA GLN A 110 -5.64 2.96 -2.70
C GLN A 110 -4.78 4.19 -2.92
N ARG A 111 -4.73 4.66 -4.17
CA ARG A 111 -3.95 5.84 -4.50
C ARG A 111 -4.83 6.94 -5.08
N PHE A 112 -4.84 8.09 -4.41
CA PHE A 112 -5.65 9.22 -4.85
C PHE A 112 -4.87 10.53 -4.72
N ILE A 113 -4.75 11.26 -5.82
CA ILE A 113 -4.03 12.52 -5.83
C ILE A 113 -4.86 13.62 -6.48
N VAL A 114 -5.15 14.67 -5.72
CA VAL A 114 -5.93 15.79 -6.22
C VAL A 114 -5.43 17.11 -5.65
N GLY A 115 -5.50 18.17 -6.46
CA GLY A 115 -5.04 19.47 -6.02
C GLY A 115 -5.67 19.88 -4.70
N SER A 116 -6.87 19.38 -4.43
CA SER A 116 -7.57 19.70 -3.19
C SER A 116 -6.85 19.10 -1.99
N ASP A 117 -6.56 17.81 -2.06
CA ASP A 117 -5.89 17.11 -0.98
C ASP A 117 -5.38 15.74 -1.44
N ARG A 118 -4.80 15.00 -0.52
CA ARG A 118 -4.28 13.67 -0.83
C ARG A 118 -4.77 12.63 0.18
N ALA A 119 -5.34 11.54 -0.33
CA ALA A 119 -5.87 10.49 0.53
C ALA A 119 -5.35 9.13 0.08
N ILE A 120 -4.63 8.45 0.99
CA ILE A 120 -4.08 7.13 0.69
C ILE A 120 -4.32 6.16 1.84
N PHE A 121 -4.58 4.91 1.50
CA PHE A 121 -4.84 3.88 2.50
C PHE A 121 -3.97 2.65 2.25
N MET A 122 -3.45 2.06 3.32
CA MET A 122 -2.61 0.88 3.22
C MET A 122 -2.74 0.01 4.46
N LEU A 123 -3.10 -1.25 4.26
CA LEU A 123 -3.27 -2.19 5.36
C LEU A 123 -2.96 -3.62 4.92
N ARG A 124 -2.21 -4.34 5.74
CA ARG A 124 -1.85 -5.73 5.43
C ARG A 124 -3.09 -6.54 5.07
N ASP A 125 -4.23 -6.16 5.64
CA ASP A 125 -5.49 -6.85 5.37
C ASP A 125 -6.17 -6.29 4.14
N GLY A 126 -7.42 -6.70 3.91
CA GLY A 126 -8.17 -6.22 2.77
C GLY A 126 -9.60 -5.85 3.12
N SER A 127 -10.33 -6.81 3.69
CA SER A 127 -11.72 -6.57 4.07
C SER A 127 -11.82 -5.47 5.12
N TYR A 128 -11.03 -5.61 6.19
CA TYR A 128 -11.04 -4.64 7.27
C TYR A 128 -10.57 -3.27 6.78
N ALA A 129 -9.71 -3.28 5.76
CA ALA A 129 -9.19 -2.05 5.18
C ALA A 129 -10.27 -1.30 4.41
N TRP A 130 -11.20 -2.05 3.84
CA TRP A 130 -12.29 -1.46 3.06
C TRP A 130 -13.19 -0.60 3.96
N GLU A 131 -13.54 -1.15 5.12
CA GLU A 131 -14.40 -0.44 6.06
C GLU A 131 -13.69 0.80 6.61
N ILE A 132 -12.48 0.60 7.14
CA ILE A 132 -11.70 1.69 7.70
C ILE A 132 -11.38 2.73 6.64
N LYS A 133 -11.19 2.29 5.40
CA LYS A 133 -10.89 3.18 4.29
C LYS A 133 -11.90 4.32 4.22
N ASP A 134 -13.16 3.98 4.05
CA ASP A 134 -14.23 4.98 3.96
C ASP A 134 -14.17 5.92 5.15
N PHE A 135 -13.86 5.38 6.32
CA PHE A 135 -13.77 6.19 7.54
C PHE A 135 -12.57 7.11 7.49
N LEU A 136 -11.51 6.67 6.82
CA LEU A 136 -10.28 7.46 6.69
C LEU A 136 -10.56 8.77 5.97
N VAL A 137 -10.97 8.68 4.71
CA VAL A 137 -11.26 9.86 3.91
C VAL A 137 -12.28 10.77 4.62
N SER A 138 -13.14 10.16 5.42
CA SER A 138 -14.16 10.91 6.15
C SER A 138 -13.51 12.00 7.00
N GLN A 139 -12.29 11.75 7.45
CA GLN A 139 -11.57 12.72 8.28
C GLN A 139 -11.18 13.95 7.46
N ASP A 140 -10.46 13.73 6.37
CA ASP A 140 -10.03 14.83 5.50
C ASP A 140 -9.10 15.77 6.25
N ARG A 141 -8.46 15.26 7.31
CA ARG A 141 -7.54 16.06 8.11
C ARG A 141 -6.90 15.21 9.20
N CYS A 142 -6.31 14.09 8.81
CA CYS A 142 -5.67 13.19 9.76
C CYS A 142 -4.46 12.51 9.13
N ALA A 143 -3.43 12.28 9.93
CA ALA A 143 -2.21 11.64 9.45
C ALA A 143 -1.68 10.64 10.46
N GLU A 144 -1.59 9.37 10.06
CA GLU A 144 -1.10 8.32 10.93
C GLU A 144 -0.41 7.22 10.13
N VAL A 145 0.86 7.00 10.42
CA VAL A 145 1.63 5.97 9.72
C VAL A 145 2.42 5.12 10.70
N THR A 146 2.55 3.83 10.39
CA THR A 146 3.27 2.89 11.25
C THR A 146 4.13 1.94 10.43
N LEU A 147 5.44 1.99 10.65
CA LEU A 147 6.37 1.13 9.92
C LEU A 147 7.60 0.82 10.78
N GLU A 148 7.96 -0.45 10.85
CA GLU A 148 9.12 -0.88 11.62
C GLU A 148 9.36 -2.38 11.45
N GLY A 149 10.49 -2.72 10.85
CA GLY A 149 10.83 -4.12 10.63
C GLY A 149 11.47 -4.75 11.85
N GLN A 150 10.78 -4.70 12.98
CA GLN A 150 11.28 -5.28 14.22
C GLN A 150 11.39 -6.79 14.11
N MET A 151 10.24 -7.46 14.18
CA MET A 151 10.20 -8.92 14.10
C MET A 151 8.76 -9.43 14.18
N TYR A 152 7.98 -9.15 13.14
CA TYR A 152 6.58 -9.59 13.09
C TYR A 152 6.00 -9.40 11.70
N PRO A 153 6.38 -10.30 10.78
CA PRO A 153 5.91 -10.25 9.40
C PRO A 153 4.43 -10.62 9.27
N GLY A 154 3.83 -10.25 8.14
CA GLY A 154 2.43 -10.55 7.93
C GLY A 154 2.21 -11.78 7.07
N LYS A 155 3.27 -12.20 6.37
CA LYS A 155 3.20 -13.37 5.51
C LYS A 155 2.61 -14.57 6.25
N GLY A 156 2.85 -14.62 7.56
CA GLY A 156 2.33 -15.71 8.36
C GLY A 156 3.17 -15.98 9.59
N GLY A 157 4.43 -15.57 9.54
CA GLY A 157 5.33 -15.77 10.67
C GLY A 157 6.76 -16.00 10.24
N GLY A 158 7.20 -15.26 9.22
CA GLY A 158 8.56 -15.41 8.72
C GLY A 158 8.73 -16.65 7.87
N SER A 159 9.10 -16.44 6.60
CA SER A 159 9.30 -17.54 5.67
C SER A 159 10.74 -18.05 5.71
N LYS A 160 11.65 -17.21 5.22
CA LYS A 160 13.07 -17.56 5.20
C LYS A 160 13.30 -18.84 4.41
N GLU A 161 13.51 -18.70 3.10
CA GLU A 161 13.74 -19.85 2.24
C GLU A 161 15.12 -19.77 1.60
N LYS A 162 15.59 -18.55 1.36
CA LYS A 162 16.90 -18.33 0.75
C LYS A 162 16.94 -18.93 -0.66
N ASN A 163 16.22 -18.29 -1.59
CA ASN A 163 16.18 -18.76 -2.96
C ASN A 163 15.96 -17.58 -3.93
N LYS A 164 16.72 -17.57 -5.01
CA LYS A 164 16.61 -16.51 -6.01
C LYS A 164 15.58 -16.88 -7.08
N THR A 165 15.10 -15.87 -7.79
CA THR A 165 14.11 -16.07 -8.84
C THR A 165 14.25 -15.04 -9.94
N LYS A 166 15.07 -15.34 -10.94
CA LYS A 166 15.29 -14.44 -12.06
C LYS A 166 14.05 -14.33 -12.93
N PRO A 167 13.60 -15.48 -13.47
CA PRO A 167 12.41 -15.53 -14.32
C PRO A 167 11.12 -15.28 -13.55
N GLU A 168 11.10 -15.68 -12.28
CA GLU A 168 9.93 -15.49 -11.43
C GLU A 168 9.84 -14.05 -10.95
N LYS A 169 10.98 -13.38 -10.89
CA LYS A 169 11.03 -11.99 -10.44
C LYS A 169 10.04 -11.13 -11.21
N ALA A 170 10.10 -11.19 -12.53
CA ALA A 170 9.21 -10.42 -13.38
C ALA A 170 7.80 -11.03 -13.38
N LYS A 171 7.74 -12.35 -13.25
CA LYS A 171 6.46 -13.05 -13.23
C LYS A 171 5.51 -12.44 -12.20
N LYS A 172 6.02 -12.22 -10.99
CA LYS A 172 5.23 -11.63 -9.92
C LYS A 172 4.90 -10.17 -10.22
N LYS A 173 5.85 -9.47 -10.82
CA LYS A 173 5.67 -8.07 -11.16
C LYS A 173 4.52 -7.89 -12.14
N GLU A 174 4.38 -8.83 -13.07
CA GLU A 174 3.31 -8.78 -14.06
C GLU A 174 1.94 -8.85 -13.39
N GLY A 175 1.81 -9.75 -12.42
CA GLY A 175 0.56 -9.91 -11.71
C GLY A 175 0.13 -11.35 -11.59
N ASP A 176 0.49 -11.99 -10.47
CA ASP A 176 0.14 -13.37 -10.24
C ASP A 176 -1.36 -13.55 -10.03
N PRO A 177 -1.89 -12.87 -9.00
CA PRO A 177 -3.32 -12.93 -8.68
C PRO A 177 -4.18 -12.21 -9.70
N LYS A 178 -3.70 -11.05 -10.16
CA LYS A 178 -4.42 -10.26 -11.16
C LYS A 178 -3.55 -10.00 -12.37
N PRO A 179 -3.32 -11.05 -13.18
CA PRO A 179 -2.51 -10.96 -14.39
C PRO A 179 -3.19 -10.15 -15.49
N ARG A 180 -2.40 -9.61 -16.39
CA ARG A 180 -2.92 -8.80 -17.50
C ARG A 180 -3.80 -7.67 -16.97
N ALA A 181 -3.16 -6.62 -16.45
CA ALA A 181 -3.89 -5.48 -15.91
C ALA A 181 -2.93 -4.39 -15.45
N SER A 182 -1.93 -4.78 -14.66
CA SER A 182 -0.95 -3.84 -14.15
C SER A 182 -0.31 -3.04 -15.28
N LYS A 183 -0.03 -3.73 -16.39
CA LYS A 183 0.58 -3.11 -17.55
C LYS A 183 -0.27 -1.93 -18.04
N GLU A 184 -1.58 -2.15 -18.13
CA GLU A 184 -2.50 -1.12 -18.58
C GLU A 184 -2.30 0.17 -17.80
N ASP A 185 -2.09 0.04 -16.50
CA ASP A 185 -1.88 1.21 -15.64
C ASP A 185 -0.45 1.71 -15.75
N ASN A 186 0.51 0.79 -15.77
CA ASN A 186 1.91 1.14 -15.87
C ASN A 186 2.16 2.04 -17.07
N ARG A 187 1.50 1.74 -18.18
CA ARG A 187 1.64 2.53 -19.40
C ARG A 187 0.92 3.86 -19.28
N ALA A 188 -0.06 3.92 -18.38
CA ALA A 188 -0.81 5.14 -18.16
C ALA A 188 0.09 6.29 -17.74
N GLY A 189 1.08 5.98 -16.91
CA GLY A 189 2.00 7.01 -16.45
C GLY A 189 1.71 7.46 -15.03
N SER A 190 2.64 7.20 -14.12
CA SER A 190 2.47 7.58 -12.72
C SER A 190 3.58 8.53 -12.27
N ARG A 191 3.58 8.86 -10.99
CA ARG A 191 4.58 9.76 -10.43
C ARG A 191 4.56 11.10 -11.16
N ARG A 192 3.75 12.03 -10.65
CA ARG A 192 3.64 13.35 -11.26
C ARG A 192 3.08 13.27 -12.67
N GLU A 193 2.15 12.33 -12.88
CA GLU A 193 1.55 12.14 -14.19
C GLU A 193 0.09 11.70 -14.05
N ASP A 194 -0.10 10.44 -13.67
CA ASP A 194 -1.45 9.90 -13.51
C ASP A 194 -2.30 10.14 -14.75
N LEU A 195 -2.11 9.31 -15.76
CA LEU A 195 -2.85 9.43 -17.01
C LEU A 195 -2.79 8.13 -17.80
N ALA A 1 -20.26 14.31 11.98
CA ALA A 1 -20.07 12.86 12.05
C ALA A 1 -19.65 12.30 10.69
N ASP A 2 -19.02 11.12 10.71
CA ASP A 2 -18.57 10.47 9.49
C ASP A 2 -19.66 9.57 8.92
N THR A 3 -20.00 9.78 7.65
CA THR A 3 -21.03 8.97 6.99
C THR A 3 -20.41 7.96 6.05
N PRO A 4 -21.11 6.83 5.85
CA PRO A 4 -20.64 5.76 4.96
C PRO A 4 -20.68 6.17 3.48
N GLY A 5 -21.79 6.78 3.08
CA GLY A 5 -21.93 7.21 1.70
C GLY A 5 -22.99 6.42 0.95
N GLU A 6 -22.75 5.13 0.76
CA GLU A 6 -23.68 4.27 0.06
C GLU A 6 -23.87 4.74 -1.38
N ALA A 7 -22.84 5.35 -1.93
CA ALA A 7 -22.89 5.85 -3.31
C ALA A 7 -21.51 6.22 -3.81
N THR A 8 -20.49 5.51 -3.32
CA THR A 8 -19.12 5.77 -3.73
C THR A 8 -18.88 5.35 -5.17
N PRO A 9 -18.05 6.12 -5.88
CA PRO A 9 -17.71 5.86 -7.28
C PRO A 9 -16.85 4.62 -7.45
N PRO A 10 -16.71 4.15 -8.70
CA PRO A 10 -15.91 2.96 -9.02
C PRO A 10 -14.42 3.21 -8.84
N PRO A 11 -13.64 2.12 -8.86
CA PRO A 11 -12.18 2.19 -8.70
C PRO A 11 -11.49 2.82 -9.91
N ARG A 12 -11.53 4.15 -9.97
CA ARG A 12 -10.91 4.88 -11.07
C ARG A 12 -9.39 4.80 -11.00
N LYS A 13 -8.86 4.79 -9.78
CA LYS A 13 -7.42 4.70 -9.57
C LYS A 13 -7.11 4.25 -8.15
N LYS A 14 -8.04 3.52 -7.54
CA LYS A 14 -7.85 3.03 -6.19
C LYS A 14 -7.10 1.70 -6.19
N LYS A 15 -7.62 0.73 -6.95
CA LYS A 15 -7.00 -0.58 -7.04
C LYS A 15 -6.18 -0.70 -8.32
N ASP A 16 -5.75 0.44 -8.86
CA ASP A 16 -4.95 0.45 -10.08
C ASP A 16 -3.45 0.38 -9.75
N ILE A 17 -3.00 1.31 -8.92
CA ILE A 17 -1.59 1.36 -8.53
C ILE A 17 -0.69 1.54 -9.75
N ARG A 18 -0.24 2.77 -9.97
CA ARG A 18 0.63 3.08 -11.09
C ARG A 18 1.88 2.22 -11.06
N ASP A 19 2.08 1.42 -12.10
CA ASP A 19 3.24 0.54 -12.20
C ASP A 19 3.19 -0.54 -11.12
N TYR A 20 2.04 -0.66 -10.47
CA TYR A 20 1.87 -1.65 -9.40
C TYR A 20 2.91 -1.46 -8.31
N ASN A 21 3.35 -0.22 -8.12
CA ASN A 21 4.34 0.10 -7.09
C ASN A 21 4.67 1.58 -7.09
N ASP A 22 4.69 2.18 -8.28
CA ASP A 22 4.98 3.60 -8.42
C ASP A 22 3.98 4.44 -7.64
N ALA A 23 2.83 3.84 -7.32
CA ALA A 23 1.79 4.54 -6.58
C ALA A 23 2.35 5.21 -5.34
N ASP A 24 2.96 4.42 -4.46
CA ASP A 24 3.55 4.94 -3.23
C ASP A 24 4.51 6.09 -3.53
N MET A 25 5.32 5.92 -4.57
CA MET A 25 6.28 6.94 -4.96
C MET A 25 5.58 8.24 -5.31
N ALA A 26 4.44 8.14 -5.99
CA ALA A 26 3.66 9.31 -6.38
C ALA A 26 3.42 10.23 -5.17
N ARG A 27 3.26 9.63 -4.01
CA ARG A 27 3.01 10.39 -2.78
C ARG A 27 4.17 11.35 -2.51
N LEU A 28 5.37 10.95 -2.88
CA LEU A 28 6.56 11.77 -2.67
C LEU A 28 6.34 13.18 -3.19
N LEU A 29 5.80 13.28 -4.40
CA LEU A 29 5.54 14.57 -5.03
C LEU A 29 4.69 15.45 -4.12
N GLU A 30 3.84 14.82 -3.32
CA GLU A 30 2.97 15.55 -2.40
C GLU A 30 3.78 16.17 -1.27
N GLN A 31 4.90 15.54 -0.91
CA GLN A 31 5.76 16.04 0.15
C GLN A 31 6.08 17.52 -0.06
N TRP A 32 6.47 17.86 -1.29
CA TRP A 32 6.81 19.24 -1.61
C TRP A 32 5.69 20.19 -1.21
N GLU A 33 4.45 19.76 -1.43
CA GLU A 33 3.28 20.57 -1.09
C GLU A 33 3.11 20.65 0.43
N LYS A 34 3.33 19.54 1.11
CA LYS A 34 3.20 19.48 2.57
C LYS A 34 4.32 20.27 3.24
N ASP A 35 5.40 20.51 2.51
CA ASP A 35 6.53 21.26 3.04
C ASP A 35 6.08 22.57 3.66
N ASP A 36 5.10 23.21 3.02
CA ASP A 36 4.57 24.48 3.51
C ASP A 36 3.40 24.25 4.46
N ASP A 37 2.44 23.45 4.01
CA ASP A 37 1.26 23.15 4.82
C ASP A 37 1.65 22.46 6.13
N ILE A 38 2.09 21.21 6.02
CA ILE A 38 2.51 20.45 7.20
C ILE A 38 1.33 20.19 8.12
N GLU A 39 0.56 19.15 7.80
CA GLU A 39 -0.61 18.79 8.60
C GLU A 39 -0.19 17.97 9.82
N GLU A 40 0.16 16.71 9.60
CA GLU A 40 0.58 15.83 10.67
C GLU A 40 0.95 14.45 10.14
N GLY A 41 1.12 13.49 11.05
CA GLY A 41 1.48 12.14 10.65
C GLY A 41 2.81 11.70 11.23
N ASP A 42 3.10 12.11 12.45
CA ASP A 42 4.34 11.76 13.12
C ASP A 42 4.07 11.06 14.44
N LEU A 43 4.28 9.75 14.47
CA LEU A 43 4.06 8.96 15.68
C LEU A 43 5.39 8.50 16.27
N PRO A 44 5.36 8.14 17.57
CA PRO A 44 6.55 7.67 18.29
C PRO A 44 7.01 6.30 17.81
N GLU A 45 6.04 5.40 17.60
CA GLU A 45 6.35 4.05 17.15
C GLU A 45 7.39 3.39 18.06
N HIS A 46 6.91 2.73 19.09
CA HIS A 46 7.80 2.04 20.04
C HIS A 46 8.16 0.65 19.54
N LYS A 47 7.15 -0.09 19.07
CA LYS A 47 7.36 -1.43 18.56
C LYS A 47 6.29 -1.81 17.55
N ARG A 48 5.03 -1.53 17.90
CA ARG A 48 3.91 -1.85 17.03
C ARG A 48 3.93 -3.32 16.61
N PRO A 49 3.52 -4.19 17.54
CA PRO A 49 3.49 -5.65 17.29
C PRO A 49 2.40 -6.03 16.28
N SER A 50 2.83 -6.49 15.11
CA SER A 50 1.90 -6.90 14.06
C SER A 50 1.93 -8.41 13.86
N ALA A 51 0.88 -8.94 13.25
CA ALA A 51 0.79 -10.37 12.99
C ALA A 51 -0.04 -10.66 11.75
N PRO A 52 0.13 -11.86 11.17
CA PRO A 52 -0.59 -12.28 9.98
C PRO A 52 -2.08 -12.51 10.24
N ILE A 53 -2.91 -11.59 9.77
CA ILE A 53 -4.35 -11.69 9.95
C ILE A 53 -5.09 -11.43 8.64
N ASP A 54 -4.50 -11.87 7.53
CA ASP A 54 -5.10 -11.68 6.22
C ASP A 54 -6.17 -12.74 5.97
N PHE A 55 -6.80 -12.68 4.79
CA PHE A 55 -7.84 -13.63 4.43
C PHE A 55 -7.31 -14.65 3.42
N SER A 56 -6.81 -14.16 2.30
CA SER A 56 -6.27 -15.03 1.25
C SER A 56 -7.37 -15.94 0.71
N LYS A 57 -8.09 -15.46 -0.29
CA LYS A 57 -9.16 -16.24 -0.90
C LYS A 57 -9.35 -15.85 -2.37
N LEU A 58 -8.26 -15.51 -3.03
CA LEU A 58 -8.30 -15.11 -4.43
C LEU A 58 -8.13 -16.33 -5.34
N ASP A 59 -6.90 -16.83 -5.42
CA ASP A 59 -6.60 -18.00 -6.25
C ASP A 59 -6.29 -19.21 -5.39
N PRO A 60 -6.39 -20.41 -5.99
CA PRO A 60 -6.12 -21.67 -5.30
C PRO A 60 -4.64 -21.85 -4.98
N GLY A 61 -4.17 -21.17 -3.94
CA GLY A 61 -2.78 -21.27 -3.55
C GLY A 61 -2.02 -19.97 -3.77
N LYS A 62 -0.74 -20.09 -4.13
CA LYS A 62 0.09 -18.92 -4.38
C LYS A 62 1.31 -19.28 -5.22
N PRO A 63 1.88 -18.28 -5.91
CA PRO A 63 3.05 -18.47 -6.77
C PRO A 63 4.31 -18.76 -5.96
N GLU A 64 5.29 -19.39 -6.60
CA GLU A 64 6.55 -19.72 -5.94
C GLU A 64 7.48 -18.51 -5.88
N SER A 65 7.27 -17.57 -6.79
CA SER A 65 8.08 -16.36 -6.84
C SER A 65 8.02 -15.61 -5.52
N ILE A 66 6.84 -15.59 -4.92
CA ILE A 66 6.65 -14.90 -3.65
C ILE A 66 7.63 -15.40 -2.59
N LEU A 67 8.04 -16.66 -2.72
CA LEU A 67 8.99 -17.25 -1.78
C LEU A 67 10.33 -16.52 -1.83
N LYS A 68 10.60 -15.85 -2.95
CA LYS A 68 11.84 -15.11 -3.11
C LYS A 68 11.97 -14.02 -2.05
N MET A 69 10.84 -13.59 -1.51
CA MET A 69 10.84 -12.55 -0.48
C MET A 69 11.76 -12.93 0.68
N THR A 70 11.65 -14.17 1.14
CA THR A 70 12.48 -14.65 2.23
C THR A 70 12.20 -13.88 3.52
N LYS A 71 10.91 -13.66 3.80
CA LYS A 71 10.51 -12.94 4.99
C LYS A 71 11.10 -11.53 5.01
N LYS A 72 10.31 -10.56 4.58
CA LYS A 72 10.76 -9.17 4.54
C LYS A 72 11.26 -8.72 5.91
N GLY A 73 10.32 -8.48 6.83
CA GLY A 73 10.69 -8.05 8.16
C GLY A 73 9.48 -7.65 8.99
N LYS A 74 8.74 -6.65 8.51
CA LYS A 74 7.56 -6.16 9.22
C LYS A 74 6.53 -5.61 8.23
N THR A 75 5.26 -5.82 8.53
CA THR A 75 4.18 -5.35 7.67
C THR A 75 4.22 -3.82 7.54
N LEU A 76 3.16 -3.26 6.96
CA LEU A 76 3.08 -1.81 6.78
C LEU A 76 1.64 -1.33 6.99
N MET A 77 1.51 -0.08 7.44
CA MET A 77 0.20 0.50 7.68
C MET A 77 0.29 2.02 7.75
N MET A 78 -0.42 2.70 6.85
CA MET A 78 -0.42 4.16 6.81
C MET A 78 -1.78 4.68 6.36
N PHE A 79 -2.29 5.68 7.08
CA PHE A 79 -3.58 6.27 6.76
C PHE A 79 -3.55 7.77 6.98
N VAL A 80 -3.78 8.53 5.91
CA VAL A 80 -3.79 9.99 5.99
C VAL A 80 -4.68 10.58 4.91
N THR A 81 -5.55 11.50 5.32
CA THR A 81 -6.47 12.15 4.38
C THR A 81 -6.27 13.67 4.39
N VAL A 82 -5.24 14.12 3.70
CA VAL A 82 -4.94 15.55 3.62
C VAL A 82 -3.87 15.84 2.58
N SER A 83 -3.88 17.06 2.04
CA SER A 83 -2.92 17.46 1.03
C SER A 83 -1.49 17.30 1.55
N GLY A 84 -0.72 16.44 0.90
CA GLY A 84 0.66 16.21 1.30
C GLY A 84 0.77 15.70 2.73
N ASN A 85 1.96 15.27 3.11
CA ASN A 85 2.19 14.75 4.46
C ASN A 85 3.64 14.32 4.63
N PRO A 86 4.16 14.48 5.86
CA PRO A 86 5.53 14.10 6.19
C PRO A 86 5.75 12.60 6.19
N THR A 87 5.89 12.03 4.99
CA THR A 87 6.09 10.59 4.85
C THR A 87 6.94 10.27 3.63
N GLU A 88 7.63 11.29 3.11
CA GLU A 88 8.48 11.11 1.94
C GLU A 88 9.49 9.99 2.17
N LYS A 89 10.06 9.96 3.36
CA LYS A 89 11.04 8.93 3.71
C LYS A 89 10.40 7.55 3.76
N GLU A 90 9.40 7.39 4.61
CA GLU A 90 8.71 6.12 4.75
C GLU A 90 8.17 5.65 3.40
N THR A 91 7.76 6.60 2.57
CA THR A 91 7.22 6.28 1.26
C THR A 91 8.14 5.33 0.50
N GLU A 92 9.40 5.75 0.31
CA GLU A 92 10.38 4.94 -0.39
C GLU A 92 10.52 3.56 0.25
N GLU A 93 10.24 3.50 1.56
CA GLU A 93 10.35 2.24 2.29
C GLU A 93 9.10 1.39 2.06
N ILE A 94 8.01 2.02 1.67
CA ILE A 94 6.76 1.32 1.42
C ILE A 94 6.99 0.12 0.49
N THR A 95 7.93 0.26 -0.42
CA THR A 95 8.25 -0.81 -1.37
C THR A 95 8.85 -2.01 -0.65
N SER A 96 9.69 -1.74 0.34
CA SER A 96 10.35 -2.81 1.10
C SER A 96 9.33 -3.53 1.98
N LEU A 97 8.51 -2.77 2.69
CA LEU A 97 7.50 -3.35 3.58
C LEU A 97 6.38 -4.00 2.76
N TRP A 98 6.13 -3.47 1.58
CA TRP A 98 5.09 -4.00 0.70
C TRP A 98 5.31 -5.49 0.44
N GLN A 99 6.58 -5.88 0.30
CA GLN A 99 6.92 -7.27 0.04
C GLN A 99 6.25 -8.19 1.06
N GLY A 100 6.15 -7.71 2.30
CA GLY A 100 5.53 -8.51 3.35
C GLY A 100 4.03 -8.65 3.16
N SER A 101 3.34 -7.51 3.09
CA SER A 101 1.88 -7.52 2.92
C SER A 101 1.49 -8.24 1.64
N LEU A 102 2.28 -8.04 0.59
CA LEU A 102 2.02 -8.67 -0.69
C LEU A 102 1.86 -10.19 -0.54
N PHE A 103 2.68 -10.78 0.33
CA PHE A 103 2.64 -12.22 0.57
C PHE A 103 1.23 -12.66 0.92
N ASN A 104 0.52 -11.82 1.68
CA ASN A 104 -0.85 -12.14 2.09
C ASN A 104 -1.72 -12.42 0.88
N ALA A 105 -1.35 -11.86 -0.27
CA ALA A 105 -2.10 -12.06 -1.50
C ALA A 105 -3.50 -11.48 -1.38
N ASN A 106 -3.70 -10.60 -0.40
CA ASN A 106 -4.99 -9.97 -0.19
C ASN A 106 -4.84 -8.57 0.39
N TYR A 107 -3.65 -7.99 0.21
CA TYR A 107 -3.36 -6.65 0.72
C TYR A 107 -4.24 -5.61 0.03
N ASP A 108 -4.09 -4.35 0.43
CA ASP A 108 -4.86 -3.27 -0.14
C ASP A 108 -4.08 -1.96 -0.11
N VAL A 109 -3.96 -1.31 -1.25
CA VAL A 109 -3.24 -0.05 -1.36
C VAL A 109 -3.79 0.81 -2.48
N GLN A 110 -4.17 2.04 -2.14
CA GLN A 110 -4.72 2.97 -3.12
C GLN A 110 -4.00 4.32 -3.06
N ARG A 111 -3.81 4.94 -4.21
CA ARG A 111 -3.15 6.24 -4.28
C ARG A 111 -4.07 7.30 -4.89
N PHE A 112 -4.09 8.47 -4.28
CA PHE A 112 -4.93 9.57 -4.75
C PHE A 112 -4.18 10.89 -4.70
N ILE A 113 -4.12 11.58 -5.84
CA ILE A 113 -3.44 12.86 -5.93
C ILE A 113 -4.32 13.92 -6.59
N VAL A 114 -4.59 14.99 -5.84
CA VAL A 114 -5.44 16.07 -6.35
C VAL A 114 -4.97 17.42 -5.81
N GLY A 115 -5.08 18.45 -6.63
CA GLY A 115 -4.67 19.79 -6.22
C GLY A 115 -5.40 20.25 -4.97
N SER A 116 -6.55 19.64 -4.69
CA SER A 116 -7.34 20.00 -3.52
C SER A 116 -6.79 19.34 -2.27
N ASP A 117 -6.42 18.07 -2.39
CA ASP A 117 -5.87 17.32 -1.27
C ASP A 117 -5.36 15.95 -1.72
N ARG A 118 -4.72 15.23 -0.80
CA ARG A 118 -4.19 13.91 -1.11
C ARG A 118 -4.63 12.89 -0.06
N ALA A 119 -5.12 11.75 -0.51
CA ALA A 119 -5.57 10.69 0.39
C ALA A 119 -4.97 9.35 0.00
N ILE A 120 -4.31 8.70 0.95
CA ILE A 120 -3.70 7.40 0.72
C ILE A 120 -4.10 6.39 1.78
N PHE A 121 -4.26 5.13 1.37
CA PHE A 121 -4.64 4.07 2.30
C PHE A 121 -3.89 2.79 1.98
N MET A 122 -3.23 2.23 2.99
CA MET A 122 -2.47 0.99 2.83
C MET A 122 -2.44 0.20 4.13
N LEU A 123 -2.83 -1.07 4.05
CA LEU A 123 -2.85 -1.93 5.22
C LEU A 123 -2.61 -3.39 4.82
N ARG A 124 -2.02 -4.16 5.73
CA ARG A 124 -1.73 -5.57 5.48
C ARG A 124 -2.98 -6.28 4.96
N ASP A 125 -4.15 -5.85 5.43
CA ASP A 125 -5.41 -6.45 5.02
C ASP A 125 -6.14 -5.56 4.01
N GLY A 126 -7.26 -6.04 3.50
CA GLY A 126 -8.02 -5.28 2.54
C GLY A 126 -9.47 -5.12 2.94
N SER A 127 -10.02 -6.15 3.58
CA SER A 127 -11.41 -6.13 4.01
C SER A 127 -11.65 -5.00 5.02
N TYR A 128 -10.85 -5.00 6.08
CA TYR A 128 -10.98 -3.99 7.12
C TYR A 128 -10.52 -2.63 6.61
N ALA A 129 -9.53 -2.64 5.72
CA ALA A 129 -8.99 -1.41 5.15
C ALA A 129 -10.00 -0.75 4.21
N TRP A 130 -10.79 -1.58 3.52
CA TRP A 130 -11.79 -1.07 2.60
C TRP A 130 -12.85 -0.25 3.33
N GLU A 131 -13.29 -0.75 4.48
CA GLU A 131 -14.31 -0.06 5.27
C GLU A 131 -13.76 1.25 5.84
N ILE A 132 -12.65 1.15 6.56
CA ILE A 132 -12.02 2.33 7.15
C ILE A 132 -11.62 3.33 6.08
N LYS A 133 -11.24 2.82 4.90
CA LYS A 133 -10.84 3.68 3.79
C LYS A 133 -11.89 4.75 3.52
N ASP A 134 -13.11 4.30 3.20
CA ASP A 134 -14.20 5.22 2.92
C ASP A 134 -14.36 6.24 4.03
N PHE A 135 -14.16 5.80 5.26
CA PHE A 135 -14.27 6.67 6.43
C PHE A 135 -13.14 7.69 6.47
N LEU A 136 -11.96 7.27 6.04
CA LEU A 136 -10.79 8.14 6.02
C LEU A 136 -11.00 9.31 5.06
N VAL A 137 -11.26 8.99 3.80
CA VAL A 137 -11.49 10.02 2.79
C VAL A 137 -12.58 10.99 3.22
N SER A 138 -13.53 10.50 4.01
CA SER A 138 -14.62 11.32 4.50
C SER A 138 -14.13 12.35 5.50
N GLN A 139 -13.07 12.00 6.24
CA GLN A 139 -12.50 12.89 7.23
C GLN A 139 -11.99 14.17 6.59
N ASP A 140 -11.07 14.02 5.64
CA ASP A 140 -10.49 15.16 4.94
C ASP A 140 -9.71 16.04 5.90
N ARG A 141 -9.18 15.43 6.96
CA ARG A 141 -8.40 16.17 7.95
C ARG A 141 -7.84 15.22 9.00
N CYS A 142 -7.08 14.22 8.55
CA CYS A 142 -6.47 13.26 9.46
C CYS A 142 -5.11 12.81 8.95
N ALA A 143 -4.18 12.56 9.87
CA ALA A 143 -2.84 12.13 9.52
C ALA A 143 -2.35 11.03 10.46
N GLU A 144 -2.03 9.87 9.89
CA GLU A 144 -1.55 8.74 10.67
C GLU A 144 -0.62 7.86 9.84
N VAL A 145 0.50 7.47 10.44
CA VAL A 145 1.47 6.63 9.75
C VAL A 145 2.17 5.69 10.73
N THR A 146 2.42 4.46 10.29
CA THR A 146 3.09 3.47 11.13
C THR A 146 4.07 2.63 10.32
N LEU A 147 5.33 2.68 10.70
CA LEU A 147 6.38 1.92 10.01
C LEU A 147 7.37 1.32 11.00
N GLU A 148 7.48 0.00 11.00
CA GLU A 148 8.39 -0.70 11.90
C GLU A 148 9.21 -1.74 11.14
N GLY A 149 10.09 -2.43 11.86
CA GLY A 149 10.91 -3.45 11.25
C GLY A 149 11.55 -4.37 12.27
N GLN A 150 10.89 -4.55 13.41
CA GLN A 150 11.40 -5.40 14.47
C GLN A 150 11.57 -6.84 13.97
N MET A 151 10.46 -7.55 13.86
CA MET A 151 10.48 -8.94 13.38
C MET A 151 9.07 -9.52 13.35
N TYR A 152 8.11 -8.70 12.95
CA TYR A 152 6.72 -9.14 12.87
C TYR A 152 6.17 -8.94 11.46
N PRO A 153 6.69 -9.73 10.51
CA PRO A 153 6.26 -9.66 9.10
C PRO A 153 4.84 -10.18 8.91
N GLY A 154 4.20 -9.74 7.83
CA GLY A 154 2.85 -10.18 7.55
C GLY A 154 2.81 -11.50 6.79
N LYS A 155 3.97 -11.94 6.33
CA LYS A 155 4.07 -13.20 5.59
C LYS A 155 3.40 -14.33 6.35
N GLY A 156 3.72 -14.44 7.65
CA GLY A 156 3.14 -15.48 8.47
C GLY A 156 4.01 -15.82 9.67
N GLY A 157 5.29 -15.46 9.59
CA GLY A 157 6.20 -15.74 10.68
C GLY A 157 7.65 -15.83 10.22
N GLY A 158 7.84 -16.13 8.94
CA GLY A 158 9.18 -16.24 8.39
C GLY A 158 9.40 -17.55 7.65
N SER A 159 9.12 -17.55 6.36
CA SER A 159 9.29 -18.74 5.53
C SER A 159 10.74 -18.94 5.16
N LYS A 160 11.35 -17.92 4.56
CA LYS A 160 12.74 -17.97 4.15
C LYS A 160 12.97 -19.12 3.17
N GLU A 161 12.94 -18.79 1.87
CA GLU A 161 13.14 -19.79 0.83
C GLU A 161 14.28 -19.38 -0.10
N LYS A 162 14.31 -18.10 -0.46
CA LYS A 162 15.35 -17.58 -1.34
C LYS A 162 15.41 -18.39 -2.63
N ASN A 163 14.29 -18.46 -3.33
CA ASN A 163 14.21 -19.20 -4.59
C ASN A 163 14.02 -18.25 -5.77
N LYS A 164 14.85 -18.40 -6.79
CA LYS A 164 14.77 -17.57 -7.98
C LYS A 164 13.83 -18.18 -9.01
N THR A 165 13.27 -17.33 -9.87
CA THR A 165 12.36 -17.79 -10.91
C THR A 165 12.42 -16.89 -12.14
N LYS A 166 12.24 -17.49 -13.31
CA LYS A 166 12.29 -16.74 -14.57
C LYS A 166 10.89 -16.29 -14.98
N PRO A 167 10.00 -17.27 -15.24
CA PRO A 167 8.62 -16.99 -15.65
C PRO A 167 7.78 -16.42 -14.51
N GLU A 168 8.01 -16.94 -13.31
CA GLU A 168 7.27 -16.48 -12.13
C GLU A 168 7.80 -15.13 -11.65
N LYS A 169 9.01 -14.79 -12.09
CA LYS A 169 9.63 -13.53 -11.70
C LYS A 169 8.68 -12.36 -11.92
N ALA A 170 8.21 -12.21 -13.16
CA ALA A 170 7.29 -11.12 -13.50
C ALA A 170 5.87 -11.47 -13.07
N LYS A 171 5.56 -12.77 -13.05
CA LYS A 171 4.23 -13.23 -12.66
C LYS A 171 3.80 -12.62 -11.34
N LYS A 172 4.72 -12.60 -10.37
CA LYS A 172 4.44 -12.04 -9.05
C LYS A 172 4.54 -10.52 -9.08
N LYS A 173 5.48 -10.00 -9.86
CA LYS A 173 5.69 -8.57 -9.97
C LYS A 173 4.42 -7.88 -10.47
N GLU A 174 3.83 -8.42 -11.53
CA GLU A 174 2.61 -7.87 -12.10
C GLU A 174 1.45 -7.97 -11.11
N GLY A 175 1.12 -9.19 -10.72
CA GLY A 175 0.04 -9.41 -9.78
C GLY A 175 -0.15 -10.88 -9.44
N ASP A 176 0.10 -11.23 -8.18
CA ASP A 176 -0.05 -12.60 -7.73
C ASP A 176 -1.45 -13.13 -8.03
N PRO A 177 -2.47 -12.48 -7.45
CA PRO A 177 -3.86 -12.86 -7.64
C PRO A 177 -4.35 -12.58 -9.06
N LYS A 178 -4.09 -11.38 -9.54
CA LYS A 178 -4.51 -10.98 -10.88
C LYS A 178 -3.33 -10.43 -11.68
N PRO A 179 -2.49 -11.34 -12.19
CA PRO A 179 -1.31 -10.98 -12.98
C PRO A 179 -1.67 -10.41 -14.34
N ARG A 180 -2.10 -9.15 -14.36
CA ARG A 180 -2.48 -8.49 -15.60
C ARG A 180 -2.92 -7.06 -15.34
N ALA A 181 -2.28 -6.42 -14.37
CA ALA A 181 -2.60 -5.03 -14.02
C ALA A 181 -1.41 -4.12 -14.25
N SER A 182 -0.23 -4.56 -13.80
CA SER A 182 0.98 -3.77 -13.95
C SER A 182 1.17 -3.34 -15.40
N LYS A 183 0.87 -4.24 -16.33
CA LYS A 183 1.01 -3.96 -17.75
C LYS A 183 0.21 -2.71 -18.13
N GLU A 184 -0.99 -2.60 -17.59
CA GLU A 184 -1.85 -1.45 -17.87
C GLU A 184 -1.43 -0.24 -17.05
N ASP A 185 -1.28 -0.43 -15.74
CA ASP A 185 -0.89 0.65 -14.84
C ASP A 185 0.38 1.32 -15.34
N ASN A 186 1.44 0.53 -15.52
CA ASN A 186 2.72 1.05 -15.99
C ASN A 186 2.54 1.87 -17.27
N ARG A 187 1.69 1.39 -18.16
CA ARG A 187 1.42 2.08 -19.41
C ARG A 187 1.02 3.53 -19.16
N ALA A 188 0.36 3.77 -18.03
CA ALA A 188 -0.08 5.11 -17.68
C ALA A 188 1.10 5.99 -17.31
N GLY A 189 1.71 5.73 -16.16
CA GLY A 189 2.84 6.51 -15.71
C GLY A 189 2.55 7.31 -14.46
N SER A 190 3.50 7.32 -13.53
CA SER A 190 3.34 8.03 -12.27
C SER A 190 4.41 9.11 -12.11
N ARG A 191 4.49 9.68 -10.92
CA ARG A 191 5.47 10.73 -10.64
C ARG A 191 5.22 11.96 -11.51
N ARG A 192 4.40 12.87 -11.01
CA ARG A 192 4.07 14.09 -11.74
C ARG A 192 3.92 13.81 -13.24
N GLU A 193 3.25 12.70 -13.55
CA GLU A 193 3.02 12.30 -14.93
C GLU A 193 1.53 12.13 -15.22
N ASP A 194 0.92 11.17 -14.54
CA ASP A 194 -0.51 10.90 -14.72
C ASP A 194 -0.85 10.72 -16.20
N LEU A 195 -0.10 9.84 -16.87
CA LEU A 195 -0.33 9.58 -18.29
C LEU A 195 -0.96 8.21 -18.49
N ALA A 1 -15.88 17.79 6.83
CA ALA A 1 -16.40 17.51 5.49
C ALA A 1 -16.65 16.02 5.31
N ASP A 2 -17.78 15.55 5.84
CA ASP A 2 -18.15 14.14 5.72
C ASP A 2 -18.83 13.86 4.39
N THR A 3 -18.54 12.69 3.82
CA THR A 3 -19.12 12.31 2.54
C THR A 3 -20.34 11.41 2.74
N PRO A 4 -21.27 11.47 1.78
CA PRO A 4 -22.51 10.67 1.83
C PRO A 4 -22.24 9.18 1.62
N GLY A 5 -21.10 8.87 1.01
CA GLY A 5 -20.75 7.48 0.76
C GLY A 5 -21.81 6.75 -0.03
N GLU A 6 -22.53 7.48 -0.87
CA GLU A 6 -23.59 6.88 -1.69
C GLU A 6 -23.62 7.52 -3.08
N ALA A 7 -23.63 8.84 -3.13
CA ALA A 7 -23.66 9.56 -4.39
C ALA A 7 -22.26 9.94 -4.84
N THR A 8 -21.40 8.94 -4.97
CA THR A 8 -20.02 9.16 -5.39
C THR A 8 -19.67 8.32 -6.62
N PRO A 9 -18.80 8.86 -7.49
CA PRO A 9 -18.36 8.17 -8.70
C PRO A 9 -17.48 6.96 -8.41
N PRO A 10 -17.25 6.14 -9.43
CA PRO A 10 -16.42 4.93 -9.31
C PRO A 10 -14.94 5.26 -9.12
N PRO A 11 -14.16 4.24 -8.75
CA PRO A 11 -12.71 4.41 -8.52
C PRO A 11 -11.95 4.65 -9.81
N ARG A 12 -11.67 5.92 -10.10
CA ARG A 12 -10.94 6.29 -11.31
C ARG A 12 -9.49 5.83 -11.23
N LYS A 13 -8.88 6.04 -10.07
CA LYS A 13 -7.49 5.66 -9.86
C LYS A 13 -7.20 5.47 -8.37
N LYS A 14 -8.23 5.19 -7.60
CA LYS A 14 -8.09 4.99 -6.16
C LYS A 14 -7.57 3.59 -5.87
N LYS A 15 -8.31 2.58 -6.31
CA LYS A 15 -7.93 1.19 -6.09
C LYS A 15 -7.18 0.64 -7.30
N ASP A 16 -6.61 1.53 -8.10
CA ASP A 16 -5.86 1.14 -9.29
C ASP A 16 -4.42 0.78 -8.92
N ILE A 17 -3.75 1.69 -8.23
CA ILE A 17 -2.36 1.47 -7.82
C ILE A 17 -1.47 1.29 -9.03
N ARG A 18 -0.75 2.34 -9.40
CA ARG A 18 0.17 2.30 -10.54
C ARG A 18 1.18 1.17 -10.39
N ASP A 19 1.15 0.23 -11.32
CA ASP A 19 2.06 -0.90 -11.30
C ASP A 19 1.82 -1.77 -10.06
N TYR A 20 0.67 -1.56 -9.43
CA TYR A 20 0.31 -2.32 -8.23
C TYR A 20 1.46 -2.32 -7.22
N ASN A 21 2.22 -1.22 -7.20
CA ASN A 21 3.34 -1.09 -6.27
C ASN A 21 3.97 0.29 -6.38
N ASP A 22 4.16 0.76 -7.61
CA ASP A 22 4.74 2.08 -7.85
C ASP A 22 3.91 3.17 -7.20
N ALA A 23 2.66 2.85 -6.90
CA ALA A 23 1.75 3.82 -6.27
C ALA A 23 2.42 4.49 -5.07
N ASP A 24 3.09 3.69 -4.25
CA ASP A 24 3.77 4.21 -3.07
C ASP A 24 4.67 5.39 -3.44
N MET A 25 5.40 5.24 -4.55
CA MET A 25 6.31 6.29 -5.00
C MET A 25 5.55 7.59 -5.24
N ALA A 26 4.37 7.49 -5.83
CA ALA A 26 3.54 8.66 -6.11
C ALA A 26 3.39 9.54 -4.87
N ARG A 27 3.34 8.90 -3.70
CA ARG A 27 3.20 9.62 -2.44
C ARG A 27 4.32 10.63 -2.26
N LEU A 28 5.52 10.26 -2.71
CA LEU A 28 6.68 11.15 -2.61
C LEU A 28 6.36 12.54 -3.13
N LEU A 29 5.66 12.60 -4.26
CA LEU A 29 5.29 13.87 -4.86
C LEU A 29 4.56 14.75 -3.87
N GLU A 30 3.78 14.13 -3.00
CA GLU A 30 3.01 14.86 -1.99
C GLU A 30 3.95 15.50 -0.96
N GLN A 31 5.10 14.87 -0.75
CA GLN A 31 6.08 15.36 0.21
C GLN A 31 6.36 16.84 -0.02
N TRP A 32 6.52 17.22 -1.28
CA TRP A 32 6.79 18.61 -1.63
C TRP A 32 5.70 19.53 -1.12
N GLU A 33 4.45 19.08 -1.24
CA GLU A 33 3.31 19.86 -0.78
C GLU A 33 3.27 19.93 0.75
N LYS A 34 3.92 18.97 1.39
CA LYS A 34 3.96 18.91 2.84
C LYS A 34 4.82 20.04 3.40
N ASP A 35 5.84 20.43 2.65
CA ASP A 35 6.74 21.49 3.07
C ASP A 35 5.95 22.75 3.47
N ASP A 36 4.98 23.12 2.64
CA ASP A 36 4.16 24.29 2.90
C ASP A 36 2.91 23.91 3.69
N ASP A 37 2.31 22.78 3.32
CA ASP A 37 1.10 22.31 3.99
C ASP A 37 1.39 21.93 5.44
N ILE A 38 2.11 20.83 5.62
CA ILE A 38 2.47 20.37 6.95
C ILE A 38 1.22 19.94 7.73
N GLU A 39 0.87 18.66 7.62
CA GLU A 39 -0.29 18.12 8.31
C GLU A 39 -0.08 16.66 8.69
N GLU A 40 0.91 16.41 9.55
CA GLU A 40 1.22 15.06 9.98
C GLU A 40 0.53 14.75 11.31
N GLY A 41 0.74 13.53 11.80
CA GLY A 41 0.13 13.13 13.06
C GLY A 41 1.17 12.84 14.13
N ASP A 42 2.43 12.77 13.73
CA ASP A 42 3.51 12.50 14.67
C ASP A 42 3.21 11.25 15.50
N LEU A 43 3.41 10.08 14.89
CA LEU A 43 3.15 8.81 15.57
C LEU A 43 4.42 8.30 16.25
N PRO A 44 4.24 7.50 17.30
CA PRO A 44 5.36 6.91 18.06
C PRO A 44 6.11 5.86 17.27
N GLU A 45 5.37 5.07 16.49
CA GLU A 45 5.96 4.02 15.67
C GLU A 45 7.07 3.31 16.44
N HIS A 46 6.86 3.10 17.73
CA HIS A 46 7.84 2.44 18.58
C HIS A 46 8.26 1.10 17.97
N LYS A 47 7.35 0.49 17.21
CA LYS A 47 7.62 -0.79 16.57
C LYS A 47 6.41 -1.27 15.78
N ARG A 48 5.22 -0.97 16.27
CA ARG A 48 3.99 -1.36 15.60
C ARG A 48 4.00 -2.86 15.27
N PRO A 49 3.79 -3.69 16.31
CA PRO A 49 3.77 -5.14 16.16
C PRO A 49 2.55 -5.63 15.39
N SER A 50 2.76 -6.57 14.48
CA SER A 50 1.68 -7.12 13.68
C SER A 50 1.84 -8.63 13.51
N ALA A 51 0.72 -9.32 13.28
CA ALA A 51 0.74 -10.76 13.11
C ALA A 51 -0.09 -11.17 11.88
N PRO A 52 0.17 -12.39 11.38
CA PRO A 52 -0.53 -12.92 10.21
C PRO A 52 -2.00 -13.24 10.52
N ILE A 53 -2.82 -12.21 10.60
CA ILE A 53 -4.24 -12.38 10.88
C ILE A 53 -5.09 -12.14 9.63
N ASP A 54 -4.62 -12.64 8.50
CA ASP A 54 -5.33 -12.47 7.23
C ASP A 54 -6.47 -13.48 7.12
N PHE A 55 -7.20 -13.42 6.00
CA PHE A 55 -8.31 -14.32 5.77
C PHE A 55 -7.91 -15.47 4.84
N SER A 56 -7.43 -15.11 3.65
CA SER A 56 -7.02 -16.10 2.67
C SER A 56 -8.13 -17.13 2.42
N LYS A 57 -9.00 -16.82 1.46
CA LYS A 57 -10.10 -17.71 1.13
C LYS A 57 -10.11 -18.02 -0.37
N LEU A 58 -9.99 -16.98 -1.18
CA LEU A 58 -9.99 -17.14 -2.64
C LEU A 58 -8.84 -18.03 -3.08
N ASP A 59 -7.63 -17.47 -3.05
CA ASP A 59 -6.44 -18.22 -3.46
C ASP A 59 -5.56 -18.52 -2.24
N PRO A 60 -4.67 -19.51 -2.40
CA PRO A 60 -3.75 -19.93 -1.33
C PRO A 60 -2.68 -18.88 -1.06
N GLY A 61 -2.20 -18.24 -2.12
CA GLY A 61 -1.18 -17.22 -1.97
C GLY A 61 0.16 -17.80 -1.57
N LYS A 62 0.92 -18.27 -2.56
CA LYS A 62 2.23 -18.85 -2.30
C LYS A 62 3.06 -18.90 -3.58
N PRO A 63 3.45 -17.72 -4.08
CA PRO A 63 4.25 -17.59 -5.29
C PRO A 63 5.68 -18.08 -5.09
N GLU A 64 6.44 -18.15 -6.18
CA GLU A 64 7.82 -18.61 -6.13
C GLU A 64 8.74 -17.48 -5.67
N SER A 65 8.31 -16.24 -5.89
CA SER A 65 9.09 -15.08 -5.50
C SER A 65 9.33 -15.06 -3.99
N ILE A 66 8.50 -15.79 -3.26
CA ILE A 66 8.62 -15.87 -1.81
C ILE A 66 10.05 -16.20 -1.39
N LEU A 67 10.65 -17.17 -2.07
CA LEU A 67 12.02 -17.59 -1.77
C LEU A 67 12.95 -16.39 -1.75
N LYS A 68 12.86 -15.55 -2.78
CA LYS A 68 13.70 -14.37 -2.89
C LYS A 68 13.47 -13.43 -1.70
N MET A 69 12.22 -13.36 -1.24
CA MET A 69 11.87 -12.51 -0.11
C MET A 69 12.56 -12.98 1.16
N THR A 70 12.74 -14.29 1.28
CA THR A 70 13.38 -14.86 2.46
C THR A 70 12.79 -14.31 3.74
N LYS A 71 11.47 -14.33 3.83
CA LYS A 71 10.77 -13.83 5.01
C LYS A 71 11.01 -12.33 5.20
N LYS A 72 9.99 -11.54 4.87
CA LYS A 72 10.09 -10.09 5.01
C LYS A 72 10.42 -9.69 6.45
N GLY A 73 10.46 -8.39 6.70
CA GLY A 73 10.75 -7.90 8.04
C GLY A 73 9.50 -7.68 8.86
N LYS A 74 8.68 -6.71 8.45
CA LYS A 74 7.45 -6.40 9.15
C LYS A 74 6.39 -5.87 8.19
N THR A 75 5.13 -6.20 8.47
CA THR A 75 4.03 -5.76 7.63
C THR A 75 4.01 -4.23 7.49
N LEU A 76 3.05 -3.73 6.73
CA LEU A 76 2.93 -2.30 6.51
C LEU A 76 1.49 -1.83 6.68
N MET A 77 1.30 -0.72 7.38
CA MET A 77 -0.03 -0.17 7.63
C MET A 77 0.04 1.33 7.84
N MET A 78 -0.63 2.09 6.98
CA MET A 78 -0.65 3.54 7.09
C MET A 78 -1.97 4.11 6.56
N PHE A 79 -2.56 5.03 7.31
CA PHE A 79 -3.82 5.64 6.93
C PHE A 79 -3.77 7.15 7.16
N VAL A 80 -3.93 7.91 6.07
CA VAL A 80 -3.91 9.37 6.15
C VAL A 80 -4.83 9.98 5.09
N THR A 81 -5.47 11.09 5.46
CA THR A 81 -6.38 11.78 4.55
C THR A 81 -6.13 13.28 4.56
N VAL A 82 -5.17 13.72 3.74
CA VAL A 82 -4.83 15.13 3.66
C VAL A 82 -3.79 15.38 2.58
N SER A 83 -3.75 16.62 2.06
CA SER A 83 -2.81 16.98 1.02
C SER A 83 -1.42 17.23 1.61
N GLY A 84 -0.50 16.30 1.35
CA GLY A 84 0.86 16.45 1.86
C GLY A 84 1.06 15.72 3.18
N ASN A 85 2.22 15.11 3.34
CA ASN A 85 2.54 14.37 4.57
C ASN A 85 3.98 13.88 4.54
N PRO A 86 4.67 14.04 5.69
CA PRO A 86 6.07 13.62 5.82
C PRO A 86 6.21 12.10 5.84
N THR A 87 6.54 11.53 4.67
CA THR A 87 6.71 10.09 4.56
C THR A 87 7.52 9.75 3.31
N GLU A 88 8.33 10.69 2.85
CA GLU A 88 9.17 10.48 1.68
C GLU A 88 10.09 9.27 1.87
N LYS A 89 10.74 9.22 3.02
CA LYS A 89 11.65 8.13 3.33
C LYS A 89 10.89 6.81 3.49
N GLU A 90 9.91 6.80 4.38
CA GLU A 90 9.10 5.61 4.62
C GLU A 90 8.49 5.09 3.32
N THR A 91 8.10 6.02 2.45
CA THR A 91 7.50 5.66 1.18
C THR A 91 8.34 4.61 0.44
N GLU A 92 9.60 4.93 0.22
CA GLU A 92 10.52 4.03 -0.46
C GLU A 92 10.54 2.66 0.22
N GLU A 93 10.28 2.65 1.52
CA GLU A 93 10.27 1.42 2.29
C GLU A 93 8.95 0.67 2.10
N ILE A 94 7.89 1.41 1.77
CA ILE A 94 6.58 0.82 1.57
C ILE A 94 6.66 -0.37 0.62
N THR A 95 7.19 -0.13 -0.58
CA THR A 95 7.33 -1.18 -1.58
C THR A 95 8.01 -2.41 -1.00
N SER A 96 9.10 -2.19 -0.27
CA SER A 96 9.85 -3.27 0.34
C SER A 96 8.94 -4.14 1.20
N LEU A 97 8.39 -3.54 2.25
CA LEU A 97 7.50 -4.27 3.16
C LEU A 97 6.29 -4.83 2.41
N TRP A 98 5.90 -4.15 1.33
CA TRP A 98 4.77 -4.59 0.54
C TRP A 98 4.89 -6.06 0.18
N GLN A 99 6.12 -6.52 0.01
CA GLN A 99 6.38 -7.92 -0.33
C GLN A 99 5.65 -8.86 0.63
N GLY A 100 5.69 -8.52 1.91
CA GLY A 100 5.03 -9.35 2.91
C GLY A 100 3.51 -9.28 2.81
N SER A 101 2.99 -8.07 2.65
CA SER A 101 1.55 -7.87 2.55
C SER A 101 0.97 -8.64 1.36
N LEU A 102 1.79 -8.81 0.33
CA LEU A 102 1.36 -9.53 -0.88
C LEU A 102 1.18 -11.01 -0.57
N PHE A 103 2.02 -11.54 0.31
CA PHE A 103 1.94 -12.95 0.67
C PHE A 103 0.55 -13.32 1.16
N ASN A 104 -0.15 -12.34 1.75
CA ASN A 104 -1.50 -12.56 2.26
C ASN A 104 -2.44 -12.96 1.13
N ALA A 105 -2.04 -12.67 -0.10
CA ALA A 105 -2.86 -12.99 -1.26
C ALA A 105 -4.18 -12.22 -1.25
N ASN A 106 -4.24 -11.19 -0.41
CA ASN A 106 -5.44 -10.37 -0.31
C ASN A 106 -5.08 -8.92 0.07
N TYR A 107 -3.84 -8.55 -0.22
CA TYR A 107 -3.38 -7.19 0.08
C TYR A 107 -4.34 -6.14 -0.46
N ASP A 108 -4.53 -5.07 0.29
CA ASP A 108 -5.42 -3.99 -0.12
C ASP A 108 -4.73 -2.64 0.00
N VAL A 109 -4.61 -1.93 -1.12
CA VAL A 109 -3.97 -0.62 -1.14
C VAL A 109 -4.64 0.30 -2.15
N GLN A 110 -4.83 1.55 -1.77
CA GLN A 110 -5.45 2.54 -2.64
C GLN A 110 -4.70 3.86 -2.60
N ARG A 111 -4.37 4.39 -3.79
CA ARG A 111 -3.64 5.65 -3.88
C ARG A 111 -4.46 6.69 -4.65
N PHE A 112 -4.48 7.90 -4.13
CA PHE A 112 -5.23 8.99 -4.77
C PHE A 112 -4.45 10.30 -4.70
N ILE A 113 -4.28 10.95 -5.84
CA ILE A 113 -3.55 12.21 -5.92
C ILE A 113 -4.37 13.26 -6.66
N VAL A 114 -4.69 14.37 -5.98
CA VAL A 114 -5.44 15.45 -6.58
C VAL A 114 -5.03 16.80 -6.01
N GLY A 115 -5.05 17.83 -6.85
CA GLY A 115 -4.68 19.15 -6.40
C GLY A 115 -5.43 19.60 -5.18
N SER A 116 -6.62 19.04 -4.98
CA SER A 116 -7.46 19.38 -3.85
C SER A 116 -6.89 18.79 -2.55
N ASP A 117 -6.74 17.47 -2.53
CA ASP A 117 -6.20 16.78 -1.37
C ASP A 117 -5.64 15.42 -1.75
N ARG A 118 -4.96 14.77 -0.80
CA ARG A 118 -4.36 13.46 -1.04
C ARG A 118 -4.76 12.47 0.05
N ALA A 119 -5.12 11.26 -0.37
CA ALA A 119 -5.52 10.22 0.58
C ALA A 119 -5.02 8.85 0.13
N ILE A 120 -4.36 8.14 1.04
CA ILE A 120 -3.84 6.81 0.74
C ILE A 120 -4.16 5.83 1.85
N PHE A 121 -4.54 4.61 1.48
CA PHE A 121 -4.87 3.58 2.45
C PHE A 121 -4.30 2.23 2.03
N MET A 122 -3.44 1.67 2.87
CA MET A 122 -2.81 0.39 2.59
C MET A 122 -2.66 -0.45 3.86
N LEU A 123 -3.29 -1.61 3.88
CA LEU A 123 -3.23 -2.50 5.03
C LEU A 123 -2.93 -3.93 4.61
N ARG A 124 -2.19 -4.64 5.44
CA ARG A 124 -1.82 -6.03 5.15
C ARG A 124 -3.06 -6.86 4.80
N ASP A 125 -4.18 -6.51 5.44
CA ASP A 125 -5.43 -7.23 5.21
C ASP A 125 -6.01 -6.87 3.83
N GLY A 126 -7.26 -7.27 3.60
CA GLY A 126 -7.90 -6.99 2.33
C GLY A 126 -9.28 -6.38 2.50
N SER A 127 -10.21 -7.19 3.00
CA SER A 127 -11.58 -6.73 3.20
C SER A 127 -11.64 -5.71 4.33
N TYR A 128 -11.01 -6.03 5.45
CA TYR A 128 -11.00 -5.15 6.62
C TYR A 128 -10.52 -3.75 6.22
N ALA A 129 -9.58 -3.69 5.28
CA ALA A 129 -9.04 -2.42 4.82
C ALA A 129 -10.07 -1.65 4.00
N TRP A 130 -10.95 -2.38 3.33
CA TRP A 130 -11.99 -1.77 2.51
C TRP A 130 -12.98 -0.99 3.38
N GLU A 131 -13.37 -1.58 4.51
CA GLU A 131 -14.31 -0.95 5.42
C GLU A 131 -13.70 0.30 6.04
N ILE A 132 -12.49 0.16 6.58
CA ILE A 132 -11.80 1.28 7.21
C ILE A 132 -11.42 2.34 6.18
N LYS A 133 -11.18 1.90 4.95
CA LYS A 133 -10.81 2.80 3.86
C LYS A 133 -11.82 3.94 3.73
N ASP A 134 -13.06 3.60 3.40
CA ASP A 134 -14.12 4.58 3.24
C ASP A 134 -14.24 5.45 4.49
N PHE A 135 -14.00 4.84 5.65
CA PHE A 135 -14.08 5.56 6.91
C PHE A 135 -12.93 6.56 7.05
N LEU A 136 -11.80 6.23 6.43
CA LEU A 136 -10.63 7.10 6.49
C LEU A 136 -10.87 8.40 5.71
N VAL A 137 -11.09 8.26 4.41
CA VAL A 137 -11.35 9.42 3.55
C VAL A 137 -12.45 10.30 4.13
N SER A 138 -13.38 9.67 4.85
CA SER A 138 -14.50 10.40 5.45
C SER A 138 -13.99 11.50 6.37
N GLN A 139 -12.83 11.28 6.96
CA GLN A 139 -12.23 12.25 7.88
C GLN A 139 -11.89 13.54 7.14
N ASP A 140 -11.08 13.42 6.09
CA ASP A 140 -10.67 14.58 5.32
C ASP A 140 -9.86 15.55 6.15
N ARG A 141 -9.25 15.04 7.22
CA ARG A 141 -8.45 15.86 8.11
C ARG A 141 -7.80 15.02 9.21
N CYS A 142 -7.10 13.96 8.80
CA CYS A 142 -6.44 13.07 9.75
C CYS A 142 -5.15 12.51 9.15
N ALA A 143 -4.15 12.32 10.01
CA ALA A 143 -2.87 11.79 9.56
C ALA A 143 -2.41 10.64 10.46
N GLU A 144 -2.12 9.50 9.85
CA GLU A 144 -1.68 8.33 10.59
C GLU A 144 -0.76 7.45 9.74
N VAL A 145 0.41 7.12 10.27
CA VAL A 145 1.36 6.29 9.56
C VAL A 145 2.21 5.47 10.53
N THR A 146 2.18 4.15 10.37
CA THR A 146 2.94 3.27 11.23
C THR A 146 3.68 2.21 10.42
N LEU A 147 5.01 2.21 10.53
CA LEU A 147 5.84 1.25 9.79
C LEU A 147 7.11 0.94 10.57
N GLU A 148 7.63 -0.27 10.37
CA GLU A 148 8.86 -0.69 11.05
C GLU A 148 9.48 -1.90 10.35
N GLY A 149 10.59 -2.38 10.88
CA GLY A 149 11.26 -3.52 10.30
C GLY A 149 12.01 -4.34 11.32
N GLN A 150 11.46 -4.41 12.53
CA GLN A 150 12.09 -5.18 13.62
C GLN A 150 12.11 -6.66 13.28
N MET A 151 10.96 -7.31 13.42
CA MET A 151 10.86 -8.75 13.14
C MET A 151 9.43 -9.24 13.39
N TYR A 152 8.55 -8.98 12.43
CA TYR A 152 7.15 -9.39 12.54
C TYR A 152 6.44 -9.28 11.19
N PRO A 153 6.88 -10.11 10.22
CA PRO A 153 6.30 -10.13 8.88
C PRO A 153 4.88 -10.70 8.87
N GLY A 154 4.11 -10.33 7.85
CA GLY A 154 2.75 -10.82 7.74
C GLY A 154 2.67 -12.16 7.05
N LYS A 155 3.74 -12.55 6.37
CA LYS A 155 3.79 -13.82 5.67
C LYS A 155 3.38 -14.97 6.59
N GLY A 156 3.81 -14.89 7.85
CA GLY A 156 3.49 -15.93 8.80
C GLY A 156 4.29 -17.21 8.59
N GLY A 157 4.00 -17.91 7.51
CA GLY A 157 4.70 -19.14 7.21
C GLY A 157 6.22 -18.97 7.23
N GLY A 158 6.67 -17.81 6.77
CA GLY A 158 8.10 -17.54 6.75
C GLY A 158 8.89 -18.63 6.07
N SER A 159 8.72 -18.76 4.75
CA SER A 159 9.42 -19.79 3.98
C SER A 159 10.92 -19.74 4.25
N LYS A 160 11.54 -18.62 3.88
CA LYS A 160 12.98 -18.46 4.08
C LYS A 160 13.77 -19.54 3.35
N GLU A 161 13.91 -19.37 2.04
CA GLU A 161 14.65 -20.34 1.23
C GLU A 161 15.77 -19.65 0.47
N LYS A 162 15.52 -18.44 0.01
CA LYS A 162 16.52 -17.68 -0.74
C LYS A 162 16.87 -18.38 -2.05
N ASN A 163 16.08 -18.12 -3.09
CA ASN A 163 16.31 -18.73 -4.39
C ASN A 163 16.23 -17.69 -5.50
N LYS A 164 17.14 -17.78 -6.46
CA LYS A 164 17.17 -16.85 -7.58
C LYS A 164 16.15 -17.23 -8.65
N THR A 165 15.43 -16.24 -9.16
CA THR A 165 14.43 -16.49 -10.18
C THR A 165 14.28 -15.28 -11.11
N LYS A 166 14.43 -15.52 -12.41
CA LYS A 166 14.32 -14.46 -13.41
C LYS A 166 12.86 -14.08 -13.63
N PRO A 167 12.04 -15.07 -14.01
CA PRO A 167 10.61 -14.86 -14.25
C PRO A 167 9.83 -14.56 -12.98
N GLU A 168 10.55 -14.42 -11.87
CA GLU A 168 9.92 -14.13 -10.59
C GLU A 168 9.35 -12.72 -10.57
N LYS A 169 10.11 -11.76 -11.10
CA LYS A 169 9.67 -10.38 -11.15
C LYS A 169 8.46 -10.21 -12.06
N ALA A 170 8.44 -11.00 -13.14
CA ALA A 170 7.33 -10.94 -14.09
C ALA A 170 6.06 -11.54 -13.50
N LYS A 171 6.21 -12.61 -12.73
CA LYS A 171 5.08 -13.27 -12.11
C LYS A 171 4.32 -12.31 -11.20
N LYS A 172 5.05 -11.58 -10.37
CA LYS A 172 4.45 -10.62 -9.45
C LYS A 172 3.90 -9.42 -10.22
N LYS A 173 4.55 -9.06 -11.32
CA LYS A 173 4.12 -7.94 -12.14
C LYS A 173 2.86 -8.29 -12.93
N GLU A 174 2.67 -9.57 -13.19
CA GLU A 174 1.51 -10.04 -13.93
C GLU A 174 0.23 -9.83 -13.13
N GLY A 175 0.21 -10.33 -11.90
CA GLY A 175 -0.95 -10.18 -11.05
C GLY A 175 -1.64 -11.51 -10.78
N ASP A 176 -1.31 -12.13 -9.66
CA ASP A 176 -1.91 -13.41 -9.30
C ASP A 176 -3.38 -13.25 -8.94
N PRO A 177 -3.65 -12.43 -7.92
CA PRO A 177 -5.02 -12.17 -7.45
C PRO A 177 -5.82 -11.34 -8.46
N LYS A 178 -5.15 -10.37 -9.08
CA LYS A 178 -5.79 -9.51 -10.07
C LYS A 178 -4.97 -9.44 -11.35
N PRO A 179 -5.02 -10.53 -12.13
CA PRO A 179 -4.29 -10.62 -13.40
C PRO A 179 -4.87 -9.70 -14.47
N ARG A 180 -4.05 -9.33 -15.45
CA ARG A 180 -4.49 -8.46 -16.53
C ARG A 180 -5.15 -7.20 -15.98
N ALA A 181 -4.34 -6.26 -15.49
CA ALA A 181 -4.85 -5.02 -14.94
C ALA A 181 -3.70 -4.11 -14.51
N SER A 182 -2.65 -4.71 -13.96
CA SER A 182 -1.49 -3.95 -13.48
C SER A 182 -0.81 -3.23 -14.64
N LYS A 183 -0.73 -3.91 -15.79
CA LYS A 183 -0.11 -3.33 -16.97
C LYS A 183 -0.79 -2.03 -17.37
N GLU A 184 -2.12 -2.01 -17.27
CA GLU A 184 -2.90 -0.83 -17.62
C GLU A 184 -2.48 0.37 -16.79
N ASP A 185 -2.23 0.14 -15.51
CA ASP A 185 -1.82 1.21 -14.60
C ASP A 185 -0.34 1.53 -14.79
N ASN A 186 0.47 0.49 -14.97
CA ASN A 186 1.91 0.67 -15.16
C ASN A 186 2.19 1.62 -16.31
N ARG A 187 1.44 1.47 -17.39
CA ARG A 187 1.61 2.31 -18.57
C ARG A 187 1.08 3.72 -18.30
N ALA A 188 0.22 3.85 -17.31
CA ALA A 188 -0.36 5.15 -16.95
C ALA A 188 0.73 6.13 -16.55
N GLY A 189 1.36 5.89 -15.40
CA GLY A 189 2.40 6.77 -14.92
C GLY A 189 1.90 7.78 -13.91
N SER A 190 2.56 7.86 -12.77
CA SER A 190 2.18 8.79 -11.72
C SER A 190 3.30 9.76 -11.41
N ARG A 191 3.14 10.52 -10.33
CA ARG A 191 4.15 11.49 -9.93
C ARG A 191 4.32 12.57 -10.98
N ARG A 192 3.53 13.64 -10.87
CA ARG A 192 3.59 14.75 -11.82
C ARG A 192 3.33 14.25 -13.24
N GLU A 193 2.61 13.15 -13.36
CA GLU A 193 2.29 12.57 -14.67
C GLU A 193 0.80 12.30 -14.79
N ASP A 194 0.32 11.28 -14.10
CA ASP A 194 -1.09 10.93 -14.12
C ASP A 194 -1.57 10.76 -15.57
N LEU A 195 -1.30 9.60 -16.15
CA LEU A 195 -1.70 9.32 -17.52
C LEU A 195 -2.37 7.95 -17.63
N ALA A 1 -19.18 11.01 12.72
CA ALA A 1 -19.22 11.66 11.41
C ALA A 1 -18.75 10.73 10.31
N ASP A 2 -19.30 9.51 10.29
CA ASP A 2 -18.93 8.52 9.30
C ASP A 2 -19.76 8.69 8.03
N THR A 3 -19.10 8.62 6.87
CA THR A 3 -19.78 8.78 5.60
C THR A 3 -20.50 7.49 5.21
N PRO A 4 -21.58 7.63 4.43
CA PRO A 4 -22.37 6.49 3.97
C PRO A 4 -21.63 5.64 2.94
N GLY A 5 -22.35 4.69 2.34
CA GLY A 5 -21.73 3.83 1.34
C GLY A 5 -22.73 2.88 0.70
N GLU A 6 -23.03 3.12 -0.57
CA GLU A 6 -23.97 2.28 -1.30
C GLU A 6 -24.06 2.71 -2.76
N ALA A 7 -23.98 4.02 -3.00
CA ALA A 7 -24.05 4.56 -4.35
C ALA A 7 -22.73 5.22 -4.75
N THR A 8 -21.71 4.40 -5.01
CA THR A 8 -20.41 4.91 -5.40
C THR A 8 -19.96 4.31 -6.73
N PRO A 9 -19.21 5.10 -7.50
CA PRO A 9 -18.69 4.68 -8.82
C PRO A 9 -17.63 3.60 -8.70
N PRO A 10 -17.29 2.97 -9.84
CA PRO A 10 -16.27 1.91 -9.89
C PRO A 10 -14.86 2.45 -9.65
N PRO A 11 -13.92 1.53 -9.43
CA PRO A 11 -12.51 1.90 -9.18
C PRO A 11 -11.83 2.45 -10.43
N ARG A 12 -12.10 3.71 -10.75
CA ARG A 12 -11.51 4.35 -11.91
C ARG A 12 -10.01 4.58 -11.71
N LYS A 13 -9.66 5.23 -10.61
CA LYS A 13 -8.27 5.52 -10.29
C LYS A 13 -8.02 5.48 -8.79
N LYS A 14 -8.89 4.76 -8.08
CA LYS A 14 -8.76 4.64 -6.63
C LYS A 14 -8.22 3.27 -6.24
N LYS A 15 -8.72 2.24 -6.91
CA LYS A 15 -8.28 0.88 -6.64
C LYS A 15 -7.40 0.35 -7.76
N ASP A 16 -6.84 1.27 -8.54
CA ASP A 16 -5.97 0.89 -9.66
C ASP A 16 -4.53 0.73 -9.19
N ILE A 17 -4.01 1.74 -8.51
CA ILE A 17 -2.65 1.72 -8.02
C ILE A 17 -1.64 1.66 -9.16
N ARG A 18 -1.06 2.80 -9.49
CA ARG A 18 -0.07 2.87 -10.57
C ARG A 18 1.06 1.88 -10.35
N ASP A 19 1.18 0.91 -11.24
CA ASP A 19 2.22 -0.11 -11.14
C ASP A 19 2.04 -0.95 -9.88
N TYR A 20 0.86 -0.85 -9.28
CA TYR A 20 0.56 -1.60 -8.06
C TYR A 20 1.65 -1.39 -7.01
N ASN A 21 2.30 -0.23 -7.06
CA ASN A 21 3.36 0.08 -6.12
C ASN A 21 3.86 1.51 -6.33
N ASP A 22 3.89 1.94 -7.59
CA ASP A 22 4.34 3.28 -7.92
C ASP A 22 3.50 4.34 -7.21
N ALA A 23 2.31 3.94 -6.77
CA ALA A 23 1.41 4.86 -6.08
C ALA A 23 2.13 5.59 -4.96
N ASP A 24 2.92 4.86 -4.18
CA ASP A 24 3.66 5.44 -3.07
C ASP A 24 4.56 6.58 -3.56
N MET A 25 5.13 6.41 -4.74
CA MET A 25 6.00 7.43 -5.33
C MET A 25 5.25 8.74 -5.54
N ALA A 26 4.03 8.64 -6.06
CA ALA A 26 3.21 9.81 -6.32
C ALA A 26 3.10 10.69 -5.07
N ARG A 27 3.09 10.04 -3.90
CA ARG A 27 2.99 10.75 -2.64
C ARG A 27 4.16 11.71 -2.46
N LEU A 28 5.31 11.34 -2.99
CA LEU A 28 6.51 12.16 -2.89
C LEU A 28 6.23 13.59 -3.34
N LEU A 29 5.55 13.73 -4.47
CA LEU A 29 5.21 15.04 -5.00
C LEU A 29 4.44 15.87 -3.96
N GLU A 30 3.64 15.18 -3.15
CA GLU A 30 2.86 15.86 -2.12
C GLU A 30 3.77 16.40 -1.01
N GLN A 31 4.92 15.76 -0.83
CA GLN A 31 5.87 16.18 0.19
C GLN A 31 6.15 17.67 0.10
N TRP A 32 6.39 18.14 -1.12
CA TRP A 32 6.68 19.56 -1.34
C TRP A 32 5.59 20.44 -0.73
N GLU A 33 4.33 20.04 -0.94
CA GLU A 33 3.20 20.79 -0.42
C GLU A 33 3.17 20.74 1.11
N LYS A 34 3.66 19.64 1.67
CA LYS A 34 3.69 19.47 3.11
C LYS A 34 4.72 20.39 3.75
N ASP A 35 5.73 20.77 2.98
CA ASP A 35 6.78 21.66 3.47
C ASP A 35 6.17 22.89 4.16
N ASP A 36 5.10 23.41 3.57
CA ASP A 36 4.43 24.58 4.13
C ASP A 36 3.32 24.18 5.08
N ASP A 37 2.39 23.36 4.58
CA ASP A 37 1.27 22.89 5.39
C ASP A 37 1.76 22.14 6.62
N ILE A 38 2.39 20.99 6.39
CA ILE A 38 2.92 20.18 7.48
C ILE A 38 1.99 20.22 8.69
N GLU A 39 0.97 19.37 8.68
CA GLU A 39 0.01 19.30 9.77
C GLU A 39 0.37 18.18 10.74
N GLU A 40 0.31 16.94 10.25
CA GLU A 40 0.62 15.77 11.07
C GLU A 40 1.40 14.74 10.27
N GLY A 41 1.55 13.55 10.85
CA GLY A 41 2.28 12.48 10.17
C GLY A 41 2.81 11.44 11.14
N ASP A 42 3.99 11.70 11.70
CA ASP A 42 4.60 10.78 12.65
C ASP A 42 3.62 10.38 13.74
N LEU A 43 3.96 9.34 14.49
CA LEU A 43 3.10 8.86 15.57
C LEU A 43 3.90 8.62 16.84
N PRO A 44 3.21 8.63 17.99
CA PRO A 44 3.84 8.42 19.30
C PRO A 44 4.33 6.98 19.48
N GLU A 45 5.64 6.81 19.55
CA GLU A 45 6.23 5.49 19.73
C GLU A 45 5.99 4.62 18.49
N HIS A 46 6.93 4.65 17.55
CA HIS A 46 6.82 3.87 16.33
C HIS A 46 6.97 2.37 16.63
N LYS A 47 7.38 2.06 17.85
CA LYS A 47 7.56 0.67 18.26
C LYS A 47 6.25 -0.10 18.18
N ARG A 48 6.20 -1.26 18.81
CA ARG A 48 5.01 -2.09 18.80
C ARG A 48 4.75 -2.67 17.42
N PRO A 49 5.44 -3.78 17.10
CA PRO A 49 5.30 -4.45 15.80
C PRO A 49 3.94 -5.12 15.64
N SER A 50 3.65 -5.57 14.43
CA SER A 50 2.39 -6.24 14.14
C SER A 50 2.61 -7.72 13.86
N ALA A 51 1.53 -8.51 14.00
CA ALA A 51 1.61 -9.94 13.77
C ALA A 51 0.62 -10.37 12.69
N PRO A 52 0.86 -11.55 12.10
CA PRO A 52 0.00 -12.11 11.05
C PRO A 52 -1.36 -12.53 11.58
N ILE A 53 -2.41 -11.83 11.14
CA ILE A 53 -3.77 -12.14 11.57
C ILE A 53 -4.77 -11.91 10.44
N ASP A 54 -4.29 -12.05 9.20
CA ASP A 54 -5.14 -11.87 8.04
C ASP A 54 -5.98 -13.11 7.77
N PHE A 55 -6.79 -13.07 6.72
CA PHE A 55 -7.64 -14.20 6.36
C PHE A 55 -6.91 -15.16 5.43
N SER A 56 -6.25 -14.59 4.42
CA SER A 56 -5.52 -15.40 3.45
C SER A 56 -6.46 -16.33 2.69
N LYS A 57 -7.24 -15.77 1.78
CA LYS A 57 -8.18 -16.55 0.99
C LYS A 57 -8.88 -15.67 -0.05
N LEU A 58 -8.10 -15.08 -0.94
CA LEU A 58 -8.64 -14.22 -1.97
C LEU A 58 -8.96 -15.02 -3.23
N ASP A 59 -7.93 -15.40 -3.97
CA ASP A 59 -8.10 -16.18 -5.19
C ASP A 59 -7.59 -17.61 -5.01
N PRO A 60 -8.06 -18.52 -5.88
CA PRO A 60 -7.67 -19.93 -5.83
C PRO A 60 -6.21 -20.14 -6.23
N GLY A 61 -5.57 -19.08 -6.71
CA GLY A 61 -4.19 -19.18 -7.12
C GLY A 61 -3.25 -19.43 -5.95
N LYS A 62 -1.96 -19.37 -6.21
CA LYS A 62 -0.95 -19.59 -5.16
C LYS A 62 0.46 -19.37 -5.71
N PRO A 63 0.82 -18.09 -5.91
CA PRO A 63 2.13 -17.71 -6.42
C PRO A 63 3.24 -17.97 -5.41
N GLU A 64 4.17 -18.85 -5.76
CA GLU A 64 5.29 -19.18 -4.89
C GLU A 64 6.37 -18.11 -4.96
N SER A 65 6.36 -17.33 -6.04
CA SER A 65 7.35 -16.28 -6.23
C SER A 65 7.43 -15.37 -5.00
N ILE A 66 6.31 -15.25 -4.30
CA ILE A 66 6.25 -14.41 -3.11
C ILE A 66 7.30 -14.82 -2.09
N LEU A 67 7.72 -16.08 -2.16
CA LEU A 67 8.73 -16.60 -1.24
C LEU A 67 10.09 -16.01 -1.55
N LYS A 68 10.29 -15.60 -2.81
CA LYS A 68 11.55 -15.01 -3.23
C LYS A 68 11.92 -13.82 -2.36
N MET A 69 10.91 -13.18 -1.78
CA MET A 69 11.12 -12.03 -0.92
C MET A 69 11.99 -12.41 0.29
N THR A 70 12.05 -13.69 0.59
CA THR A 70 12.84 -14.18 1.71
C THR A 70 12.30 -13.67 3.03
N LYS A 71 10.97 -13.53 3.11
CA LYS A 71 10.32 -13.05 4.33
C LYS A 71 10.74 -11.62 4.64
N LYS A 72 9.85 -10.67 4.39
CA LYS A 72 10.13 -9.27 4.64
C LYS A 72 10.65 -9.07 6.06
N GLY A 73 9.88 -9.54 7.05
CA GLY A 73 10.28 -9.41 8.43
C GLY A 73 9.43 -8.41 9.19
N LYS A 74 8.76 -7.53 8.45
CA LYS A 74 7.91 -6.51 9.05
C LYS A 74 6.76 -6.14 8.11
N THR A 75 5.60 -5.86 8.70
CA THR A 75 4.42 -5.49 7.92
C THR A 75 4.42 -4.00 7.60
N LEU A 76 3.30 -3.52 7.07
CA LEU A 76 3.17 -2.11 6.71
C LEU A 76 1.76 -1.60 7.01
N MET A 77 1.68 -0.36 7.47
CA MET A 77 0.40 0.25 7.80
C MET A 77 0.50 1.77 7.85
N MET A 78 -0.22 2.45 6.97
CA MET A 78 -0.20 3.90 6.91
C MET A 78 -1.57 4.46 6.51
N PHE A 79 -1.99 5.52 7.17
CA PHE A 79 -3.27 6.14 6.89
C PHE A 79 -3.19 7.66 7.04
N VAL A 80 -3.44 8.36 5.93
CA VAL A 80 -3.39 9.83 5.93
C VAL A 80 -4.34 10.41 4.89
N THR A 81 -5.14 11.37 5.30
CA THR A 81 -6.10 12.01 4.41
C THR A 81 -5.77 13.49 4.22
N VAL A 82 -4.67 13.76 3.52
CA VAL A 82 -4.25 15.13 3.26
C VAL A 82 -3.27 15.19 2.09
N SER A 83 -3.17 16.37 1.48
CA SER A 83 -2.27 16.56 0.34
C SER A 83 -0.97 15.78 0.53
N GLY A 84 -0.06 16.34 1.31
CA GLY A 84 1.21 15.69 1.56
C GLY A 84 1.40 15.33 3.02
N ASN A 85 2.64 15.02 3.39
CA ASN A 85 2.96 14.65 4.77
C ASN A 85 4.43 14.33 4.92
N PRO A 86 4.97 14.58 6.12
CA PRO A 86 6.39 14.32 6.43
C PRO A 86 6.71 12.83 6.49
N THR A 87 6.69 12.17 5.33
CA THR A 87 6.97 10.74 5.25
C THR A 87 7.37 10.34 3.84
N GLU A 88 7.85 11.30 3.06
CA GLU A 88 8.26 11.04 1.68
C GLU A 88 9.21 9.85 1.62
N LYS A 89 10.18 9.81 2.53
CA LYS A 89 11.14 8.73 2.57
C LYS A 89 10.48 7.42 2.96
N GLU A 90 9.41 7.50 3.74
CA GLU A 90 8.68 6.32 4.18
C GLU A 90 7.92 5.69 3.02
N THR A 91 7.31 6.53 2.19
CA THR A 91 6.54 6.06 1.04
C THR A 91 7.40 5.17 0.15
N GLU A 92 8.65 5.58 -0.08
CA GLU A 92 9.56 4.81 -0.92
C GLU A 92 9.86 3.45 -0.29
N GLU A 93 9.78 3.38 1.03
CA GLU A 93 10.04 2.14 1.75
C GLU A 93 8.83 1.24 1.72
N ILE A 94 7.65 1.83 1.52
CA ILE A 94 6.41 1.08 1.48
C ILE A 94 6.52 -0.13 0.55
N THR A 95 7.34 0.01 -0.49
CA THR A 95 7.54 -1.07 -1.45
C THR A 95 8.17 -2.29 -0.79
N SER A 96 9.17 -2.05 0.06
CA SER A 96 9.85 -3.13 0.76
C SER A 96 8.89 -3.87 1.69
N LEU A 97 8.13 -3.11 2.46
CA LEU A 97 7.16 -3.70 3.39
C LEU A 97 6.00 -4.33 2.64
N TRP A 98 5.69 -3.79 1.48
CA TRP A 98 4.59 -4.30 0.66
C TRP A 98 4.73 -5.82 0.46
N GLN A 99 5.97 -6.27 0.31
CA GLN A 99 6.23 -7.69 0.10
C GLN A 99 5.53 -8.54 1.17
N GLY A 100 5.52 -8.04 2.40
CA GLY A 100 4.88 -8.75 3.49
C GLY A 100 3.38 -8.77 3.36
N SER A 101 2.77 -7.59 3.27
CA SER A 101 1.32 -7.49 3.15
C SER A 101 0.81 -8.22 1.91
N LEU A 102 1.66 -8.28 0.88
CA LEU A 102 1.31 -8.94 -0.36
C LEU A 102 1.13 -10.44 -0.14
N PHE A 103 1.91 -11.00 0.78
CA PHE A 103 1.84 -12.42 1.08
C PHE A 103 0.41 -12.83 1.44
N ASN A 104 -0.30 -11.93 2.12
CA ASN A 104 -1.68 -12.20 2.51
C ASN A 104 -2.55 -12.51 1.29
N ALA A 105 -2.11 -12.05 0.13
CA ALA A 105 -2.84 -12.28 -1.10
C ALA A 105 -4.19 -11.58 -1.08
N ASN A 106 -4.37 -10.67 -0.13
CA ASN A 106 -5.61 -9.92 0.00
C ASN A 106 -5.35 -8.54 0.60
N TYR A 107 -4.14 -8.04 0.42
CA TYR A 107 -3.77 -6.72 0.94
C TYR A 107 -4.80 -5.67 0.55
N ASP A 108 -4.70 -4.49 1.16
CA ASP A 108 -5.60 -3.40 0.87
C ASP A 108 -4.85 -2.11 0.59
N VAL A 109 -5.04 -1.57 -0.62
CA VAL A 109 -4.37 -0.33 -1.02
C VAL A 109 -5.25 0.49 -1.96
N GLN A 110 -5.28 1.80 -1.73
CA GLN A 110 -6.08 2.69 -2.57
C GLN A 110 -5.44 4.07 -2.64
N ARG A 111 -5.21 4.55 -3.86
CA ARG A 111 -4.60 5.86 -4.08
C ARG A 111 -5.53 6.77 -4.86
N PHE A 112 -5.90 7.90 -4.26
CA PHE A 112 -6.80 8.86 -4.91
C PHE A 112 -6.36 10.28 -4.61
N ILE A 113 -6.55 11.17 -5.59
CA ILE A 113 -6.17 12.56 -5.43
C ILE A 113 -7.32 13.50 -5.84
N VAL A 114 -7.53 14.54 -5.06
CA VAL A 114 -8.59 15.50 -5.33
C VAL A 114 -8.08 16.94 -5.23
N GLY A 115 -8.18 17.68 -6.33
CA GLY A 115 -7.72 19.06 -6.34
C GLY A 115 -6.27 19.18 -5.92
N SER A 116 -6.05 19.56 -4.67
CA SER A 116 -4.70 19.72 -4.14
C SER A 116 -4.44 18.78 -2.97
N ASP A 117 -5.48 18.04 -2.58
CA ASP A 117 -5.37 17.10 -1.47
C ASP A 117 -5.05 15.69 -1.97
N ARG A 118 -4.71 14.80 -1.05
CA ARG A 118 -4.39 13.42 -1.40
C ARG A 118 -4.75 12.47 -0.27
N ALA A 119 -5.20 11.27 -0.62
CA ALA A 119 -5.57 10.27 0.36
C ALA A 119 -4.97 8.91 0.03
N ILE A 120 -4.20 8.36 0.96
CA ILE A 120 -3.57 7.05 0.76
C ILE A 120 -3.84 6.13 1.95
N PHE A 121 -4.29 4.92 1.65
CA PHE A 121 -4.59 3.94 2.68
C PHE A 121 -3.93 2.60 2.36
N MET A 122 -3.22 2.05 3.34
CA MET A 122 -2.54 0.77 3.17
C MET A 122 -2.45 0.02 4.49
N LEU A 123 -2.92 -1.23 4.50
CA LEU A 123 -2.88 -2.06 5.70
C LEU A 123 -2.76 -3.53 5.35
N ARG A 124 -2.07 -4.28 6.20
CA ARG A 124 -1.88 -5.71 5.97
C ARG A 124 -3.21 -6.43 5.81
N ASP A 125 -4.24 -5.91 6.48
CA ASP A 125 -5.58 -6.50 6.42
C ASP A 125 -6.31 -6.02 5.17
N GLY A 126 -7.45 -6.66 4.87
CA GLY A 126 -8.23 -6.28 3.71
C GLY A 126 -9.56 -5.67 4.08
N SER A 127 -10.54 -6.52 4.38
CA SER A 127 -11.87 -6.06 4.75
C SER A 127 -11.80 -5.03 5.87
N TYR A 128 -10.79 -5.16 6.72
CA TYR A 128 -10.59 -4.23 7.84
C TYR A 128 -10.18 -2.86 7.34
N ALA A 129 -9.19 -2.83 6.44
CA ALA A 129 -8.70 -1.58 5.89
C ALA A 129 -9.73 -0.94 4.96
N TRP A 130 -10.50 -1.78 4.29
CA TRP A 130 -11.53 -1.30 3.37
C TRP A 130 -12.52 -0.40 4.08
N GLU A 131 -13.04 -0.86 5.21
CA GLU A 131 -14.00 -0.09 5.99
C GLU A 131 -13.41 1.24 6.41
N ILE A 132 -12.28 1.17 7.11
CA ILE A 132 -11.60 2.38 7.59
C ILE A 132 -11.25 3.31 6.44
N LYS A 133 -11.01 2.72 5.27
CA LYS A 133 -10.67 3.49 4.08
C LYS A 133 -11.68 4.61 3.84
N ASP A 134 -12.93 4.22 3.60
CA ASP A 134 -14.00 5.19 3.37
C ASP A 134 -14.04 6.24 4.48
N PHE A 135 -13.81 5.79 5.71
CA PHE A 135 -13.84 6.69 6.86
C PHE A 135 -12.67 7.66 6.81
N LEU A 136 -11.56 7.22 6.21
CA LEU A 136 -10.38 8.06 6.10
C LEU A 136 -10.69 9.37 5.39
N VAL A 137 -11.08 9.27 4.11
CA VAL A 137 -11.41 10.45 3.34
C VAL A 137 -12.43 11.33 4.07
N SER A 138 -13.27 10.70 4.88
CA SER A 138 -14.29 11.42 5.64
C SER A 138 -13.66 12.53 6.48
N GLN A 139 -12.43 12.30 6.92
CA GLN A 139 -11.71 13.28 7.73
C GLN A 139 -11.33 14.50 6.89
N ASP A 140 -10.61 14.27 5.81
CA ASP A 140 -10.18 15.35 4.93
C ASP A 140 -9.24 16.30 5.66
N ARG A 141 -8.63 15.82 6.73
CA ARG A 141 -7.70 16.63 7.51
C ARG A 141 -7.07 15.80 8.64
N CYS A 142 -6.40 14.72 8.25
CA CYS A 142 -5.76 13.84 9.22
C CYS A 142 -4.50 13.21 8.63
N ALA A 143 -3.49 13.01 9.47
CA ALA A 143 -2.23 12.42 9.03
C ALA A 143 -1.70 11.44 10.07
N GLU A 144 -1.42 10.21 9.64
CA GLU A 144 -0.91 9.18 10.54
C GLU A 144 -0.05 8.18 9.77
N VAL A 145 1.14 7.92 10.30
CA VAL A 145 2.06 6.99 9.66
C VAL A 145 2.59 5.96 10.67
N THR A 146 2.58 4.69 10.27
CA THR A 146 3.06 3.62 11.13
C THR A 146 4.01 2.69 10.40
N LEU A 147 5.25 2.61 10.87
CA LEU A 147 6.26 1.77 10.26
C LEU A 147 7.08 1.04 11.31
N GLU A 148 7.01 -0.29 11.32
CA GLU A 148 7.74 -1.09 12.28
C GLU A 148 7.50 -2.59 12.04
N GLY A 149 8.11 -3.42 12.88
CA GLY A 149 7.95 -4.85 12.75
C GLY A 149 9.18 -5.62 13.15
N GLN A 150 9.87 -5.13 14.19
CA GLN A 150 11.08 -5.78 14.69
C GLN A 150 10.74 -7.02 15.50
N MET A 151 10.07 -7.98 14.86
CA MET A 151 9.67 -9.21 15.53
C MET A 151 9.23 -10.25 14.50
N TYR A 152 8.15 -9.94 13.79
CA TYR A 152 7.61 -10.86 12.79
C TYR A 152 6.71 -10.11 11.80
N PRO A 153 6.82 -10.48 10.52
CA PRO A 153 6.03 -9.86 9.45
C PRO A 153 4.55 -10.23 9.53
N GLY A 154 3.80 -9.88 8.49
CA GLY A 154 2.38 -10.19 8.47
C GLY A 154 2.05 -11.36 7.57
N LYS A 155 3.07 -11.89 6.89
CA LYS A 155 2.88 -13.02 5.99
C LYS A 155 2.13 -14.16 6.68
N GLY A 156 2.59 -14.51 7.87
CA GLY A 156 1.96 -15.58 8.62
C GLY A 156 2.40 -16.96 8.17
N GLY A 157 3.50 -17.44 8.74
CA GLY A 157 4.00 -18.75 8.37
C GLY A 157 5.52 -18.79 8.33
N GLY A 158 6.15 -17.63 8.16
CA GLY A 158 7.59 -17.57 8.12
C GLY A 158 8.18 -18.52 7.10
N SER A 159 7.94 -18.26 5.82
CA SER A 159 8.44 -19.11 4.75
C SER A 159 9.96 -19.00 4.65
N LYS A 160 10.42 -17.87 4.13
CA LYS A 160 11.86 -17.64 3.98
C LYS A 160 12.51 -18.78 3.19
N GLU A 161 12.37 -18.74 1.88
CA GLU A 161 12.94 -19.77 1.01
C GLU A 161 14.30 -19.33 0.47
N LYS A 162 14.33 -18.13 -0.10
CA LYS A 162 15.56 -17.58 -0.66
C LYS A 162 16.11 -18.49 -1.76
N ASN A 163 15.27 -18.80 -2.74
CA ASN A 163 15.67 -19.65 -3.85
C ASN A 163 15.79 -18.84 -5.15
N LYS A 164 16.14 -19.53 -6.22
CA LYS A 164 16.30 -18.88 -7.52
C LYS A 164 14.96 -18.86 -8.27
N THR A 165 14.70 -17.76 -8.97
CA THR A 165 13.46 -17.61 -9.73
C THR A 165 13.69 -16.76 -10.98
N LYS A 166 14.06 -17.41 -12.07
CA LYS A 166 14.30 -16.73 -13.34
C LYS A 166 12.99 -16.38 -14.02
N PRO A 167 12.21 -17.40 -14.37
CA PRO A 167 10.91 -17.23 -15.04
C PRO A 167 9.86 -16.62 -14.11
N GLU A 168 9.96 -16.92 -12.82
CA GLU A 168 9.02 -16.41 -11.84
C GLU A 168 8.96 -14.88 -11.89
N LYS A 169 10.05 -14.27 -12.33
CA LYS A 169 10.12 -12.82 -12.44
C LYS A 169 9.02 -12.28 -13.35
N ALA A 170 8.66 -13.07 -14.35
CA ALA A 170 7.61 -12.68 -15.29
C ALA A 170 6.23 -12.90 -14.70
N LYS A 171 6.08 -14.00 -13.96
CA LYS A 171 4.80 -14.33 -13.34
C LYS A 171 4.26 -13.15 -12.54
N LYS A 172 5.09 -12.60 -11.66
CA LYS A 172 4.70 -11.46 -10.85
C LYS A 172 4.68 -10.17 -11.67
N LYS A 173 5.52 -10.11 -12.68
CA LYS A 173 5.61 -8.94 -13.55
C LYS A 173 4.27 -8.71 -14.25
N GLU A 174 3.57 -9.79 -14.58
CA GLU A 174 2.29 -9.70 -15.26
C GLU A 174 1.19 -9.24 -14.30
N GLY A 175 0.98 -10.01 -13.25
CA GLY A 175 -0.04 -9.67 -12.27
C GLY A 175 -0.53 -10.88 -11.49
N ASP A 176 -0.37 -10.83 -10.18
CA ASP A 176 -0.79 -11.93 -9.31
C ASP A 176 -2.32 -11.97 -9.20
N PRO A 177 -2.90 -10.87 -8.68
CA PRO A 177 -4.35 -10.76 -8.51
C PRO A 177 -5.08 -10.65 -9.83
N LYS A 178 -4.62 -9.75 -10.69
CA LYS A 178 -5.24 -9.53 -11.99
C LYS A 178 -4.27 -8.81 -12.94
N PRO A 179 -3.55 -9.59 -13.76
CA PRO A 179 -2.59 -9.04 -14.71
C PRO A 179 -3.27 -8.31 -15.86
N ARG A 180 -2.49 -7.98 -16.89
CA ARG A 180 -3.03 -7.26 -18.05
C ARG A 180 -3.55 -5.88 -17.66
N ALA A 181 -2.68 -5.07 -17.06
CA ALA A 181 -3.05 -3.74 -16.64
C ALA A 181 -1.86 -3.00 -16.02
N SER A 182 -1.02 -3.75 -15.32
CA SER A 182 0.16 -3.17 -14.68
C SER A 182 1.02 -2.41 -15.68
N LYS A 183 1.15 -2.98 -16.88
CA LYS A 183 1.94 -2.35 -17.94
C LYS A 183 1.52 -0.91 -18.15
N GLU A 184 0.24 -0.71 -18.50
CA GLU A 184 -0.28 0.63 -18.74
C GLU A 184 -0.20 1.47 -17.47
N ASP A 185 -0.66 0.90 -16.35
CA ASP A 185 -0.64 1.60 -15.07
C ASP A 185 0.75 2.15 -14.77
N ASN A 186 1.78 1.37 -15.09
CA ASN A 186 3.15 1.79 -14.86
C ASN A 186 3.45 3.11 -15.56
N ARG A 187 3.00 3.23 -16.81
CA ARG A 187 3.22 4.45 -17.59
C ARG A 187 2.46 5.62 -16.98
N ALA A 188 1.37 5.32 -16.28
CA ALA A 188 0.57 6.36 -15.65
C ALA A 188 1.16 6.78 -14.31
N GLY A 189 2.30 6.18 -13.96
CA GLY A 189 2.95 6.52 -12.70
C GLY A 189 3.15 8.01 -12.54
N SER A 190 3.13 8.47 -11.30
CA SER A 190 3.31 9.89 -11.00
C SER A 190 4.71 10.17 -10.49
N ARG A 191 4.92 11.37 -9.95
CA ARG A 191 6.22 11.77 -9.43
C ARG A 191 7.26 11.82 -10.55
N ARG A 192 7.38 12.97 -11.18
CA ARG A 192 8.34 13.15 -12.27
C ARG A 192 8.00 12.25 -13.45
N GLU A 193 6.71 11.99 -13.64
CA GLU A 193 6.26 11.14 -14.73
C GLU A 193 5.02 11.72 -15.39
N ASP A 194 3.87 11.59 -14.72
CA ASP A 194 2.61 12.11 -15.26
C ASP A 194 2.39 11.63 -16.69
N LEU A 195 2.45 10.33 -16.89
CA LEU A 195 2.26 9.75 -18.22
C LEU A 195 1.14 8.72 -18.21
#